data_7NTX
#
_entry.id   7NTX
#
_entity_poly.entity_id   1
_entity_poly.type   'polypeptide(L)'
_entity_poly.pdbx_seq_one_letter_code
;MVQKWMQRMIIVDNNKLNVRALPSFIDYFNGIYGFATGIKDIMGMIFKTDTGGSNLTLDEILKNQNLLNDISGKLDGING
DLGDLIAQGNLNSELAKELLKISNEQNQMLNHVNAQLNAINSTLNIYLPKITSMLNEVMKQNHVLSLQIEFLSKQLQEIS
DKLDIINLNVLINSTLTEITPAYQRIKYVNEKFDELTSTVEKNPKSYQDNVTKEVIENLNELTELAKSVTKNDMDSFEFY
LQTFHDVMTGNNLFGRSALKTASELITKENVTTRGSEIGKVYNFLIVLTSLQAKAFLTLTACRKLLGLTDIDYTQIMNHH
IDGQKREFRINILPTLSNNFSNPSYSKNRGSDIDDPIVVLEAAPGYALIGFEILNDPLPILKGYQARLKPNYQVDRESMS
ETIYGDIHKLFCPKQLEQKYYIKDIEFPEGYVITKIVFEKRLNQLGYEVTANFYDPSTGSIDLNKVKVESWKEKSCEEDS
CEDEYSIIKAETDGIYMPLGVVSETFLTPIYGFGLTVDEKNQKITLTGKSYLRESLLETDLLNNETYLIASPDGYISSIV
ENWNITSDNTGSWRANNNNAFVDKADTIKGSSSLYTHKDGEFSQFIGNKLKPKTNYVIQYVIKGRPAIYLKNNKDTLFED
TKNNFSDFQTVTKKFNSGVNPSEIYFLFKNQSEYEAWGNNFIILEIKSLEFLPQMLKPEDWIPSGNVQMKDGGRLEILGD
GYFKQFIKLENDSTYHLRLSVKGTGRVSIIDESKYLLFVNVKDEDLTRVIKNTSSKGECFIALEGTYVENSSTIFSNVSI
VKE
;
_entity_poly.pdbx_strand_id   A,B,C,D
#
# COMPACT_ATOMS: atom_id res chain seq x y z
N GLN A 141 -2.41 -2.64 39.41
CA GLN A 141 -1.45 -2.50 38.33
C GLN A 141 -1.65 -3.48 37.18
N ASN A 142 -1.98 -4.75 37.48
CA ASN A 142 -2.39 -5.73 36.50
C ASN A 142 -3.65 -5.32 35.73
N HIS A 143 -4.63 -4.69 36.42
CA HIS A 143 -5.81 -4.09 35.80
C HIS A 143 -5.45 -2.96 34.85
N VAL A 144 -4.50 -2.07 35.23
CA VAL A 144 -3.95 -1.03 34.37
C VAL A 144 -3.29 -1.60 33.12
N LEU A 145 -2.49 -2.70 33.25
CA LEU A 145 -1.92 -3.43 32.13
C LEU A 145 -2.97 -3.99 31.17
N SER A 146 -4.07 -4.56 31.70
CA SER A 146 -5.21 -5.05 30.92
C SER A 146 -5.85 -3.93 30.09
N LEU A 147 -6.11 -2.76 30.70
CA LEU A 147 -6.61 -1.58 30.00
C LEU A 147 -5.69 -1.07 28.90
N GLN A 148 -4.36 -1.05 29.16
CA GLN A 148 -3.37 -0.73 28.15
C GLN A 148 -3.36 -1.70 26.97
N ILE A 149 -3.46 -3.03 27.23
CA ILE A 149 -3.59 -4.05 26.20
C ILE A 149 -4.88 -3.92 25.40
N GLU A 150 -6.03 -3.60 26.04
CA GLU A 150 -7.25 -3.25 25.32
C GLU A 150 -7.12 -2.01 24.44
N PHE A 151 -6.36 -0.99 24.88
CA PHE A 151 -6.00 0.14 24.03
C PHE A 151 -5.14 -0.28 22.82
N LEU A 152 -4.15 -1.18 23.00
CA LEU A 152 -3.37 -1.75 21.90
C LEU A 152 -4.22 -2.54 20.90
N SER A 153 -5.19 -3.35 21.38
CA SER A 153 -6.10 -4.12 20.52
C SER A 153 -7.00 -3.24 19.65
N LYS A 154 -7.49 -2.11 20.20
CA LYS A 154 -8.18 -1.07 19.46
C LYS A 154 -7.30 -0.41 18.40
N GLN A 155 -6.04 -0.06 18.72
CA GLN A 155 -5.09 0.47 17.75
C GLN A 155 -4.80 -0.50 16.61
N LEU A 156 -4.65 -1.81 16.92
CA LEU A 156 -4.53 -2.85 15.92
C LEU A 156 -5.75 -3.03 15.03
N GLN A 157 -6.98 -2.93 15.56
CA GLN A 157 -8.21 -2.87 14.77
C GLN A 157 -8.27 -1.65 13.85
N GLU A 158 -7.91 -0.44 14.33
CA GLU A 158 -7.83 0.73 13.46
C GLU A 158 -6.79 0.58 12.35
N ILE A 159 -5.64 -0.03 12.66
CA ILE A 159 -4.63 -0.43 11.68
C ILE A 159 -5.15 -1.43 10.66
N SER A 160 -5.88 -2.49 11.09
CA SER A 160 -6.46 -3.49 10.19
C SER A 160 -7.51 -2.93 9.25
N ASP A 161 -8.37 -1.99 9.70
CA ASP A 161 -9.27 -1.19 8.88
C ASP A 161 -8.55 -0.31 7.87
N LYS A 162 -7.46 0.39 8.28
CA LYS A 162 -6.63 1.18 7.38
C LYS A 162 -6.01 0.34 6.26
N LEU A 163 -5.52 -0.88 6.58
CA LEU A 163 -5.03 -1.83 5.60
C LEU A 163 -6.07 -2.28 4.58
N ASP A 164 -7.32 -2.55 5.01
CA ASP A 164 -8.42 -2.89 4.12
C ASP A 164 -8.80 -1.76 3.16
N ILE A 165 -8.77 -0.49 3.64
CA ILE A 165 -8.91 0.70 2.79
C ILE A 165 -7.75 0.84 1.80
N ILE A 166 -6.48 0.66 2.25
CA ILE A 166 -5.30 0.71 1.38
C ILE A 166 -5.33 -0.37 0.31
N ASN A 167 -5.66 -1.64 0.66
CA ASN A 167 -5.71 -2.75 -0.28
C ASN A 167 -6.72 -2.50 -1.39
N LEU A 168 -7.91 -1.99 -1.01
CA LEU A 168 -8.92 -1.57 -1.94
C LEU A 168 -8.48 -0.44 -2.86
N ASN A 169 -7.82 0.61 -2.33
CA ASN A 169 -7.27 1.68 -3.14
C ASN A 169 -6.22 1.18 -4.13
N VAL A 170 -5.37 0.21 -3.74
CA VAL A 170 -4.46 -0.49 -4.65
C VAL A 170 -5.20 -1.23 -5.78
N LEU A 171 -6.30 -1.95 -5.48
CA LEU A 171 -7.17 -2.59 -6.48
C LEU A 171 -7.90 -1.61 -7.39
N ILE A 172 -8.30 -0.44 -6.89
CA ILE A 172 -8.82 0.66 -7.71
C ILE A 172 -7.77 1.19 -8.65
N ASN A 173 -6.52 1.35 -8.18
CA ASN A 173 -5.40 1.76 -9.02
C ASN A 173 -5.11 0.79 -10.15
N SER A 174 -5.23 -0.55 -9.91
CA SER A 174 -5.09 -1.55 -10.96
C SER A 174 -6.14 -1.42 -12.06
N THR A 175 -7.43 -1.29 -11.67
CA THR A 175 -8.53 -1.11 -12.60
C THR A 175 -8.50 0.22 -13.33
N LEU A 176 -8.09 1.32 -12.66
CA LEU A 176 -7.83 2.60 -13.33
C LEU A 176 -6.75 2.53 -14.38
N THR A 177 -5.62 1.84 -14.10
CA THR A 177 -4.53 1.59 -15.07
C THR A 177 -5.02 0.82 -16.28
N GLU A 178 -5.86 -0.21 -16.06
CA GLU A 178 -6.54 -0.93 -17.14
C GLU A 178 -7.59 -0.13 -17.92
N ILE A 179 -8.52 0.62 -17.27
CA ILE A 179 -9.71 1.15 -17.94
C ILE A 179 -9.69 2.64 -18.25
N THR A 180 -8.80 3.44 -17.62
CA THR A 180 -8.84 4.91 -17.78
C THR A 180 -8.68 5.42 -19.22
N PRO A 181 -7.81 4.97 -20.14
CA PRO A 181 -7.66 5.58 -21.44
C PRO A 181 -8.90 5.41 -22.30
N ALA A 182 -9.58 4.26 -22.18
CA ALA A 182 -10.84 3.96 -22.84
C ALA A 182 -11.99 4.78 -22.29
N TYR A 183 -12.13 4.87 -20.94
CA TYR A 183 -13.18 5.64 -20.28
C TYR A 183 -13.13 7.11 -20.66
N GLN A 184 -11.93 7.72 -20.62
CA GLN A 184 -11.75 9.12 -20.99
C GLN A 184 -12.09 9.43 -22.44
N ARG A 185 -11.64 8.58 -23.39
CA ARG A 185 -11.95 8.74 -24.82
C ARG A 185 -13.41 8.54 -25.15
N ILE A 186 -14.06 7.52 -24.57
CA ILE A 186 -15.49 7.29 -24.71
C ILE A 186 -16.28 8.47 -24.20
N LYS A 187 -15.90 9.00 -23.02
CA LYS A 187 -16.55 10.15 -22.45
C LYS A 187 -16.47 11.41 -23.32
N TYR A 188 -15.27 11.76 -23.80
CA TYR A 188 -15.04 12.88 -24.70
C TYR A 188 -15.81 12.77 -26.02
N VAL A 189 -15.79 11.58 -26.68
CA VAL A 189 -16.56 11.34 -27.90
C VAL A 189 -18.06 11.44 -27.64
N ASN A 190 -18.55 10.88 -26.51
CA ASN A 190 -19.96 11.01 -26.14
C ASN A 190 -20.43 12.45 -25.86
N GLU A 191 -19.61 13.25 -25.16
CA GLU A 191 -19.87 14.65 -24.86
C GLU A 191 -19.78 15.56 -26.08
N LYS A 192 -18.90 15.26 -27.06
CA LYS A 192 -18.70 16.12 -28.20
C LYS A 192 -19.65 15.84 -29.36
N PHE A 193 -20.43 14.74 -29.27
CA PHE A 193 -21.40 14.38 -30.27
C PHE A 193 -22.81 14.46 -29.73
N ASP A 194 -23.04 15.19 -28.61
CA ASP A 194 -24.30 15.24 -27.91
C ASP A 194 -25.49 15.68 -28.78
N GLU A 195 -25.38 16.82 -29.50
CA GLU A 195 -26.46 17.29 -30.36
C GLU A 195 -26.84 16.30 -31.46
N LEU A 196 -25.84 15.64 -32.06
CA LEU A 196 -26.03 14.64 -33.09
C LEU A 196 -26.65 13.33 -32.60
N THR A 197 -26.46 12.95 -31.31
CA THR A 197 -27.07 11.73 -30.76
C THR A 197 -28.26 12.01 -29.85
N SER A 198 -28.62 13.30 -29.71
CA SER A 198 -29.75 13.81 -28.91
C SER A 198 -31.05 13.71 -29.68
N GLU A 214 -21.69 29.28 -38.41
CA GLU A 214 -21.32 28.39 -37.33
C GLU A 214 -21.69 26.92 -37.56
N VAL A 215 -22.83 26.66 -38.23
CA VAL A 215 -23.22 25.32 -38.64
C VAL A 215 -22.24 24.65 -39.59
N ILE A 216 -21.71 25.35 -40.64
CA ILE A 216 -20.73 24.75 -41.55
C ILE A 216 -19.43 24.43 -40.82
N GLU A 217 -18.97 25.34 -39.93
CA GLU A 217 -17.81 25.12 -39.08
C GLU A 217 -17.95 23.95 -38.13
N ASN A 218 -19.04 23.90 -37.32
CA ASN A 218 -19.30 22.79 -36.42
C ASN A 218 -19.48 21.47 -37.16
N LEU A 219 -20.21 21.47 -38.29
CA LEU A 219 -20.38 20.28 -39.10
C LEU A 219 -19.06 19.76 -39.67
N ASN A 220 -18.17 20.65 -40.19
CA ASN A 220 -16.84 20.24 -40.64
C ASN A 220 -15.97 19.69 -39.52
N GLU A 221 -15.92 20.36 -38.35
CA GLU A 221 -15.15 19.90 -37.19
C GLU A 221 -15.66 18.53 -36.69
N LEU A 222 -16.99 18.32 -36.61
CA LEU A 222 -17.59 17.02 -36.29
C LEU A 222 -17.41 15.94 -37.36
N THR A 223 -17.46 16.29 -38.66
CA THR A 223 -17.12 15.38 -39.77
C THR A 223 -15.68 14.89 -39.69
N GLU A 224 -14.70 15.77 -39.40
CA GLU A 224 -13.32 15.38 -39.14
C GLU A 224 -13.18 14.49 -37.92
N LEU A 225 -13.89 14.82 -36.82
CA LEU A 225 -13.95 13.97 -35.66
C LEU A 225 -14.55 12.59 -35.94
N ALA A 226 -15.63 12.52 -36.74
CA ALA A 226 -16.25 11.30 -37.19
C ALA A 226 -15.33 10.42 -38.02
N LYS A 227 -14.50 11.01 -38.92
CA LYS A 227 -13.45 10.32 -39.66
C LYS A 227 -12.40 9.71 -38.74
N SER A 228 -12.00 10.42 -37.69
CA SER A 228 -11.11 9.91 -36.65
C SER A 228 -11.72 8.76 -35.84
N VAL A 229 -13.01 8.88 -35.44
CA VAL A 229 -13.76 7.87 -34.71
C VAL A 229 -13.98 6.57 -35.48
N THR A 230 -14.33 6.63 -36.79
CA THR A 230 -14.68 5.45 -37.56
C THR A 230 -13.49 4.73 -38.13
N LYS A 231 -12.30 5.35 -38.06
CA LYS A 231 -11.07 4.82 -38.60
C LYS A 231 -10.60 3.49 -37.99
N ASN A 232 -10.36 2.47 -38.84
CA ASN A 232 -10.04 1.11 -38.40
C ASN A 232 -8.57 0.89 -38.09
N ASP A 233 -8.08 1.54 -37.03
CA ASP A 233 -6.74 1.40 -36.53
C ASP A 233 -6.67 0.44 -35.33
N MET A 234 -5.43 0.09 -34.89
CA MET A 234 -5.21 -0.60 -33.63
C MET A 234 -5.67 0.20 -32.41
N ASP A 235 -5.58 1.55 -32.49
CA ASP A 235 -5.99 2.50 -31.48
C ASP A 235 -7.34 3.14 -31.81
N SER A 236 -8.22 2.42 -32.52
CA SER A 236 -9.54 2.94 -32.88
C SER A 236 -10.52 3.08 -31.73
N PHE A 237 -11.67 3.74 -31.98
CA PHE A 237 -12.75 3.84 -31.02
C PHE A 237 -13.36 2.47 -30.68
N GLU A 238 -13.45 1.56 -31.68
CA GLU A 238 -13.86 0.18 -31.48
C GLU A 238 -12.92 -0.58 -30.55
N PHE A 239 -11.57 -0.37 -30.65
CA PHE A 239 -10.59 -0.88 -29.71
C PHE A 239 -10.87 -0.44 -28.28
N TYR A 240 -11.08 0.87 -28.05
CA TYR A 240 -11.39 1.42 -26.73
C TYR A 240 -12.71 0.91 -26.16
N LEU A 241 -13.74 0.71 -27.00
CA LEU A 241 -14.98 0.05 -26.60
C LEU A 241 -14.82 -1.40 -26.19
N GLN A 242 -14.07 -2.21 -26.96
CA GLN A 242 -13.78 -3.59 -26.62
C GLN A 242 -12.96 -3.72 -25.34
N THR A 243 -11.88 -2.92 -25.18
CA THR A 243 -11.08 -2.92 -23.96
C THR A 243 -11.86 -2.49 -22.73
N PHE A 244 -12.76 -1.49 -22.86
CA PHE A 244 -13.69 -1.12 -21.81
C PHE A 244 -14.59 -2.29 -21.39
N HIS A 245 -15.17 -3.03 -22.35
CA HIS A 245 -15.96 -4.23 -22.08
C HIS A 245 -15.17 -5.34 -21.40
N ASP A 246 -13.94 -5.64 -21.88
CA ASP A 246 -13.06 -6.63 -21.28
C ASP A 246 -12.65 -6.32 -19.84
N VAL A 247 -12.28 -5.06 -19.54
CA VAL A 247 -11.93 -4.64 -18.17
C VAL A 247 -13.15 -4.67 -17.25
N MET A 248 -14.35 -4.32 -17.76
CA MET A 248 -15.61 -4.46 -17.04
C MET A 248 -15.99 -5.87 -16.67
N THR A 249 -15.88 -6.83 -17.61
CA THR A 249 -16.15 -8.25 -17.38
C THR A 249 -15.09 -8.96 -16.57
N GLY A 250 -13.80 -8.62 -16.79
CA GLY A 250 -12.68 -9.25 -16.11
C GLY A 250 -11.78 -10.06 -17.03
N ASN A 251 -11.90 -9.86 -18.34
CA ASN A 251 -11.07 -10.50 -19.33
C ASN A 251 -9.70 -9.80 -19.43
N ASN A 252 -8.96 -9.69 -18.32
CA ASN A 252 -7.70 -8.95 -18.24
C ASN A 252 -6.52 -9.90 -18.22
N LEU A 253 -5.33 -9.43 -17.83
CA LEU A 253 -4.16 -10.26 -17.67
C LEU A 253 -4.26 -11.16 -16.44
N PHE A 254 -4.75 -10.57 -15.33
CA PHE A 254 -5.05 -11.24 -14.08
C PHE A 254 -6.56 -11.10 -13.98
N GLY A 255 -7.30 -12.15 -13.59
CA GLY A 255 -8.77 -12.14 -13.65
C GLY A 255 -9.46 -11.35 -12.57
N ARG A 256 -9.40 -10.01 -12.69
CA ARG A 256 -10.08 -9.07 -11.84
C ARG A 256 -11.03 -8.29 -12.70
N SER A 257 -12.23 -7.94 -12.22
CA SER A 257 -13.19 -7.17 -12.99
C SER A 257 -13.35 -5.79 -12.36
N ALA A 258 -13.56 -4.75 -13.20
CA ALA A 258 -13.80 -3.38 -12.72
C ALA A 258 -15.06 -3.27 -11.87
N LEU A 259 -16.09 -4.08 -12.17
CA LEU A 259 -17.26 -4.23 -11.35
C LEU A 259 -16.98 -4.76 -9.95
N LYS A 260 -16.06 -5.74 -9.78
CA LYS A 260 -15.67 -6.21 -8.47
C LYS A 260 -14.94 -5.18 -7.63
N THR A 261 -13.94 -4.47 -8.19
CA THR A 261 -13.23 -3.44 -7.42
C THR A 261 -14.10 -2.24 -7.08
N ALA A 262 -15.01 -1.85 -8.00
CA ALA A 262 -16.04 -0.86 -7.76
C ALA A 262 -17.02 -1.25 -6.65
N SER A 263 -17.50 -2.53 -6.64
CA SER A 263 -18.37 -3.01 -5.56
C SER A 263 -17.69 -3.01 -4.21
N GLU A 264 -16.41 -3.47 -4.16
CA GLU A 264 -15.58 -3.38 -2.97
C GLU A 264 -15.36 -1.96 -2.48
N LEU A 265 -15.17 -0.98 -3.41
CA LEU A 265 -15.10 0.45 -3.13
C LEU A 265 -16.34 0.99 -2.48
N ILE A 266 -17.50 0.79 -3.11
CA ILE A 266 -18.77 1.30 -2.64
C ILE A 266 -19.12 0.72 -1.27
N THR A 267 -18.86 -0.58 -1.05
CA THR A 267 -19.02 -1.23 0.24
C THR A 267 -18.18 -0.60 1.35
N LYS A 268 -16.93 -0.16 1.07
CA LYS A 268 -16.14 0.57 2.06
C LYS A 268 -16.51 2.03 2.25
N GLU A 269 -16.75 2.82 1.18
CA GLU A 269 -16.98 4.27 1.30
C GLU A 269 -18.46 4.64 1.42
N ASN A 270 -19.30 3.68 1.84
CA ASN A 270 -20.70 3.88 2.18
C ASN A 270 -20.86 4.56 3.55
N VAL A 271 -20.25 5.75 3.76
CA VAL A 271 -20.31 6.47 5.03
C VAL A 271 -21.54 7.37 5.14
N THR A 272 -21.74 8.25 4.14
CA THR A 272 -22.80 9.24 4.09
C THR A 272 -23.68 8.96 2.89
N THR A 273 -23.77 7.67 2.52
CA THR A 273 -24.56 7.22 1.39
C THR A 273 -26.02 7.04 1.74
N ARG A 274 -26.91 7.62 0.92
CA ARG A 274 -28.36 7.58 1.10
C ARG A 274 -29.01 6.21 0.95
N GLY A 275 -28.54 5.40 -0.04
CA GLY A 275 -29.15 4.13 -0.41
C GLY A 275 -28.24 2.99 -0.10
N SER A 276 -28.66 1.76 -0.47
CA SER A 276 -27.96 0.54 -0.09
C SER A 276 -26.81 0.21 -1.04
N GLU A 277 -26.00 -0.81 -0.69
CA GLU A 277 -24.89 -1.33 -1.49
C GLU A 277 -25.35 -1.83 -2.85
N ILE A 278 -26.46 -2.61 -2.90
CA ILE A 278 -27.04 -3.06 -4.16
C ILE A 278 -27.40 -1.92 -5.09
N GLY A 279 -28.10 -0.90 -4.57
CA GLY A 279 -28.49 0.25 -5.35
C GLY A 279 -27.37 1.14 -5.79
N LYS A 280 -26.31 1.29 -4.97
CA LYS A 280 -25.12 2.02 -5.38
C LYS A 280 -24.28 1.31 -6.42
N VAL A 281 -24.01 0.00 -6.25
CA VAL A 281 -23.26 -0.80 -7.22
C VAL A 281 -24.02 -0.94 -8.54
N TYR A 282 -25.34 -1.16 -8.48
CA TYR A 282 -26.20 -1.15 -9.66
C TYR A 282 -26.23 0.21 -10.36
N ASN A 283 -26.28 1.35 -9.62
CA ASN A 283 -26.16 2.68 -10.21
C ASN A 283 -24.81 2.89 -10.91
N PHE A 284 -23.70 2.38 -10.32
CA PHE A 284 -22.39 2.33 -10.96
C PHE A 284 -22.42 1.52 -12.26
N LEU A 285 -23.08 0.34 -12.27
CA LEU A 285 -23.29 -0.42 -13.49
C LEU A 285 -24.12 0.33 -14.54
N ILE A 286 -25.22 1.01 -14.15
CA ILE A 286 -26.06 1.83 -15.03
C ILE A 286 -25.31 2.96 -15.73
N VAL A 287 -24.48 3.72 -15.00
CA VAL A 287 -23.70 4.80 -15.59
C VAL A 287 -22.68 4.31 -16.61
N LEU A 288 -22.04 3.15 -16.36
CA LEU A 288 -21.13 2.55 -17.32
C LEU A 288 -21.80 1.92 -18.53
N THR A 289 -22.93 1.20 -18.34
CA THR A 289 -23.71 0.64 -19.46
C THR A 289 -24.31 1.71 -20.35
N SER A 290 -24.81 2.81 -19.75
CA SER A 290 -25.30 3.99 -20.48
C SER A 290 -24.20 4.69 -21.28
N LEU A 291 -22.99 4.81 -20.70
CA LEU A 291 -21.80 5.33 -21.35
C LEU A 291 -21.42 4.54 -22.59
N GLN A 292 -21.38 3.19 -22.50
CA GLN A 292 -21.16 2.31 -23.64
C GLN A 292 -22.25 2.37 -24.69
N ALA A 293 -23.53 2.36 -24.28
CA ALA A 293 -24.65 2.44 -25.19
C ALA A 293 -24.69 3.73 -25.99
N LYS A 294 -24.42 4.89 -25.32
CA LYS A 294 -24.24 6.15 -25.99
C LYS A 294 -23.03 6.18 -26.91
N ALA A 295 -21.93 5.49 -26.54
CA ALA A 295 -20.75 5.33 -27.35
C ALA A 295 -20.95 4.53 -28.63
N PHE A 296 -21.69 3.41 -28.59
CA PHE A 296 -22.14 2.71 -29.77
C PHE A 296 -23.10 3.55 -30.62
N LEU A 297 -24.02 4.32 -30.00
CA LEU A 297 -24.90 5.24 -30.70
C LEU A 297 -24.18 6.38 -31.43
N THR A 298 -23.17 7.03 -30.80
CA THR A 298 -22.32 8.01 -31.50
C THR A 298 -21.53 7.38 -32.63
N LEU A 299 -20.98 6.15 -32.44
CA LEU A 299 -20.32 5.42 -33.50
C LEU A 299 -21.21 5.12 -34.72
N THR A 300 -22.49 4.73 -34.52
CA THR A 300 -23.47 4.62 -35.62
C THR A 300 -23.78 5.95 -36.28
N ALA A 301 -23.96 7.02 -35.49
CA ALA A 301 -24.19 8.38 -35.98
C ALA A 301 -23.03 8.92 -36.82
N CYS A 302 -21.78 8.71 -36.38
CA CYS A 302 -20.57 9.04 -37.13
C CYS A 302 -20.45 8.29 -38.45
N ARG A 303 -20.77 6.98 -38.49
CA ARG A 303 -20.78 6.23 -39.75
C ARG A 303 -21.81 6.75 -40.75
N LYS A 304 -23.04 7.04 -40.29
CA LYS A 304 -24.09 7.63 -41.10
C LYS A 304 -23.76 9.03 -41.62
N LEU A 305 -23.16 9.90 -40.77
CA LEU A 305 -22.73 11.24 -41.14
C LEU A 305 -21.68 11.24 -42.24
N LEU A 306 -20.71 10.29 -42.20
CA LEU A 306 -19.72 10.15 -43.24
C LEU A 306 -20.22 9.46 -44.51
N GLY A 307 -21.38 8.76 -44.44
CA GLY A 307 -21.93 8.04 -45.58
C GLY A 307 -21.36 6.65 -45.77
N LEU A 308 -20.85 6.03 -44.71
CA LEU A 308 -20.29 4.69 -44.75
C LEU A 308 -21.35 3.64 -44.52
N THR A 309 -21.08 2.37 -44.88
CA THR A 309 -22.00 1.24 -44.64
C THR A 309 -22.31 1.02 -43.17
N ASP A 310 -23.60 0.75 -42.85
CA ASP A 310 -24.08 0.38 -41.53
C ASP A 310 -23.58 -1.00 -41.09
N ILE A 311 -22.91 -1.09 -39.93
CA ILE A 311 -22.32 -2.34 -39.44
C ILE A 311 -23.24 -3.03 -38.43
N ASP A 312 -24.36 -2.38 -38.01
CA ASP A 312 -25.24 -2.88 -36.96
C ASP A 312 -24.54 -3.19 -35.63
N TYR A 313 -24.21 -2.16 -34.84
CA TYR A 313 -23.53 -2.40 -33.58
C TYR A 313 -24.48 -2.78 -32.46
N THR A 314 -25.79 -3.00 -32.76
CA THR A 314 -26.78 -3.42 -31.76
C THR A 314 -26.46 -4.79 -31.18
N GLN A 315 -26.06 -5.77 -32.02
CA GLN A 315 -25.65 -7.09 -31.58
C GLN A 315 -24.45 -7.09 -30.63
N ILE A 316 -23.40 -6.32 -30.98
CA ILE A 316 -22.19 -6.18 -30.16
C ILE A 316 -22.47 -5.47 -28.85
N MET A 317 -23.25 -4.37 -28.89
CA MET A 317 -23.66 -3.61 -27.74
C MET A 317 -24.50 -4.44 -26.76
N ASN A 318 -25.49 -5.22 -27.26
CA ASN A 318 -26.28 -6.13 -26.45
C ASN A 318 -25.44 -7.21 -25.80
N HIS A 319 -24.51 -7.86 -26.55
CA HIS A 319 -23.59 -8.84 -26.01
C HIS A 319 -22.70 -8.28 -24.92
N HIS A 320 -22.16 -7.06 -25.10
CA HIS A 320 -21.39 -6.37 -24.09
C HIS A 320 -22.19 -6.01 -22.84
N ILE A 321 -23.39 -5.42 -22.99
CA ILE A 321 -24.28 -5.06 -21.88
C ILE A 321 -24.75 -6.28 -21.11
N ASP A 322 -25.26 -7.33 -21.80
CA ASP A 322 -25.71 -8.55 -21.16
C ASP A 322 -24.61 -9.29 -20.45
N GLY A 323 -23.39 -9.40 -21.01
CA GLY A 323 -22.26 -10.03 -20.33
C GLY A 323 -21.85 -9.34 -19.05
N GLN A 324 -21.89 -7.99 -19.03
CA GLN A 324 -21.65 -7.20 -17.82
C GLN A 324 -22.75 -7.32 -16.77
N LYS A 325 -24.03 -7.32 -17.17
CA LYS A 325 -25.14 -7.59 -16.27
C LYS A 325 -25.12 -9.01 -15.70
N ARG A 326 -24.73 -10.01 -16.50
CA ARG A 326 -24.46 -11.37 -16.04
C ARG A 326 -23.33 -11.45 -15.02
N GLU A 327 -22.19 -10.74 -15.23
CA GLU A 327 -21.09 -10.63 -14.27
C GLU A 327 -21.54 -10.02 -12.94
N PHE A 328 -22.33 -8.93 -13.01
CA PHE A 328 -22.95 -8.32 -11.84
C PHE A 328 -23.90 -9.27 -11.11
N ARG A 329 -24.80 -9.96 -11.84
CA ARG A 329 -25.75 -10.88 -11.24
C ARG A 329 -25.13 -12.10 -10.57
N ILE A 330 -24.08 -12.68 -11.17
CA ILE A 330 -23.40 -13.86 -10.67
C ILE A 330 -22.37 -13.54 -9.59
N ASN A 331 -21.46 -12.57 -9.80
CA ASN A 331 -20.25 -12.46 -8.98
C ASN A 331 -20.26 -11.27 -8.04
N ILE A 332 -21.28 -10.38 -8.18
CA ILE A 332 -21.31 -9.13 -7.44
C ILE A 332 -22.55 -9.04 -6.56
N LEU A 333 -23.77 -9.16 -7.13
CA LEU A 333 -25.04 -9.04 -6.44
C LEU A 333 -25.31 -10.00 -5.25
N PRO A 334 -24.91 -11.28 -5.20
CA PRO A 334 -25.11 -12.14 -4.04
C PRO A 334 -24.44 -11.64 -2.77
N THR A 335 -24.26 -10.29 -2.69
CA THR A 335 -24.00 -9.61 -1.33
C THR A 335 -25.09 -8.56 -0.88
N LEU A 336 -25.39 -8.25 0.47
CA LEU A 336 -25.90 -6.97 1.23
C LEU A 336 -26.75 -7.09 2.56
N SER A 337 -27.19 -5.94 3.26
CA SER A 337 -28.29 -5.83 4.19
C SER A 337 -29.19 -4.66 3.82
N ASN A 338 -30.33 -4.57 4.51
CA ASN A 338 -31.31 -3.52 4.24
C ASN A 338 -31.67 -2.70 5.48
N ASN A 339 -30.71 -2.46 6.38
CA ASN A 339 -30.97 -1.58 7.50
C ASN A 339 -30.84 -0.12 7.08
N PHE A 340 -31.46 0.77 7.86
CA PHE A 340 -31.35 2.19 7.59
C PHE A 340 -31.62 2.97 8.88
N SER A 341 -30.94 4.10 9.02
CA SER A 341 -31.03 4.89 10.24
C SER A 341 -30.86 6.38 9.92
N ASN A 342 -30.78 7.19 10.98
CA ASN A 342 -30.61 8.63 10.83
C ASN A 342 -29.17 8.98 10.49
N PRO A 343 -28.95 9.98 9.63
CA PRO A 343 -27.58 10.37 9.28
C PRO A 343 -26.89 11.19 10.36
N SER A 344 -27.63 12.08 11.01
CA SER A 344 -27.06 13.00 11.98
C SER A 344 -27.96 13.06 13.20
N TYR A 345 -27.53 13.87 14.17
CA TYR A 345 -28.21 13.97 15.46
C TYR A 345 -28.38 15.43 15.84
N SER A 346 -29.30 15.66 16.77
CA SER A 346 -29.67 17.01 17.18
C SER A 346 -29.85 17.05 18.68
N LYS A 347 -29.54 18.18 19.29
CA LYS A 347 -29.70 18.37 20.72
C LYS A 347 -30.73 19.47 21.00
N ASN A 348 -31.90 19.05 21.48
CA ASN A 348 -32.96 19.97 21.82
C ASN A 348 -33.65 19.46 23.08
N ARG A 349 -33.72 20.30 24.11
CA ARG A 349 -34.23 19.88 25.41
C ARG A 349 -35.69 19.46 25.28
N GLY A 350 -35.95 18.16 25.40
CA GLY A 350 -37.26 17.59 25.15
C GLY A 350 -38.22 17.69 26.31
N SER A 351 -38.92 16.60 26.61
CA SER A 351 -39.90 16.62 27.69
C SER A 351 -39.68 15.41 28.59
N ASP A 352 -39.75 15.67 29.89
CA ASP A 352 -39.93 14.64 30.90
C ASP A 352 -41.14 14.89 31.77
N ILE A 353 -41.69 16.11 31.75
CA ILE A 353 -42.94 16.43 32.44
C ILE A 353 -44.13 15.75 31.78
N ASP A 354 -44.08 15.51 30.48
CA ASP A 354 -45.20 15.00 29.71
C ASP A 354 -45.01 13.52 29.38
N ASP A 355 -46.05 12.93 28.82
CA ASP A 355 -46.03 11.54 28.38
C ASP A 355 -46.27 11.48 26.88
N PRO A 356 -45.28 11.82 26.05
CA PRO A 356 -45.51 11.87 24.60
C PRO A 356 -45.73 10.48 24.02
N ILE A 357 -46.97 10.20 23.64
CA ILE A 357 -47.30 9.03 22.83
C ILE A 357 -47.56 9.50 21.40
N VAL A 358 -46.91 8.84 20.44
CA VAL A 358 -46.98 9.22 19.04
C VAL A 358 -47.32 7.99 18.23
N VAL A 359 -48.40 8.07 17.46
CA VAL A 359 -48.81 7.00 16.56
C VAL A 359 -48.25 7.31 15.19
N LEU A 360 -47.66 6.31 14.55
CA LEU A 360 -47.15 6.40 13.19
C LEU A 360 -47.90 5.31 12.42
N GLU A 361 -49.10 5.63 11.96
CA GLU A 361 -49.98 4.66 11.34
C GLU A 361 -50.15 5.00 9.87
N ALA A 362 -50.16 3.98 9.03
CA ALA A 362 -50.37 4.20 7.61
C ALA A 362 -51.86 4.22 7.29
N ALA A 363 -52.18 4.80 6.14
CA ALA A 363 -53.55 4.75 5.65
C ALA A 363 -53.95 3.30 5.39
N PRO A 364 -55.26 3.01 5.29
CA PRO A 364 -55.68 1.61 5.08
C PRO A 364 -54.98 0.93 3.91
N GLY A 365 -54.93 1.57 2.74
CA GLY A 365 -54.23 1.01 1.62
C GLY A 365 -52.73 1.18 1.62
N TYR A 366 -52.17 1.84 2.63
CA TYR A 366 -50.76 2.19 2.62
C TYR A 366 -50.00 1.37 3.66
N ALA A 367 -48.69 1.36 3.53
CA ALA A 367 -47.80 1.04 4.62
C ALA A 367 -46.89 2.25 4.82
N LEU A 368 -46.35 2.41 6.03
CA LEU A 368 -45.42 3.49 6.26
C LEU A 368 -44.13 3.26 5.49
N ILE A 369 -43.64 4.32 4.84
CA ILE A 369 -42.56 4.18 3.87
C ILE A 369 -41.38 5.11 4.18
N GLY A 370 -41.22 5.51 5.42
CA GLY A 370 -40.03 6.25 5.79
C GLY A 370 -40.24 7.15 6.98
N PHE A 371 -39.13 7.51 7.61
CA PHE A 371 -39.07 8.48 8.71
C PHE A 371 -38.26 9.68 8.25
N GLU A 372 -38.32 10.77 9.02
CA GLU A 372 -37.51 11.94 8.75
C GLU A 372 -37.54 12.85 9.97
N ILE A 373 -36.38 13.38 10.34
CA ILE A 373 -36.24 14.18 11.56
C ILE A 373 -35.79 15.57 11.17
N LEU A 374 -36.50 16.58 11.65
CA LEU A 374 -36.19 17.97 11.40
C LEU A 374 -35.75 18.65 12.70
N ASN A 375 -34.90 19.67 12.56
CA ASN A 375 -34.55 20.51 13.70
C ASN A 375 -34.52 21.98 13.27
N ASP A 376 -34.38 22.21 11.97
CA ASP A 376 -34.29 23.58 11.46
C ASP A 376 -35.59 24.36 11.69
N PRO A 377 -36.77 23.87 11.28
CA PRO A 377 -37.99 24.55 11.72
C PRO A 377 -38.29 24.30 13.19
N LEU A 378 -38.07 23.07 13.66
CA LEU A 378 -38.24 22.63 15.04
C LEU A 378 -37.89 21.15 15.06
N PRO A 379 -37.54 20.58 16.20
CA PRO A 379 -37.60 19.13 16.31
C PRO A 379 -38.94 18.61 15.83
N ILE A 380 -38.94 17.87 14.72
CA ILE A 380 -40.16 17.50 14.02
C ILE A 380 -39.99 16.12 13.39
N LEU A 381 -41.06 15.33 13.40
CA LEU A 381 -41.10 14.04 12.71
C LEU A 381 -41.81 14.22 11.38
N LYS A 382 -41.11 13.90 10.30
CA LYS A 382 -41.69 13.91 8.97
C LYS A 382 -41.93 12.47 8.52
N GLY A 383 -43.07 12.25 7.88
CA GLY A 383 -43.43 10.90 7.50
C GLY A 383 -44.04 10.79 6.12
N TYR A 384 -43.97 9.59 5.54
CA TYR A 384 -44.53 9.31 4.23
C TYR A 384 -45.30 7.99 4.28
N GLN A 385 -46.30 7.87 3.42
CA GLN A 385 -47.15 6.69 3.33
C GLN A 385 -47.79 6.64 1.96
N ALA A 386 -47.88 5.44 1.38
CA ALA A 386 -48.34 5.30 0.01
C ALA A 386 -48.82 3.87 -0.22
N ARG A 387 -49.64 3.70 -1.25
CA ARG A 387 -50.05 2.37 -1.70
C ARG A 387 -48.84 1.53 -2.07
N LEU A 388 -48.96 0.22 -1.87
CA LEU A 388 -47.89 -0.70 -2.22
C LEU A 388 -48.26 -1.48 -3.46
N LYS A 389 -47.54 -1.21 -4.56
CA LYS A 389 -47.73 -1.84 -5.85
C LYS A 389 -47.29 -3.30 -5.80
N PRO A 390 -47.50 -4.06 -6.87
CA PRO A 390 -46.90 -5.39 -6.98
C PRO A 390 -45.40 -5.32 -6.78
N ASN A 391 -44.83 -6.45 -6.38
CA ASN A 391 -43.38 -6.64 -6.33
C ASN A 391 -42.72 -5.72 -5.31
N TYR A 392 -43.38 -5.46 -4.18
CA TYR A 392 -42.82 -4.68 -3.07
C TYR A 392 -42.31 -3.30 -3.51
N GLN A 393 -42.88 -2.82 -4.61
CA GLN A 393 -42.64 -1.45 -5.04
C GLN A 393 -43.86 -0.63 -4.67
N VAL A 394 -43.72 0.69 -4.72
CA VAL A 394 -44.66 1.60 -4.09
C VAL A 394 -45.18 2.59 -5.12
N ASP A 395 -46.45 2.97 -4.95
CA ASP A 395 -47.13 3.84 -5.90
C ASP A 395 -46.75 5.31 -5.65
N ARG A 396 -46.26 5.95 -6.71
CA ARG A 396 -45.80 7.32 -6.61
C ARG A 396 -46.92 8.26 -6.15
N GLU A 397 -47.98 8.36 -6.94
CA GLU A 397 -49.03 9.35 -6.68
C GLU A 397 -49.79 9.09 -5.39
N SER A 398 -49.68 7.90 -4.81
CA SER A 398 -50.29 7.64 -3.51
C SER A 398 -49.41 8.06 -2.35
N MET A 399 -48.24 8.64 -2.61
CA MET A 399 -47.41 9.13 -1.53
C MET A 399 -48.04 10.38 -0.90
N SER A 400 -47.50 10.74 0.25
CA SER A 400 -48.03 11.87 1.01
C SER A 400 -47.03 12.21 2.11
N GLU A 401 -47.34 13.25 2.86
CA GLU A 401 -46.51 13.68 3.97
C GLU A 401 -47.34 13.92 5.21
N THR A 402 -46.76 13.58 6.36
CA THR A 402 -47.35 13.84 7.66
C THR A 402 -46.25 14.34 8.57
N ILE A 403 -46.56 15.39 9.34
CA ILE A 403 -45.57 16.12 10.11
C ILE A 403 -46.06 16.26 11.53
N TYR A 404 -45.23 15.85 12.48
CA TYR A 404 -45.58 15.83 13.89
C TYR A 404 -44.73 16.83 14.65
N GLY A 405 -45.12 17.09 15.89
CA GLY A 405 -44.62 18.23 16.63
C GLY A 405 -43.23 18.05 17.19
N ASP A 406 -43.05 18.45 18.44
CA ASP A 406 -41.73 18.52 19.08
C ASP A 406 -41.25 17.11 19.40
N ILE A 407 -40.62 16.46 18.43
CA ILE A 407 -40.14 15.11 18.61
C ILE A 407 -38.84 15.07 19.42
N HIS A 408 -38.20 16.20 19.66
CA HIS A 408 -37.23 16.25 20.75
C HIS A 408 -37.92 15.92 22.07
N LYS A 409 -39.15 16.39 22.24
CA LYS A 409 -39.92 16.05 23.44
C LYS A 409 -40.35 14.59 23.43
N LEU A 410 -40.45 13.98 22.25
CA LEU A 410 -40.70 12.54 22.14
C LEU A 410 -39.45 11.69 22.37
N PHE A 411 -38.27 12.22 22.04
CA PHE A 411 -37.03 11.47 22.14
C PHE A 411 -36.07 12.03 23.17
N CYS A 412 -35.79 13.35 23.13
CA CYS A 412 -34.85 13.89 24.10
C CYS A 412 -35.50 14.04 25.46
N PRO A 413 -34.89 13.51 26.49
CA PRO A 413 -35.28 13.90 27.85
C PRO A 413 -34.69 15.24 28.24
N LYS A 414 -35.25 15.88 29.26
CA LYS A 414 -34.73 17.15 29.75
C LYS A 414 -34.50 17.06 31.25
N GLN A 415 -33.22 17.03 31.64
CA GLN A 415 -32.70 17.04 33.01
C GLN A 415 -33.13 15.82 33.83
N LEU A 416 -33.87 14.88 33.27
CA LEU A 416 -34.13 13.59 33.90
C LEU A 416 -33.90 12.49 32.88
N GLU A 417 -33.50 11.32 33.35
CA GLU A 417 -33.15 10.22 32.47
C GLU A 417 -34.38 9.76 31.66
N GLN A 418 -34.11 9.05 30.56
CA GLN A 418 -35.18 8.54 29.73
C GLN A 418 -34.92 7.07 29.43
N LYS A 419 -35.94 6.24 29.62
CA LYS A 419 -35.88 4.82 29.31
C LYS A 419 -36.25 4.62 27.85
N TYR A 420 -35.45 3.84 27.14
CA TYR A 420 -35.66 3.61 25.71
C TYR A 420 -35.78 2.12 25.47
N TYR A 421 -37.00 1.65 25.20
CA TYR A 421 -37.23 0.22 24.98
C TYR A 421 -36.61 -0.13 23.64
N ILE A 422 -35.36 -0.57 23.68
CA ILE A 422 -34.78 -1.17 22.49
C ILE A 422 -35.67 -2.36 22.15
N LYS A 423 -36.38 -2.27 21.03
CA LYS A 423 -37.44 -3.24 20.75
C LYS A 423 -37.44 -3.47 19.25
N ASP A 424 -36.70 -4.47 18.80
CA ASP A 424 -36.51 -4.71 17.37
C ASP A 424 -37.74 -5.43 16.84
N ILE A 425 -38.85 -4.70 16.76
CA ILE A 425 -40.07 -5.28 16.25
C ILE A 425 -39.90 -5.64 14.79
N GLU A 426 -39.98 -6.94 14.51
CA GLU A 426 -39.78 -7.44 13.17
C GLU A 426 -40.86 -8.47 12.88
N PHE A 427 -41.16 -8.67 11.61
CA PHE A 427 -42.25 -9.53 11.20
C PHE A 427 -41.77 -10.43 10.08
N PRO A 428 -42.38 -11.59 9.89
CA PRO A 428 -42.03 -12.44 8.75
C PRO A 428 -42.26 -11.74 7.42
N GLU A 429 -41.87 -12.43 6.35
CA GLU A 429 -42.02 -11.88 5.02
C GLU A 429 -43.50 -11.60 4.73
N GLY A 430 -43.75 -10.73 3.75
CA GLY A 430 -45.09 -10.33 3.41
C GLY A 430 -45.75 -9.34 4.35
N TYR A 431 -45.23 -9.19 5.56
CA TYR A 431 -45.79 -8.24 6.50
C TYR A 431 -45.28 -6.83 6.23
N VAL A 432 -46.19 -5.87 6.24
CA VAL A 432 -45.88 -4.47 6.00
C VAL A 432 -46.43 -3.64 7.16
N ILE A 433 -45.59 -2.73 7.68
CA ILE A 433 -45.99 -1.93 8.83
C ILE A 433 -47.08 -0.94 8.41
N THR A 434 -48.30 -1.19 8.88
CA THR A 434 -49.39 -0.25 8.71
C THR A 434 -49.59 0.66 9.90
N LYS A 435 -48.92 0.40 11.02
CA LYS A 435 -49.08 1.24 12.20
C LYS A 435 -47.85 1.11 13.08
N ILE A 436 -47.37 2.24 13.56
CA ILE A 436 -46.43 2.30 14.67
C ILE A 436 -47.03 3.26 15.69
N VAL A 437 -46.98 2.88 16.96
CA VAL A 437 -47.21 3.82 18.06
C VAL A 437 -45.92 3.94 18.82
N PHE A 438 -45.50 5.18 19.09
CA PHE A 438 -44.37 5.43 19.98
C PHE A 438 -44.90 5.86 21.33
N GLU A 439 -44.37 5.24 22.38
CA GLU A 439 -44.95 5.36 23.72
C GLU A 439 -43.86 5.78 24.69
N LYS A 440 -44.00 6.96 25.27
CA LYS A 440 -43.05 7.48 26.24
C LYS A 440 -43.83 7.95 27.46
N ARG A 441 -44.04 7.03 28.41
CA ARG A 441 -44.73 7.33 29.66
C ARG A 441 -43.71 7.21 30.79
N LEU A 442 -43.57 8.27 31.58
CA LEU A 442 -42.53 8.36 32.61
C LEU A 442 -41.16 8.12 32.00
N ASN A 443 -40.90 8.77 30.86
CA ASN A 443 -39.65 8.70 30.11
C ASN A 443 -39.30 7.30 29.64
N GLN A 444 -40.26 6.39 29.58
CA GLN A 444 -40.01 5.06 29.05
C GLN A 444 -40.44 5.01 27.60
N LEU A 445 -39.48 5.17 26.69
CA LEU A 445 -39.77 5.22 25.26
C LEU A 445 -39.90 3.79 24.74
N GLY A 446 -41.09 3.22 24.93
CA GLY A 446 -41.50 2.03 24.22
C GLY A 446 -42.25 2.44 22.96
N TYR A 447 -42.62 1.43 22.18
CA TYR A 447 -43.36 1.74 20.97
C TYR A 447 -44.09 0.51 20.46
N GLU A 448 -45.41 0.62 20.40
CA GLU A 448 -46.27 -0.45 19.90
C GLU A 448 -46.39 -0.33 18.39
N VAL A 449 -46.16 -1.43 17.68
CA VAL A 449 -46.17 -1.45 16.22
C VAL A 449 -47.09 -2.57 15.76
N THR A 450 -47.93 -2.27 14.77
CA THR A 450 -48.79 -3.25 14.14
C THR A 450 -48.53 -3.24 12.64
N ALA A 451 -47.91 -4.30 12.14
CA ALA A 451 -47.75 -4.52 10.72
C ALA A 451 -48.85 -5.43 10.20
N ASN A 452 -49.34 -5.12 9.00
CA ASN A 452 -50.26 -5.98 8.29
C ASN A 452 -49.47 -6.81 7.29
N PHE A 453 -50.12 -7.84 6.76
CA PHE A 453 -49.52 -8.65 5.73
C PHE A 453 -49.83 -8.04 4.37
N TYR A 454 -49.07 -8.45 3.37
CA TYR A 454 -49.19 -7.87 2.04
C TYR A 454 -48.84 -8.91 0.99
N ASP A 455 -49.71 -9.00 -0.03
CA ASP A 455 -49.48 -9.90 -1.15
C ASP A 455 -48.32 -9.38 -1.97
N PRO A 456 -47.17 -10.07 -2.02
CA PRO A 456 -46.04 -9.56 -2.79
C PRO A 456 -46.40 -9.13 -4.21
N SER A 457 -47.15 -9.94 -4.94
CA SER A 457 -47.62 -9.56 -6.25
C SER A 457 -48.96 -8.82 -6.17
N THR A 458 -49.32 -8.18 -7.29
CA THR A 458 -50.62 -7.51 -7.45
C THR A 458 -50.84 -6.42 -6.40
N GLY A 459 -49.81 -6.08 -5.65
CA GLY A 459 -49.97 -5.11 -4.58
C GLY A 459 -50.93 -5.64 -3.53
N SER A 460 -51.97 -4.85 -3.24
CA SER A 460 -53.10 -5.27 -2.41
C SER A 460 -52.63 -5.79 -1.05
N ILE A 461 -52.09 -4.86 -0.25
CA ILE A 461 -51.79 -5.20 1.14
C ILE A 461 -53.06 -5.75 1.79
N ASP A 462 -52.96 -6.94 2.36
CA ASP A 462 -54.12 -7.57 2.96
C ASP A 462 -54.30 -7.07 4.39
N LEU A 463 -55.49 -6.54 4.66
CA LEU A 463 -55.78 -5.83 5.90
C LEU A 463 -56.32 -6.75 6.99
N ASN A 464 -55.97 -8.04 6.94
CA ASN A 464 -56.55 -9.04 7.84
C ASN A 464 -55.53 -9.76 8.69
N LYS A 465 -54.33 -10.00 8.19
CA LYS A 465 -53.28 -10.71 8.93
C LYS A 465 -52.33 -9.67 9.53
N VAL A 466 -52.57 -9.30 10.78
CA VAL A 466 -51.76 -8.33 11.48
C VAL A 466 -50.96 -9.03 12.56
N LYS A 467 -49.90 -8.36 13.02
CA LYS A 467 -49.17 -8.77 14.20
C LYS A 467 -48.82 -7.52 15.00
N VAL A 468 -48.90 -7.62 16.32
CA VAL A 468 -48.65 -6.51 17.22
C VAL A 468 -47.63 -6.97 18.25
N GLU A 469 -46.36 -6.63 18.02
CA GLU A 469 -45.30 -6.87 19.00
C GLU A 469 -44.96 -5.52 19.59
N SER A 470 -45.72 -5.11 20.60
CA SER A 470 -45.60 -3.78 21.19
C SER A 470 -44.25 -3.61 21.88
N TRP A 471 -44.05 -4.36 22.96
CA TRP A 471 -42.79 -4.36 23.70
C TRP A 471 -42.39 -5.79 24.05
N LYS A 472 -43.06 -6.76 23.46
CA LYS A 472 -43.15 -8.12 23.98
C LYS A 472 -42.25 -9.11 23.24
N GLU A 473 -41.08 -8.67 22.78
CA GLU A 473 -40.13 -9.66 22.29
C GLU A 473 -39.41 -10.37 23.42
N LYS A 474 -39.37 -9.77 24.62
CA LYS A 474 -38.83 -10.42 25.79
C LYS A 474 -39.89 -11.08 26.66
N SER A 475 -41.18 -10.88 26.34
CA SER A 475 -42.23 -11.59 27.06
C SER A 475 -42.14 -13.09 26.81
N CYS A 476 -41.58 -13.47 25.66
CA CYS A 476 -41.48 -14.89 25.30
C CYS A 476 -40.42 -15.62 26.12
N GLU A 477 -39.56 -14.89 26.83
CA GLU A 477 -38.43 -15.50 27.51
C GLU A 477 -38.24 -15.07 28.96
N GLU A 478 -38.77 -13.91 29.37
CA GLU A 478 -38.41 -13.38 30.68
C GLU A 478 -39.62 -12.70 31.31
N ASP A 479 -39.82 -12.96 32.60
CA ASP A 479 -40.88 -12.27 33.35
C ASP A 479 -40.66 -10.77 33.35
N SER A 480 -39.43 -10.32 33.47
CA SER A 480 -39.10 -8.91 33.36
C SER A 480 -39.14 -8.47 31.91
N CYS A 481 -40.33 -8.49 31.31
CA CYS A 481 -40.49 -7.90 29.98
C CYS A 481 -40.25 -6.40 30.01
N GLU A 482 -40.27 -5.79 31.19
CA GLU A 482 -39.84 -4.42 31.37
C GLU A 482 -38.37 -4.21 31.06
N ASP A 483 -37.63 -5.31 30.85
CA ASP A 483 -36.27 -5.24 30.34
C ASP A 483 -36.33 -4.98 28.82
N GLU A 484 -35.21 -5.22 28.13
CA GLU A 484 -35.09 -4.94 26.70
C GLU A 484 -35.31 -3.45 26.44
N TYR A 485 -34.46 -2.66 27.08
CA TYR A 485 -34.55 -1.21 27.03
C TYR A 485 -33.13 -0.64 27.13
N SER A 486 -33.05 0.67 27.34
CA SER A 486 -31.78 1.35 27.61
C SER A 486 -32.07 2.53 28.52
N ILE A 487 -31.01 3.20 28.94
CA ILE A 487 -31.11 4.37 29.80
C ILE A 487 -30.24 5.48 29.23
N ILE A 488 -30.88 6.57 28.81
CA ILE A 488 -30.18 7.77 28.37
C ILE A 488 -30.34 8.84 29.46
N LYS A 489 -29.21 9.36 29.93
CA LYS A 489 -29.21 10.39 30.96
C LYS A 489 -29.26 11.77 30.30
N ALA A 490 -30.33 12.52 30.57
CA ALA A 490 -30.50 13.84 29.97
C ALA A 490 -29.48 14.82 30.55
N GLU A 491 -28.49 15.19 29.75
CA GLU A 491 -27.61 16.30 30.07
C GLU A 491 -28.35 17.61 29.77
N THR A 492 -27.81 18.73 30.27
CA THR A 492 -28.58 19.96 30.42
C THR A 492 -28.88 20.66 29.10
N ASP A 493 -28.35 20.17 27.98
CA ASP A 493 -28.65 20.76 26.68
C ASP A 493 -29.59 19.91 25.83
N GLY A 494 -30.09 18.81 26.36
CA GLY A 494 -30.85 17.85 25.59
C GLY A 494 -30.01 16.62 25.26
N ILE A 495 -30.59 15.77 24.44
CA ILE A 495 -29.98 14.50 24.06
C ILE A 495 -29.93 14.44 22.53
N TYR A 496 -28.95 13.67 22.02
CA TYR A 496 -28.71 13.58 20.58
C TYR A 496 -29.82 12.76 19.94
N MET A 497 -31.03 13.34 19.92
CA MET A 497 -32.09 12.82 19.08
C MET A 497 -31.59 12.69 17.65
N PRO A 498 -32.18 11.82 16.84
CA PRO A 498 -31.78 11.75 15.44
C PRO A 498 -31.98 13.11 14.77
N LEU A 499 -31.32 13.28 13.64
CA LEU A 499 -31.52 14.49 12.84
C LEU A 499 -31.30 14.14 11.39
N GLY A 500 -32.24 14.55 10.54
CA GLY A 500 -32.25 14.16 9.16
C GLY A 500 -33.36 13.16 8.88
N VAL A 501 -32.96 11.94 8.60
CA VAL A 501 -33.86 10.98 7.96
C VAL A 501 -33.49 9.54 8.31
N VAL A 502 -34.46 8.80 8.84
CA VAL A 502 -34.39 7.35 8.95
C VAL A 502 -35.23 6.77 7.82
N SER A 503 -34.61 6.55 6.65
CA SER A 503 -35.36 5.95 5.55
C SER A 503 -34.46 5.06 4.70
N GLU A 504 -35.08 4.38 3.73
CA GLU A 504 -34.42 3.49 2.80
C GLU A 504 -34.20 4.21 1.47
N THR A 505 -33.15 3.79 0.75
CA THR A 505 -32.72 4.51 -0.45
C THR A 505 -33.86 4.70 -1.43
N PHE A 506 -34.51 3.61 -1.82
CA PHE A 506 -35.64 3.65 -2.75
C PHE A 506 -36.89 3.18 -2.03
N LEU A 507 -38.03 3.69 -2.46
CA LEU A 507 -39.25 3.54 -1.67
C LEU A 507 -39.75 2.10 -1.70
N THR A 508 -40.00 1.56 -0.51
CA THR A 508 -40.39 0.17 -0.33
C THR A 508 -41.05 0.01 1.02
N PRO A 509 -41.91 -0.99 1.20
CA PRO A 509 -42.44 -1.27 2.54
C PRO A 509 -41.33 -1.67 3.49
N ILE A 510 -41.36 -1.10 4.68
CA ILE A 510 -40.52 -1.56 5.79
C ILE A 510 -41.31 -2.60 6.57
N TYR A 511 -40.64 -3.68 6.94
CA TYR A 511 -41.32 -4.72 7.71
C TYR A 511 -40.93 -4.67 9.18
N GLY A 512 -39.66 -4.48 9.49
CA GLY A 512 -39.19 -4.41 10.86
C GLY A 512 -38.88 -2.99 11.29
N PHE A 513 -38.81 -2.80 12.60
CA PHE A 513 -38.28 -1.57 13.16
C PHE A 513 -37.73 -1.88 14.55
N GLY A 514 -36.68 -1.16 14.93
CA GLY A 514 -36.14 -1.30 16.26
C GLY A 514 -35.62 0.02 16.76
N LEU A 515 -35.53 0.13 18.08
CA LEU A 515 -34.98 1.30 18.72
C LEU A 515 -33.49 1.05 18.97
N THR A 516 -32.66 1.94 18.44
CA THR A 516 -31.21 1.75 18.44
C THR A 516 -30.50 2.99 18.98
N VAL A 517 -30.92 3.47 20.14
CA VAL A 517 -30.27 4.62 20.77
C VAL A 517 -28.85 4.25 21.16
N ASP A 518 -28.02 5.26 21.39
CA ASP A 518 -26.64 5.08 21.85
C ASP A 518 -26.38 6.18 22.87
N GLU A 519 -26.63 5.88 24.15
CA GLU A 519 -26.41 6.84 25.21
C GLU A 519 -24.93 7.10 25.48
N LYS A 520 -24.04 6.23 24.99
CA LYS A 520 -22.62 6.51 25.08
C LYS A 520 -22.27 7.81 24.37
N ASN A 521 -23.04 8.16 23.34
CA ASN A 521 -22.98 9.48 22.72
C ASN A 521 -24.37 10.11 22.62
N GLN A 522 -25.31 9.65 23.45
CA GLN A 522 -26.69 10.16 23.47
C GLN A 522 -27.37 9.97 22.11
N LYS A 523 -26.77 9.13 21.26
CA LYS A 523 -27.16 9.02 19.86
C LYS A 523 -28.47 8.25 19.74
N ILE A 524 -29.58 8.98 19.80
CA ILE A 524 -30.90 8.40 19.56
C ILE A 524 -31.02 8.07 18.08
N THR A 525 -31.11 6.79 17.77
CA THR A 525 -31.13 6.33 16.39
C THR A 525 -32.33 5.43 16.16
N LEU A 526 -33.15 5.77 15.17
CA LEU A 526 -34.24 4.91 14.74
C LEU A 526 -33.75 4.01 13.62
N THR A 527 -34.37 2.84 13.49
CA THR A 527 -33.93 1.88 12.49
C THR A 527 -35.08 0.95 12.14
N GLY A 528 -35.53 1.04 10.88
CA GLY A 528 -36.55 0.16 10.38
C GLY A 528 -35.98 -0.84 9.39
N LYS A 529 -36.74 -1.89 9.09
CA LYS A 529 -36.27 -2.94 8.20
C LYS A 529 -37.12 -2.96 6.94
N SER A 530 -36.50 -2.62 5.82
CA SER A 530 -37.20 -2.36 4.57
C SER A 530 -37.19 -3.59 3.67
N TYR A 531 -38.09 -3.60 2.70
CA TYR A 531 -38.17 -4.63 1.69
C TYR A 531 -37.39 -4.30 0.42
N LEU A 532 -36.39 -3.42 0.49
CA LEU A 532 -35.77 -2.91 -0.73
C LEU A 532 -34.95 -3.97 -1.45
N ARG A 533 -34.17 -4.75 -0.69
CA ARG A 533 -33.46 -5.88 -1.27
C ARG A 533 -34.39 -6.69 -2.17
N GLU A 534 -35.51 -7.12 -1.62
CA GLU A 534 -36.55 -7.75 -2.43
C GLU A 534 -37.11 -6.80 -3.47
N SER A 535 -37.43 -5.55 -3.08
CA SER A 535 -38.07 -4.60 -3.99
C SER A 535 -37.30 -4.40 -5.27
N LEU A 536 -36.02 -4.75 -5.31
CA LEU A 536 -35.22 -4.65 -6.53
C LEU A 536 -34.75 -5.98 -7.09
N LEU A 537 -34.42 -6.97 -6.25
CA LEU A 537 -33.87 -8.22 -6.77
C LEU A 537 -34.80 -8.89 -7.76
N GLU A 538 -36.08 -8.53 -7.77
CA GLU A 538 -37.05 -9.08 -8.71
C GLU A 538 -37.41 -8.15 -9.86
N THR A 539 -37.00 -6.88 -9.83
CA THR A 539 -37.48 -5.92 -10.82
C THR A 539 -36.43 -5.52 -11.84
N ASP A 540 -35.29 -4.96 -11.41
CA ASP A 540 -34.27 -4.60 -12.37
C ASP A 540 -33.35 -5.77 -12.68
N LEU A 541 -33.09 -6.62 -11.69
CA LEU A 541 -32.44 -7.89 -11.93
C LEU A 541 -33.14 -8.73 -12.98
N LEU A 542 -34.44 -8.50 -13.20
CA LEU A 542 -35.16 -9.11 -14.31
C LEU A 542 -35.47 -8.11 -15.41
N ASN A 543 -35.24 -6.81 -15.16
CA ASN A 543 -35.38 -5.76 -16.18
C ASN A 543 -36.78 -5.69 -16.76
N ASN A 544 -37.81 -5.67 -15.93
CA ASN A 544 -39.17 -5.62 -16.44
C ASN A 544 -39.74 -4.20 -16.47
N GLU A 545 -39.86 -3.55 -15.31
CA GLU A 545 -40.43 -2.22 -15.27
C GLU A 545 -39.55 -1.23 -14.53
N THR A 546 -38.96 -1.67 -13.42
CA THR A 546 -38.09 -0.85 -12.58
C THR A 546 -38.74 0.52 -12.30
N TYR A 547 -39.82 0.48 -11.53
CA TYR A 547 -40.49 1.68 -11.06
C TYR A 547 -39.69 2.21 -9.86
N LEU A 548 -38.55 2.84 -10.14
CA LEU A 548 -37.60 3.22 -9.11
C LEU A 548 -37.67 4.71 -8.82
N ILE A 549 -37.93 5.02 -7.55
CA ILE A 549 -37.93 6.39 -7.02
C ILE A 549 -37.05 6.38 -5.78
N ALA A 550 -35.98 7.17 -5.78
CA ALA A 550 -35.10 7.23 -4.62
C ALA A 550 -35.81 7.90 -3.46
N SER A 551 -35.15 7.90 -2.30
CA SER A 551 -35.74 8.50 -1.11
C SER A 551 -35.77 10.01 -1.26
N PRO A 552 -36.79 10.69 -0.74
CA PRO A 552 -36.82 12.15 -0.83
C PRO A 552 -36.00 12.78 0.30
N ASP A 553 -35.78 14.09 0.16
CA ASP A 553 -35.00 14.84 1.14
C ASP A 553 -35.80 15.94 1.81
N GLY A 554 -36.64 16.66 1.07
CA GLY A 554 -37.46 17.71 1.62
C GLY A 554 -38.94 17.42 1.49
N TYR A 555 -39.76 18.46 1.61
CA TYR A 555 -41.20 18.26 1.54
C TYR A 555 -41.67 18.17 0.10
N ILE A 556 -42.44 17.12 -0.19
CA ILE A 556 -42.99 16.91 -1.51
C ILE A 556 -44.44 17.36 -1.53
N SER A 557 -45.08 17.37 -0.36
CA SER A 557 -46.47 17.77 -0.21
C SER A 557 -46.53 19.18 0.36
N SER A 558 -47.49 19.95 -0.15
CA SER A 558 -47.67 21.33 0.28
C SER A 558 -49.13 21.72 0.12
N ILE A 559 -49.64 22.48 1.09
CA ILE A 559 -50.97 23.05 0.95
C ILE A 559 -51.02 24.00 -0.22
N VAL A 560 -49.90 24.68 -0.51
CA VAL A 560 -49.83 25.50 -1.71
C VAL A 560 -49.85 24.60 -2.93
N GLU A 561 -50.81 24.84 -3.81
CA GLU A 561 -50.89 24.11 -5.07
C GLU A 561 -49.95 24.76 -6.08
N ASN A 562 -49.46 23.95 -7.01
CA ASN A 562 -48.30 24.31 -7.81
C ASN A 562 -47.17 24.79 -6.90
N TRP A 563 -46.90 23.97 -5.87
CA TRP A 563 -46.08 24.40 -4.75
C TRP A 563 -44.77 25.05 -5.19
N ASN A 564 -44.07 24.43 -6.14
CA ASN A 564 -42.96 25.13 -6.76
C ASN A 564 -43.46 25.97 -7.93
N ILE A 565 -43.73 25.31 -9.05
CA ILE A 565 -44.55 25.72 -10.20
C ILE A 565 -44.57 24.51 -11.12
N THR A 566 -45.63 24.32 -11.90
CA THR A 566 -45.53 23.24 -12.87
C THR A 566 -44.72 23.69 -14.09
N SER A 567 -45.31 24.57 -14.92
CA SER A 567 -44.62 25.34 -15.94
C SER A 567 -45.59 26.28 -16.62
N ASP A 568 -45.22 27.55 -16.82
CA ASP A 568 -46.01 28.50 -17.60
C ASP A 568 -47.41 28.72 -17.05
N ASN A 569 -47.75 28.07 -15.94
CA ASN A 569 -49.12 28.03 -15.44
C ASN A 569 -49.09 28.06 -13.93
N THR A 570 -49.73 29.07 -13.35
CA THR A 570 -49.90 29.22 -11.91
C THR A 570 -51.37 29.36 -11.58
N GLY A 571 -52.18 28.45 -12.12
CA GLY A 571 -53.62 28.47 -11.96
C GLY A 571 -54.08 28.67 -10.52
N SER A 572 -53.31 28.15 -9.56
CA SER A 572 -53.59 28.45 -8.17
C SER A 572 -53.31 29.93 -7.87
N TRP A 573 -52.15 30.43 -8.30
CA TRP A 573 -51.79 31.82 -8.10
C TRP A 573 -52.55 32.72 -9.07
N ARG A 574 -52.26 34.02 -8.99
CA ARG A 574 -52.86 35.01 -9.87
C ARG A 574 -51.75 35.93 -10.37
N ALA A 575 -51.47 35.87 -11.67
CA ALA A 575 -50.56 36.81 -12.32
C ALA A 575 -51.29 38.13 -12.45
N ASN A 576 -51.42 38.84 -11.32
CA ASN A 576 -52.26 40.03 -11.29
C ASN A 576 -51.73 41.12 -12.21
N ASN A 577 -50.42 41.20 -12.38
CA ASN A 577 -49.80 42.22 -13.21
C ASN A 577 -49.13 41.58 -14.42
N ASN A 578 -49.15 42.30 -15.54
CA ASN A 578 -48.51 41.82 -16.77
C ASN A 578 -47.00 41.78 -16.64
N ASN A 579 -46.40 42.89 -16.20
CA ASN A 579 -44.96 42.93 -15.96
C ASN A 579 -44.54 41.99 -14.83
N ALA A 580 -45.43 41.70 -13.88
CA ALA A 580 -45.16 40.72 -12.84
C ALA A 580 -45.50 39.31 -13.31
N PHE A 581 -44.96 38.98 -14.47
CA PHE A 581 -45.09 37.66 -15.07
C PHE A 581 -44.20 36.67 -14.33
N VAL A 582 -44.10 35.46 -14.85
CA VAL A 582 -43.09 34.52 -14.37
C VAL A 582 -41.78 34.81 -15.12
N ASP A 583 -40.69 34.96 -14.36
CA ASP A 583 -39.45 35.47 -14.92
C ASP A 583 -38.95 34.64 -16.09
N LYS A 584 -38.88 33.32 -15.92
CA LYS A 584 -38.39 32.47 -16.99
C LYS A 584 -39.51 31.97 -17.89
N ALA A 585 -40.49 31.29 -17.31
CA ALA A 585 -41.64 30.65 -17.96
C ALA A 585 -41.23 29.42 -18.74
N ASP A 586 -39.93 29.24 -19.02
CA ASP A 586 -39.44 27.98 -19.56
C ASP A 586 -37.93 27.90 -19.33
N THR A 587 -37.54 27.22 -18.25
CA THR A 587 -36.21 26.64 -18.08
C THR A 587 -35.03 27.57 -18.33
N ILE A 588 -35.24 28.88 -18.39
CA ILE A 588 -34.10 29.77 -18.66
C ILE A 588 -33.54 30.36 -17.36
N LYS A 589 -34.37 30.59 -16.36
CA LYS A 589 -33.87 31.04 -15.05
C LYS A 589 -33.88 29.89 -14.05
N GLY A 590 -32.90 28.99 -14.23
CA GLY A 590 -32.74 27.87 -13.31
C GLY A 590 -33.96 26.98 -13.20
N SER A 591 -34.62 27.03 -12.05
CA SER A 591 -35.83 26.27 -11.80
C SER A 591 -37.06 27.17 -11.94
N SER A 592 -38.24 26.53 -11.88
CA SER A 592 -39.49 27.27 -11.90
C SER A 592 -39.59 28.17 -10.67
N SER A 593 -40.03 29.41 -10.89
CA SER A 593 -40.11 30.38 -9.80
C SER A 593 -40.99 31.55 -10.20
N LEU A 594 -41.83 32.01 -9.27
CA LEU A 594 -42.64 33.19 -9.50
C LEU A 594 -41.74 34.43 -9.60
N TYR A 595 -42.34 35.54 -10.06
CA TYR A 595 -41.59 36.76 -10.30
C TYR A 595 -42.51 37.96 -10.18
N THR A 596 -42.06 38.95 -9.41
CA THR A 596 -42.84 40.16 -9.15
C THR A 596 -41.91 41.36 -9.18
N HIS A 597 -42.33 42.44 -9.84
CA HIS A 597 -41.51 43.65 -9.87
C HIS A 597 -42.36 44.88 -10.11
N LYS A 598 -42.19 45.88 -9.24
CA LYS A 598 -42.72 47.23 -9.30
C LYS A 598 -44.21 47.33 -9.00
N ASP A 599 -44.93 46.20 -9.07
CA ASP A 599 -46.31 46.14 -8.62
C ASP A 599 -46.62 44.76 -8.05
N GLY A 600 -45.72 43.83 -8.31
CA GLY A 600 -45.98 42.40 -8.28
C GLY A 600 -46.79 41.80 -7.16
N GLU A 601 -47.53 40.74 -7.49
CA GLU A 601 -48.35 40.01 -6.54
C GLU A 601 -48.75 38.68 -7.16
N PHE A 602 -49.06 37.69 -6.32
CA PHE A 602 -49.63 36.42 -6.74
C PHE A 602 -50.57 35.93 -5.64
N SER A 603 -51.87 35.98 -5.91
CA SER A 603 -52.89 35.61 -4.95
C SER A 603 -53.36 34.17 -5.20
N GLN A 604 -53.62 33.46 -4.10
CA GLN A 604 -54.08 32.06 -4.21
C GLN A 604 -54.82 31.72 -2.92
N PHE A 605 -56.10 31.39 -3.04
CA PHE A 605 -56.94 31.16 -1.87
C PHE A 605 -56.65 29.78 -1.27
N ILE A 606 -56.11 29.77 -0.05
CA ILE A 606 -55.87 28.52 0.67
C ILE A 606 -56.46 28.62 2.07
N GLY A 607 -57.19 29.71 2.34
CA GLY A 607 -57.88 29.84 3.60
C GLY A 607 -58.85 28.72 3.91
N ASN A 608 -59.59 28.26 2.90
CA ASN A 608 -60.40 27.06 3.02
C ASN A 608 -59.58 25.82 3.39
N LYS A 609 -58.25 25.90 3.30
CA LYS A 609 -57.37 24.79 3.61
C LYS A 609 -56.58 25.02 4.90
N LEU A 610 -56.98 25.99 5.71
CA LEU A 610 -56.29 26.33 6.95
C LEU A 610 -57.22 26.20 8.14
N LYS A 611 -56.72 25.60 9.21
CA LYS A 611 -57.51 25.27 10.39
C LYS A 611 -57.19 26.18 11.55
N PRO A 612 -58.18 26.49 12.40
CA PRO A 612 -57.91 27.31 13.59
C PRO A 612 -56.98 26.61 14.57
N LYS A 613 -56.01 27.37 15.09
CA LYS A 613 -55.15 26.94 16.19
C LYS A 613 -54.49 25.60 15.92
N THR A 614 -53.62 25.57 14.90
CA THR A 614 -52.86 24.37 14.59
C THR A 614 -51.50 24.77 14.05
N ASN A 615 -50.46 24.05 14.44
CA ASN A 615 -49.11 24.37 14.01
C ASN A 615 -48.84 23.86 12.60
N TYR A 616 -48.21 24.71 11.78
CA TYR A 616 -47.88 24.37 10.42
C TYR A 616 -46.42 24.70 10.15
N VAL A 617 -45.73 23.79 9.47
CA VAL A 617 -44.33 23.98 9.09
C VAL A 617 -44.30 24.57 7.69
N ILE A 618 -43.42 25.55 7.49
CA ILE A 618 -43.35 26.30 6.25
C ILE A 618 -41.98 26.13 5.62
N GLN A 619 -41.97 25.84 4.32
CA GLN A 619 -40.74 25.85 3.53
C GLN A 619 -41.03 26.54 2.21
N TYR A 620 -40.06 27.32 1.74
CA TYR A 620 -40.17 27.98 0.46
C TYR A 620 -38.79 28.49 0.04
N VAL A 621 -38.62 28.64 -1.26
CA VAL A 621 -37.36 29.06 -1.85
C VAL A 621 -37.59 30.41 -2.52
N ILE A 622 -36.68 31.35 -2.32
CA ILE A 622 -36.89 32.73 -2.74
C ILE A 622 -35.56 33.37 -3.12
N LYS A 623 -35.62 34.25 -4.11
CA LYS A 623 -34.45 35.00 -4.57
C LYS A 623 -34.80 36.48 -4.71
N GLY A 624 -33.82 37.33 -4.41
CA GLY A 624 -33.97 38.73 -4.73
C GLY A 624 -34.76 39.49 -3.67
N ARG A 625 -35.78 40.21 -4.14
CA ARG A 625 -36.56 41.11 -3.29
C ARG A 625 -38.00 40.63 -3.21
N PRO A 626 -38.27 39.51 -2.53
CA PRO A 626 -39.64 38.98 -2.49
C PRO A 626 -40.44 39.48 -1.30
N ALA A 627 -41.76 39.48 -1.43
CA ALA A 627 -42.66 39.81 -0.33
C ALA A 627 -43.62 38.64 -0.14
N ILE A 628 -43.29 37.76 0.79
CA ILE A 628 -44.11 36.61 1.12
C ILE A 628 -45.28 37.09 1.97
N TYR A 629 -46.48 36.58 1.68
CA TYR A 629 -47.66 36.91 2.47
C TYR A 629 -48.58 35.70 2.56
N LEU A 630 -49.16 35.50 3.73
CA LEU A 630 -50.18 34.48 3.96
C LEU A 630 -51.29 35.15 4.75
N LYS A 631 -52.25 35.76 4.05
CA LYS A 631 -53.22 36.62 4.70
C LYS A 631 -54.56 36.53 4.00
N ASN A 632 -55.60 37.04 4.66
CA ASN A 632 -56.93 37.17 4.06
C ASN A 632 -57.27 38.63 3.83
N ASN A 633 -56.28 39.43 3.42
CA ASN A 633 -56.32 40.88 3.30
C ASN A 633 -56.79 41.56 4.59
N LYS A 634 -56.78 40.84 5.72
CA LYS A 634 -57.08 41.44 7.01
C LYS A 634 -56.13 41.05 8.13
N ASP A 635 -55.46 39.89 8.05
CA ASP A 635 -54.39 39.54 8.98
C ASP A 635 -53.54 38.46 8.35
N THR A 636 -52.23 38.50 8.60
CA THR A 636 -51.27 37.66 7.89
C THR A 636 -50.81 36.51 8.78
N LEU A 637 -50.95 35.28 8.29
CA LEU A 637 -50.46 34.13 9.03
C LEU A 637 -48.95 33.95 8.89
N PHE A 638 -48.39 34.37 7.75
CA PHE A 638 -46.97 34.19 7.52
C PHE A 638 -46.51 35.21 6.49
N GLU A 639 -45.33 35.78 6.72
CA GLU A 639 -44.86 36.91 5.95
C GLU A 639 -43.34 36.94 5.97
N ASP A 640 -42.75 37.26 4.83
CA ASP A 640 -41.30 37.47 4.73
C ASP A 640 -41.05 38.39 3.56
N THR A 641 -40.56 39.60 3.85
CA THR A 641 -40.28 40.62 2.84
C THR A 641 -38.94 41.28 3.13
N LYS A 642 -37.98 40.48 3.57
CA LYS A 642 -36.67 40.99 3.94
C LYS A 642 -35.61 40.05 3.39
N ASN A 643 -34.35 40.29 3.74
CA ASN A 643 -33.22 39.43 3.40
C ASN A 643 -33.14 39.16 1.89
N ASN A 644 -32.87 40.24 1.16
CA ASN A 644 -32.45 40.12 -0.24
C ASN A 644 -31.31 39.12 -0.35
N PHE A 645 -31.51 38.04 -1.09
CA PHE A 645 -30.53 36.96 -1.12
C PHE A 645 -30.06 36.67 -2.55
N SER A 646 -29.00 35.86 -2.63
CA SER A 646 -28.27 35.70 -3.89
C SER A 646 -29.08 34.93 -4.92
N ASP A 647 -29.35 33.65 -4.66
CA ASP A 647 -30.10 32.84 -5.63
C ASP A 647 -30.84 31.73 -4.89
N PHE A 648 -32.14 31.95 -4.66
CA PHE A 648 -33.10 30.90 -4.35
C PHE A 648 -32.69 30.08 -3.12
N GLN A 649 -32.63 30.78 -1.99
CA GLN A 649 -32.34 30.14 -0.72
C GLN A 649 -33.63 29.66 -0.04
N THR A 650 -33.52 28.54 0.67
CA THR A 650 -34.67 27.84 1.21
C THR A 650 -34.92 28.22 2.65
N VAL A 651 -36.20 28.39 2.99
CA VAL A 651 -36.66 28.55 4.37
C VAL A 651 -37.21 27.21 4.83
N THR A 652 -36.94 26.84 6.08
CA THR A 652 -37.62 25.73 6.72
C THR A 652 -37.95 26.16 8.14
N LYS A 653 -39.13 26.74 8.32
CA LYS A 653 -39.58 27.27 9.60
C LYS A 653 -41.00 26.76 9.85
N LYS A 654 -41.66 27.34 10.86
CA LYS A 654 -43.02 26.97 11.21
C LYS A 654 -43.86 28.20 11.45
N PHE A 655 -45.13 27.96 11.81
CA PHE A 655 -46.05 28.96 12.31
C PHE A 655 -47.29 28.24 12.82
N ASN A 656 -48.09 28.96 13.60
CA ASN A 656 -49.37 28.46 14.08
C ASN A 656 -50.49 29.13 13.31
N SER A 657 -51.36 28.31 12.71
CA SER A 657 -52.44 28.84 11.90
C SER A 657 -53.41 29.64 12.77
N GLY A 658 -53.96 30.71 12.21
CA GLY A 658 -54.73 31.69 12.96
C GLY A 658 -55.98 31.17 13.63
N VAL A 659 -56.62 32.03 14.44
CA VAL A 659 -57.82 31.63 15.16
C VAL A 659 -58.99 31.41 14.22
N ASN A 660 -59.01 32.08 13.07
CA ASN A 660 -60.05 31.88 12.07
C ASN A 660 -59.43 32.10 10.70
N PRO A 661 -58.63 31.15 10.22
CA PRO A 661 -57.91 31.33 8.95
C PRO A 661 -58.71 30.93 7.73
N SER A 662 -60.04 30.86 7.86
CA SER A 662 -60.87 30.27 6.81
C SER A 662 -60.77 31.04 5.49
N GLU A 663 -60.16 32.22 5.50
CA GLU A 663 -60.03 33.03 4.29
C GLU A 663 -58.59 33.35 3.91
N ILE A 664 -57.61 32.88 4.68
CA ILE A 664 -56.23 33.29 4.47
C ILE A 664 -55.70 32.78 3.14
N TYR A 665 -55.39 33.70 2.23
CA TYR A 665 -54.84 33.33 0.94
C TYR A 665 -53.38 33.77 0.87
N PHE A 666 -52.62 33.14 -0.02
CA PHE A 666 -51.21 33.46 -0.16
C PHE A 666 -51.02 34.56 -1.19
N LEU A 667 -50.15 35.52 -0.86
CA LEU A 667 -49.90 36.69 -1.71
C LEU A 667 -48.39 36.89 -1.83
N PHE A 668 -47.77 36.22 -2.79
CA PHE A 668 -46.35 36.43 -3.04
C PHE A 668 -46.22 37.74 -3.81
N LYS A 669 -45.62 38.73 -3.19
CA LYS A 669 -45.42 40.04 -3.79
C LYS A 669 -43.94 40.36 -3.86
N ASN A 670 -43.63 41.59 -4.25
CA ASN A 670 -42.26 42.07 -4.29
C ASN A 670 -41.93 42.85 -3.04
N GLN A 671 -40.69 42.66 -2.55
CA GLN A 671 -40.23 43.38 -1.37
C GLN A 671 -40.25 44.89 -1.59
N SER A 672 -39.95 45.34 -2.80
CA SER A 672 -39.84 46.76 -3.10
C SER A 672 -40.20 46.95 -4.58
N GLU A 673 -39.81 48.09 -5.14
CA GLU A 673 -39.98 48.31 -6.57
C GLU A 673 -39.06 47.40 -7.38
N TYR A 674 -38.12 46.72 -6.73
CA TYR A 674 -37.18 45.87 -7.43
C TYR A 674 -37.88 44.63 -8.00
N GLU A 675 -37.09 43.72 -8.55
CA GLU A 675 -37.59 42.47 -9.09
C GLU A 675 -37.45 41.36 -8.05
N ALA A 676 -38.45 40.49 -7.98
CA ALA A 676 -38.53 39.44 -6.98
C ALA A 676 -38.61 38.07 -7.64
N TRP A 677 -38.22 37.06 -6.87
CA TRP A 677 -38.28 35.67 -7.31
C TRP A 677 -38.49 34.77 -6.10
N GLY A 678 -39.24 33.70 -6.31
CA GLY A 678 -39.52 32.75 -5.24
C GLY A 678 -40.25 31.51 -5.74
N ASN A 679 -40.18 30.41 -5.00
CA ASN A 679 -40.77 29.15 -5.44
C ASN A 679 -40.73 28.15 -4.28
N ASN A 680 -41.31 26.96 -4.53
CA ASN A 680 -41.27 25.83 -3.59
C ASN A 680 -42.00 26.12 -2.28
N PHE A 681 -43.17 26.73 -2.39
CA PHE A 681 -43.98 27.03 -1.20
C PHE A 681 -44.50 25.72 -0.59
N ILE A 682 -43.96 25.34 0.56
CA ILE A 682 -44.38 24.16 1.29
C ILE A 682 -45.19 24.61 2.49
N ILE A 683 -46.42 24.12 2.59
CA ILE A 683 -47.26 24.34 3.77
C ILE A 683 -47.91 23.01 4.13
N LEU A 684 -47.70 22.56 5.36
CA LEU A 684 -48.33 21.35 5.89
C LEU A 684 -48.48 21.46 7.39
N GLU A 685 -49.46 20.74 7.91
CA GLU A 685 -49.76 20.77 9.34
C GLU A 685 -48.67 20.07 10.13
N ILE A 686 -48.41 20.58 11.33
CA ILE A 686 -47.62 19.89 12.34
C ILE A 686 -48.59 19.35 13.38
N LYS A 687 -48.67 18.03 13.48
CA LYS A 687 -49.55 17.41 14.45
C LYS A 687 -49.09 17.78 15.86
N SER A 688 -49.95 18.46 16.60
CA SER A 688 -49.63 18.81 17.97
C SER A 688 -49.34 17.55 18.77
N LEU A 689 -48.24 17.58 19.52
CA LEU A 689 -47.86 16.42 20.31
C LEU A 689 -48.96 16.09 21.31
N GLU A 690 -49.41 14.85 21.27
CA GLU A 690 -50.49 14.37 22.12
C GLU A 690 -49.94 13.36 23.10
N PHE A 691 -50.56 13.29 24.28
CA PHE A 691 -49.96 12.64 25.42
C PHE A 691 -50.92 11.60 25.98
N LEU A 692 -50.39 10.67 26.75
CA LEU A 692 -51.21 9.62 27.35
C LEU A 692 -52.13 10.23 28.42
N PRO A 693 -53.37 9.77 28.48
CA PRO A 693 -54.34 10.38 29.40
C PRO A 693 -54.11 9.98 30.84
N GLN A 694 -54.37 10.93 31.73
CA GLN A 694 -54.27 10.70 33.16
C GLN A 694 -55.47 11.36 33.83
N MET A 695 -55.71 11.01 35.09
CA MET A 695 -57.00 11.31 35.72
C MET A 695 -57.28 12.79 35.87
N LEU A 696 -56.37 13.67 35.46
CA LEU A 696 -56.67 15.09 35.47
C LEU A 696 -57.39 15.51 34.19
N LYS A 697 -58.60 16.02 34.35
CA LYS A 697 -59.42 16.57 33.29
C LYS A 697 -59.89 17.96 33.66
N PRO A 698 -59.90 18.91 32.71
CA PRO A 698 -60.06 20.32 33.09
C PRO A 698 -61.45 20.69 33.56
N GLU A 699 -62.48 19.93 33.18
CA GLU A 699 -63.84 20.35 33.47
C GLU A 699 -64.18 20.34 34.96
N ASP A 700 -63.76 19.31 35.69
CA ASP A 700 -64.09 19.22 37.12
C ASP A 700 -63.25 20.15 37.98
N TRP A 701 -62.31 20.88 37.38
CA TRP A 701 -61.60 21.92 38.12
C TRP A 701 -62.60 22.95 38.64
N ILE A 702 -62.40 23.34 39.89
CA ILE A 702 -63.22 24.38 40.49
C ILE A 702 -62.36 25.63 40.63
N PRO A 703 -62.42 26.56 39.67
CA PRO A 703 -61.63 27.81 39.77
C PRO A 703 -61.99 28.55 41.05
N SER A 704 -61.02 28.65 41.96
CA SER A 704 -61.23 29.19 43.30
C SER A 704 -60.42 30.47 43.46
N GLY A 705 -61.00 31.60 43.07
CA GLY A 705 -60.47 32.91 43.41
C GLY A 705 -59.67 33.60 42.32
N ASN A 706 -60.32 34.53 41.61
CA ASN A 706 -59.69 35.34 40.56
C ASN A 706 -58.84 34.48 39.63
N VAL A 707 -59.51 33.54 38.96
CA VAL A 707 -58.85 32.53 38.16
C VAL A 707 -59.77 32.10 37.02
N GLN A 708 -59.20 31.43 36.02
CA GLN A 708 -59.99 30.75 35.00
C GLN A 708 -59.10 29.77 34.26
N MET A 709 -59.74 28.74 33.68
CA MET A 709 -59.06 27.71 32.92
C MET A 709 -58.41 28.30 31.68
N LYS A 710 -57.22 27.83 31.37
CA LYS A 710 -56.37 28.42 30.34
C LYS A 710 -56.14 27.45 29.19
N ASP A 711 -55.23 27.84 28.29
CA ASP A 711 -55.13 27.21 26.99
C ASP A 711 -54.18 26.02 27.00
N GLY A 712 -52.95 26.22 27.45
CA GLY A 712 -51.96 25.16 27.44
C GLY A 712 -52.14 24.12 28.51
N GLY A 713 -53.36 24.00 29.03
CA GLY A 713 -53.60 23.21 30.23
C GLY A 713 -52.91 23.87 31.39
N ARG A 714 -53.20 25.15 31.59
CA ARG A 714 -52.33 26.01 32.39
C ARG A 714 -52.94 26.50 33.69
N LEU A 715 -54.22 26.86 33.71
CA LEU A 715 -54.93 27.19 34.95
C LEU A 715 -54.26 28.36 35.70
N GLU A 716 -54.31 29.53 35.05
CA GLU A 716 -53.79 30.77 35.62
C GLU A 716 -54.27 30.95 37.06
N ILE A 717 -53.41 31.49 37.91
CA ILE A 717 -53.83 31.99 39.21
C ILE A 717 -53.55 33.48 39.24
N LEU A 718 -54.53 34.30 38.88
CA LEU A 718 -54.35 35.75 38.87
C LEU A 718 -54.22 36.22 40.30
N GLY A 719 -53.00 36.57 40.70
CA GLY A 719 -52.74 36.92 42.08
C GLY A 719 -52.80 35.71 42.99
N ASP A 720 -53.82 35.66 43.84
CA ASP A 720 -54.02 34.55 44.75
C ASP A 720 -55.21 33.69 44.31
N GLY A 721 -55.47 32.64 45.08
CA GLY A 721 -56.50 31.67 44.78
C GLY A 721 -55.89 30.34 44.34
N TYR A 722 -56.77 29.47 43.84
CA TYR A 722 -56.28 28.21 43.30
C TYR A 722 -57.31 27.57 42.39
N PHE A 723 -56.90 26.45 41.79
CA PHE A 723 -57.79 25.52 41.12
C PHE A 723 -57.88 24.25 41.95
N LYS A 724 -59.10 23.78 42.17
CA LYS A 724 -59.31 22.55 42.93
C LYS A 724 -60.21 21.61 42.15
N GLN A 725 -59.99 20.32 42.37
CA GLN A 725 -60.73 19.27 41.67
C GLN A 725 -60.46 17.96 42.39
N PHE A 726 -61.50 17.16 42.57
CA PHE A 726 -61.36 15.92 43.31
C PHE A 726 -60.77 14.82 42.44
N ILE A 727 -59.67 14.24 42.91
CA ILE A 727 -59.04 13.08 42.27
C ILE A 727 -58.78 12.04 43.34
N LYS A 728 -59.34 10.85 43.16
CA LYS A 728 -59.31 9.81 44.20
C LYS A 728 -57.98 9.09 44.15
N LEU A 729 -57.14 9.30 45.16
CA LEU A 729 -55.92 8.53 45.33
C LEU A 729 -56.21 7.26 46.11
N GLU A 730 -55.42 6.22 45.86
CA GLU A 730 -55.61 4.93 46.47
C GLU A 730 -54.48 4.64 47.45
N ASN A 731 -54.75 3.78 48.43
CA ASN A 731 -53.79 3.46 49.47
C ASN A 731 -52.80 2.37 49.06
N ASP A 732 -52.82 1.94 47.80
CA ASP A 732 -51.89 0.92 47.31
C ASP A 732 -51.30 1.29 45.95
N SER A 733 -51.68 2.43 45.38
CA SER A 733 -51.25 2.85 44.07
C SER A 733 -50.41 4.13 44.15
N THR A 734 -49.46 4.22 43.23
CA THR A 734 -48.56 5.37 43.15
C THR A 734 -48.97 6.30 42.03
N TYR A 735 -48.91 7.60 42.28
CA TYR A 735 -49.18 8.62 41.29
C TYR A 735 -47.94 9.47 41.07
N HIS A 736 -47.89 10.12 39.91
CA HIS A 736 -46.73 10.94 39.55
C HIS A 736 -47.25 12.28 39.04
N LEU A 737 -47.25 13.27 39.91
CA LEU A 737 -47.66 14.62 39.55
C LEU A 737 -46.49 15.33 38.89
N ARG A 738 -46.62 15.57 37.59
CA ARG A 738 -45.57 16.21 36.81
C ARG A 738 -46.13 17.46 36.17
N LEU A 739 -45.59 18.61 36.57
CA LEU A 739 -46.19 19.86 36.17
C LEU A 739 -45.19 20.99 36.42
N SER A 740 -45.09 21.91 35.47
CA SER A 740 -44.31 23.12 35.62
C SER A 740 -45.24 24.31 35.72
N VAL A 741 -44.77 25.39 36.34
CA VAL A 741 -45.60 26.56 36.57
C VAL A 741 -44.94 27.79 35.94
N LYS A 742 -45.77 28.79 35.64
CA LYS A 742 -45.33 30.11 35.22
C LYS A 742 -45.87 31.10 36.23
N GLY A 743 -45.10 31.36 37.29
CA GLY A 743 -45.57 32.15 38.41
C GLY A 743 -45.55 31.34 39.70
N THR A 744 -45.04 31.92 40.78
CA THR A 744 -44.80 31.17 42.00
C THR A 744 -46.09 30.56 42.54
N GLY A 745 -46.14 29.23 42.53
CA GLY A 745 -47.34 28.50 42.88
C GLY A 745 -47.12 27.51 43.99
N ARG A 746 -48.23 26.98 44.51
CA ARG A 746 -48.20 25.97 45.55
C ARG A 746 -49.12 24.82 45.13
N VAL A 747 -48.56 23.67 44.90
CA VAL A 747 -49.34 22.45 44.71
C VAL A 747 -49.63 21.86 46.07
N SER A 748 -50.64 20.99 46.15
CA SER A 748 -51.11 20.53 47.45
C SER A 748 -51.63 19.10 47.30
N ILE A 749 -50.94 18.15 47.93
CA ILE A 749 -51.45 16.82 48.17
C ILE A 749 -51.60 16.68 49.68
N ILE A 750 -52.80 16.95 50.19
CA ILE A 750 -53.06 16.92 51.62
C ILE A 750 -54.24 16.00 51.88
N ASP A 751 -54.18 15.28 53.00
CA ASP A 751 -55.31 14.49 53.44
C ASP A 751 -56.27 15.42 54.18
N GLU A 752 -57.24 14.85 54.89
CA GLU A 752 -58.18 15.67 55.65
C GLU A 752 -57.46 16.54 56.68
N SER A 753 -56.35 16.06 57.23
CA SER A 753 -55.60 16.82 58.22
C SER A 753 -54.14 17.03 57.83
N LYS A 754 -53.47 16.00 57.33
CA LYS A 754 -52.02 16.04 57.16
C LYS A 754 -51.64 16.30 55.71
N TYR A 755 -50.38 16.69 55.52
CA TYR A 755 -49.85 17.05 54.22
C TYR A 755 -49.15 15.84 53.61
N LEU A 756 -49.88 15.07 52.80
CA LEU A 756 -49.24 13.99 52.05
C LEU A 756 -48.09 14.52 51.22
N LEU A 757 -48.21 15.75 50.71
CA LEU A 757 -47.08 16.50 50.20
C LEU A 757 -47.25 17.95 50.60
N PHE A 758 -46.12 18.66 50.75
CA PHE A 758 -46.13 20.07 51.15
C PHE A 758 -45.04 20.75 50.35
N VAL A 759 -45.41 21.28 49.18
CA VAL A 759 -44.44 21.76 48.19
C VAL A 759 -44.90 23.09 47.61
N ASN A 760 -43.93 23.95 47.32
CA ASN A 760 -44.14 25.19 46.60
C ASN A 760 -43.40 25.12 45.27
N VAL A 761 -43.96 25.77 44.25
CA VAL A 761 -43.37 25.79 42.92
C VAL A 761 -43.31 27.23 42.42
N LYS A 762 -42.09 27.69 42.11
CA LYS A 762 -41.87 29.08 41.73
C LYS A 762 -42.00 29.30 40.23
N ASP A 763 -41.14 28.65 39.44
CA ASP A 763 -41.26 28.73 37.99
C ASP A 763 -40.83 27.43 37.34
N GLU A 764 -40.60 26.36 38.09
CA GLU A 764 -39.96 25.14 37.65
C GLU A 764 -41.00 24.03 37.51
N ASP A 765 -40.51 22.86 37.10
CA ASP A 765 -41.36 21.68 36.99
C ASP A 765 -41.53 21.03 38.36
N LEU A 766 -42.22 19.90 38.38
CA LEU A 766 -42.42 19.14 39.61
C LEU A 766 -42.32 17.65 39.30
N THR A 767 -41.37 16.98 39.94
CA THR A 767 -41.17 15.54 39.80
C THR A 767 -41.39 14.90 41.15
N ARG A 768 -42.54 14.26 41.33
CA ARG A 768 -42.93 13.69 42.61
C ARG A 768 -43.31 12.23 42.44
N VAL A 769 -42.59 11.36 43.14
CA VAL A 769 -42.94 9.95 43.25
C VAL A 769 -43.44 9.70 44.67
N ILE A 770 -44.76 9.64 44.83
CA ILE A 770 -45.38 9.49 46.12
C ILE A 770 -45.48 8.00 46.43
N LYS A 771 -45.00 7.62 47.61
CA LYS A 771 -45.07 6.23 48.07
C LYS A 771 -46.50 5.94 48.52
N ASN A 772 -46.71 4.85 49.25
CA ASN A 772 -48.05 4.42 49.62
C ASN A 772 -48.86 5.60 50.16
N THR A 773 -49.88 6.01 49.42
CA THR A 773 -50.69 7.17 49.76
C THR A 773 -51.83 6.72 50.66
N SER A 774 -51.59 6.76 51.97
CA SER A 774 -52.63 6.38 52.92
C SER A 774 -53.85 7.25 52.68
N SER A 775 -54.93 6.64 52.17
CA SER A 775 -56.07 7.37 51.67
C SER A 775 -57.29 7.15 52.55
N LYS A 776 -57.83 8.24 53.07
CA LYS A 776 -59.04 8.23 53.87
C LYS A 776 -60.19 8.90 53.13
N GLY A 777 -60.26 8.68 51.82
CA GLY A 777 -61.35 9.20 51.01
C GLY A 777 -61.08 10.53 50.35
N GLU A 778 -60.76 11.56 51.14
CA GLU A 778 -60.64 12.92 50.61
C GLU A 778 -59.25 13.13 50.03
N CYS A 779 -59.19 13.21 48.71
CA CYS A 779 -57.96 13.53 48.00
C CYS A 779 -58.27 14.50 46.86
N PHE A 780 -57.54 15.60 46.81
CA PHE A 780 -57.66 16.56 45.72
C PHE A 780 -56.41 17.41 45.71
N ILE A 781 -56.35 18.34 44.76
CA ILE A 781 -55.21 19.23 44.60
C ILE A 781 -55.70 20.66 44.45
N ALA A 782 -55.15 21.56 45.25
CA ALA A 782 -55.45 22.99 45.21
C ALA A 782 -54.28 23.69 44.53
N LEU A 783 -54.39 23.89 43.23
CA LEU A 783 -53.31 24.44 42.43
C LEU A 783 -53.22 25.94 42.70
N GLU A 784 -52.61 26.31 43.82
CA GLU A 784 -52.59 27.69 44.29
C GLU A 784 -51.25 28.35 44.00
N GLY A 785 -51.27 29.67 43.95
CA GLY A 785 -50.05 30.46 43.88
C GLY A 785 -49.64 30.95 45.25
N THR A 786 -48.89 32.04 45.31
CA THR A 786 -48.48 32.65 46.56
C THR A 786 -49.02 34.07 46.62
N TYR A 787 -48.81 34.73 47.76
CA TYR A 787 -49.43 36.03 48.04
C TYR A 787 -48.62 37.19 47.47
N VAL A 788 -48.35 37.13 46.17
CA VAL A 788 -47.73 38.21 45.42
C VAL A 788 -48.72 38.66 44.35
N GLU A 789 -48.92 39.98 44.25
CA GLU A 789 -49.95 40.50 43.37
C GLU A 789 -49.57 40.39 41.90
N ASN A 790 -48.27 40.45 41.58
CA ASN A 790 -47.85 40.55 40.19
C ASN A 790 -47.78 39.18 39.53
N SER A 791 -47.21 38.20 40.20
CA SER A 791 -46.92 36.90 39.59
C SER A 791 -48.18 36.06 39.46
N SER A 792 -48.86 36.16 38.32
CA SER A 792 -50.01 35.30 38.07
C SER A 792 -49.55 33.86 37.89
N THR A 793 -49.81 33.03 38.90
CA THR A 793 -49.33 31.66 38.89
C THR A 793 -50.02 30.88 37.78
N ILE A 794 -49.25 30.45 36.79
CA ILE A 794 -49.78 29.76 35.62
C ILE A 794 -49.04 28.44 35.46
N PHE A 795 -49.65 27.36 35.94
CA PHE A 795 -49.13 26.01 35.74
C PHE A 795 -49.07 25.70 34.25
N SER A 796 -48.43 24.58 33.89
CA SER A 796 -48.21 24.28 32.48
C SER A 796 -48.84 22.97 32.03
N ASN A 797 -48.60 21.86 32.71
CA ASN A 797 -49.01 20.55 32.21
C ASN A 797 -49.58 19.70 33.36
N VAL A 798 -50.89 19.49 33.34
CA VAL A 798 -51.56 18.64 34.32
C VAL A 798 -51.23 17.19 33.98
N SER A 799 -50.59 16.49 34.91
CA SER A 799 -50.25 15.08 34.75
C SER A 799 -50.09 14.45 36.13
N ILE A 800 -51.11 13.72 36.57
CA ILE A 800 -51.11 13.06 37.88
C ILE A 800 -50.93 11.56 37.67
N VAL A 801 -50.25 11.20 36.58
CA VAL A 801 -50.29 9.85 36.00
C VAL A 801 -50.18 8.76 37.06
N LYS A 802 -51.14 7.84 37.02
CA LYS A 802 -51.24 6.77 38.00
C LYS A 802 -50.28 5.65 37.65
N GLU A 803 -49.21 5.51 38.43
CA GLU A 803 -48.23 4.46 38.21
C GLU A 803 -48.83 3.08 38.44
N GLN B 141 -5.16 -13.42 36.89
CA GLN B 141 -5.09 -12.18 36.13
C GLN B 141 -3.89 -12.10 35.18
N ASN B 142 -2.70 -12.59 35.60
CA ASN B 142 -1.55 -12.76 34.73
C ASN B 142 -1.80 -13.74 33.58
N HIS B 143 -2.56 -14.83 33.83
CA HIS B 143 -3.03 -15.75 32.81
C HIS B 143 -3.95 -15.08 31.79
N VAL B 144 -4.89 -14.23 32.25
CA VAL B 144 -5.74 -13.39 31.41
C VAL B 144 -4.94 -12.44 30.53
N LEU B 145 -3.89 -11.79 31.08
CA LEU B 145 -2.95 -10.96 30.32
C LEU B 145 -2.22 -11.73 29.24
N SER B 146 -1.76 -12.97 29.53
CA SER B 146 -1.13 -13.87 28.56
C SER B 146 -2.05 -14.20 27.39
N LEU B 147 -3.34 -14.54 27.67
CA LEU B 147 -4.35 -14.76 26.65
C LEU B 147 -4.64 -13.54 25.79
N GLN B 148 -4.70 -12.33 26.39
CA GLN B 148 -4.82 -11.09 25.66
C GLN B 148 -3.63 -10.80 24.75
N ILE B 149 -2.38 -11.05 25.21
CA ILE B 149 -1.18 -10.96 24.39
C ILE B 149 -1.15 -11.96 23.25
N GLU B 150 -1.58 -13.22 23.46
CA GLU B 150 -1.81 -14.17 22.38
C GLU B 150 -2.85 -13.72 21.36
N PHE B 151 -3.92 -13.06 21.79
CA PHE B 151 -4.86 -12.41 20.88
C PHE B 151 -4.21 -11.28 20.07
N LEU B 152 -3.37 -10.43 20.69
CA LEU B 152 -2.58 -9.42 19.98
C LEU B 152 -1.62 -9.99 18.95
N SER B 153 -0.91 -11.11 19.27
CA SER B 153 0.00 -11.79 18.36
C SER B 153 -0.69 -12.36 17.13
N LYS B 154 -1.92 -12.91 17.28
CA LYS B 154 -2.80 -13.31 16.20
C LYS B 154 -3.23 -12.14 15.32
N GLN B 155 -3.63 -10.99 15.92
CA GLN B 155 -3.96 -9.77 15.17
C GLN B 155 -2.78 -9.24 14.36
N LEU B 156 -1.56 -9.26 14.94
CA LEU B 156 -0.33 -8.94 14.24
C LEU B 156 0.02 -9.87 13.09
N GLN B 157 -0.19 -11.19 13.22
CA GLN B 157 -0.11 -12.13 12.11
C GLN B 157 -1.12 -11.87 11.01
N GLU B 158 -2.40 -11.60 11.33
CA GLU B 158 -3.38 -11.21 10.32
C GLU B 158 -3.00 -9.91 9.60
N ILE B 159 -2.46 -8.92 10.33
CA ILE B 159 -1.88 -7.71 9.77
C ILE B 159 -0.69 -7.98 8.85
N SER B 160 0.25 -8.87 9.24
CA SER B 160 1.41 -9.22 8.42
C SER B 160 1.03 -9.94 7.13
N ASP B 161 0.02 -10.84 7.15
CA ASP B 161 -0.60 -11.43 5.97
C ASP B 161 -1.26 -10.40 5.05
N LYS B 162 -2.02 -9.43 5.61
CA LYS B 162 -2.62 -8.34 4.84
C LYS B 162 -1.58 -7.50 4.14
N LEU B 163 -0.44 -7.18 4.79
CA LEU B 163 0.68 -6.50 4.19
C LEU B 163 1.32 -7.23 3.02
N ASP B 164 1.49 -8.56 3.12
CA ASP B 164 2.01 -9.39 2.05
C ASP B 164 1.08 -9.43 0.83
N ILE B 165 -0.25 -9.46 1.03
CA ILE B 165 -1.24 -9.28 -0.02
C ILE B 165 -1.19 -7.89 -0.65
N ILE B 166 -1.09 -6.82 0.16
CA ILE B 166 -0.98 -5.44 -0.33
C ILE B 166 0.28 -5.23 -1.14
N ASN B 167 1.46 -5.71 -0.67
CA ASN B 167 2.74 -5.57 -1.36
C ASN B 167 2.70 -6.22 -2.73
N LEU B 168 2.13 -7.42 -2.81
CA LEU B 168 1.90 -8.11 -4.05
C LEU B 168 0.97 -7.37 -5.01
N ASN B 169 -0.16 -6.83 -4.52
CA ASN B 169 -1.05 -6.02 -5.33
C ASN B 169 -0.36 -4.77 -5.86
N VAL B 170 0.51 -4.12 -5.07
CA VAL B 170 1.37 -3.04 -5.55
C VAL B 170 2.33 -3.47 -6.67
N LEU B 171 2.97 -4.65 -6.57
CA LEU B 171 3.79 -5.23 -7.64
C LEU B 171 3.01 -5.64 -8.89
N ILE B 172 1.75 -6.10 -8.74
CA ILE B 172 0.85 -6.29 -9.87
C ILE B 172 0.50 -5.00 -10.56
N ASN B 173 0.25 -3.93 -9.79
CA ASN B 173 0.02 -2.60 -10.34
C ASN B 173 1.20 -2.07 -11.15
N SER B 174 2.46 -2.32 -10.70
CA SER B 174 3.65 -1.95 -11.47
C SER B 174 3.73 -2.64 -12.81
N THR B 175 3.53 -3.99 -12.83
CA THR B 175 3.53 -4.77 -14.06
C THR B 175 2.37 -4.45 -14.98
N LEU B 176 1.17 -4.18 -14.44
CA LEU B 176 0.04 -3.68 -15.23
C LEU B 176 0.32 -2.35 -15.91
N THR B 177 0.94 -1.39 -15.19
CA THR B 177 1.37 -0.11 -15.75
C THR B 177 2.37 -0.28 -16.88
N GLU B 178 3.34 -1.20 -16.73
CA GLU B 178 4.25 -1.58 -17.80
C GLU B 178 3.61 -2.33 -18.99
N ILE B 179 2.75 -3.36 -18.77
CA ILE B 179 2.35 -4.29 -19.83
C ILE B 179 0.96 -4.11 -20.40
N THR B 180 0.04 -3.38 -19.71
CA THR B 180 -1.36 -3.28 -20.14
C THR B 180 -1.58 -2.70 -21.55
N PRO B 181 -0.96 -1.63 -22.08
CA PRO B 181 -1.30 -1.09 -23.38
C PRO B 181 -0.97 -2.06 -24.51
N ALA B 182 0.13 -2.82 -24.37
CA ALA B 182 0.55 -3.85 -25.29
C ALA B 182 -0.36 -5.06 -25.25
N TYR B 183 -0.71 -5.56 -24.04
CA TYR B 183 -1.59 -6.71 -23.86
C TYR B 183 -2.97 -6.47 -24.48
N GLN B 184 -3.57 -5.29 -24.22
CA GLN B 184 -4.87 -4.94 -24.77
C GLN B 184 -4.88 -4.85 -26.30
N ARG B 185 -3.87 -4.20 -26.90
CA ARG B 185 -3.75 -4.10 -28.35
C ARG B 185 -3.49 -5.42 -29.05
N ILE B 186 -2.60 -6.26 -28.48
CA ILE B 186 -2.35 -7.60 -28.99
C ILE B 186 -3.61 -8.44 -28.96
N LYS B 187 -4.36 -8.37 -27.84
CA LYS B 187 -5.60 -9.10 -27.70
C LYS B 187 -6.66 -8.71 -28.73
N TYR B 188 -6.91 -7.39 -28.91
CA TYR B 188 -7.83 -6.86 -29.90
C TYR B 188 -7.47 -7.24 -31.34
N VAL B 189 -6.18 -7.11 -31.73
CA VAL B 189 -5.71 -7.52 -33.04
C VAL B 189 -5.87 -9.02 -33.24
N ASN B 190 -5.54 -9.84 -32.24
CA ASN B 190 -5.74 -11.29 -32.29
C ASN B 190 -7.20 -11.74 -32.42
N GLU B 191 -8.13 -11.09 -31.68
CA GLU B 191 -9.55 -11.34 -31.74
C GLU B 191 -10.21 -10.89 -33.04
N LYS B 192 -9.75 -9.77 -33.63
CA LYS B 192 -10.34 -9.20 -34.82
C LYS B 192 -9.85 -9.85 -36.12
N PHE B 193 -8.80 -10.68 -36.03
CA PHE B 193 -8.25 -11.40 -37.17
C PHE B 193 -8.41 -12.91 -37.01
N ASP B 194 -9.37 -13.41 -36.18
CA ASP B 194 -9.56 -14.83 -35.91
C ASP B 194 -9.84 -15.66 -37.17
N GLU B 195 -10.76 -15.24 -38.06
CA GLU B 195 -11.08 -16.01 -39.27
C GLU B 195 -9.89 -16.17 -40.22
N LEU B 196 -9.13 -15.07 -40.46
CA LEU B 196 -7.96 -15.10 -41.33
C LEU B 196 -6.76 -15.87 -40.81
N THR B 197 -6.55 -15.93 -39.47
CA THR B 197 -5.42 -16.69 -38.88
C THR B 197 -5.82 -18.07 -38.43
N SER B 198 -7.12 -18.39 -38.47
CA SER B 198 -7.62 -19.74 -38.26
C SER B 198 -7.16 -20.72 -39.32
N GLU B 214 -21.21 -8.15 -47.70
CA GLU B 214 -20.42 -8.30 -46.49
C GLU B 214 -18.97 -8.74 -46.72
N VAL B 215 -18.69 -9.61 -47.74
CA VAL B 215 -17.32 -10.08 -48.07
C VAL B 215 -16.39 -8.92 -48.35
N ILE B 216 -16.80 -8.03 -49.28
CA ILE B 216 -16.05 -6.85 -49.66
C ILE B 216 -15.95 -5.88 -48.50
N GLU B 217 -17.06 -5.68 -47.75
CA GLU B 217 -17.06 -4.80 -46.60
C GLU B 217 -16.09 -5.21 -45.50
N ASN B 218 -16.17 -6.45 -45.00
CA ASN B 218 -15.23 -6.93 -43.99
C ASN B 218 -13.81 -7.03 -44.51
N LEU B 219 -13.61 -7.46 -45.77
CA LEU B 219 -12.28 -7.51 -46.36
C LEU B 219 -11.63 -6.13 -46.41
N ASN B 220 -12.36 -5.07 -46.81
CA ASN B 220 -11.88 -3.71 -46.75
C ASN B 220 -11.63 -3.21 -45.33
N GLU B 221 -12.56 -3.44 -44.37
CA GLU B 221 -12.42 -3.07 -42.96
C GLU B 221 -11.19 -3.75 -42.32
N LEU B 222 -10.94 -5.05 -42.60
CA LEU B 222 -9.73 -5.77 -42.22
C LEU B 222 -8.46 -5.33 -42.95
N THR B 223 -8.52 -5.01 -44.26
CA THR B 223 -7.38 -4.47 -45.03
C THR B 223 -6.89 -3.16 -44.46
N GLU B 224 -7.79 -2.23 -44.06
CA GLU B 224 -7.42 -1.00 -43.36
C GLU B 224 -6.76 -1.27 -42.01
N LEU B 225 -7.29 -2.24 -41.25
CA LEU B 225 -6.63 -2.71 -40.04
C LEU B 225 -5.24 -3.30 -40.28
N ALA B 226 -5.06 -4.10 -41.34
CA ALA B 226 -3.79 -4.66 -41.75
C ALA B 226 -2.76 -3.59 -42.09
N LYS B 227 -3.15 -2.51 -42.79
CA LYS B 227 -2.33 -1.34 -43.05
C LYS B 227 -1.90 -0.63 -41.77
N SER B 228 -2.81 -0.49 -40.78
CA SER B 228 -2.51 0.04 -39.46
C SER B 228 -1.53 -0.83 -38.67
N VAL B 229 -1.72 -2.17 -38.69
CA VAL B 229 -0.87 -3.16 -38.04
C VAL B 229 0.55 -3.23 -38.60
N THR B 230 0.74 -3.17 -39.94
CA THR B 230 2.05 -3.35 -40.55
C THR B 230 2.83 -2.07 -40.68
N LYS B 231 2.21 -0.94 -40.30
CA LYS B 231 2.83 0.37 -40.36
C LYS B 231 4.02 0.54 -39.40
N ASN B 232 5.18 1.00 -39.93
CA ASN B 232 6.40 1.09 -39.16
C ASN B 232 6.55 2.42 -38.44
N ASP B 233 5.78 2.58 -37.35
CA ASP B 233 5.79 3.74 -36.50
C ASP B 233 6.48 3.42 -35.17
N MET B 234 6.73 4.46 -34.34
CA MET B 234 7.16 4.29 -32.96
C MET B 234 6.13 3.56 -32.09
N ASP B 235 4.83 3.73 -32.41
CA ASP B 235 3.68 3.12 -31.77
C ASP B 235 3.13 1.95 -32.57
N SER B 236 3.97 1.26 -33.36
CA SER B 236 3.52 0.13 -34.17
C SER B 236 3.16 -1.13 -33.39
N PHE B 237 2.56 -2.13 -34.09
CA PHE B 237 2.29 -3.43 -33.52
C PHE B 237 3.56 -4.17 -33.10
N GLU B 238 4.65 -4.04 -33.89
CA GLU B 238 5.97 -4.56 -33.55
C GLU B 238 6.53 -3.95 -32.26
N PHE B 239 6.35 -2.63 -32.03
CA PHE B 239 6.66 -1.97 -30.77
C PHE B 239 5.93 -2.63 -29.59
N TYR B 240 4.61 -2.82 -29.68
CA TYR B 240 3.81 -3.45 -28.63
C TYR B 240 4.20 -4.91 -28.37
N LEU B 241 4.55 -5.68 -29.42
CA LEU B 241 5.12 -7.01 -29.27
C LEU B 241 6.46 -7.06 -28.56
N GLN B 242 7.41 -6.17 -28.93
CA GLN B 242 8.70 -6.07 -28.27
C GLN B 242 8.58 -5.64 -26.81
N THR B 243 7.76 -4.60 -26.50
CA THR B 243 7.53 -4.18 -25.12
C THR B 243 6.86 -5.23 -24.27
N PHE B 244 5.91 -6.01 -24.84
CA PHE B 244 5.33 -7.16 -24.18
C PHE B 244 6.39 -8.22 -23.82
N HIS B 245 7.32 -8.54 -24.76
CA HIS B 245 8.44 -9.45 -24.51
C HIS B 245 9.39 -8.93 -23.42
N ASP B 246 9.78 -7.64 -23.47
CA ASP B 246 10.64 -7.02 -22.47
C ASP B 246 10.04 -7.01 -21.06
N VAL B 247 8.75 -6.67 -20.90
CA VAL B 247 8.07 -6.70 -19.61
C VAL B 247 7.92 -8.13 -19.07
N MET B 248 7.68 -9.11 -19.96
CA MET B 248 7.66 -10.53 -19.61
C MET B 248 8.99 -11.07 -19.11
N THR B 249 10.11 -10.76 -19.78
CA THR B 249 11.45 -11.16 -19.37
C THR B 249 11.99 -10.40 -18.17
N GLY B 250 11.70 -9.08 -18.08
CA GLY B 250 12.19 -8.22 -17.02
C GLY B 250 13.15 -7.17 -17.46
N ASN B 251 13.22 -6.90 -18.77
CA ASN B 251 14.05 -5.87 -19.34
C ASN B 251 13.39 -4.49 -19.18
N ASN B 252 13.06 -4.08 -17.95
CA ASN B 252 12.32 -2.86 -17.65
C ASN B 252 13.25 -1.77 -17.14
N LEU B 253 12.70 -0.71 -16.51
CA LEU B 253 13.51 0.32 -15.87
C LEU B 253 14.15 -0.17 -14.58
N PHE B 254 13.35 -0.90 -13.78
CA PHE B 254 13.77 -1.58 -12.58
C PHE B 254 13.60 -3.05 -12.92
N GLY B 255 14.56 -3.93 -12.58
CA GLY B 255 14.56 -5.31 -13.05
C GLY B 255 13.57 -6.23 -12.38
N ARG B 256 12.28 -6.08 -12.72
CA ARG B 256 11.19 -6.92 -12.28
C ARG B 256 10.60 -7.54 -13.52
N SER B 257 10.15 -8.81 -13.47
CA SER B 257 9.54 -9.48 -14.59
C SER B 257 8.08 -9.73 -14.32
N ALA B 258 7.20 -9.64 -15.35
CA ALA B 258 5.79 -9.92 -15.24
C ALA B 258 5.49 -11.35 -14.81
N LEU B 259 6.35 -12.30 -15.24
CA LEU B 259 6.35 -13.68 -14.76
C LEU B 259 6.58 -13.82 -13.26
N LYS B 260 7.51 -13.04 -12.67
CA LYS B 260 7.72 -13.05 -11.23
C LYS B 260 6.54 -12.53 -10.42
N THR B 261 5.96 -11.37 -10.80
CA THR B 261 4.80 -10.84 -10.08
C THR B 261 3.55 -11.70 -10.23
N ALA B 262 3.35 -12.30 -11.42
CA ALA B 262 2.33 -13.30 -11.67
C ALA B 262 2.50 -14.57 -10.84
N SER B 263 3.73 -15.11 -10.71
CA SER B 263 4.00 -16.26 -9.86
C SER B 263 3.74 -15.97 -8.40
N GLU B 264 4.18 -14.80 -7.89
CA GLU B 264 3.87 -14.33 -6.57
C GLU B 264 2.37 -14.17 -6.31
N LEU B 265 1.60 -13.67 -7.31
CA LEU B 265 0.14 -13.60 -7.29
C LEU B 265 -0.52 -14.94 -7.14
N ILE B 266 -0.20 -15.89 -8.02
CA ILE B 266 -0.79 -17.21 -8.03
C ILE B 266 -0.50 -17.96 -6.74
N THR B 267 0.73 -17.84 -6.21
CA THR B 267 1.13 -18.39 -4.92
C THR B 267 0.29 -17.85 -3.76
N LYS B 268 -0.09 -16.55 -3.75
CA LYS B 268 -1.00 -16.03 -2.73
C LYS B 268 -2.47 -16.35 -2.93
N GLU B 269 -3.04 -16.24 -4.15
CA GLU B 269 -4.47 -16.41 -4.38
C GLU B 269 -4.87 -17.84 -4.74
N ASN B 270 -4.01 -18.82 -4.42
CA ASN B 270 -4.28 -20.24 -4.53
C ASN B 270 -5.21 -20.74 -3.40
N VAL B 271 -6.42 -20.14 -3.26
CA VAL B 271 -7.38 -20.52 -2.21
C VAL B 271 -8.28 -21.68 -2.63
N THR B 272 -8.95 -21.54 -3.80
CA THR B 272 -9.91 -22.49 -4.34
C THR B 272 -9.39 -23.01 -5.65
N THR B 273 -8.06 -23.07 -5.80
CA THR B 273 -7.40 -23.54 -6.99
C THR B 273 -7.29 -25.05 -7.04
N ARG B 274 -7.73 -25.64 -8.17
CA ARG B 274 -7.72 -27.08 -8.40
C ARG B 274 -6.35 -27.74 -8.48
N GLY B 275 -5.37 -27.06 -9.12
CA GLY B 275 -4.05 -27.61 -9.39
C GLY B 275 -2.97 -26.89 -8.63
N SER B 276 -1.70 -27.27 -8.86
CA SER B 276 -0.58 -26.77 -8.09
C SER B 276 -0.06 -25.42 -8.59
N GLU B 277 0.88 -24.79 -7.85
CA GLU B 277 1.55 -23.55 -8.19
C GLU B 277 2.30 -23.64 -9.50
N ILE B 278 3.07 -24.73 -9.72
CA ILE B 278 3.76 -24.97 -10.99
C ILE B 278 2.82 -24.98 -12.17
N GLY B 279 1.72 -25.75 -12.08
CA GLY B 279 0.75 -25.84 -13.14
C GLY B 279 -0.05 -24.60 -13.39
N LYS B 280 -0.35 -23.80 -12.36
CA LYS B 280 -0.99 -22.51 -12.53
C LYS B 280 -0.07 -21.45 -13.15
N VAL B 281 1.18 -21.31 -12.67
CA VAL B 281 2.15 -20.36 -13.22
C VAL B 281 2.55 -20.73 -14.64
N TYR B 282 2.74 -22.04 -14.93
CA TYR B 282 2.95 -22.54 -16.27
C TYR B 282 1.76 -22.29 -17.19
N ASN B 283 0.51 -22.47 -16.73
CA ASN B 283 -0.68 -22.11 -17.50
C ASN B 283 -0.76 -20.62 -17.82
N PHE B 284 -0.36 -19.74 -16.86
CA PHE B 284 -0.20 -18.31 -17.08
C PHE B 284 0.86 -18.02 -18.15
N LEU B 285 2.02 -18.72 -18.13
CA LEU B 285 3.00 -18.64 -19.19
C LEU B 285 2.47 -19.10 -20.55
N ILE B 286 1.72 -20.22 -20.63
CA ILE B 286 1.10 -20.74 -21.85
C ILE B 286 0.13 -19.76 -22.49
N VAL B 287 -0.76 -19.12 -21.72
CA VAL B 287 -1.70 -18.15 -22.27
C VAL B 287 -1.02 -16.91 -22.84
N LEU B 288 0.06 -16.44 -22.21
CA LEU B 288 0.84 -15.33 -22.73
C LEU B 288 1.70 -15.68 -23.95
N THR B 289 2.37 -16.85 -23.95
CA THR B 289 3.13 -17.32 -25.12
C THR B 289 2.25 -17.59 -26.32
N SER B 290 1.05 -18.19 -26.13
CA SER B 290 0.04 -18.37 -27.17
C SER B 290 -0.48 -17.06 -27.74
N LEU B 291 -0.71 -16.04 -26.87
CA LEU B 291 -1.10 -14.70 -27.25
C LEU B 291 -0.07 -14.03 -28.15
N GLN B 292 1.23 -14.10 -27.80
CA GLN B 292 2.32 -13.62 -28.64
C GLN B 292 2.47 -14.37 -29.94
N ALA B 293 2.39 -15.73 -29.92
CA ALA B 293 2.50 -16.54 -31.12
C ALA B 293 1.39 -16.27 -32.13
N LYS B 294 0.14 -16.14 -31.64
CA LYS B 294 -0.99 -15.72 -32.46
C LYS B 294 -0.83 -14.29 -32.99
N ALA B 295 -0.23 -13.38 -32.19
CA ALA B 295 0.09 -12.03 -32.58
C ALA B 295 1.12 -11.90 -33.70
N PHE B 296 2.21 -12.70 -33.65
CA PHE B 296 3.13 -12.85 -34.77
C PHE B 296 2.47 -13.47 -36.00
N LEU B 297 1.60 -14.49 -35.82
CA LEU B 297 0.82 -15.08 -36.90
C LEU B 297 -0.15 -14.13 -37.60
N THR B 298 -0.90 -13.28 -36.85
CA THR B 298 -1.72 -12.22 -37.43
C THR B 298 -0.88 -11.18 -38.15
N LEU B 299 0.28 -10.80 -37.60
CA LEU B 299 1.21 -9.89 -38.26
C LEU B 299 1.75 -10.43 -39.61
N THR B 300 2.08 -11.75 -39.71
CA THR B 300 2.41 -12.38 -41.00
C THR B 300 1.24 -12.42 -41.96
N ALA B 301 0.02 -12.74 -41.47
CA ALA B 301 -1.20 -12.75 -42.25
C ALA B 301 -1.57 -11.38 -42.82
N CYS B 302 -1.45 -10.31 -42.01
CA CYS B 302 -1.62 -8.92 -42.44
C CYS B 302 -0.63 -8.49 -43.50
N ARG B 303 0.68 -8.85 -43.38
CA ARG B 303 1.65 -8.56 -44.43
C ARG B 303 1.34 -9.24 -45.76
N LYS B 304 0.95 -10.54 -45.72
CA LYS B 304 0.53 -11.29 -46.89
C LYS B 304 -0.73 -10.75 -47.55
N LEU B 305 -1.75 -10.36 -46.76
CA LEU B 305 -2.99 -9.77 -47.24
C LEU B 305 -2.78 -8.45 -47.97
N LEU B 306 -1.85 -7.60 -47.48
CA LEU B 306 -1.51 -6.36 -48.16
C LEU B 306 -0.59 -6.54 -49.36
N GLY B 307 0.08 -7.70 -49.50
CA GLY B 307 1.02 -7.95 -50.59
C GLY B 307 2.41 -7.41 -50.35
N LEU B 308 2.80 -7.25 -49.07
CA LEU B 308 4.13 -6.78 -48.70
C LEU B 308 5.11 -7.94 -48.63
N THR B 309 6.42 -7.65 -48.57
CA THR B 309 7.47 -8.64 -48.41
C THR B 309 7.40 -9.42 -47.09
N ASP B 310 7.74 -10.72 -47.13
CA ASP B 310 7.83 -11.58 -45.97
C ASP B 310 9.08 -11.31 -45.12
N ILE B 311 8.89 -10.95 -43.83
CA ILE B 311 10.02 -10.60 -42.95
C ILE B 311 10.49 -11.82 -42.14
N ASP B 312 9.75 -12.95 -42.18
CA ASP B 312 10.04 -14.12 -41.36
C ASP B 312 10.08 -13.85 -39.84
N TYR B 313 8.89 -13.70 -39.20
CA TYR B 313 8.87 -13.40 -37.79
C TYR B 313 9.04 -14.65 -36.93
N THR B 314 9.30 -15.84 -37.53
CA THR B 314 9.52 -17.08 -36.81
C THR B 314 10.75 -17.02 -35.91
N GLN B 315 11.87 -16.45 -36.40
CA GLN B 315 13.09 -16.26 -35.63
C GLN B 315 12.90 -15.37 -34.40
N ILE B 316 12.22 -14.22 -34.56
CA ILE B 316 11.92 -13.28 -33.49
C ILE B 316 10.96 -13.88 -32.46
N MET B 317 9.89 -14.55 -32.93
CA MET B 317 8.92 -15.24 -32.10
C MET B 317 9.55 -16.34 -31.26
N ASN B 318 10.41 -17.19 -31.87
CA ASN B 318 11.15 -18.24 -31.17
C ASN B 318 12.08 -17.67 -30.11
N HIS B 319 12.85 -16.61 -30.43
CA HIS B 319 13.72 -15.92 -29.48
C HIS B 319 12.96 -15.35 -28.30
N HIS B 320 11.79 -14.70 -28.56
CA HIS B 320 10.91 -14.22 -27.51
C HIS B 320 10.32 -15.31 -26.63
N ILE B 321 9.77 -16.40 -27.22
CA ILE B 321 9.20 -17.52 -26.50
C ILE B 321 10.24 -18.26 -25.68
N ASP B 322 11.41 -18.61 -26.26
CA ASP B 322 12.49 -19.29 -25.57
C ASP B 322 13.07 -18.47 -24.44
N GLY B 323 13.29 -17.16 -24.62
CA GLY B 323 13.77 -16.31 -23.53
C GLY B 323 12.84 -16.22 -22.34
N GLN B 324 11.52 -16.20 -22.58
CA GLN B 324 10.50 -16.25 -21.54
C GLN B 324 10.41 -17.59 -20.83
N LYS B 325 10.49 -18.71 -21.56
CA LYS B 325 10.58 -20.05 -20.99
C LYS B 325 11.86 -20.27 -20.19
N ARG B 326 13.00 -19.72 -20.64
CA ARG B 326 14.24 -19.67 -19.87
C ARG B 326 14.12 -18.88 -18.57
N GLU B 327 13.47 -17.69 -18.58
CA GLU B 327 13.18 -16.88 -17.39
C GLU B 327 12.32 -17.66 -16.39
N PHE B 328 11.26 -18.33 -16.87
CA PHE B 328 10.43 -19.22 -16.07
C PHE B 328 11.22 -20.38 -15.47
N ARG B 329 12.04 -21.08 -16.28
CA ARG B 329 12.81 -22.21 -15.81
C ARG B 329 13.87 -21.86 -14.76
N ILE B 330 14.57 -20.73 -14.94
CA ILE B 330 15.63 -20.29 -14.05
C ILE B 330 15.11 -19.58 -12.80
N ASN B 331 14.20 -18.59 -12.93
CA ASN B 331 13.94 -17.66 -11.83
C ASN B 331 12.58 -17.86 -11.18
N ILE B 332 11.73 -18.73 -11.76
CA ILE B 332 10.35 -18.91 -11.31
C ILE B 332 10.09 -20.33 -10.85
N LEU B 333 10.34 -21.35 -11.71
CA LEU B 333 10.08 -22.76 -11.43
C LEU B 333 10.78 -23.41 -10.22
N PRO B 334 12.02 -23.10 -9.82
CA PRO B 334 12.64 -23.67 -8.62
C PRO B 334 11.90 -23.35 -7.33
N THR B 335 10.68 -23.25 -7.73
CA THR B 335 9.37 -23.15 -7.05
C THR B 335 9.11 -24.23 -5.91
N LEU B 336 8.58 -25.50 -6.05
CA LEU B 336 7.23 -26.04 -5.52
C LEU B 336 6.87 -27.57 -5.26
N SER B 337 5.58 -28.11 -5.52
CA SER B 337 5.46 -29.53 -5.20
C SER B 337 4.32 -30.15 -6.00
N ASN B 338 4.34 -31.47 -6.11
CA ASN B 338 3.40 -32.20 -6.94
C ASN B 338 2.22 -32.78 -6.18
N ASN B 339 1.70 -32.06 -5.18
CA ASN B 339 0.68 -32.61 -4.31
C ASN B 339 -0.60 -31.79 -4.37
N PHE B 340 -1.71 -32.46 -4.68
CA PHE B 340 -3.03 -31.85 -4.71
C PHE B 340 -4.02 -32.78 -4.03
N SER B 341 -5.29 -32.39 -4.03
CA SER B 341 -6.34 -33.17 -3.39
C SER B 341 -7.61 -33.14 -4.24
N ASN B 342 -8.68 -33.67 -3.65
CA ASN B 342 -10.01 -33.48 -4.22
C ASN B 342 -10.36 -31.99 -4.25
N PRO B 343 -11.23 -31.58 -5.17
CA PRO B 343 -11.53 -30.14 -5.29
C PRO B 343 -12.41 -29.61 -4.17
N SER B 344 -13.46 -30.34 -3.80
CA SER B 344 -14.43 -29.81 -2.85
C SER B 344 -14.97 -30.93 -1.98
N TYR B 345 -15.74 -30.55 -0.98
CA TYR B 345 -16.27 -31.46 0.03
C TYR B 345 -17.79 -31.47 -0.07
N SER B 346 -18.39 -32.54 0.46
CA SER B 346 -19.84 -32.71 0.39
C SER B 346 -20.28 -33.54 1.59
N LYS B 347 -21.50 -33.28 2.07
CA LYS B 347 -22.04 -34.03 3.19
C LYS B 347 -23.11 -35.01 2.71
N ASN B 348 -22.73 -36.28 2.57
CA ASN B 348 -23.67 -37.34 2.25
C ASN B 348 -23.60 -38.38 3.35
N ARG B 349 -24.46 -39.39 3.25
CA ARG B 349 -24.53 -40.44 4.27
C ARG B 349 -24.12 -41.76 3.64
N GLY B 350 -23.46 -42.60 4.43
CA GLY B 350 -23.01 -43.89 3.95
C GLY B 350 -23.58 -45.07 4.70
N SER B 351 -22.72 -45.96 5.20
CA SER B 351 -23.15 -47.12 5.94
C SER B 351 -22.05 -47.55 6.89
N ASP B 352 -22.41 -48.39 7.86
CA ASP B 352 -21.46 -48.86 8.86
C ASP B 352 -21.45 -50.37 9.00
N ILE B 353 -22.61 -51.01 8.84
CA ILE B 353 -22.71 -52.45 9.04
C ILE B 353 -22.32 -53.17 7.76
N ASP B 354 -21.90 -52.41 6.75
CA ASP B 354 -21.43 -52.95 5.50
C ASP B 354 -19.94 -53.25 5.60
N ASP B 355 -19.42 -53.95 4.61
CA ASP B 355 -18.00 -54.22 4.53
C ASP B 355 -17.46 -53.82 3.17
N PRO B 356 -17.69 -52.58 2.73
CA PRO B 356 -17.40 -52.25 1.32
C PRO B 356 -15.91 -52.32 1.02
N ILE B 357 -15.62 -52.48 -0.27
CA ILE B 357 -14.26 -52.59 -0.78
C ILE B 357 -14.29 -52.17 -2.24
N VAL B 358 -13.36 -51.29 -2.62
CA VAL B 358 -13.34 -50.69 -3.96
C VAL B 358 -11.91 -50.68 -4.45
N VAL B 359 -11.67 -51.32 -5.58
CA VAL B 359 -10.35 -51.32 -6.21
C VAL B 359 -10.41 -50.41 -7.43
N LEU B 360 -9.34 -49.64 -7.64
CA LEU B 360 -9.17 -48.87 -8.87
C LEU B 360 -7.87 -49.34 -9.50
N GLU B 361 -7.97 -50.33 -10.38
CA GLU B 361 -6.81 -50.94 -11.01
C GLU B 361 -6.83 -50.60 -12.49
N ALA B 362 -5.69 -50.14 -12.99
CA ALA B 362 -5.57 -49.89 -14.42
C ALA B 362 -5.17 -51.17 -15.14
N ALA B 363 -5.46 -51.21 -16.43
CA ALA B 363 -5.10 -52.37 -17.22
C ALA B 363 -3.59 -52.61 -17.15
N PRO B 364 -3.14 -53.86 -17.31
CA PRO B 364 -1.70 -54.13 -17.32
C PRO B 364 -0.92 -53.28 -18.31
N GLY B 365 -1.59 -52.65 -19.27
CA GLY B 365 -0.95 -51.67 -20.12
C GLY B 365 -1.31 -50.25 -19.73
N TYR B 366 -2.13 -50.09 -18.69
CA TYR B 366 -2.66 -48.79 -18.30
C TYR B 366 -2.07 -48.38 -16.95
N ALA B 367 -2.12 -47.08 -16.67
CA ALA B 367 -1.92 -46.58 -15.32
C ALA B 367 -3.10 -45.68 -14.98
N LEU B 368 -3.43 -45.61 -13.69
CA LEU B 368 -4.52 -44.74 -13.25
C LEU B 368 -4.19 -43.29 -13.56
N ILE B 369 -5.10 -42.63 -14.29
CA ILE B 369 -4.86 -41.27 -14.75
C ILE B 369 -5.78 -40.27 -14.08
N GLY B 370 -6.51 -40.68 -13.06
CA GLY B 370 -7.32 -39.77 -12.30
C GLY B 370 -8.52 -40.45 -11.64
N PHE B 371 -9.30 -39.62 -10.95
CA PHE B 371 -10.48 -40.06 -10.20
C PHE B 371 -11.63 -39.11 -10.52
N GLU B 372 -12.80 -39.39 -9.96
CA GLU B 372 -13.94 -38.49 -10.08
C GLU B 372 -15.04 -38.97 -9.12
N ILE B 373 -15.65 -38.03 -8.41
CA ILE B 373 -16.78 -38.34 -7.55
C ILE B 373 -17.94 -37.41 -7.90
N LEU B 374 -19.05 -37.98 -8.33
CA LEU B 374 -20.29 -37.26 -8.57
C LEU B 374 -21.38 -37.80 -7.64
N ASN B 375 -22.33 -36.92 -7.30
CA ASN B 375 -23.43 -37.33 -6.44
C ASN B 375 -24.79 -36.85 -6.91
N ASP B 376 -24.92 -36.33 -8.14
CA ASP B 376 -26.22 -35.86 -8.61
C ASP B 376 -27.25 -36.97 -8.67
N PRO B 377 -26.99 -38.14 -9.28
CA PRO B 377 -27.89 -39.28 -9.02
C PRO B 377 -27.66 -39.87 -7.64
N LEU B 378 -26.40 -40.11 -7.28
CA LEU B 378 -25.98 -40.60 -5.98
C LEU B 378 -24.45 -40.50 -5.92
N PRO B 379 -23.88 -40.38 -4.72
CA PRO B 379 -22.41 -40.29 -4.61
C PRO B 379 -21.71 -41.53 -5.12
N ILE B 380 -20.92 -41.36 -6.17
CA ILE B 380 -20.32 -42.47 -6.92
C ILE B 380 -18.92 -42.04 -7.37
N LEU B 381 -17.98 -42.98 -7.31
CA LEU B 381 -16.60 -42.74 -7.73
C LEU B 381 -16.43 -43.12 -9.20
N LYS B 382 -15.85 -42.22 -9.98
CA LYS B 382 -15.56 -42.45 -11.39
C LYS B 382 -14.05 -42.53 -11.57
N GLY B 383 -13.56 -43.66 -12.07
CA GLY B 383 -12.13 -43.93 -12.06
C GLY B 383 -11.47 -43.88 -13.42
N TYR B 384 -10.35 -43.16 -13.51
CA TYR B 384 -9.69 -42.91 -14.78
C TYR B 384 -8.36 -43.65 -14.86
N GLN B 385 -8.12 -44.25 -16.02
CA GLN B 385 -6.91 -44.98 -16.30
C GLN B 385 -6.75 -45.10 -17.80
N ALA B 386 -5.51 -45.24 -18.25
CA ALA B 386 -5.23 -45.29 -19.68
C ALA B 386 -3.80 -45.78 -19.90
N ARG B 387 -3.55 -46.29 -21.11
CA ARG B 387 -2.21 -46.61 -21.54
C ARG B 387 -1.37 -45.35 -21.64
N LEU B 388 -0.10 -45.46 -21.22
CA LEU B 388 0.79 -44.32 -21.08
C LEU B 388 1.69 -44.20 -22.30
N LYS B 389 2.00 -42.97 -22.67
CA LYS B 389 2.93 -42.64 -23.74
C LYS B 389 4.26 -42.19 -23.15
N PRO B 390 5.34 -42.19 -23.95
CA PRO B 390 6.67 -41.83 -23.43
C PRO B 390 6.73 -40.55 -22.60
N ASN B 391 7.63 -40.54 -21.61
CA ASN B 391 7.84 -39.38 -20.73
C ASN B 391 6.60 -39.09 -19.89
N TYR B 392 6.05 -40.13 -19.27
CA TYR B 392 4.89 -40.01 -18.39
C TYR B 392 3.72 -39.33 -19.11
N GLN B 393 3.61 -39.58 -20.40
CA GLN B 393 2.52 -39.06 -21.21
C GLN B 393 1.44 -40.14 -21.32
N VAL B 394 0.26 -39.74 -21.76
CA VAL B 394 -0.90 -40.63 -21.77
C VAL B 394 -1.47 -40.68 -23.18
N ASP B 395 -1.89 -41.88 -23.59
CA ASP B 395 -2.60 -42.07 -24.84
C ASP B 395 -4.00 -41.50 -24.72
N ARG B 396 -4.42 -40.73 -25.73
CA ARG B 396 -5.72 -40.07 -25.67
C ARG B 396 -6.84 -41.09 -25.66
N GLU B 397 -6.90 -41.96 -26.67
CA GLU B 397 -7.73 -43.13 -26.56
C GLU B 397 -7.15 -44.06 -25.51
N SER B 398 -7.95 -45.06 -25.11
CA SER B 398 -7.72 -45.95 -23.98
C SER B 398 -7.95 -45.26 -22.65
N MET B 399 -8.23 -43.95 -22.64
CA MET B 399 -8.65 -43.30 -21.42
C MET B 399 -10.03 -43.78 -21.03
N SER B 400 -10.27 -43.85 -19.73
CA SER B 400 -11.50 -44.47 -19.25
C SER B 400 -12.01 -43.69 -18.05
N GLU B 401 -13.29 -43.90 -17.74
CA GLU B 401 -13.89 -43.44 -16.50
C GLU B 401 -14.66 -44.60 -15.90
N THR B 402 -14.25 -45.03 -14.71
CA THR B 402 -14.73 -46.25 -14.08
C THR B 402 -15.72 -45.88 -12.98
N ILE B 403 -17.00 -45.98 -13.28
CA ILE B 403 -18.07 -45.72 -12.32
C ILE B 403 -18.03 -46.79 -11.25
N TYR B 404 -18.26 -46.39 -10.01
CA TYR B 404 -18.22 -47.31 -8.88
C TYR B 404 -19.52 -47.26 -8.11
N GLY B 405 -19.51 -47.90 -6.94
CA GLY B 405 -20.71 -48.06 -6.15
C GLY B 405 -21.12 -46.82 -5.39
N ASP B 406 -21.94 -47.00 -4.37
CA ASP B 406 -22.47 -45.89 -3.58
C ASP B 406 -21.33 -45.28 -2.76
N ILE B 407 -20.42 -44.57 -3.43
CA ILE B 407 -19.13 -44.26 -2.84
C ILE B 407 -19.27 -43.50 -1.53
N HIS B 408 -20.40 -42.81 -1.32
CA HIS B 408 -20.67 -42.21 -0.01
C HIS B 408 -20.62 -43.27 1.08
N LYS B 409 -21.07 -44.48 0.78
CA LYS B 409 -21.03 -45.57 1.74
C LYS B 409 -19.62 -45.82 2.24
N LEU B 410 -18.69 -46.13 1.35
CA LEU B 410 -17.30 -46.32 1.74
C LEU B 410 -16.68 -45.02 2.27
N PHE B 411 -17.22 -43.87 1.89
CA PHE B 411 -16.75 -42.58 2.39
C PHE B 411 -17.37 -42.20 3.74
N CYS B 412 -18.69 -42.22 3.85
CA CYS B 412 -19.39 -41.65 4.99
C CYS B 412 -19.83 -42.72 5.97
N PRO B 413 -19.67 -42.47 7.26
CA PRO B 413 -20.17 -43.42 8.27
C PRO B 413 -21.63 -43.20 8.58
N LYS B 414 -22.16 -43.94 9.57
CA LYS B 414 -23.51 -43.73 10.08
C LYS B 414 -23.43 -43.65 11.60
N GLN B 415 -23.15 -42.45 12.10
CA GLN B 415 -23.13 -42.13 13.53
C GLN B 415 -22.14 -42.99 14.32
N LEU B 416 -21.19 -43.62 13.66
CA LEU B 416 -20.18 -44.42 14.33
C LEU B 416 -18.80 -44.04 13.81
N GLU B 417 -17.79 -44.33 14.62
CA GLU B 417 -16.44 -43.84 14.35
C GLU B 417 -15.85 -44.48 13.10
N GLN B 418 -14.82 -43.82 12.56
CA GLN B 418 -14.15 -44.26 11.34
C GLN B 418 -12.66 -44.39 11.58
N LYS B 419 -12.03 -45.29 10.85
CA LYS B 419 -10.58 -45.46 10.90
C LYS B 419 -10.00 -45.16 9.52
N TYR B 420 -9.31 -44.03 9.39
CA TYR B 420 -8.70 -43.61 8.13
C TYR B 420 -7.21 -43.43 8.37
N TYR B 421 -6.42 -44.33 7.81
CA TYR B 421 -4.97 -44.30 8.03
C TYR B 421 -4.35 -43.20 7.18
N ILE B 422 -3.25 -42.63 7.67
CA ILE B 422 -2.66 -41.44 7.07
C ILE B 422 -1.20 -41.73 6.75
N LYS B 423 -0.86 -41.66 5.46
CA LYS B 423 0.51 -41.83 4.99
C LYS B 423 0.59 -41.44 3.53
N ASP B 424 1.65 -40.72 3.19
CA ASP B 424 2.01 -40.50 1.79
C ASP B 424 2.74 -41.72 1.24
N ILE B 425 1.95 -42.73 0.87
CA ILE B 425 2.51 -43.85 0.12
C ILE B 425 3.23 -43.28 -1.09
N GLU B 426 4.53 -43.54 -1.17
CA GLU B 426 5.30 -43.07 -2.32
C GLU B 426 6.34 -44.12 -2.68
N PHE B 427 6.32 -44.52 -3.92
CA PHE B 427 7.33 -45.41 -4.48
C PHE B 427 8.33 -44.58 -5.27
N PRO B 428 9.52 -45.11 -5.51
CA PRO B 428 10.53 -44.33 -6.22
C PRO B 428 10.10 -44.02 -7.64
N GLU B 429 10.94 -43.27 -8.34
CA GLU B 429 10.54 -42.71 -9.62
C GLU B 429 10.46 -43.81 -10.68
N GLY B 430 9.70 -43.52 -11.74
CA GLY B 430 9.34 -44.50 -12.72
C GLY B 430 8.26 -45.47 -12.28
N TYR B 431 8.01 -45.57 -10.98
CA TYR B 431 6.97 -46.46 -10.48
C TYR B 431 5.61 -45.79 -10.59
N VAL B 432 4.70 -46.46 -11.30
CA VAL B 432 3.38 -45.90 -11.59
C VAL B 432 2.31 -46.77 -10.93
N ILE B 433 1.39 -46.12 -10.22
CA ILE B 433 0.36 -46.84 -9.50
C ILE B 433 -0.75 -47.22 -10.47
N THR B 434 -0.67 -48.44 -10.99
CA THR B 434 -1.67 -48.96 -11.89
C THR B 434 -2.83 -49.61 -11.15
N LYS B 435 -2.85 -49.55 -9.82
CA LYS B 435 -3.92 -50.15 -9.03
C LYS B 435 -3.97 -49.49 -7.67
N ILE B 436 -5.16 -49.06 -7.27
CA ILE B 436 -5.41 -48.64 -5.90
C ILE B 436 -6.67 -49.36 -5.43
N VAL B 437 -6.51 -50.25 -4.46
CA VAL B 437 -7.62 -50.90 -3.79
C VAL B 437 -8.09 -49.96 -2.69
N PHE B 438 -9.34 -50.11 -2.27
CA PHE B 438 -9.86 -49.51 -1.04
C PHE B 438 -10.67 -50.55 -0.31
N GLU B 439 -10.54 -50.60 1.01
CA GLU B 439 -11.21 -51.62 1.81
C GLU B 439 -11.72 -51.01 3.10
N LYS B 440 -13.03 -51.08 3.30
CA LYS B 440 -13.69 -50.59 4.50
C LYS B 440 -14.36 -51.76 5.19
N ARG B 441 -13.76 -52.24 6.27
CA ARG B 441 -14.28 -53.39 7.01
C ARG B 441 -14.42 -52.95 8.47
N LEU B 442 -15.63 -53.14 9.01
CA LEU B 442 -15.95 -52.69 10.37
C LEU B 442 -15.65 -51.21 10.54
N ASN B 443 -15.95 -50.45 9.49
CA ASN B 443 -15.74 -49.00 9.41
C ASN B 443 -14.28 -48.60 9.45
N GLN B 444 -13.37 -49.58 9.52
CA GLN B 444 -11.94 -49.33 9.45
C GLN B 444 -11.55 -49.29 7.98
N LEU B 445 -11.74 -48.14 7.35
CA LEU B 445 -11.55 -47.99 5.91
C LEU B 445 -10.05 -47.92 5.64
N GLY B 446 -9.53 -48.98 5.01
CA GLY B 446 -8.19 -48.97 4.47
C GLY B 446 -8.21 -48.96 2.96
N TYR B 447 -7.01 -49.03 2.39
CA TYR B 447 -6.88 -49.10 0.94
C TYR B 447 -5.58 -49.82 0.62
N GLU B 448 -5.13 -49.66 -0.62
CA GLU B 448 -3.90 -50.28 -1.07
C GLU B 448 -3.39 -49.49 -2.28
N VAL B 449 -2.21 -48.91 -2.15
CA VAL B 449 -1.57 -48.18 -3.22
C VAL B 449 -0.28 -48.91 -3.57
N THR B 450 -0.22 -49.49 -4.76
CA THR B 450 0.94 -50.23 -5.23
C THR B 450 1.29 -49.76 -6.63
N ALA B 451 2.58 -49.66 -6.92
CA ALA B 451 3.04 -49.12 -8.19
C ALA B 451 3.96 -50.09 -8.90
N ASN B 452 3.54 -50.52 -10.08
CA ASN B 452 4.42 -51.09 -11.08
C ASN B 452 5.32 -50.01 -11.65
N PHE B 453 6.50 -50.43 -12.09
CA PHE B 453 7.45 -49.50 -12.68
C PHE B 453 6.98 -49.07 -14.07
N TYR B 454 7.57 -47.99 -14.56
CA TYR B 454 7.30 -47.43 -15.87
C TYR B 454 8.58 -46.86 -16.43
N ASP B 455 9.08 -47.48 -17.50
CA ASP B 455 10.24 -46.96 -18.21
C ASP B 455 9.86 -45.60 -18.79
N PRO B 456 10.39 -44.51 -18.25
CA PRO B 456 9.91 -43.18 -18.67
C PRO B 456 10.12 -42.89 -20.14
N SER B 457 11.16 -43.45 -20.75
CA SER B 457 11.54 -43.04 -22.09
C SER B 457 10.57 -43.56 -23.15
N THR B 458 10.04 -44.77 -22.97
CA THR B 458 9.31 -45.43 -24.04
C THR B 458 7.87 -45.78 -23.71
N GLY B 459 7.22 -45.07 -22.77
CA GLY B 459 5.79 -45.22 -22.56
C GLY B 459 5.35 -46.55 -22.02
N SER B 460 6.27 -47.48 -21.79
CA SER B 460 5.93 -48.80 -21.26
C SER B 460 5.97 -48.77 -19.74
N ILE B 461 4.86 -49.12 -19.12
CA ILE B 461 4.84 -49.45 -17.70
C ILE B 461 5.42 -50.84 -17.55
N ASP B 462 6.21 -51.05 -16.50
CA ASP B 462 6.67 -52.41 -16.23
C ASP B 462 5.52 -53.25 -15.70
N LEU B 463 5.49 -54.52 -16.11
CA LEU B 463 4.38 -55.41 -15.79
C LEU B 463 4.69 -56.44 -14.70
N ASN B 464 5.90 -56.39 -14.14
CA ASN B 464 6.28 -57.35 -13.10
C ASN B 464 6.91 -56.70 -11.88
N LYS B 465 7.50 -55.51 -12.01
CA LYS B 465 8.20 -54.85 -10.91
C LYS B 465 7.18 -54.01 -10.14
N VAL B 466 6.33 -54.68 -9.36
CA VAL B 466 5.40 -54.02 -8.46
C VAL B 466 6.17 -53.55 -7.23
N LYS B 467 5.72 -52.44 -6.67
CA LYS B 467 6.15 -52.02 -5.35
C LYS B 467 4.90 -51.67 -4.56
N VAL B 468 4.83 -52.19 -3.34
CA VAL B 468 3.57 -52.25 -2.60
C VAL B 468 3.76 -51.72 -1.18
N GLU B 469 2.76 -50.96 -0.74
CA GLU B 469 2.60 -50.59 0.66
C GLU B 469 1.21 -51.06 1.07
N SER B 470 1.14 -52.25 1.66
CA SER B 470 -0.14 -52.83 2.05
C SER B 470 -0.94 -51.96 3.00
N TRP B 471 -0.27 -51.17 3.84
CA TRP B 471 -0.95 -50.33 4.81
C TRP B 471 -0.93 -48.88 4.34
N LYS B 472 -1.63 -48.04 5.10
CA LYS B 472 -2.09 -46.73 4.64
C LYS B 472 -1.64 -45.64 5.60
N GLU B 473 -0.88 -46.02 6.62
CA GLU B 473 -0.61 -45.16 7.77
C GLU B 473 0.88 -44.91 7.88
N LYS B 474 1.23 -43.71 8.36
CA LYS B 474 2.62 -43.33 8.49
C LYS B 474 3.36 -44.22 9.48
N SER B 475 2.63 -44.82 10.43
CA SER B 475 3.26 -45.75 11.36
C SER B 475 3.75 -46.99 10.65
N CYS B 476 3.07 -47.40 9.57
CA CYS B 476 3.58 -48.51 8.76
C CYS B 476 4.82 -48.15 7.99
N GLU B 477 4.98 -46.87 7.63
CA GLU B 477 6.15 -46.45 6.86
C GLU B 477 7.43 -46.62 7.67
N GLU B 478 7.32 -47.02 8.94
CA GLU B 478 8.47 -47.28 9.79
C GLU B 478 8.38 -48.57 10.58
N ASP B 479 7.17 -49.11 10.81
CA ASP B 479 7.03 -50.28 11.68
C ASP B 479 6.09 -51.35 11.15
N SER B 480 5.26 -51.08 10.14
CA SER B 480 4.31 -52.04 9.59
C SER B 480 3.32 -52.54 10.63
N CYS B 481 3.23 -51.82 11.75
CA CYS B 481 2.22 -52.08 12.77
C CYS B 481 1.04 -51.16 12.52
N GLU B 482 -0.14 -51.75 12.34
CA GLU B 482 -1.29 -51.01 11.85
C GLU B 482 -1.82 -50.11 12.97
N ASP B 483 -1.45 -48.83 12.90
CA ASP B 483 -1.85 -47.83 13.89
C ASP B 483 -1.79 -46.47 13.22
N GLU B 484 -1.86 -45.40 14.00
CA GLU B 484 -1.80 -44.02 13.51
C GLU B 484 -2.71 -43.82 12.31
N TYR B 485 -3.98 -44.11 12.51
CA TYR B 485 -5.05 -43.73 11.59
C TYR B 485 -5.45 -42.29 11.90
N SER B 486 -6.56 -41.84 11.31
CA SER B 486 -7.27 -40.68 11.81
C SER B 486 -8.68 -41.11 12.16
N ILE B 487 -9.04 -40.91 13.43
CA ILE B 487 -10.32 -41.35 13.95
C ILE B 487 -11.28 -40.17 13.93
N ILE B 488 -12.52 -40.45 13.55
CA ILE B 488 -13.54 -39.43 13.38
C ILE B 488 -14.79 -39.87 14.13
N LYS B 489 -15.27 -39.02 15.03
CA LYS B 489 -16.57 -39.21 15.67
C LYS B 489 -17.63 -38.72 14.69
N ALA B 490 -18.42 -39.64 14.16
CA ALA B 490 -19.27 -39.37 13.01
C ALA B 490 -20.26 -38.26 13.29
N GLU B 491 -20.27 -37.24 12.42
CA GLU B 491 -21.32 -36.23 12.46
C GLU B 491 -22.59 -36.80 11.84
N THR B 492 -23.72 -36.18 12.18
CA THR B 492 -25.02 -36.71 11.80
C THR B 492 -25.32 -36.48 10.33
N ASP B 493 -25.29 -35.21 9.89
CA ASP B 493 -25.69 -34.87 8.53
C ASP B 493 -24.83 -35.58 7.49
N GLY B 494 -23.57 -35.82 7.81
CA GLY B 494 -22.69 -36.55 6.92
C GLY B 494 -21.32 -35.94 6.88
N ILE B 495 -20.32 -36.80 6.69
CA ILE B 495 -18.93 -36.40 6.66
C ILE B 495 -18.70 -35.56 5.40
N TYR B 496 -17.66 -34.73 5.42
CA TYR B 496 -17.33 -33.90 4.26
C TYR B 496 -16.69 -34.76 3.18
N MET B 497 -17.49 -35.62 2.57
CA MET B 497 -17.00 -36.49 1.52
C MET B 497 -16.49 -35.66 0.34
N PRO B 498 -15.49 -36.14 -0.37
CA PRO B 498 -14.98 -35.39 -1.52
C PRO B 498 -16.05 -35.20 -2.58
N LEU B 499 -16.16 -33.97 -3.06
CA LEU B 499 -17.09 -33.66 -4.14
C LEU B 499 -16.31 -33.05 -5.28
N GLY B 500 -16.58 -33.50 -6.49
CA GLY B 500 -15.86 -33.07 -7.67
C GLY B 500 -14.94 -34.16 -8.20
N VAL B 501 -13.87 -33.73 -8.85
CA VAL B 501 -13.00 -34.62 -9.60
C VAL B 501 -11.63 -34.65 -8.95
N VAL B 502 -11.14 -35.83 -8.61
CA VAL B 502 -9.84 -36.01 -7.96
C VAL B 502 -8.84 -36.34 -9.05
N SER B 503 -8.20 -35.32 -9.61
CA SER B 503 -7.26 -35.54 -10.70
C SER B 503 -6.34 -34.33 -10.80
N GLU B 504 -5.35 -34.45 -11.67
CA GLU B 504 -4.47 -33.34 -11.98
C GLU B 504 -4.95 -32.63 -13.24
N THR B 505 -4.74 -31.30 -13.27
CA THR B 505 -5.09 -30.50 -14.44
C THR B 505 -4.69 -31.17 -15.75
N PHE B 506 -3.56 -31.87 -15.76
CA PHE B 506 -3.18 -32.73 -16.86
C PHE B 506 -3.10 -34.16 -16.35
N LEU B 507 -3.73 -35.08 -17.05
CA LEU B 507 -3.70 -36.48 -16.62
C LEU B 507 -2.27 -37.00 -16.64
N THR B 508 -1.82 -37.50 -15.50
CA THR B 508 -0.41 -37.79 -15.33
C THR B 508 -0.17 -38.93 -14.35
N PRO B 509 0.84 -39.76 -14.58
CA PRO B 509 1.15 -40.85 -13.65
C PRO B 509 1.57 -40.30 -12.30
N ILE B 510 0.87 -40.71 -11.25
CA ILE B 510 1.22 -40.38 -9.89
C ILE B 510 2.09 -41.50 -9.32
N TYR B 511 3.18 -41.12 -8.66
CA TYR B 511 4.04 -42.09 -7.99
C TYR B 511 3.77 -42.18 -6.49
N GLY B 512 3.35 -41.09 -5.86
CA GLY B 512 3.03 -41.10 -4.46
C GLY B 512 1.59 -40.66 -4.22
N PHE B 513 1.07 -41.02 -3.06
CA PHE B 513 -0.26 -40.60 -2.67
C PHE B 513 -0.37 -40.68 -1.15
N GLY B 514 -1.07 -39.71 -0.58
CA GLY B 514 -1.24 -39.66 0.86
C GLY B 514 -2.65 -39.25 1.21
N LEU B 515 -3.11 -39.79 2.33
CA LEU B 515 -4.40 -39.44 2.90
C LEU B 515 -4.18 -38.42 4.00
N THR B 516 -4.80 -37.26 3.88
CA THR B 516 -4.61 -36.15 4.81
C THR B 516 -5.97 -35.62 5.29
N VAL B 517 -6.85 -36.55 5.68
CA VAL B 517 -8.14 -36.16 6.23
C VAL B 517 -7.92 -35.27 7.44
N ASP B 518 -8.84 -34.32 7.64
CA ASP B 518 -8.79 -33.38 8.77
C ASP B 518 -10.13 -33.47 9.49
N GLU B 519 -10.23 -34.42 10.43
CA GLU B 519 -11.46 -34.64 11.17
C GLU B 519 -11.82 -33.50 12.10
N LYS B 520 -10.85 -32.66 12.48
CA LYS B 520 -11.15 -31.47 13.28
C LYS B 520 -12.24 -30.65 12.63
N ASN B 521 -12.31 -30.64 11.30
CA ASN B 521 -13.46 -30.10 10.58
C ASN B 521 -14.30 -31.19 9.95
N GLN B 522 -14.05 -32.45 10.28
CA GLN B 522 -14.75 -33.59 9.69
C GLN B 522 -14.62 -33.59 8.17
N LYS B 523 -13.48 -33.12 7.70
CA LYS B 523 -13.24 -32.93 6.28
C LYS B 523 -12.17 -33.91 5.82
N ILE B 524 -12.35 -34.47 4.63
CA ILE B 524 -11.43 -35.46 4.09
C ILE B 524 -10.60 -34.78 3.01
N THR B 525 -9.29 -35.01 3.05
CA THR B 525 -8.38 -34.42 2.10
C THR B 525 -7.37 -35.48 1.66
N LEU B 526 -6.99 -35.43 0.40
CA LEU B 526 -5.99 -36.36 -0.12
C LEU B 526 -4.73 -35.60 -0.51
N THR B 527 -3.72 -36.36 -0.92
CA THR B 527 -2.45 -35.79 -1.34
C THR B 527 -1.71 -36.82 -2.18
N GLY B 528 -1.48 -36.49 -3.46
CA GLY B 528 -0.77 -37.38 -4.33
C GLY B 528 0.60 -36.83 -4.67
N LYS B 529 1.39 -37.66 -5.35
CA LYS B 529 2.70 -37.27 -5.87
C LYS B 529 2.83 -37.83 -7.27
N SER B 530 2.96 -36.95 -8.24
CA SER B 530 2.99 -37.34 -9.64
C SER B 530 4.28 -36.92 -10.32
N TYR B 531 4.53 -37.53 -11.48
CA TYR B 531 5.70 -37.28 -12.30
C TYR B 531 5.57 -36.03 -13.16
N LEU B 532 4.67 -35.11 -12.81
CA LEU B 532 4.31 -34.01 -13.69
C LEU B 532 5.51 -33.21 -14.16
N ARG B 533 6.36 -32.77 -13.24
CA ARG B 533 7.57 -32.04 -13.62
C ARG B 533 8.42 -32.87 -14.57
N GLU B 534 8.44 -34.20 -14.35
CA GLU B 534 9.25 -35.08 -15.18
C GLU B 534 8.51 -35.53 -16.43
N SER B 535 7.24 -35.14 -16.59
CA SER B 535 6.54 -35.43 -17.84
C SER B 535 6.56 -34.22 -18.78
N LEU B 536 6.31 -33.03 -18.24
CA LEU B 536 6.39 -31.79 -19.01
C LEU B 536 7.81 -31.29 -19.19
N LEU B 537 8.72 -31.67 -18.29
CA LEU B 537 10.08 -31.16 -18.33
C LEU B 537 10.86 -31.68 -19.55
N GLU B 538 10.29 -32.64 -20.28
CA GLU B 538 10.98 -33.26 -21.41
C GLU B 538 10.34 -32.98 -22.75
N THR B 539 9.06 -32.62 -22.80
CA THR B 539 8.34 -32.51 -24.06
C THR B 539 7.99 -31.08 -24.44
N ASP B 540 7.29 -30.36 -23.57
CA ASP B 540 6.91 -28.99 -23.88
C ASP B 540 8.03 -28.03 -23.48
N LEU B 541 8.67 -28.28 -22.34
CA LEU B 541 9.81 -27.46 -21.95
C LEU B 541 11.02 -27.70 -22.84
N LEU B 542 11.03 -28.79 -23.60
CA LEU B 542 11.99 -28.97 -24.67
C LEU B 542 11.36 -28.74 -26.04
N ASN B 543 10.08 -28.35 -26.07
CA ASN B 543 9.37 -27.92 -27.28
C ASN B 543 9.38 -29.02 -28.35
N ASN B 544 8.75 -30.13 -27.97
CA ASN B 544 8.51 -31.26 -28.85
C ASN B 544 7.02 -31.34 -29.14
N GLU B 545 6.61 -32.42 -29.79
CA GLU B 545 5.19 -32.62 -30.11
C GLU B 545 4.45 -32.83 -28.80
N THR B 546 3.82 -31.76 -28.30
CA THR B 546 3.19 -31.77 -27.00
C THR B 546 1.98 -32.68 -27.00
N TYR B 547 2.09 -33.78 -26.27
CA TYR B 547 0.93 -34.63 -25.98
C TYR B 547 0.53 -34.27 -24.56
N LEU B 548 -0.20 -33.16 -24.43
CA LEU B 548 -0.63 -32.62 -23.15
C LEU B 548 -2.14 -32.42 -23.19
N ILE B 549 -2.83 -33.14 -22.29
CA ILE B 549 -4.28 -33.20 -22.32
C ILE B 549 -4.83 -32.68 -20.99
N ALA B 550 -5.75 -31.73 -21.08
CA ALA B 550 -6.34 -31.13 -19.89
C ALA B 550 -7.11 -32.17 -19.08
N SER B 551 -7.46 -31.80 -17.86
CA SER B 551 -8.07 -32.74 -16.94
C SER B 551 -9.49 -33.07 -17.38
N PRO B 552 -10.00 -34.26 -17.06
CA PRO B 552 -11.41 -34.58 -17.38
C PRO B 552 -12.35 -33.96 -16.37
N ASP B 553 -13.22 -33.07 -16.85
CA ASP B 553 -14.21 -32.46 -15.98
C ASP B 553 -15.32 -33.45 -15.63
N GLY B 554 -15.97 -34.01 -16.65
CA GLY B 554 -17.06 -34.94 -16.43
C GLY B 554 -16.88 -36.25 -17.17
N TYR B 555 -17.85 -36.57 -18.01
CA TYR B 555 -17.83 -37.83 -18.73
C TYR B 555 -17.12 -37.67 -20.08
N ILE B 556 -16.40 -38.72 -20.47
CA ILE B 556 -15.65 -38.71 -21.71
C ILE B 556 -16.29 -39.57 -22.79
N SER B 557 -17.16 -40.50 -22.46
CA SER B 557 -17.79 -41.40 -23.43
C SER B 557 -19.23 -41.63 -23.04
N SER B 558 -19.84 -42.61 -23.71
CA SER B 558 -21.20 -43.01 -23.38
C SER B 558 -21.50 -44.37 -23.98
N ILE B 559 -22.37 -45.11 -23.30
CA ILE B 559 -22.95 -46.31 -23.88
C ILE B 559 -23.69 -45.97 -25.17
N VAL B 560 -24.22 -44.75 -25.26
CA VAL B 560 -24.81 -44.27 -26.51
C VAL B 560 -23.67 -43.98 -27.48
N GLU B 561 -23.64 -44.70 -28.61
CA GLU B 561 -22.71 -44.39 -29.68
C GLU B 561 -22.98 -42.98 -30.20
N ASN B 562 -21.91 -42.30 -30.59
CA ASN B 562 -22.00 -40.96 -31.18
C ASN B 562 -22.72 -39.99 -30.26
N TRP B 563 -22.77 -40.34 -28.96
CA TRP B 563 -23.48 -39.54 -27.98
C TRP B 563 -23.24 -38.04 -28.16
N ASN B 564 -21.99 -37.66 -28.40
CA ASN B 564 -21.67 -36.30 -28.81
C ASN B 564 -21.80 -36.18 -30.32
N ILE B 565 -23.04 -36.22 -30.80
CA ILE B 565 -23.29 -35.97 -32.21
C ILE B 565 -22.76 -34.58 -32.51
N THR B 566 -21.71 -34.51 -33.32
CA THR B 566 -21.13 -33.21 -33.68
C THR B 566 -20.77 -33.09 -35.15
N SER B 567 -20.69 -34.17 -35.91
CA SER B 567 -20.31 -34.13 -37.32
C SER B 567 -21.48 -34.36 -38.26
N ASP B 568 -22.70 -34.04 -37.82
CA ASP B 568 -23.91 -34.17 -38.61
C ASP B 568 -24.21 -35.62 -39.02
N ASN B 569 -23.94 -36.57 -38.15
CA ASN B 569 -24.20 -37.98 -38.42
C ASN B 569 -24.93 -38.63 -37.25
N THR B 570 -25.83 -39.56 -37.56
CA THR B 570 -26.53 -40.31 -36.53
C THR B 570 -25.71 -41.46 -35.95
N GLY B 571 -25.01 -42.22 -36.79
CA GLY B 571 -24.39 -43.44 -36.32
C GLY B 571 -25.48 -44.44 -35.96
N SER B 572 -25.40 -45.00 -34.74
CA SER B 572 -26.44 -45.92 -34.31
C SER B 572 -27.74 -45.20 -33.99
N TRP B 573 -27.73 -43.87 -33.95
CA TRP B 573 -28.97 -43.12 -33.87
C TRP B 573 -29.77 -43.31 -35.16
N ARG B 574 -31.06 -43.01 -35.09
CA ARG B 574 -31.94 -43.29 -36.22
C ARG B 574 -32.87 -42.11 -36.47
N ALA B 575 -32.62 -41.40 -37.57
CA ALA B 575 -33.39 -40.23 -37.98
C ALA B 575 -34.75 -40.67 -38.49
N ASN B 576 -35.70 -40.84 -37.58
CA ASN B 576 -37.02 -41.39 -37.89
C ASN B 576 -38.03 -40.33 -38.31
N ASN B 577 -37.58 -39.16 -38.76
CA ASN B 577 -38.51 -38.12 -39.20
C ASN B 577 -37.75 -37.07 -40.00
N ASN B 578 -38.45 -36.39 -40.90
CA ASN B 578 -37.87 -35.28 -41.64
C ASN B 578 -37.83 -33.99 -40.83
N ASN B 579 -38.36 -34.01 -39.62
CA ASN B 579 -38.02 -33.01 -38.61
C ASN B 579 -36.97 -33.55 -37.65
N ALA B 580 -36.76 -34.85 -37.65
CA ALA B 580 -35.66 -35.50 -36.94
C ALA B 580 -34.51 -35.67 -37.93
N PHE B 581 -34.02 -34.56 -38.47
CA PHE B 581 -32.85 -34.57 -39.33
C PHE B 581 -31.65 -34.07 -38.54
N VAL B 582 -30.49 -34.67 -38.83
CA VAL B 582 -29.35 -34.58 -37.92
C VAL B 582 -28.97 -33.14 -37.65
N ASP B 583 -28.91 -32.31 -38.70
CA ASP B 583 -28.92 -30.86 -38.58
C ASP B 583 -27.81 -30.35 -37.66
N LYS B 584 -26.58 -30.37 -38.18
CA LYS B 584 -25.44 -29.83 -37.45
C LYS B 584 -25.82 -28.55 -36.71
N ALA B 585 -26.62 -27.71 -37.37
CA ALA B 585 -27.26 -26.57 -36.70
C ALA B 585 -28.70 -26.90 -36.33
N ASP B 586 -28.85 -27.83 -35.36
CA ASP B 586 -30.17 -28.17 -34.85
C ASP B 586 -30.89 -26.92 -34.33
N THR B 587 -30.35 -26.34 -33.26
CA THR B 587 -30.65 -24.97 -32.89
C THR B 587 -29.46 -24.05 -33.08
N ILE B 588 -28.25 -24.61 -33.19
CA ILE B 588 -27.04 -23.83 -33.39
C ILE B 588 -25.99 -24.76 -33.96
N LYS B 589 -25.22 -24.24 -34.92
CA LYS B 589 -24.14 -25.01 -35.53
C LYS B 589 -22.95 -25.20 -34.60
N GLY B 590 -22.98 -24.63 -33.40
CA GLY B 590 -21.91 -24.89 -32.45
C GLY B 590 -21.73 -26.36 -32.17
N SER B 591 -22.83 -27.12 -32.20
CA SER B 591 -22.78 -28.56 -32.07
C SER B 591 -24.08 -29.13 -32.62
N SER B 592 -23.97 -30.27 -33.29
CA SER B 592 -25.16 -31.05 -33.57
C SER B 592 -25.80 -31.45 -32.26
N SER B 593 -27.11 -31.25 -32.16
CA SER B 593 -27.87 -31.69 -30.99
C SER B 593 -29.24 -32.08 -31.49
N LEU B 594 -29.42 -33.37 -31.80
CA LEU B 594 -30.40 -33.85 -32.77
C LEU B 594 -31.72 -33.09 -32.70
N TYR B 595 -32.09 -32.45 -33.82
CA TYR B 595 -33.28 -31.62 -33.90
C TYR B 595 -34.51 -32.48 -34.17
N THR B 596 -35.55 -32.27 -33.38
CA THR B 596 -36.81 -32.98 -33.51
C THR B 596 -37.95 -32.02 -33.16
N HIS B 597 -38.69 -31.57 -34.17
CA HIS B 597 -39.74 -30.58 -33.94
C HIS B 597 -41.09 -31.11 -34.42
N LYS B 598 -41.99 -31.32 -33.45
CA LYS B 598 -43.41 -31.61 -33.60
C LYS B 598 -43.71 -33.01 -34.15
N ASP B 599 -42.71 -33.68 -34.71
CA ASP B 599 -42.82 -35.12 -34.94
C ASP B 599 -41.49 -35.85 -34.90
N GLY B 600 -40.37 -35.18 -34.61
CA GLY B 600 -39.07 -35.78 -34.82
C GLY B 600 -38.80 -36.90 -33.83
N GLU B 601 -38.10 -37.94 -34.30
CA GLU B 601 -37.62 -38.99 -33.42
C GLU B 601 -36.25 -39.48 -33.87
N PHE B 602 -35.32 -39.55 -32.93
CA PHE B 602 -34.05 -40.24 -33.12
C PHE B 602 -34.02 -41.46 -32.20
N SER B 603 -33.85 -42.64 -32.78
CA SER B 603 -33.85 -43.88 -32.02
C SER B 603 -32.47 -44.51 -32.04
N GLN B 604 -32.13 -45.22 -30.97
CA GLN B 604 -30.85 -45.92 -30.91
C GLN B 604 -30.97 -47.10 -29.96
N PHE B 605 -30.54 -48.27 -30.41
CA PHE B 605 -30.54 -49.45 -29.55
C PHE B 605 -29.45 -49.32 -28.48
N ILE B 606 -29.86 -49.32 -27.22
CA ILE B 606 -28.93 -49.14 -26.11
C ILE B 606 -29.06 -50.31 -25.15
N GLY B 607 -30.08 -51.14 -25.35
CA GLY B 607 -30.37 -52.19 -24.39
C GLY B 607 -29.39 -53.34 -24.41
N ASN B 608 -28.93 -53.74 -25.60
CA ASN B 608 -27.89 -54.75 -25.70
C ASN B 608 -26.74 -54.49 -24.73
N LYS B 609 -26.38 -53.23 -24.50
CA LYS B 609 -25.42 -52.88 -23.47
C LYS B 609 -26.06 -52.70 -22.08
N LEU B 610 -27.37 -52.45 -22.01
CA LEU B 610 -28.06 -52.42 -20.72
C LEU B 610 -28.26 -53.84 -20.23
N LYS B 611 -27.66 -54.18 -19.08
CA LYS B 611 -27.66 -55.56 -18.63
C LYS B 611 -28.45 -55.70 -17.34
N PRO B 612 -29.19 -56.80 -17.18
CA PRO B 612 -30.21 -56.87 -16.11
C PRO B 612 -29.63 -56.73 -14.71
N LYS B 613 -30.48 -56.21 -13.83
CA LYS B 613 -30.17 -56.07 -12.40
C LYS B 613 -28.90 -55.24 -12.18
N THR B 614 -28.73 -54.22 -13.02
CA THR B 614 -27.58 -53.32 -12.93
C THR B 614 -28.05 -51.89 -13.10
N ASN B 615 -27.48 -51.00 -12.28
CA ASN B 615 -27.81 -49.58 -12.37
C ASN B 615 -26.98 -48.90 -13.46
N TYR B 616 -27.56 -47.88 -14.09
CA TYR B 616 -26.86 -47.18 -15.15
C TYR B 616 -26.97 -45.68 -14.90
N VAL B 617 -25.94 -44.95 -15.32
CA VAL B 617 -25.96 -43.49 -15.27
C VAL B 617 -26.39 -42.98 -16.64
N ILE B 618 -27.05 -41.83 -16.65
CA ILE B 618 -27.54 -41.20 -17.86
C ILE B 618 -27.37 -39.69 -17.73
N GLN B 619 -26.82 -39.07 -18.78
CA GLN B 619 -26.84 -37.62 -18.87
C GLN B 619 -26.91 -37.24 -20.34
N TYR B 620 -27.42 -36.04 -20.59
CA TYR B 620 -27.81 -35.65 -21.93
C TYR B 620 -27.99 -34.15 -21.98
N VAL B 621 -27.32 -33.52 -22.93
CA VAL B 621 -27.36 -32.08 -23.13
C VAL B 621 -28.50 -31.80 -24.11
N ILE B 622 -29.61 -31.28 -23.60
CA ILE B 622 -30.87 -31.27 -24.34
C ILE B 622 -31.49 -29.88 -24.30
N LYS B 623 -31.82 -29.37 -25.48
CA LYS B 623 -32.58 -28.14 -25.62
C LYS B 623 -34.00 -28.49 -26.05
N GLY B 624 -34.96 -27.64 -25.68
CA GLY B 624 -36.35 -27.95 -25.89
C GLY B 624 -36.87 -28.97 -24.90
N ARG B 625 -38.05 -29.51 -25.20
CA ARG B 625 -38.63 -30.63 -24.45
C ARG B 625 -38.37 -31.90 -25.25
N PRO B 626 -37.30 -32.61 -24.94
CA PRO B 626 -36.97 -33.82 -25.70
C PRO B 626 -37.72 -35.02 -25.14
N ALA B 627 -38.02 -35.96 -26.03
CA ALA B 627 -38.63 -37.21 -25.64
C ALA B 627 -37.52 -38.21 -25.40
N ILE B 628 -37.04 -38.29 -24.16
CA ILE B 628 -35.96 -39.19 -23.78
C ILE B 628 -36.58 -40.51 -23.37
N TYR B 629 -36.00 -41.60 -23.86
CA TYR B 629 -36.56 -42.92 -23.65
C TYR B 629 -35.47 -43.95 -23.46
N LEU B 630 -35.59 -44.74 -22.40
CA LEU B 630 -34.86 -45.99 -22.26
C LEU B 630 -35.93 -47.09 -22.31
N LYS B 631 -36.31 -47.49 -23.53
CA LYS B 631 -37.45 -48.36 -23.75
C LYS B 631 -37.07 -49.58 -24.58
N ASN B 632 -37.47 -50.76 -24.10
CA ASN B 632 -37.29 -52.02 -24.80
C ASN B 632 -38.55 -52.40 -25.58
N ASN B 633 -39.30 -51.39 -26.02
CA ASN B 633 -40.52 -51.43 -26.82
C ASN B 633 -41.67 -52.06 -26.03
N LYS B 634 -41.40 -52.49 -24.80
CA LYS B 634 -42.44 -53.01 -23.91
C LYS B 634 -42.41 -52.35 -22.55
N ASP B 635 -41.22 -51.98 -22.06
CA ASP B 635 -41.06 -51.39 -20.73
C ASP B 635 -40.01 -50.29 -20.80
N THR B 636 -40.45 -49.05 -20.71
CA THR B 636 -39.58 -47.88 -20.76
C THR B 636 -38.89 -47.78 -19.39
N LEU B 637 -37.73 -48.45 -19.27
CA LEU B 637 -37.01 -48.48 -18.00
C LEU B 637 -36.77 -47.09 -17.45
N PHE B 638 -36.61 -46.09 -18.33
CA PHE B 638 -36.71 -44.70 -17.91
C PHE B 638 -37.08 -43.85 -19.11
N GLU B 639 -37.84 -42.79 -18.86
CA GLU B 639 -38.28 -41.88 -19.91
C GLU B 639 -38.29 -40.46 -19.35
N ASP B 640 -37.78 -39.51 -20.14
CA ASP B 640 -37.77 -38.11 -19.75
C ASP B 640 -38.31 -37.27 -20.90
N THR B 641 -39.62 -37.01 -20.88
CA THR B 641 -40.26 -36.17 -21.88
C THR B 641 -40.94 -34.98 -21.21
N LYS B 642 -40.45 -34.59 -20.04
CA LYS B 642 -41.15 -33.70 -19.13
C LYS B 642 -40.70 -32.25 -19.23
N ASN B 643 -39.40 -32.01 -19.28
CA ASN B 643 -38.89 -30.65 -19.16
C ASN B 643 -38.66 -30.03 -20.53
N ASN B 644 -38.99 -28.75 -20.63
CA ASN B 644 -38.69 -27.93 -21.80
C ASN B 644 -37.50 -27.04 -21.48
N PHE B 645 -36.43 -27.17 -22.27
CA PHE B 645 -35.16 -26.51 -21.98
C PHE B 645 -34.76 -25.63 -23.15
N SER B 646 -34.78 -24.32 -22.94
CA SER B 646 -34.34 -23.41 -23.99
C SER B 646 -32.82 -23.32 -24.08
N ASP B 647 -32.11 -23.85 -23.08
CA ASP B 647 -30.72 -23.49 -22.87
C ASP B 647 -29.86 -24.72 -22.55
N PHE B 648 -30.24 -25.87 -23.11
CA PHE B 648 -29.44 -27.09 -23.04
C PHE B 648 -29.08 -27.46 -21.60
N GLN B 649 -30.11 -27.76 -20.81
CA GLN B 649 -29.89 -28.14 -19.42
C GLN B 649 -29.73 -29.65 -19.32
N THR B 650 -28.63 -30.07 -18.70
CA THR B 650 -28.28 -31.48 -18.62
C THR B 650 -28.19 -31.92 -17.15
N VAL B 651 -28.72 -33.11 -16.87
CA VAL B 651 -28.76 -33.65 -15.50
C VAL B 651 -28.58 -35.16 -15.54
N THR B 652 -28.22 -35.72 -14.39
CA THR B 652 -27.94 -37.15 -14.26
C THR B 652 -28.94 -37.80 -13.32
N LYS B 653 -29.34 -39.03 -13.65
CA LYS B 653 -30.19 -39.84 -12.79
C LYS B 653 -29.67 -41.27 -12.79
N LYS B 654 -30.50 -42.18 -12.28
CA LYS B 654 -30.16 -43.60 -12.23
C LYS B 654 -31.40 -44.43 -12.50
N PHE B 655 -31.17 -45.71 -12.75
CA PHE B 655 -32.21 -46.71 -12.89
C PHE B 655 -31.56 -48.08 -12.90
N ASN B 656 -32.18 -49.01 -12.20
CA ASN B 656 -31.75 -50.41 -12.23
C ASN B 656 -32.31 -51.06 -13.48
N SER B 657 -31.41 -51.49 -14.37
CA SER B 657 -31.84 -52.19 -15.56
C SER B 657 -32.67 -53.41 -15.19
N GLY B 658 -33.90 -53.46 -15.69
CA GLY B 658 -34.87 -54.45 -15.31
C GLY B 658 -34.42 -55.87 -15.64
N VAL B 659 -35.35 -56.81 -15.43
CA VAL B 659 -35.06 -58.21 -15.68
C VAL B 659 -34.65 -58.45 -17.13
N ASN B 660 -35.16 -57.65 -18.07
CA ASN B 660 -34.76 -57.73 -19.47
C ASN B 660 -34.56 -56.32 -20.02
N PRO B 661 -33.37 -55.77 -19.85
CA PRO B 661 -33.05 -54.49 -20.50
C PRO B 661 -32.40 -54.70 -21.85
N SER B 662 -32.03 -55.94 -22.15
CA SER B 662 -31.25 -56.26 -23.34
C SER B 662 -31.93 -55.84 -24.64
N GLU B 663 -33.19 -55.41 -24.59
CA GLU B 663 -33.89 -54.91 -25.76
C GLU B 663 -34.10 -53.41 -25.76
N ILE B 664 -33.58 -52.69 -24.77
CA ILE B 664 -33.90 -51.27 -24.63
C ILE B 664 -33.38 -50.47 -25.81
N TYR B 665 -34.30 -49.91 -26.59
CA TYR B 665 -33.96 -48.85 -27.51
C TYR B 665 -33.91 -47.54 -26.73
N PHE B 666 -33.00 -46.67 -27.15
CA PHE B 666 -33.16 -45.25 -26.85
C PHE B 666 -34.00 -44.69 -27.97
N LEU B 667 -35.07 -43.98 -27.60
CA LEU B 667 -35.94 -43.34 -28.58
C LEU B 667 -35.94 -41.86 -28.20
N PHE B 668 -34.92 -41.15 -28.66
CA PHE B 668 -34.92 -39.70 -28.49
C PHE B 668 -35.88 -39.16 -29.55
N LYS B 669 -37.15 -39.14 -29.21
CA LYS B 669 -38.10 -38.47 -30.06
C LYS B 669 -38.13 -36.98 -29.69
N ASN B 670 -38.95 -36.24 -30.41
CA ASN B 670 -39.22 -34.87 -29.98
C ASN B 670 -39.94 -34.87 -28.64
N GLN B 671 -41.22 -35.25 -28.67
CA GLN B 671 -42.13 -35.08 -27.55
C GLN B 671 -43.47 -35.69 -27.94
N SER B 672 -44.48 -35.56 -27.08
CA SER B 672 -45.85 -35.55 -27.58
C SER B 672 -45.95 -34.56 -28.73
N GLU B 673 -45.64 -33.28 -28.46
CA GLU B 673 -45.29 -32.33 -29.50
C GLU B 673 -44.67 -31.08 -28.87
N TYR B 674 -43.45 -30.76 -29.32
CA TYR B 674 -42.72 -29.55 -29.00
C TYR B 674 -41.55 -29.40 -29.98
N GLU B 675 -40.66 -28.45 -29.71
CA GLU B 675 -39.39 -28.38 -30.41
C GLU B 675 -38.29 -28.89 -29.48
N ALA B 676 -37.59 -29.93 -29.91
CA ALA B 676 -36.61 -30.61 -29.08
C ALA B 676 -35.25 -30.66 -29.76
N TRP B 677 -34.21 -30.57 -28.94
CA TRP B 677 -32.83 -30.74 -29.38
C TRP B 677 -32.12 -31.64 -28.37
N GLY B 678 -30.93 -32.12 -28.74
CA GLY B 678 -30.15 -32.89 -27.79
C GLY B 678 -28.90 -33.56 -28.30
N ASN B 679 -27.80 -33.44 -27.55
CA ASN B 679 -26.59 -34.18 -27.83
C ASN B 679 -25.91 -34.49 -26.51
N ASN B 680 -24.72 -35.09 -26.61
CA ASN B 680 -23.95 -35.50 -25.43
C ASN B 680 -24.79 -36.42 -24.55
N PHE B 681 -25.32 -37.47 -25.17
CA PHE B 681 -26.13 -38.46 -24.46
C PHE B 681 -25.19 -39.40 -23.73
N ILE B 682 -24.61 -38.92 -22.64
CA ILE B 682 -23.75 -39.74 -21.79
C ILE B 682 -24.61 -40.72 -21.03
N ILE B 683 -24.48 -42.00 -21.39
CA ILE B 683 -25.06 -43.09 -20.62
C ILE B 683 -23.95 -44.10 -20.34
N LEU B 684 -23.82 -44.50 -19.09
CA LEU B 684 -22.87 -45.53 -18.70
C LEU B 684 -23.45 -46.34 -17.56
N GLU B 685 -22.71 -47.37 -17.16
CA GLU B 685 -23.21 -48.28 -16.14
C GLU B 685 -22.81 -47.80 -14.75
N ILE B 686 -23.81 -47.70 -13.87
CA ILE B 686 -23.57 -47.38 -12.47
C ILE B 686 -23.23 -48.69 -11.77
N LYS B 687 -21.98 -48.80 -11.32
CA LYS B 687 -21.57 -49.97 -10.56
C LYS B 687 -22.27 -49.96 -9.21
N SER B 688 -22.72 -51.13 -8.76
CA SER B 688 -23.18 -51.26 -7.39
C SER B 688 -22.01 -51.60 -6.49
N LEU B 689 -22.04 -51.07 -5.26
CA LEU B 689 -20.94 -51.26 -4.34
C LEU B 689 -20.92 -52.70 -3.83
N GLU B 690 -19.74 -53.29 -3.81
CA GLU B 690 -19.52 -54.63 -3.28
C GLU B 690 -18.94 -54.53 -1.87
N PHE B 691 -18.91 -55.67 -1.18
CA PHE B 691 -18.57 -55.68 0.23
C PHE B 691 -17.73 -56.90 0.56
N LEU B 692 -17.01 -56.80 1.68
CA LEU B 692 -16.11 -57.85 2.13
C LEU B 692 -16.91 -58.98 2.79
N PRO B 693 -16.29 -60.15 2.98
CA PRO B 693 -17.07 -61.32 3.43
C PRO B 693 -17.47 -61.24 4.89
N GLN B 694 -18.10 -62.32 5.34
CA GLN B 694 -18.72 -62.40 6.66
C GLN B 694 -18.82 -63.87 7.04
N MET B 695 -19.59 -64.14 8.09
CA MET B 695 -19.88 -65.53 8.45
C MET B 695 -21.30 -65.93 8.06
N LEU B 696 -22.22 -64.97 7.97
CA LEU B 696 -23.57 -65.27 7.55
C LEU B 696 -23.62 -65.58 6.05
N LYS B 697 -24.65 -66.31 5.64
CA LYS B 697 -24.82 -66.72 4.25
C LYS B 697 -26.30 -66.70 3.89
N PRO B 698 -26.67 -66.22 2.69
CA PRO B 698 -28.09 -66.17 2.32
C PRO B 698 -28.68 -67.53 1.99
N GLU B 699 -27.92 -68.63 2.10
CA GLU B 699 -28.40 -69.94 1.71
C GLU B 699 -28.72 -70.87 2.87
N ASP B 700 -27.93 -70.82 3.95
CA ASP B 700 -28.14 -71.68 5.10
C ASP B 700 -29.34 -71.23 5.97
N TRP B 701 -30.11 -70.26 5.50
CA TRP B 701 -31.27 -69.82 6.24
C TRP B 701 -32.37 -70.87 6.19
N ILE B 702 -33.08 -71.03 7.31
CA ILE B 702 -34.14 -72.03 7.40
C ILE B 702 -35.47 -71.31 7.64
N PRO B 703 -36.22 -71.03 6.58
CA PRO B 703 -37.53 -70.37 6.74
C PRO B 703 -38.46 -71.20 7.60
N SER B 704 -39.31 -70.50 8.36
CA SER B 704 -40.23 -71.14 9.28
C SER B 704 -41.66 -70.68 9.02
N GLY B 705 -42.05 -70.62 7.75
CA GLY B 705 -43.41 -70.26 7.40
C GLY B 705 -43.67 -68.78 7.42
N ASN B 706 -44.45 -68.30 6.45
CA ASN B 706 -44.78 -66.87 6.32
C ASN B 706 -43.52 -66.00 6.38
N VAL B 707 -42.48 -66.43 5.67
CA VAL B 707 -41.21 -65.72 5.62
C VAL B 707 -40.61 -65.95 4.23
N GLN B 708 -40.16 -64.87 3.59
CA GLN B 708 -39.62 -64.95 2.25
C GLN B 708 -38.39 -64.06 2.11
N MET B 709 -37.38 -64.56 1.41
CA MET B 709 -36.19 -63.78 1.12
C MET B 709 -36.39 -62.96 -0.15
N LYS B 710 -35.71 -61.81 -0.20
CA LYS B 710 -35.85 -60.87 -1.30
C LYS B 710 -34.51 -60.76 -2.05
N ASP B 711 -34.49 -59.88 -3.06
CA ASP B 711 -33.34 -59.80 -3.96
C ASP B 711 -32.07 -59.38 -3.22
N GLY B 712 -32.19 -58.46 -2.27
CA GLY B 712 -31.04 -58.05 -1.50
C GLY B 712 -30.74 -58.97 -0.35
N GLY B 713 -31.03 -60.26 -0.52
CA GLY B 713 -30.93 -61.20 0.59
C GLY B 713 -31.70 -60.73 1.81
N ARG B 714 -32.90 -60.18 1.59
CA ARG B 714 -33.52 -59.35 2.61
C ARG B 714 -34.31 -60.16 3.64
N LEU B 715 -34.76 -61.36 3.28
CA LEU B 715 -35.39 -62.29 4.21
C LEU B 715 -36.53 -61.64 4.99
N GLU B 716 -37.53 -61.15 4.24
CA GLU B 716 -38.68 -60.48 4.83
C GLU B 716 -39.46 -61.45 5.72
N ILE B 717 -39.69 -61.04 6.96
CA ILE B 717 -40.52 -61.81 7.89
C ILE B 717 -41.98 -61.44 7.62
N LEU B 718 -42.67 -62.26 6.81
CA LEU B 718 -44.04 -61.97 6.41
C LEU B 718 -45.04 -62.23 7.52
N GLY B 719 -44.58 -62.49 8.75
CA GLY B 719 -45.47 -62.70 9.87
C GLY B 719 -44.97 -63.72 10.86
N ASP B 720 -45.79 -64.73 11.15
CA ASP B 720 -45.46 -65.79 12.10
C ASP B 720 -44.45 -66.72 11.43
N GLY B 721 -43.22 -66.67 11.88
CA GLY B 721 -42.16 -67.47 11.28
C GLY B 721 -40.85 -66.72 11.29
N TYR B 722 -39.82 -67.41 10.81
CA TYR B 722 -38.47 -66.86 10.88
C TYR B 722 -37.57 -67.60 9.91
N PHE B 723 -36.36 -67.07 9.77
CA PHE B 723 -35.24 -67.79 9.18
C PHE B 723 -34.18 -68.01 10.25
N LYS B 724 -33.66 -69.24 10.29
CA LYS B 724 -32.51 -69.50 11.14
C LYS B 724 -31.40 -70.05 10.28
N GLN B 725 -30.17 -69.76 10.69
CA GLN B 725 -29.00 -70.21 9.94
C GLN B 725 -27.99 -70.79 10.91
N PHE B 726 -27.73 -72.08 10.80
CA PHE B 726 -26.75 -72.71 11.67
C PHE B 726 -25.37 -72.14 11.38
N ILE B 727 -24.91 -71.28 12.27
CA ILE B 727 -23.60 -70.65 12.16
C ILE B 727 -22.73 -71.23 13.26
N LYS B 728 -21.43 -71.36 13.00
CA LYS B 728 -20.49 -71.90 13.96
C LYS B 728 -19.73 -70.76 14.63
N LEU B 729 -19.88 -70.65 15.94
CA LEU B 729 -19.16 -69.68 16.76
C LEU B 729 -18.22 -70.42 17.69
N GLU B 730 -17.02 -69.85 17.87
CA GLU B 730 -15.94 -70.53 18.55
C GLU B 730 -15.50 -69.70 19.76
N ASN B 731 -14.76 -70.36 20.65
CA ASN B 731 -14.46 -69.78 21.96
C ASN B 731 -13.58 -68.54 21.85
N ASP B 732 -12.43 -68.66 21.18
CA ASP B 732 -11.43 -67.62 21.13
C ASP B 732 -11.72 -66.56 20.03
N SER B 733 -12.92 -66.57 19.45
CA SER B 733 -13.23 -65.72 18.31
C SER B 733 -14.35 -64.75 18.64
N THR B 734 -14.30 -63.58 18.01
CA THR B 734 -15.28 -62.52 18.19
C THR B 734 -16.07 -62.33 16.90
N TYR B 735 -17.31 -61.88 17.02
CA TYR B 735 -18.24 -61.85 15.89
C TYR B 735 -19.04 -60.56 15.88
N HIS B 736 -18.80 -59.73 14.86
CA HIS B 736 -19.55 -58.49 14.66
C HIS B 736 -20.86 -58.82 13.97
N LEU B 737 -21.85 -59.28 14.73
CA LEU B 737 -23.18 -59.47 14.21
C LEU B 737 -23.78 -58.10 13.91
N ARG B 738 -24.10 -57.86 12.64
CA ARG B 738 -24.55 -56.56 12.19
C ARG B 738 -25.64 -56.73 11.14
N LEU B 739 -26.72 -55.97 11.28
CA LEU B 739 -27.86 -56.16 10.40
C LEU B 739 -28.78 -54.95 10.51
N SER B 740 -29.41 -54.61 9.39
CA SER B 740 -30.42 -53.55 9.36
C SER B 740 -31.76 -54.14 8.93
N VAL B 741 -32.83 -53.62 9.54
CA VAL B 741 -34.16 -54.17 9.37
C VAL B 741 -35.07 -53.12 8.74
N LYS B 742 -36.03 -53.59 7.95
CA LYS B 742 -37.17 -52.80 7.53
C LYS B 742 -38.40 -53.45 8.15
N GLY B 743 -39.12 -52.72 8.98
CA GLY B 743 -40.23 -53.29 9.73
C GLY B 743 -39.79 -53.87 11.06
N THR B 744 -40.63 -53.75 12.07
CA THR B 744 -40.27 -54.18 13.42
C THR B 744 -40.12 -55.69 13.48
N GLY B 745 -39.20 -56.16 14.32
CA GLY B 745 -39.07 -57.59 14.57
C GLY B 745 -38.04 -57.95 15.62
N ARG B 746 -37.61 -59.20 15.64
CA ARG B 746 -36.58 -59.64 16.58
C ARG B 746 -35.59 -60.55 15.85
N VAL B 747 -34.49 -60.82 16.55
CA VAL B 747 -33.46 -61.76 16.10
C VAL B 747 -33.02 -62.56 17.32
N SER B 748 -32.84 -63.86 17.12
CA SER B 748 -32.53 -64.75 18.23
C SER B 748 -31.44 -65.75 17.82
N ILE B 749 -30.34 -65.76 18.57
CA ILE B 749 -29.30 -66.76 18.42
C ILE B 749 -29.49 -67.77 19.54
N ILE B 750 -30.26 -68.82 19.26
CA ILE B 750 -30.39 -69.96 20.15
C ILE B 750 -29.34 -70.98 19.75
N ASP B 751 -28.30 -71.12 20.57
CA ASP B 751 -27.27 -72.10 20.26
C ASP B 751 -27.89 -73.48 20.27
N GLU B 752 -28.24 -73.97 21.44
CA GLU B 752 -29.15 -75.08 21.62
C GLU B 752 -30.19 -74.78 22.69
N SER B 753 -29.79 -74.14 23.78
CA SER B 753 -30.70 -73.72 24.84
C SER B 753 -30.44 -72.29 25.28
N LYS B 754 -29.21 -71.81 25.09
CA LYS B 754 -28.79 -70.55 25.69
C LYS B 754 -28.99 -69.38 24.73
N TYR B 755 -29.31 -68.22 25.30
CA TYR B 755 -29.48 -66.98 24.55
C TYR B 755 -28.16 -66.21 24.52
N LEU B 756 -27.33 -66.50 23.51
CA LEU B 756 -26.18 -65.64 23.26
C LEU B 756 -26.62 -64.25 22.82
N LEU B 757 -27.74 -64.15 22.10
CA LEU B 757 -28.26 -62.86 21.69
C LEU B 757 -29.74 -63.02 21.35
N PHE B 758 -30.56 -62.17 21.98
CA PHE B 758 -31.95 -62.01 21.57
C PHE B 758 -32.37 -60.57 21.86
N VAL B 759 -32.58 -59.79 20.82
CA VAL B 759 -32.97 -58.39 20.93
C VAL B 759 -34.09 -58.12 19.95
N ASN B 760 -34.89 -57.09 20.25
CA ASN B 760 -35.93 -56.64 19.33
C ASN B 760 -35.33 -55.62 18.37
N VAL B 761 -35.76 -55.69 17.11
CA VAL B 761 -35.29 -54.79 16.08
C VAL B 761 -36.49 -54.15 15.38
N LYS B 762 -36.63 -52.83 15.55
CA LYS B 762 -37.74 -52.10 14.94
C LYS B 762 -37.37 -51.56 13.56
N ASP B 763 -36.41 -50.64 13.51
CA ASP B 763 -35.78 -50.21 12.26
C ASP B 763 -34.45 -49.56 12.66
N GLU B 764 -33.37 -50.33 12.55
CA GLU B 764 -32.09 -49.83 13.06
C GLU B 764 -30.96 -50.72 12.57
N ASP B 765 -29.74 -50.19 12.68
CA ASP B 765 -28.51 -50.89 12.34
C ASP B 765 -28.06 -51.69 13.56
N LEU B 766 -28.28 -53.00 13.53
CA LEU B 766 -27.70 -53.85 14.56
C LEU B 766 -26.20 -53.93 14.37
N THR B 767 -25.45 -53.89 15.48
CA THR B 767 -24.00 -53.94 15.41
C THR B 767 -23.39 -54.80 16.51
N ARG B 768 -24.14 -55.76 17.04
CA ARG B 768 -23.69 -56.50 18.21
C ARG B 768 -22.44 -57.31 17.90
N VAL B 769 -21.35 -56.98 18.60
CA VAL B 769 -20.07 -57.64 18.43
C VAL B 769 -20.04 -58.80 19.42
N ILE B 770 -20.43 -59.99 18.96
CA ILE B 770 -20.45 -61.15 19.82
C ILE B 770 -19.03 -61.51 20.23
N LYS B 771 -18.75 -61.42 21.52
CA LYS B 771 -17.39 -61.53 22.03
C LYS B 771 -16.92 -62.97 22.00
N ASN B 772 -15.77 -63.23 22.61
CA ASN B 772 -15.20 -64.57 22.62
C ASN B 772 -16.12 -65.51 23.39
N THR B 773 -16.84 -66.38 22.68
CA THR B 773 -17.89 -67.21 23.27
C THR B 773 -17.97 -68.52 22.50
N SER B 774 -17.84 -69.64 23.21
CA SER B 774 -17.87 -70.96 22.59
C SER B 774 -19.31 -71.39 22.36
N SER B 775 -19.74 -71.41 21.10
CA SER B 775 -21.04 -71.94 20.75
C SER B 775 -21.01 -73.46 20.76
N LYS B 776 -21.66 -74.08 21.75
CA LYS B 776 -21.69 -75.53 21.81
C LYS B 776 -22.53 -76.10 20.68
N GLY B 777 -21.95 -77.05 19.94
CA GLY B 777 -22.60 -77.59 18.77
C GLY B 777 -22.70 -76.57 17.65
N GLU B 778 -23.93 -76.19 17.31
CA GLU B 778 -24.17 -75.15 16.31
C GLU B 778 -25.18 -74.17 16.87
N CYS B 779 -24.96 -72.88 16.59
CA CYS B 779 -25.93 -71.85 16.91
C CYS B 779 -26.62 -71.36 15.65
N PHE B 780 -27.87 -70.93 15.81
CA PHE B 780 -28.62 -70.38 14.71
C PHE B 780 -29.23 -69.05 15.13
N ILE B 781 -29.05 -68.05 14.27
CA ILE B 781 -29.68 -66.75 14.40
C ILE B 781 -31.08 -66.85 13.80
N ALA B 782 -32.03 -67.28 14.64
CA ALA B 782 -33.42 -67.42 14.23
C ALA B 782 -33.99 -66.02 14.04
N LEU B 783 -34.12 -65.61 12.79
CA LEU B 783 -34.53 -64.25 12.43
C LEU B 783 -36.03 -64.11 12.67
N GLU B 784 -36.44 -64.17 13.93
CA GLU B 784 -37.85 -64.23 14.26
C GLU B 784 -38.34 -62.79 14.46
N GLY B 785 -38.75 -62.17 13.35
CA GLY B 785 -39.32 -60.83 13.38
C GLY B 785 -40.63 -60.81 14.14
N THR B 786 -41.35 -59.70 14.03
CA THR B 786 -42.64 -59.61 14.70
C THR B 786 -43.56 -60.74 14.26
N TYR B 787 -44.34 -61.25 15.20
CA TYR B 787 -45.23 -62.39 14.95
C TYR B 787 -46.67 -61.88 14.98
N VAL B 788 -47.09 -61.30 13.86
CA VAL B 788 -48.46 -60.85 13.61
C VAL B 788 -48.68 -60.94 12.10
N GLU B 789 -49.96 -60.86 11.70
CA GLU B 789 -50.28 -60.97 10.28
C GLU B 789 -49.58 -59.88 9.47
N ASN B 790 -49.76 -58.61 9.87
CA ASN B 790 -49.18 -57.49 9.15
C ASN B 790 -47.70 -57.27 9.48
N SER B 791 -47.02 -58.28 10.02
CA SER B 791 -45.59 -58.22 10.25
C SER B 791 -44.83 -58.35 8.95
N SER B 792 -43.97 -57.36 8.67
CA SER B 792 -43.07 -57.42 7.51
C SER B 792 -41.73 -56.86 7.97
N THR B 793 -40.88 -57.75 8.49
CA THR B 793 -39.59 -57.39 9.05
C THR B 793 -38.52 -57.69 8.01
N ILE B 794 -38.30 -56.74 7.10
CA ILE B 794 -37.39 -56.91 5.98
C ILE B 794 -35.99 -56.57 6.45
N PHE B 795 -35.20 -57.58 6.78
CA PHE B 795 -33.78 -57.36 7.04
C PHE B 795 -33.10 -56.96 5.73
N SER B 796 -31.92 -56.34 5.84
CA SER B 796 -31.20 -55.94 4.63
C SER B 796 -29.81 -56.53 4.54
N ASN B 797 -28.99 -56.39 5.58
CA ASN B 797 -27.59 -56.78 5.53
C ASN B 797 -27.37 -57.88 6.57
N VAL B 798 -27.45 -59.13 6.13
CA VAL B 798 -27.20 -60.26 7.03
C VAL B 798 -25.70 -60.47 7.19
N SER B 799 -25.15 -59.92 8.27
CA SER B 799 -23.72 -59.96 8.53
C SER B 799 -23.46 -60.28 9.99
N ILE B 800 -22.93 -61.47 10.26
CA ILE B 800 -22.46 -61.83 11.58
C ILE B 800 -20.93 -61.84 11.51
N VAL B 801 -20.40 -60.99 10.62
CA VAL B 801 -19.01 -61.04 10.17
C VAL B 801 -18.05 -61.17 11.35
N LYS B 802 -17.25 -62.22 11.32
CA LYS B 802 -16.47 -62.63 12.47
C LYS B 802 -15.22 -61.76 12.61
N GLU B 803 -15.00 -61.23 13.80
CA GLU B 803 -13.81 -60.45 14.12
C GLU B 803 -12.59 -61.34 14.16
N GLN C 141 5.95 -15.97 35.74
CA GLN C 141 4.88 -15.62 34.82
C GLN C 141 5.00 -14.22 34.24
N ASN C 142 5.39 -13.22 35.07
CA ASN C 142 5.74 -11.87 34.61
C ASN C 142 6.91 -11.85 33.64
N HIS C 143 7.94 -12.71 33.87
CA HIS C 143 9.05 -12.92 32.94
C HIS C 143 8.58 -13.49 31.60
N VAL C 144 7.65 -14.47 31.61
CA VAL C 144 7.00 -15.01 30.42
C VAL C 144 6.24 -13.94 29.63
N LEU C 145 5.49 -13.05 30.33
CA LEU C 145 4.82 -11.89 29.73
C LEU C 145 5.79 -10.92 29.07
N SER C 146 6.96 -10.64 29.70
CA SER C 146 8.02 -9.81 29.13
C SER C 146 8.57 -10.40 27.83
N LEU C 147 8.85 -11.73 27.80
CA LEU C 147 9.26 -12.42 26.59
C LEU C 147 8.24 -12.40 25.47
N GLN C 148 6.94 -12.56 25.80
CA GLN C 148 5.86 -12.39 24.84
C GLN C 148 5.76 -10.97 24.26
N ILE C 149 5.91 -9.92 25.10
CA ILE C 149 5.98 -8.54 24.66
C ILE C 149 7.19 -8.25 23.78
N GLU C 150 8.39 -8.80 24.08
CA GLU C 150 9.53 -8.76 23.18
C GLU C 150 9.30 -9.45 21.85
N PHE C 151 8.55 -10.56 21.82
CA PHE C 151 8.09 -11.18 20.59
C PHE C 151 7.15 -10.27 19.78
N LEU C 152 6.19 -9.58 20.45
CA LEU C 152 5.33 -8.58 19.82
C LEU C 152 6.11 -7.39 19.23
N SER C 153 7.13 -6.87 19.94
CA SER C 153 7.98 -5.78 19.46
C SER C 153 8.78 -6.13 18.21
N LYS C 154 9.29 -7.38 18.13
CA LYS C 154 9.89 -7.95 16.92
C LYS C 154 8.91 -8.04 15.77
N GLN C 155 7.66 -8.53 15.99
CA GLN C 155 6.62 -8.57 14.98
C GLN C 155 6.25 -7.19 14.45
N LEU C 156 6.16 -6.18 15.34
CA LEU C 156 5.99 -4.79 14.96
C LEU C 156 7.12 -4.19 14.15
N GLN C 157 8.40 -4.51 14.47
CA GLN C 157 9.54 -4.16 13.64
C GLN C 157 9.49 -4.82 12.25
N GLU C 158 9.15 -6.11 12.14
CA GLU C 158 8.97 -6.75 10.85
C GLU C 158 7.84 -6.12 10.02
N ILE C 159 6.73 -5.74 10.68
CA ILE C 159 5.65 -4.96 10.09
C ILE C 159 6.10 -3.58 9.62
N SER C 160 6.90 -2.83 10.42
CA SER C 160 7.40 -1.52 10.05
C SER C 160 8.36 -1.56 8.86
N ASP C 161 9.23 -2.58 8.75
CA ASP C 161 10.04 -2.89 7.58
C ASP C 161 9.22 -3.21 6.33
N LYS C 162 8.16 -4.04 6.47
CA LYS C 162 7.23 -4.35 5.37
C LYS C 162 6.54 -3.09 4.84
N LEU C 163 6.11 -2.17 5.73
CA LEU C 163 5.55 -0.88 5.34
C LEU C 163 6.51 0.00 4.56
N ASP C 164 7.78 0.07 4.96
CA ASP C 164 8.81 0.81 4.25
C ASP C 164 9.09 0.27 2.84
N ILE C 165 9.08 -1.07 2.66
CA ILE C 165 9.11 -1.73 1.36
C ILE C 165 7.86 -1.42 0.52
N ILE C 166 6.65 -1.50 1.12
CA ILE C 166 5.40 -1.16 0.43
C ILE C 166 5.34 0.28 -0.02
N ASN C 167 5.73 1.24 0.85
CA ASN C 167 5.73 2.67 0.54
C ASN C 167 6.63 2.98 -0.64
N LEU C 168 7.83 2.38 -0.65
CA LEU C 168 8.75 2.47 -1.75
C LEU C 168 8.21 1.89 -3.06
N ASN C 169 7.57 0.70 -3.02
CA ASN C 169 6.94 0.11 -4.18
C ASN C 169 5.81 0.99 -4.73
N VAL C 170 5.03 1.65 -3.86
CA VAL C 170 4.05 2.67 -4.26
C VAL C 170 4.70 3.87 -4.97
N LEU C 171 5.85 4.39 -4.47
CA LEU C 171 6.63 5.44 -5.14
C LEU C 171 7.27 5.01 -6.46
N ILE C 172 7.69 3.75 -6.60
CA ILE C 172 8.11 3.18 -7.87
C ILE C 172 6.96 3.11 -8.87
N ASN C 173 5.76 2.73 -8.41
CA ASN C 173 4.56 2.73 -9.24
C ASN C 173 4.21 4.11 -9.76
N SER C 174 4.36 5.18 -8.94
CA SER C 174 4.15 6.55 -9.39
C SER C 174 5.10 6.96 -10.51
N THR C 175 6.42 6.71 -10.33
CA THR C 175 7.43 7.00 -11.34
C THR C 175 7.30 6.16 -12.59
N LEU C 176 6.92 4.87 -12.48
CA LEU C 176 6.59 4.04 -13.63
C LEU C 176 5.42 4.57 -14.44
N THR C 177 4.33 5.02 -13.78
CA THR C 177 3.18 5.66 -14.42
C THR C 177 3.57 6.92 -15.17
N GLU C 178 4.45 7.76 -14.58
CA GLU C 178 5.04 8.90 -15.24
C GLU C 178 6.00 8.58 -16.41
N ILE C 179 6.96 7.63 -16.27
CA ILE C 179 8.08 7.49 -17.20
C ILE C 179 8.00 6.32 -18.16
N THR C 180 7.17 5.30 -17.90
CA THR C 180 7.14 4.07 -18.72
C THR C 180 6.86 4.28 -20.21
N PRO C 181 5.91 5.10 -20.73
CA PRO C 181 5.64 5.15 -22.16
C PRO C 181 6.79 5.72 -22.95
N ALA C 182 7.52 6.71 -22.37
CA ALA C 182 8.71 7.31 -22.92
C ALA C 182 9.89 6.34 -22.92
N TYR C 183 10.15 5.65 -21.78
CA TYR C 183 11.23 4.69 -21.64
C TYR C 183 11.12 3.56 -22.66
N GLN C 184 9.91 2.96 -22.81
CA GLN C 184 9.68 1.89 -23.76
C GLN C 184 9.88 2.31 -25.22
N ARG C 185 9.37 3.49 -25.63
CA ARG C 185 9.54 4.01 -26.97
C ARG C 185 10.97 4.38 -27.31
N ILE C 186 11.69 5.03 -26.38
CA ILE C 186 13.11 5.34 -26.53
C ILE C 186 13.91 4.07 -26.69
N LYS C 187 13.63 3.04 -25.87
CA LYS C 187 14.32 1.78 -25.95
C LYS C 187 14.14 1.06 -27.29
N TYR C 188 12.89 0.95 -27.77
CA TYR C 188 12.55 0.36 -29.07
C TYR C 188 13.21 1.09 -30.24
N VAL C 189 13.15 2.43 -30.27
CA VAL C 189 13.81 3.23 -31.30
C VAL C 189 15.32 3.06 -31.26
N ASN C 190 15.94 3.04 -30.07
CA ASN C 190 17.36 2.79 -29.91
C ASN C 190 17.82 1.40 -30.36
N GLU C 191 17.05 0.35 -30.05
CA GLU C 191 17.31 -1.02 -30.48
C GLU C 191 17.10 -1.25 -31.96
N LYS C 192 16.12 -0.57 -32.60
CA LYS C 192 15.81 -0.78 -34.00
C LYS C 192 16.67 0.02 -34.96
N PHE C 193 17.47 0.97 -34.45
CA PHE C 193 18.36 1.78 -35.25
C PHE C 193 19.82 1.50 -34.97
N ASP C 194 20.14 0.36 -34.31
CA ASP C 194 21.47 0.03 -33.83
C ASP C 194 22.56 0.09 -34.91
N GLU C 195 22.37 -0.58 -36.07
CA GLU C 195 23.33 -0.57 -37.16
C GLU C 195 23.61 0.79 -37.76
N LEU C 196 22.61 1.69 -37.78
CA LEU C 196 22.82 3.00 -38.35
C LEU C 196 23.44 3.99 -37.37
N THR C 197 23.37 3.74 -36.05
CA THR C 197 24.02 4.58 -35.04
C THR C 197 25.32 3.99 -34.55
N SER C 198 25.58 2.68 -34.79
CA SER C 198 26.80 1.95 -34.45
C SER C 198 28.01 2.51 -35.15
N GLU C 214 17.68 -7.64 -49.48
CA GLU C 214 17.48 -7.32 -48.08
C GLU C 214 17.84 -5.87 -47.77
N VAL C 215 18.84 -5.28 -48.48
CA VAL C 215 19.28 -3.89 -48.27
C VAL C 215 18.21 -2.84 -48.42
N ILE C 216 17.51 -2.88 -49.58
CA ILE C 216 16.43 -1.99 -49.95
C ILE C 216 15.25 -2.16 -49.01
N GLU C 217 14.89 -3.41 -48.66
CA GLU C 217 13.81 -3.70 -47.74
C GLU C 217 14.03 -3.10 -46.36
N ASN C 218 15.18 -3.41 -45.71
CA ASN C 218 15.51 -2.84 -44.43
C ASN C 218 15.78 -1.34 -44.49
N LEU C 219 16.31 -0.79 -45.59
CA LEU C 219 16.39 0.65 -45.76
C LEU C 219 15.03 1.34 -45.83
N ASN C 220 14.06 0.81 -46.61
CA ASN C 220 12.71 1.35 -46.66
C ASN C 220 11.97 1.23 -45.33
N GLU C 221 12.00 0.05 -44.67
CA GLU C 221 11.36 -0.17 -43.38
C GLU C 221 11.92 0.78 -42.29
N LEU C 222 13.26 1.02 -42.26
CA LEU C 222 13.86 2.04 -41.40
C LEU C 222 13.61 3.49 -41.82
N THR C 223 13.51 3.80 -43.12
CA THR C 223 13.14 5.13 -43.63
C THR C 223 11.75 5.54 -43.19
N GLU C 224 10.76 4.61 -43.24
CA GLU C 224 9.42 4.83 -42.71
C GLU C 224 9.42 5.08 -41.20
N LEU C 225 10.23 4.31 -40.45
CA LEU C 225 10.46 4.59 -39.04
C LEU C 225 11.09 5.94 -38.77
N ALA C 226 12.08 6.36 -39.57
CA ALA C 226 12.71 7.66 -39.49
C ALA C 226 11.72 8.80 -39.71
N LYS C 227 10.80 8.68 -40.68
CA LYS C 227 9.70 9.61 -40.90
C LYS C 227 8.77 9.72 -39.70
N SER C 228 8.43 8.58 -39.07
CA SER C 228 7.64 8.52 -37.84
C SER C 228 8.35 9.19 -36.66
N VAL C 229 9.66 8.93 -36.47
CA VAL C 229 10.50 9.50 -35.42
C VAL C 229 10.69 11.01 -35.54
N THR C 230 10.93 11.56 -36.75
CA THR C 230 11.23 12.98 -36.93
C THR C 230 9.99 13.84 -36.98
N LYS C 231 8.80 13.23 -37.13
CA LYS C 231 7.54 13.92 -37.23
C LYS C 231 7.16 14.78 -36.03
N ASN C 232 6.82 16.06 -36.25
CA ASN C 232 6.61 17.05 -35.21
C ASN C 232 5.19 17.08 -34.71
N ASP C 233 4.79 16.00 -34.02
CA ASP C 233 3.50 15.84 -33.40
C ASP C 233 3.54 16.14 -31.89
N MET C 234 2.34 16.23 -31.25
CA MET C 234 2.21 16.24 -29.79
C MET C 234 2.76 14.97 -29.13
N ASP C 235 2.65 13.81 -29.83
CA ASP C 235 3.13 12.50 -29.41
C ASP C 235 4.43 12.13 -30.11
N SER C 236 5.28 13.11 -30.48
CA SER C 236 6.54 12.83 -31.17
C SER C 236 7.63 12.20 -30.30
N PHE C 237 8.73 11.76 -30.94
CA PHE C 237 9.90 11.26 -30.24
C PHE C 237 10.55 12.33 -29.34
N GLU C 238 10.58 13.59 -29.82
CA GLU C 238 11.03 14.74 -29.04
C GLU C 238 10.18 14.98 -27.78
N PHE C 239 8.83 14.79 -27.86
CA PHE C 239 7.95 14.78 -26.70
C PHE C 239 8.36 13.73 -25.67
N TYR C 240 8.56 12.46 -26.11
CA TYR C 240 8.98 11.38 -25.22
C TYR C 240 10.36 11.59 -24.60
N LEU C 241 11.32 12.18 -25.33
CA LEU C 241 12.60 12.60 -24.78
C LEU C 241 12.51 13.70 -23.73
N GLN C 242 11.70 14.76 -23.97
CA GLN C 242 11.48 15.82 -23.01
C GLN C 242 10.79 15.32 -21.75
N THR C 243 9.70 14.52 -21.89
CA THR C 243 9.02 13.93 -20.73
C THR C 243 9.88 12.98 -19.92
N PHE C 244 10.76 12.20 -20.58
CA PHE C 244 11.77 11.39 -19.91
C PHE C 244 12.72 12.25 -19.07
N HIS C 245 13.23 13.38 -19.63
CA HIS C 245 14.06 14.33 -18.91
C HIS C 245 13.35 14.98 -17.71
N ASP C 246 12.09 15.44 -17.89
CA ASP C 246 11.29 16.02 -16.83
C ASP C 246 11.01 15.06 -15.67
N VAL C 247 10.63 13.79 -15.95
CA VAL C 247 10.41 12.78 -14.92
C VAL C 247 11.70 12.41 -14.19
N MET C 248 12.84 12.36 -14.90
CA MET C 248 14.16 12.18 -14.32
C MET C 248 14.60 13.28 -13.37
N THR C 249 14.43 14.56 -13.74
CA THR C 249 14.74 15.71 -12.90
C THR C 249 13.76 15.93 -11.78
N GLY C 250 12.46 15.70 -12.02
CA GLY C 250 11.40 15.93 -11.03
C GLY C 250 10.46 17.03 -11.37
N ASN C 251 10.46 17.48 -12.64
CA ASN C 251 9.54 18.48 -13.13
C ASN C 251 8.17 17.89 -13.43
N ASN C 252 7.51 17.26 -12.43
CA ASN C 252 6.26 16.54 -12.60
C ASN C 252 5.10 17.36 -12.04
N LEU C 253 3.93 16.72 -11.81
CA LEU C 253 2.79 17.36 -11.18
C LEU C 253 3.03 17.59 -9.69
N PHE C 254 3.58 16.56 -9.02
CA PHE C 254 4.01 16.58 -7.64
C PHE C 254 5.52 16.43 -7.75
N GLY C 255 6.31 17.21 -6.99
CA GLY C 255 7.77 17.26 -7.18
C GLY C 255 8.53 16.08 -6.65
N ARG C 256 8.46 14.94 -7.36
CA ARG C 256 9.18 13.73 -7.10
C ARG C 256 10.04 13.47 -8.31
N SER C 257 11.28 12.96 -8.15
CA SER C 257 12.16 12.65 -9.26
C SER C 257 12.34 11.14 -9.37
N ALA C 258 12.46 10.61 -10.61
CA ALA C 258 12.72 9.19 -10.85
C ALA C 258 14.03 8.72 -10.26
N LEU C 259 15.05 9.61 -10.23
CA LEU C 259 16.30 9.39 -9.54
C LEU C 259 16.16 9.19 -8.04
N LYS C 260 15.27 9.96 -7.36
CA LYS C 260 15.00 9.76 -5.95
C LYS C 260 14.33 8.44 -5.62
N THR C 261 13.27 8.04 -6.36
CA THR C 261 12.61 6.77 -6.11
C THR C 261 13.48 5.57 -6.44
N ALA C 262 14.30 5.67 -7.50
CA ALA C 262 15.33 4.70 -7.84
C ALA C 262 16.41 4.57 -6.78
N SER C 263 16.91 5.68 -6.21
CA SER C 263 17.88 5.63 -5.11
C SER C 263 17.31 5.00 -3.87
N GLU C 264 16.06 5.34 -3.49
CA GLU C 264 15.34 4.70 -2.42
C GLU C 264 15.14 3.20 -2.62
N LEU C 265 14.85 2.77 -3.88
CA LEU C 265 14.76 1.36 -4.29
C LEU C 265 16.05 0.61 -4.08
N ILE C 266 17.15 1.12 -4.64
CA ILE C 266 18.46 0.49 -4.56
C ILE C 266 18.93 0.36 -3.12
N THR C 267 18.71 1.41 -2.30
CA THR C 267 18.99 1.38 -0.87
C THR C 267 18.23 0.29 -0.12
N LYS C 268 16.96 0.00 -0.47
CA LYS C 268 16.25 -1.12 0.13
C LYS C 268 16.61 -2.51 -0.41
N GLU C 269 16.73 -2.70 -1.74
CA GLU C 269 16.94 -4.03 -2.32
C GLU C 269 18.42 -4.38 -2.52
N ASN C 270 19.32 -3.70 -1.78
CA ASN C 270 20.73 -4.01 -1.70
C ASN C 270 21.00 -5.25 -0.81
N VAL C 271 20.39 -6.41 -1.13
CA VAL C 271 20.55 -7.63 -0.36
C VAL C 271 21.76 -8.45 -0.78
N THR C 272 21.85 -8.77 -2.09
CA THR C 272 22.90 -9.59 -2.69
C THR C 272 23.67 -8.76 -3.69
N THR C 273 23.75 -7.45 -3.43
CA THR C 273 24.44 -6.51 -4.28
C THR C 273 25.93 -6.47 -4.01
N ARG C 274 26.73 -6.61 -5.09
CA ARG C 274 28.19 -6.62 -5.03
C ARG C 274 28.86 -5.31 -4.59
N GLY C 275 28.32 -4.17 -5.05
CA GLY C 275 28.90 -2.85 -4.83
C GLY C 275 28.05 -2.00 -3.94
N SER C 276 28.47 -0.73 -3.73
CA SER C 276 27.83 0.16 -2.77
C SER C 276 26.61 0.87 -3.36
N GLU C 277 25.85 1.61 -2.50
CA GLU C 277 24.69 2.40 -2.87
C GLU C 277 25.04 3.49 -3.88
N ILE C 278 26.15 4.22 -3.67
CA ILE C 278 26.64 5.23 -4.62
C ILE C 278 26.88 4.64 -5.99
N GLY C 279 27.62 3.52 -6.06
CA GLY C 279 27.90 2.86 -7.32
C GLY C 279 26.73 2.25 -8.02
N LYS C 280 25.75 1.72 -7.29
CA LYS C 280 24.51 1.23 -7.87
C LYS C 280 23.60 2.33 -8.39
N VAL C 281 23.38 3.42 -7.60
CA VAL C 281 22.55 4.55 -8.03
C VAL C 281 23.20 5.31 -9.19
N TYR C 282 24.53 5.50 -9.16
CA TYR C 282 25.28 6.05 -10.27
C TYR C 282 25.22 5.18 -11.52
N ASN C 283 25.30 3.83 -11.41
CA ASN C 283 25.10 2.92 -12.53
C ASN C 283 23.70 3.03 -13.13
N PHE C 284 22.65 3.18 -12.28
CA PHE C 284 21.30 3.50 -12.70
C PHE C 284 21.22 4.82 -13.47
N LEU C 285 21.90 5.88 -12.99
CA LEU C 285 22.03 7.12 -13.74
C LEU C 285 22.75 6.97 -15.08
N ILE C 286 23.86 6.21 -15.14
CA ILE C 286 24.61 5.92 -16.37
C ILE C 286 23.77 5.22 -17.44
N VAL C 287 22.98 4.19 -17.08
CA VAL C 287 22.14 3.49 -18.05
C VAL C 287 21.04 4.37 -18.62
N LEU C 288 20.45 5.26 -17.81
CA LEU C 288 19.47 6.23 -18.30
C LEU C 288 20.05 7.36 -19.13
N THR C 289 21.21 7.95 -18.72
CA THR C 289 21.90 8.97 -19.51
C THR C 289 22.40 8.44 -20.86
N SER C 290 22.94 7.19 -20.89
CA SER C 290 23.32 6.51 -22.13
C SER C 290 22.14 6.23 -23.05
N LEU C 291 20.98 5.84 -22.48
CA LEU C 291 19.73 5.64 -23.20
C LEU C 291 19.25 6.92 -23.89
N GLN C 292 19.26 8.06 -23.18
CA GLN C 292 18.96 9.37 -23.75
C GLN C 292 19.95 9.83 -24.80
N ALA C 293 21.27 9.67 -24.55
CA ALA C 293 22.30 10.05 -25.48
C ALA C 293 22.24 9.27 -26.80
N LYS C 294 22.01 7.95 -26.72
CA LYS C 294 21.74 7.13 -27.88
C LYS C 294 20.44 7.51 -28.60
N ALA C 295 19.40 7.91 -27.86
CA ALA C 295 18.16 8.41 -28.39
C ALA C 295 18.25 9.72 -29.17
N PHE C 296 19.02 10.71 -28.67
CA PHE C 296 19.38 11.89 -29.43
C PHE C 296 20.24 11.56 -30.65
N LEU C 297 21.20 10.63 -30.55
CA LEU C 297 22.00 10.14 -31.67
C LEU C 297 21.20 9.46 -32.78
N THR C 298 20.22 8.58 -32.43
CA THR C 298 19.30 8.02 -33.42
C THR C 298 18.42 9.07 -34.05
N LEU C 299 17.92 10.07 -33.29
CA LEU C 299 17.17 11.19 -33.82
C LEU C 299 17.94 12.04 -34.84
N THR C 300 19.25 12.33 -34.61
CA THR C 300 20.12 12.97 -35.60
C THR C 300 20.34 12.08 -36.82
N ALA C 301 20.59 10.77 -36.60
CA ALA C 301 20.77 9.78 -37.64
C ALA C 301 19.54 9.59 -38.52
N CYS C 302 18.31 9.64 -37.96
CA CYS C 302 17.06 9.67 -38.70
C CYS C 302 16.86 10.94 -39.52
N ARG C 303 17.17 12.15 -38.98
CA ARG C 303 17.06 13.39 -39.74
C ARG C 303 17.98 13.43 -40.96
N LYS C 304 19.25 13.00 -40.78
CA LYS C 304 20.22 12.86 -41.86
C LYS C 304 19.82 11.85 -42.94
N LEU C 305 19.20 10.72 -42.54
CA LEU C 305 18.69 9.71 -43.47
C LEU C 305 17.59 10.21 -44.38
N LEU C 306 16.66 11.02 -43.83
CA LEU C 306 15.58 11.59 -44.59
C LEU C 306 16.00 12.80 -45.41
N GLY C 307 17.17 13.40 -45.12
CA GLY C 307 17.65 14.58 -45.83
C GLY C 307 17.09 15.87 -45.30
N LEU C 308 16.67 15.89 -44.02
CA LEU C 308 16.14 17.08 -43.38
C LEU C 308 17.25 17.95 -42.80
N THR C 309 16.96 19.21 -42.44
CA THR C 309 17.90 20.11 -41.81
C THR C 309 18.40 19.65 -40.45
N ASP C 310 19.69 19.87 -40.15
CA ASP C 310 20.30 19.59 -38.86
C ASP C 310 19.83 20.57 -37.77
N ILE C 311 19.31 20.05 -36.64
CA ILE C 311 18.78 20.88 -35.55
C ILE C 311 19.81 21.01 -34.43
N ASP C 312 20.96 20.30 -34.50
CA ASP C 312 21.95 20.27 -33.43
C ASP C 312 21.39 19.89 -32.04
N TYR C 313 21.10 18.60 -31.81
CA TYR C 313 20.53 18.20 -30.54
C TYR C 313 21.59 18.04 -29.46
N THR C 314 22.87 18.40 -29.72
CA THR C 314 23.94 18.35 -28.74
C THR C 314 23.70 19.28 -27.57
N GLN C 315 23.25 20.53 -27.81
CA GLN C 315 22.90 21.49 -26.78
C GLN C 315 21.79 21.02 -25.84
N ILE C 316 20.70 20.48 -26.41
CA ILE C 316 19.56 19.95 -25.66
C ILE C 316 19.94 18.72 -24.85
N MET C 317 20.70 17.78 -25.47
CA MET C 317 21.21 16.59 -24.83
C MET C 317 22.13 16.88 -23.65
N ASN C 318 23.09 17.83 -23.82
CA ASN C 318 23.98 18.28 -22.76
C ASN C 318 23.21 18.92 -21.61
N HIS C 319 22.24 19.82 -21.90
CA HIS C 319 21.38 20.42 -20.88
C HIS C 319 20.58 19.39 -20.09
N HIS C 320 20.01 18.38 -20.79
CA HIS C 320 19.32 17.28 -20.15
C HIS C 320 20.22 16.40 -19.28
N ILE C 321 21.40 15.99 -19.79
CA ILE C 321 22.36 15.16 -19.06
C ILE C 321 22.94 15.90 -17.85
N ASP C 322 23.39 17.15 -18.01
CA ASP C 322 23.92 17.96 -16.92
C ASP C 322 22.91 18.25 -15.84
N GLY C 323 21.64 18.58 -16.20
CA GLY C 323 20.60 18.79 -15.20
C GLY C 323 20.28 17.57 -14.35
N GLN C 324 20.30 16.38 -14.96
CA GLN C 324 20.16 15.11 -14.26
C GLN C 324 21.33 14.75 -13.37
N LYS C 325 22.58 14.96 -13.83
CA LYS C 325 23.77 14.81 -13.01
C LYS C 325 23.83 15.80 -11.85
N ARG C 326 23.38 17.06 -12.05
CA ARG C 326 23.19 18.03 -11.00
C ARG C 326 22.16 17.61 -9.96
N GLU C 327 20.99 17.06 -10.37
CA GLU C 327 19.97 16.49 -9.48
C GLU C 327 20.53 15.34 -8.64
N PHE C 328 21.28 14.42 -9.27
CA PHE C 328 21.99 13.36 -8.59
C PHE C 328 23.02 13.88 -7.58
N ARG C 329 23.86 14.85 -7.97
CA ARG C 329 24.89 15.41 -7.11
C ARG C 329 24.35 16.15 -5.89
N ILE C 330 23.26 16.93 -6.06
CA ILE C 330 22.66 17.73 -5.01
C ILE C 330 21.73 16.92 -4.11
N ASN C 331 20.77 16.14 -4.67
CA ASN C 331 19.64 15.63 -3.88
C ASN C 331 19.71 14.13 -3.62
N ILE C 332 20.68 13.43 -4.26
CA ILE C 332 20.77 11.98 -4.19
C ILE C 332 22.07 11.52 -3.56
N LEU C 333 23.23 11.93 -4.11
CA LEU C 333 24.56 11.53 -3.66
C LEU C 333 24.96 11.83 -2.19
N PRO C 334 24.58 12.93 -1.52
CA PRO C 334 24.92 13.16 -0.12
C PRO C 334 24.35 12.11 0.82
N THR C 335 24.14 10.88 0.29
CA THR C 335 23.98 9.63 1.20
C THR C 335 25.09 8.53 1.02
N LEU C 336 25.49 7.63 2.03
CA LEU C 336 26.05 6.17 2.07
C LEU C 336 27.01 5.68 3.23
N SER C 337 27.49 4.35 3.26
CA SER C 337 28.67 3.84 3.95
C SER C 337 29.51 3.00 3.00
N ASN C 338 30.70 2.62 3.45
CA ASN C 338 31.62 1.83 2.65
C ASN C 338 32.07 0.54 3.32
N ASN C 339 31.20 -0.11 4.08
CA ASN C 339 31.52 -1.41 4.64
C ASN C 339 31.33 -2.50 3.61
N PHE C 340 32.00 -3.64 3.83
CA PHE C 340 31.83 -4.77 2.94
C PHE C 340 32.20 -6.05 3.68
N SER C 341 31.51 -7.14 3.34
CA SER C 341 31.68 -8.41 4.04
C SER C 341 31.47 -9.58 3.09
N ASN C 342 31.45 -10.79 3.65
CA ASN C 342 31.24 -11.99 2.85
C ASN C 342 29.77 -12.18 2.53
N PRO C 343 29.45 -12.67 1.33
CA PRO C 343 28.05 -12.88 0.95
C PRO C 343 27.45 -14.12 1.57
N SER C 344 28.22 -15.20 1.67
CA SER C 344 27.72 -16.47 2.15
C SER C 344 28.71 -17.08 3.12
N TYR C 345 28.36 -18.25 3.64
CA TYR C 345 29.14 -18.93 4.66
C TYR C 345 29.32 -20.39 4.31
N SER C 346 30.31 -21.01 4.95
CA SER C 346 30.69 -22.39 4.63
C SER C 346 31.00 -23.11 5.92
N LYS C 347 30.70 -24.41 5.95
CA LYS C 347 30.98 -25.24 7.12
C LYS C 347 32.01 -26.31 6.76
N ASN C 348 33.22 -26.15 7.28
CA ASN C 348 34.30 -27.10 7.06
C ASN C 348 35.11 -27.21 8.35
N ARG C 349 35.25 -28.43 8.85
CA ARG C 349 35.88 -28.66 10.15
C ARG C 349 37.34 -28.19 10.10
N GLY C 350 37.63 -27.09 10.80
CA GLY C 350 38.92 -26.44 10.72
C GLY C 350 39.98 -27.05 11.61
N SER C 351 40.73 -26.21 12.32
CA SER C 351 41.80 -26.70 13.18
C SER C 351 41.69 -26.06 14.55
N ASP C 352 41.87 -26.89 15.58
CA ASP C 352 42.15 -26.45 16.93
C ASP C 352 43.43 -27.05 17.47
N ILE C 353 43.94 -28.11 16.84
CA ILE C 353 45.24 -28.68 17.18
C ILE C 353 46.39 -27.75 16.82
N ASP C 354 46.21 -26.93 15.79
CA ASP C 354 47.28 -26.10 15.26
C ASP C 354 47.10 -24.64 15.66
N ASP C 355 48.10 -23.83 15.35
CA ASP C 355 48.08 -22.40 15.61
C ASP C 355 48.18 -21.64 14.30
N PRO C 356 47.11 -21.58 13.50
CA PRO C 356 47.22 -20.95 12.19
C PRO C 356 47.41 -19.44 12.30
N ILE C 357 48.63 -18.99 11.98
CA ILE C 357 48.90 -17.57 11.78
C ILE C 357 49.02 -17.32 10.29
N VAL C 358 48.32 -16.30 9.81
CA VAL C 358 48.25 -15.99 8.39
C VAL C 358 48.55 -14.51 8.21
N VAL C 359 49.56 -14.20 7.42
CA VAL C 359 49.90 -12.83 7.08
C VAL C 359 49.22 -12.47 5.77
N LEU C 360 48.60 -11.31 5.72
CA LEU C 360 47.97 -10.76 4.53
C LEU C 360 48.68 -9.43 4.30
N GLU C 361 49.82 -9.47 3.65
CA GLU C 361 50.66 -8.30 3.46
C GLU C 361 50.70 -7.92 2.00
N ALA C 362 50.66 -6.62 1.72
CA ALA C 362 50.74 -6.15 0.36
C ALA C 362 52.19 -5.98 -0.06
N ALA C 363 52.40 -5.96 -1.37
CA ALA C 363 53.73 -5.66 -1.90
C ALA C 363 54.13 -4.24 -1.49
N PRO C 364 55.43 -3.92 -1.55
CA PRO C 364 55.85 -2.57 -1.14
C PRO C 364 55.08 -1.44 -1.79
N GLY C 365 54.92 -1.47 -3.11
CA GLY C 365 54.13 -0.46 -3.78
C GLY C 365 52.64 -0.65 -3.73
N TYR C 366 52.15 -1.70 -3.09
CA TYR C 366 50.73 -2.05 -3.13
C TYR C 366 50.09 -1.82 -1.76
N ALA C 367 48.77 -1.78 -1.78
CA ALA C 367 47.98 -2.03 -0.57
C ALA C 367 47.06 -3.21 -0.90
N LEU C 368 46.64 -3.91 0.15
CA LEU C 368 45.70 -5.01 -0.06
C LEU C 368 44.36 -4.47 -0.53
N ILE C 369 43.79 -5.11 -1.56
CA ILE C 369 42.63 -4.56 -2.24
C ILE C 369 41.47 -5.55 -2.31
N GLY C 370 41.40 -6.49 -1.38
CA GLY C 370 40.23 -7.34 -1.30
C GLY C 370 40.53 -8.69 -0.69
N PHE C 371 39.47 -9.33 -0.19
CA PHE C 371 39.49 -10.69 0.32
C PHE C 371 38.60 -11.56 -0.57
N GLU C 372 38.72 -12.88 -0.40
CA GLU C 372 37.86 -13.81 -1.12
C GLU C 372 37.98 -15.18 -0.48
N ILE C 373 36.85 -15.85 -0.28
CA ILE C 373 36.79 -17.12 0.43
C ILE C 373 36.28 -18.19 -0.53
N LEU C 374 37.02 -19.29 -0.63
CA LEU C 374 36.65 -20.42 -1.47
C LEU C 374 36.31 -21.62 -0.61
N ASN C 375 35.43 -22.48 -1.12
CA ASN C 375 35.17 -23.76 -0.49
C ASN C 375 35.06 -24.86 -1.55
N ASP C 376 34.79 -24.47 -2.79
CA ASP C 376 34.64 -25.44 -3.87
C ASP C 376 35.94 -26.21 -4.13
N PRO C 377 37.09 -25.56 -4.37
CA PRO C 377 38.33 -26.34 -4.41
C PRO C 377 38.76 -26.79 -3.02
N LEU C 378 38.61 -25.93 -2.02
CA LEU C 378 38.91 -26.18 -0.62
C LEU C 378 38.59 -24.88 0.12
N PRO C 379 38.36 -24.92 1.42
CA PRO C 379 38.45 -23.69 2.19
C PRO C 379 39.77 -22.98 1.90
N ILE C 380 39.68 -21.80 1.27
CA ILE C 380 40.84 -21.12 0.71
C ILE C 380 40.64 -19.62 0.82
N LEU C 381 41.72 -18.89 1.09
CA LEU C 381 41.73 -17.44 1.08
C LEU C 381 42.32 -16.96 -0.23
N LYS C 382 41.54 -16.19 -0.98
CA LYS C 382 42.01 -15.56 -2.21
C LYS C 382 42.23 -14.07 -1.96
N GLY C 383 43.32 -13.55 -2.52
CA GLY C 383 43.68 -12.18 -2.26
C GLY C 383 44.16 -11.43 -3.46
N TYR C 384 44.07 -10.10 -3.42
CA TYR C 384 44.52 -9.22 -4.49
C TYR C 384 45.31 -8.06 -3.90
N GLN C 385 46.24 -7.54 -4.69
CA GLN C 385 47.10 -6.43 -4.29
C GLN C 385 47.63 -5.74 -5.54
N ALA C 386 47.69 -4.41 -5.48
CA ALA C 386 48.03 -3.63 -6.67
C ALA C 386 48.51 -2.25 -6.25
N ARG C 387 49.24 -1.60 -7.16
CA ARG C 387 49.66 -0.22 -6.96
C ARG C 387 48.43 0.68 -6.78
N LEU C 388 48.59 1.75 -6.02
CA LEU C 388 47.51 2.71 -5.81
C LEU C 388 47.80 3.98 -6.58
N LYS C 389 46.98 4.23 -7.60
CA LYS C 389 47.06 5.40 -8.46
C LYS C 389 46.66 6.65 -7.69
N PRO C 390 46.80 7.83 -8.31
CA PRO C 390 46.22 9.05 -7.73
C PRO C 390 44.73 8.86 -7.45
N ASN C 391 44.23 9.67 -6.53
CA ASN C 391 42.80 9.77 -6.26
C ASN C 391 42.20 8.47 -5.74
N TYR C 392 42.96 7.73 -4.93
CA TYR C 392 42.47 6.51 -4.26
C TYR C 392 41.90 5.49 -5.25
N GLN C 393 42.36 5.59 -6.49
CA GLN C 393 42.06 4.56 -7.49
C GLN C 393 43.29 3.69 -7.63
N VAL C 394 43.11 2.55 -8.29
CA VAL C 394 44.08 1.46 -8.24
C VAL C 394 44.50 1.08 -9.65
N ASP C 395 45.75 0.69 -9.79
CA ASP C 395 46.33 0.38 -11.09
C ASP C 395 45.95 -1.04 -11.53
N ARG C 396 45.35 -1.12 -12.72
CA ARG C 396 44.88 -2.41 -13.23
C ARG C 396 46.01 -3.41 -13.35
N GLU C 397 47.00 -3.12 -14.19
CA GLU C 397 48.04 -4.08 -14.51
C GLU C 397 48.92 -4.45 -13.31
N SER C 398 48.89 -3.66 -12.24
CA SER C 398 49.61 -4.02 -11.03
C SER C 398 48.82 -4.96 -10.12
N MET C 399 47.63 -5.37 -10.53
CA MET C 399 46.89 -6.32 -9.73
C MET C 399 47.54 -7.70 -9.82
N SER C 400 47.11 -8.59 -8.92
CA SER C 400 47.67 -9.92 -8.82
C SER C 400 46.76 -10.75 -7.92
N GLU C 401 47.11 -12.02 -7.78
CA GLU C 401 46.37 -12.93 -6.93
C GLU C 401 47.31 -13.70 -6.01
N THR C 402 46.84 -13.94 -4.80
CA THR C 402 47.53 -14.77 -3.82
C THR C 402 46.50 -15.66 -3.16
N ILE C 403 46.85 -16.94 -2.99
CA ILE C 403 45.92 -17.97 -2.57
C ILE C 403 46.53 -18.74 -1.42
N TYR C 404 45.79 -18.85 -0.32
CA TYR C 404 46.27 -19.47 0.89
C TYR C 404 45.47 -20.73 1.17
N GLY C 405 45.96 -21.53 2.11
CA GLY C 405 45.49 -22.89 2.27
C GLY C 405 44.15 -23.02 2.97
N ASP C 406 44.08 -23.96 3.91
CA ASP C 406 42.83 -24.34 4.55
C ASP C 406 42.41 -23.26 5.54
N ILE C 407 41.71 -22.24 5.03
CA ILE C 407 41.27 -21.14 5.88
C ILE C 407 40.06 -21.51 6.71
N HIS C 408 39.42 -22.64 6.46
CA HIS C 408 38.54 -23.21 7.47
C HIS C 408 39.34 -23.52 8.73
N LYS C 409 40.58 -23.98 8.55
CA LYS C 409 41.44 -24.23 9.70
C LYS C 409 41.92 -22.92 10.33
N LEU C 410 41.93 -21.83 9.58
CA LEU C 410 42.19 -20.50 10.12
C LEU C 410 40.99 -19.88 10.82
N PHE C 411 39.77 -20.22 10.40
CA PHE C 411 38.56 -19.63 10.95
C PHE C 411 37.68 -20.63 11.67
N CYS C 412 37.38 -21.78 11.05
CA CYS C 412 36.51 -22.73 11.73
C CYS C 412 37.27 -23.48 12.80
N PRO C 413 36.77 -23.51 14.02
CA PRO C 413 37.27 -24.47 15.00
C PRO C 413 36.69 -25.85 14.76
N LYS C 414 37.32 -26.88 15.32
CA LYS C 414 36.81 -28.25 15.20
C LYS C 414 36.71 -28.87 16.58
N GLN C 415 35.48 -29.06 17.05
CA GLN C 415 35.09 -29.71 18.30
C GLN C 415 35.60 -29.01 19.56
N LEU C 416 36.31 -27.89 19.43
CA LEU C 416 36.66 -27.04 20.57
C LEU C 416 36.37 -25.60 20.19
N GLU C 417 36.03 -24.79 21.20
CA GLU C 417 35.63 -23.41 20.96
C GLU C 417 36.79 -22.61 20.35
N GLN C 418 36.45 -21.48 19.75
CA GLN C 418 37.45 -20.61 19.15
C GLN C 418 37.19 -19.18 19.60
N LYS C 419 38.24 -18.51 20.06
CA LYS C 419 38.18 -17.11 20.46
C LYS C 419 38.44 -16.25 19.22
N TYR C 420 37.59 -15.23 19.03
CA TYR C 420 37.69 -14.37 17.87
C TYR C 420 37.81 -12.93 18.34
N TYR C 421 39.01 -12.37 18.22
CA TYR C 421 39.25 -11.00 18.66
C TYR C 421 38.53 -10.07 17.69
N ILE C 422 37.30 -9.73 18.04
CA ILE C 422 36.63 -8.66 17.32
C ILE C 422 37.51 -7.43 17.50
N LYS C 423 38.12 -6.97 16.42
CA LYS C 423 39.17 -5.96 16.53
C LYS C 423 39.04 -5.06 15.30
N ASP C 424 38.28 -3.98 15.44
CA ASP C 424 37.98 -3.11 14.31
C ASP C 424 39.17 -2.19 14.07
N ILE C 425 40.25 -2.79 13.56
CA ILE C 425 41.44 -2.00 13.27
C ILE C 425 41.15 -1.01 12.17
N GLU C 426 41.24 0.27 12.52
CA GLU C 426 40.93 1.34 11.59
C GLU C 426 42.00 2.41 11.73
N PHE C 427 42.19 3.18 10.67
CA PHE C 427 43.27 4.16 10.61
C PHE C 427 42.70 5.46 10.08
N PRO C 428 43.32 6.59 10.40
CA PRO C 428 42.89 7.86 9.83
C PRO C 428 42.99 7.87 8.31
N GLU C 429 42.52 8.96 7.73
CA GLU C 429 42.55 9.10 6.28
C GLU C 429 43.99 9.02 5.77
N GLY C 430 44.14 8.71 4.49
CA GLY C 430 45.43 8.54 3.87
C GLY C 430 46.14 7.25 4.19
N TYR C 431 45.73 6.54 5.23
CA TYR C 431 46.36 5.26 5.57
C TYR C 431 45.79 4.14 4.72
N VAL C 432 46.68 3.30 4.20
CA VAL C 432 46.32 2.16 3.36
C VAL C 432 46.93 0.91 3.94
N ILE C 433 46.13 -0.15 4.06
CA ILE C 433 46.62 -1.39 4.66
C ILE C 433 47.64 -2.04 3.74
N THR C 434 48.89 -2.02 4.16
CA THR C 434 49.95 -2.74 3.48
C THR C 434 50.24 -4.10 4.09
N LYS C 435 49.68 -4.40 5.26
CA LYS C 435 49.92 -5.69 5.88
C LYS C 435 48.78 -6.01 6.83
N ILE C 436 48.32 -7.25 6.78
CA ILE C 436 47.47 -7.84 7.81
C ILE C 436 48.14 -9.15 8.21
N VAL C 437 48.20 -9.41 9.50
CA VAL C 437 48.52 -10.74 10.01
C VAL C 437 47.29 -11.24 10.74
N PHE C 438 46.87 -12.46 10.45
CA PHE C 438 45.82 -13.12 11.20
C PHE C 438 46.45 -14.12 12.15
N GLU C 439 46.03 -14.07 13.41
CA GLU C 439 46.72 -14.78 14.48
C GLU C 439 45.71 -15.63 15.23
N LYS C 440 45.88 -16.94 15.18
CA LYS C 440 45.01 -17.88 15.88
C LYS C 440 45.88 -18.84 16.67
N ARG C 441 46.20 -18.47 17.91
CA ARG C 441 46.97 -19.31 18.81
C ARG C 441 46.06 -19.74 19.95
N LEU C 442 45.97 -21.05 20.17
CA LEU C 442 45.01 -21.63 21.12
C LEU C 442 43.60 -21.16 20.82
N ASN C 443 43.23 -21.22 19.53
CA ASN C 443 41.92 -20.83 19.02
C ASN C 443 41.56 -19.38 19.28
N GLN C 444 42.54 -18.52 19.57
CA GLN C 444 42.28 -17.11 19.75
C GLN C 444 42.58 -16.38 18.45
N LEU C 445 41.54 -16.12 17.66
CA LEU C 445 41.70 -15.49 16.35
C LEU C 445 41.82 -13.98 16.56
N GLY C 446 43.04 -13.54 16.88
CA GLY C 446 43.41 -12.15 16.78
C GLY C 446 44.03 -11.91 15.42
N TYR C 447 44.36 -10.65 15.16
CA TYR C 447 44.98 -10.34 13.87
C TYR C 447 45.69 -8.99 13.94
N GLU C 448 46.99 -9.04 13.72
CA GLU C 448 47.83 -7.85 13.70
C GLU C 448 47.82 -7.24 12.30
N VAL C 449 47.55 -5.94 12.21
CA VAL C 449 47.43 -5.24 10.95
C VAL C 449 48.34 -4.02 10.97
N THR C 450 49.07 -3.82 9.88
CA THR C 450 49.90 -2.63 9.71
C THR C 450 49.49 -1.95 8.41
N ALA C 451 48.87 -0.79 8.53
CA ALA C 451 48.59 0.06 7.38
C ALA C 451 49.65 1.14 7.25
N ASN C 452 50.03 1.42 6.00
CA ASN C 452 50.91 2.53 5.71
C ASN C 452 50.06 3.71 5.27
N PHE C 453 50.68 4.89 5.23
CA PHE C 453 50.00 6.08 4.75
C PHE C 453 50.18 6.18 3.24
N TYR C 454 49.34 6.99 2.61
CA TYR C 454 49.34 7.09 1.16
C TYR C 454 48.92 8.50 0.76
N ASP C 455 49.70 9.07 -0.17
CA ASP C 455 49.40 10.38 -0.73
C ASP C 455 48.15 10.28 -1.59
N PRO C 456 47.02 10.89 -1.20
CA PRO C 456 45.81 10.77 -2.03
C PRO C 456 46.04 11.05 -3.51
N SER C 457 46.75 12.12 -3.83
CA SER C 457 47.09 12.41 -5.22
C SER C 457 48.41 11.75 -5.60
N THR C 458 48.67 11.70 -6.92
CA THR C 458 49.92 11.22 -7.49
C THR C 458 50.22 9.78 -7.09
N GLY C 459 49.24 9.10 -6.50
CA GLY C 459 49.47 7.75 -6.01
C GLY C 459 50.53 7.75 -4.94
N SER C 460 51.57 6.94 -5.13
CA SER C 460 52.78 6.95 -4.31
C SER C 460 52.46 6.76 -2.83
N ILE C 461 51.96 5.55 -2.50
CA ILE C 461 51.80 5.20 -1.10
C ILE C 461 53.12 5.42 -0.38
N ASP C 462 53.10 6.20 0.69
CA ASP C 462 54.32 6.51 1.42
C ASP C 462 54.61 5.39 2.42
N LEU C 463 55.81 4.84 2.31
CA LEU C 463 56.19 3.64 3.04
C LEU C 463 56.84 3.96 4.38
N ASN C 464 56.52 5.11 4.97
CA ASN C 464 57.21 5.58 6.17
C ASN C 464 56.27 5.81 7.35
N LYS C 465 55.04 6.23 7.12
CA LYS C 465 54.08 6.49 8.21
C LYS C 465 53.16 5.27 8.32
N VAL C 466 53.50 4.37 9.24
CA VAL C 466 52.72 3.16 9.47
C VAL C 466 52.03 3.26 10.83
N LYS C 467 51.01 2.44 11.00
CA LYS C 467 50.40 2.22 12.30
C LYS C 467 50.09 0.75 12.45
N VAL C 468 50.30 0.23 13.66
CA VAL C 468 50.10 -1.19 13.95
C VAL C 468 49.18 -1.27 15.16
N GLU C 469 47.89 -1.50 14.92
CA GLU C 469 46.92 -1.76 15.98
C GLU C 469 46.60 -3.24 15.89
N SER C 470 47.45 -4.06 16.54
CA SER C 470 47.34 -5.51 16.44
C SER C 470 46.06 -6.01 17.10
N TRP C 471 45.96 -5.86 18.41
CA TRP C 471 44.78 -6.23 19.18
C TRP C 471 44.44 -5.13 20.18
N LYS C 472 45.08 -3.98 20.06
CA LYS C 472 45.24 -3.02 21.15
C LYS C 472 44.30 -1.82 21.03
N GLU C 473 43.09 -2.01 20.52
CA GLU C 473 42.12 -0.94 20.62
C GLU C 473 41.52 -0.85 22.02
N LYS C 474 41.57 -1.94 22.79
CA LYS C 474 41.15 -1.92 24.19
C LYS C 474 42.30 -1.72 25.15
N SER C 475 43.54 -1.72 24.67
CA SER C 475 44.67 -1.40 25.54
C SER C 475 44.60 0.04 26.03
N CYS C 476 43.95 0.90 25.25
CA CYS C 476 43.85 2.31 25.59
C CYS C 476 42.88 2.56 26.74
N GLU C 477 42.07 1.57 27.11
CA GLU C 477 41.02 1.77 28.10
C GLU C 477 40.94 0.71 29.18
N GLU C 478 41.48 -0.49 28.96
CA GLU C 478 41.22 -1.59 29.90
C GLU C 478 42.47 -2.44 30.03
N ASP C 479 42.78 -2.82 31.28
CA ASP C 479 43.89 -3.75 31.53
C ASP C 479 43.64 -5.09 30.84
N SER C 480 42.41 -5.58 30.86
CA SER C 480 42.04 -6.77 30.12
C SER C 480 41.95 -6.49 28.63
N CYS C 481 43.08 -6.16 28.01
CA CYS C 481 43.12 -6.06 26.56
C CYS C 481 42.85 -7.40 25.90
N GLU C 482 42.95 -8.49 26.65
CA GLU C 482 42.52 -9.81 26.22
C GLU C 482 41.01 -9.88 25.98
N ASP C 483 40.28 -8.83 26.36
CA ASP C 483 38.89 -8.67 25.99
C ASP C 483 38.81 -8.20 24.55
N GLU C 484 37.65 -7.69 24.14
CA GLU C 484 37.39 -7.27 22.76
C GLU C 484 37.55 -8.46 21.82
N TYR C 485 36.75 -9.48 22.09
CA TYR C 485 36.79 -10.74 21.36
C TYR C 485 35.38 -11.32 21.31
N SER C 486 35.29 -12.58 20.89
CA SER C 486 34.04 -13.33 20.92
C SER C 486 34.38 -14.80 21.15
N ILE C 487 33.34 -15.61 21.31
CA ILE C 487 33.48 -17.04 21.51
C ILE C 487 32.55 -17.77 20.56
N ILE C 488 33.12 -18.53 19.63
CA ILE C 488 32.37 -19.41 18.75
C ILE C 488 32.60 -20.85 19.19
N LYS C 489 31.51 -21.56 19.47
CA LYS C 489 31.56 -22.95 19.89
C LYS C 489 31.53 -23.86 18.66
N ALA C 490 32.59 -24.63 18.46
CA ALA C 490 32.68 -25.51 17.31
C ALA C 490 31.71 -26.67 17.44
N GLU C 491 30.65 -26.64 16.65
CA GLU C 491 29.78 -27.80 16.50
C GLU C 491 30.45 -28.80 15.56
N THR C 492 29.94 -30.04 15.54
CA THR C 492 30.69 -31.18 15.02
C THR C 492 30.86 -31.17 13.50
N ASP C 493 30.25 -30.23 12.80
CA ASP C 493 30.42 -30.14 11.35
C ASP C 493 31.29 -28.98 10.92
N GLY C 494 31.86 -28.25 11.86
CA GLY C 494 32.57 -27.02 11.56
C GLY C 494 31.74 -25.80 11.91
N ILE C 495 32.26 -24.64 11.53
CA ILE C 495 31.65 -23.36 11.83
C ILE C 495 31.45 -22.60 10.52
N TYR C 496 30.46 -21.70 10.51
CA TYR C 496 30.10 -20.95 9.31
C TYR C 496 31.17 -19.90 9.03
N MET C 497 32.34 -20.38 8.64
CA MET C 497 33.35 -19.51 8.04
C MET C 497 32.72 -18.74 6.89
N PRO C 498 33.27 -17.58 6.53
CA PRO C 498 32.75 -16.88 5.36
C PRO C 498 32.85 -17.77 4.12
N LEU C 499 32.10 -17.41 3.10
CA LEU C 499 32.20 -18.10 1.83
C LEU C 499 31.87 -17.12 0.73
N GLY C 500 32.72 -17.07 -0.29
CA GLY C 500 32.62 -16.07 -1.32
C GLY C 500 33.72 -15.04 -1.21
N VAL C 501 33.32 -13.84 -0.84
CA VAL C 501 34.18 -12.68 -1.04
C VAL C 501 33.87 -11.57 -0.03
N VAL C 502 34.90 -11.14 0.70
CA VAL C 502 34.87 -9.91 1.47
C VAL C 502 35.61 -8.86 0.66
N SER C 503 34.90 -8.13 -0.21
CA SER C 503 35.57 -7.07 -0.97
C SER C 503 34.63 -5.90 -1.22
N GLU C 504 35.17 -4.83 -1.81
CA GLU C 504 34.44 -3.63 -2.16
C GLU C 504 34.09 -3.65 -3.64
N THR C 505 33.00 -2.97 -3.99
CA THR C 505 32.45 -3.06 -5.35
C THR C 505 33.50 -2.74 -6.40
N PHE C 506 34.13 -1.58 -6.30
CA PHE C 506 35.16 -1.16 -7.23
C PHE C 506 36.48 -1.06 -6.48
N LEU C 507 37.58 -1.28 -7.20
CA LEU C 507 38.87 -1.49 -6.55
C LEU C 507 39.39 -0.19 -5.94
N THR C 508 39.75 -0.27 -4.66
CA THR C 508 40.19 0.89 -3.89
C THR C 508 40.97 0.42 -2.68
N PRO C 509 41.86 1.24 -2.14
CA PRO C 509 42.52 0.88 -0.88
C PRO C 509 41.50 0.77 0.25
N ILE C 510 41.63 -0.30 1.04
CA ILE C 510 40.90 -0.42 2.29
C ILE C 510 41.77 0.15 3.39
N TYR C 511 41.16 0.93 4.28
CA TYR C 511 41.93 1.50 5.38
C TYR C 511 41.67 0.76 6.69
N GLY C 512 40.43 0.42 6.98
CA GLY C 512 40.08 -0.28 8.20
C GLY C 512 39.78 -1.75 7.94
N PHE C 513 39.82 -2.52 9.01
CA PHE C 513 39.30 -3.89 8.99
C PHE C 513 38.89 -4.27 10.40
N GLY C 514 37.86 -5.10 10.49
CA GLY C 514 37.44 -5.61 11.78
C GLY C 514 36.94 -7.03 11.64
N LEU C 515 36.96 -7.74 12.77
CA LEU C 515 36.43 -9.09 12.85
C LEU C 515 34.99 -9.01 13.30
N THR C 516 34.09 -9.57 12.51
CA THR C 516 32.65 -9.43 12.71
C THR C 516 31.97 -10.80 12.67
N VAL C 517 32.48 -11.75 13.45
CA VAL C 517 31.86 -13.07 13.51
C VAL C 517 30.48 -12.96 14.15
N ASP C 518 29.66 -13.98 13.95
CA ASP C 518 28.33 -14.06 14.56
C ASP C 518 28.14 -15.52 14.98
N GLU C 519 28.50 -15.85 16.23
CA GLU C 519 28.34 -17.20 16.72
C GLU C 519 26.90 -17.58 16.97
N LYS C 520 25.99 -16.60 17.02
CA LYS C 520 24.57 -16.92 17.09
C LYS C 520 24.14 -17.75 15.90
N ASN C 521 24.81 -17.57 14.76
CA ASN C 521 24.67 -18.44 13.60
C ASN C 521 26.03 -18.92 13.10
N GLN C 522 27.05 -18.89 13.97
CA GLN C 522 28.41 -19.31 13.62
C GLN C 522 28.97 -18.50 12.46
N LYS C 523 28.33 -17.38 12.16
CA LYS C 523 28.59 -16.62 10.93
C LYS C 523 29.89 -15.86 11.07
N ILE C 524 30.99 -16.50 10.68
CA ILE C 524 32.30 -15.85 10.63
C ILE C 524 32.30 -14.87 9.47
N THR C 525 32.39 -13.58 9.78
CA THR C 525 32.29 -12.53 8.78
C THR C 525 33.49 -11.61 8.89
N LEU C 526 34.21 -11.42 7.79
CA LEU C 526 35.28 -10.44 7.71
C LEU C 526 34.71 -9.14 7.19
N THR C 527 35.35 -8.02 7.56
CA THR C 527 34.84 -6.73 7.18
C THR C 527 35.98 -5.71 7.19
N GLY C 528 36.31 -5.20 6.01
CA GLY C 528 37.31 -4.16 5.88
C GLY C 528 36.67 -2.83 5.53
N LYS C 529 37.42 -1.74 5.68
CA LYS C 529 36.90 -0.41 5.43
C LYS C 529 37.64 0.21 4.26
N SER C 530 36.92 0.42 3.16
CA SER C 530 37.50 0.79 1.89
C SER C 530 37.43 2.29 1.66
N TYR C 531 38.25 2.76 0.72
CA TYR C 531 38.26 4.16 0.31
C TYR C 531 37.37 4.43 -0.89
N LEU C 532 36.36 3.60 -1.15
CA LEU C 532 35.63 3.71 -2.41
C LEU C 532 34.77 4.96 -2.47
N ARG C 533 34.08 5.27 -1.38
CA ARG C 533 33.34 6.54 -1.30
C ARG C 533 34.19 7.69 -1.80
N GLU C 534 35.38 7.84 -1.21
CA GLU C 534 36.36 8.80 -1.72
C GLU C 534 36.80 8.45 -3.14
N SER C 535 37.12 7.17 -3.39
CA SER C 535 37.67 6.77 -4.69
C SER C 535 36.77 7.17 -5.85
N LEU C 536 35.51 7.47 -5.61
CA LEU C 536 34.61 7.93 -6.65
C LEU C 536 34.12 9.35 -6.49
N LEU C 537 33.89 9.84 -5.27
CA LEU C 537 33.32 11.16 -5.09
C LEU C 537 34.17 12.25 -5.73
N GLU C 538 35.44 11.96 -6.03
CA GLU C 538 36.33 12.91 -6.68
C GLU C 538 36.58 12.62 -8.16
N THR C 539 36.13 11.48 -8.69
CA THR C 539 36.51 11.10 -10.04
C THR C 539 35.37 11.19 -11.03
N ASP C 540 34.26 10.48 -10.82
CA ASP C 540 33.15 10.58 -11.75
C ASP C 540 32.23 11.75 -11.40
N LEU C 541 32.08 12.03 -10.10
CA LEU C 541 31.43 13.25 -9.67
C LEU C 541 32.06 14.50 -10.27
N LEU C 542 33.33 14.43 -10.67
CA LEU C 542 33.97 15.49 -11.43
C LEU C 542 34.15 15.13 -12.90
N ASN C 543 33.92 13.86 -13.26
CA ASN C 543 33.94 13.40 -14.66
C ASN C 543 35.28 13.65 -15.33
N ASN C 544 36.39 13.27 -14.68
CA ASN C 544 37.70 13.48 -15.29
C ASN C 544 38.23 12.26 -16.02
N GLU C 545 38.44 11.14 -15.30
CA GLU C 545 38.98 9.96 -15.94
C GLU C 545 38.14 8.72 -15.67
N THR C 546 37.67 8.58 -14.43
CA THR C 546 36.86 7.44 -14.01
C THR C 546 37.50 6.12 -14.46
N TYR C 547 38.64 5.82 -13.85
CA TYR C 547 39.31 4.54 -14.06
C TYR C 547 38.62 3.51 -13.18
N LEU C 548 37.45 3.04 -13.61
CA LEU C 548 36.58 2.21 -12.79
C LEU C 548 36.64 0.77 -13.25
N ILE C 549 37.01 -0.10 -12.29
CA ILE C 549 37.02 -1.55 -12.47
C ILE C 549 36.26 -2.14 -11.29
N ALA C 550 35.17 -2.86 -11.57
CA ALA C 550 34.40 -3.47 -10.50
C ALA C 550 35.19 -4.59 -9.84
N SER C 551 34.64 -5.14 -8.77
CA SER C 551 35.31 -6.22 -8.05
C SER C 551 35.29 -7.48 -8.89
N PRO C 552 36.34 -8.31 -8.84
CA PRO C 552 36.33 -9.56 -9.59
C PRO C 552 35.61 -10.65 -8.82
N ASP C 553 35.34 -11.75 -9.54
CA ASP C 553 34.64 -12.88 -8.95
C ASP C 553 35.47 -14.15 -8.94
N GLY C 554 36.22 -14.43 -10.00
CA GLY C 554 37.06 -15.60 -10.07
C GLY C 554 38.53 -15.25 -10.18
N TYR C 555 39.34 -16.21 -10.64
CA TYR C 555 40.76 -15.97 -10.73
C TYR C 555 41.11 -15.21 -12.00
N ILE C 556 41.88 -14.13 -11.83
CA ILE C 556 42.31 -13.31 -12.95
C ILE C 556 43.75 -13.67 -13.30
N SER C 557 44.48 -14.21 -12.32
CA SER C 557 45.86 -14.61 -12.51
C SER C 557 45.96 -16.12 -12.67
N SER C 558 46.85 -16.55 -13.56
CA SER C 558 47.04 -17.96 -13.83
C SER C 558 48.47 -18.20 -14.29
N ILE C 559 49.05 -19.31 -13.83
CA ILE C 559 50.35 -19.72 -14.32
C ILE C 559 50.27 -20.02 -15.81
N VAL C 560 49.12 -20.51 -16.28
CA VAL C 560 48.91 -20.69 -17.71
C VAL C 560 48.86 -19.31 -18.38
N GLU C 561 49.74 -19.09 -19.34
CA GLU C 561 49.72 -17.86 -20.12
C GLU C 561 48.68 -17.99 -21.23
N ASN C 562 48.13 -16.84 -21.63
CA ASN C 562 46.89 -16.82 -22.40
C ASN C 562 45.84 -17.69 -21.71
N TRP C 563 45.68 -17.46 -20.41
CA TRP C 563 44.94 -18.38 -19.54
C TRP C 563 43.60 -18.76 -20.13
N ASN C 564 42.82 -17.79 -20.61
CA ASN C 564 41.65 -18.16 -21.40
C ASN C 564 42.03 -18.34 -22.85
N ILE C 565 42.21 -17.22 -23.56
CA ILE C 565 42.92 -17.04 -24.84
C ILE C 565 42.89 -15.54 -25.09
N THR C 566 43.88 -14.98 -25.78
CA THR C 566 43.72 -13.58 -26.12
C THR C 566 42.80 -13.43 -27.33
N SER C 567 43.29 -13.80 -28.52
CA SER C 567 42.49 -14.03 -29.72
C SER C 567 43.38 -14.52 -30.85
N ASP C 568 42.97 -15.56 -31.57
CA ASP C 568 43.67 -16.02 -32.78
C ASP C 568 45.11 -16.44 -32.51
N ASN C 569 45.56 -16.37 -31.26
CA ASN C 569 46.96 -16.54 -30.93
C ASN C 569 47.07 -17.28 -29.60
N THR C 570 47.72 -18.43 -29.62
CA THR C 570 48.02 -19.22 -28.44
C THR C 570 49.51 -19.48 -28.34
N GLY C 571 50.29 -18.39 -28.46
CA GLY C 571 51.74 -18.46 -28.45
C GLY C 571 52.33 -19.29 -27.33
N SER C 572 51.65 -19.30 -26.18
CA SER C 572 52.04 -20.21 -25.11
C SER C 572 51.76 -21.65 -25.51
N TRP C 573 50.56 -21.92 -26.02
CA TRP C 573 50.18 -23.25 -26.46
C TRP C 573 50.83 -23.58 -27.80
N ARG C 574 50.52 -24.78 -28.29
CA ARG C 574 51.02 -25.24 -29.59
C ARG C 574 49.86 -25.84 -30.37
N ALA C 575 49.47 -25.19 -31.46
CA ALA C 575 48.48 -25.74 -32.38
C ALA C 575 49.17 -26.83 -33.17
N ASN C 576 49.38 -27.98 -32.53
CA ASN C 576 50.19 -29.04 -33.11
C ASN C 576 49.56 -29.58 -34.39
N ASN C 577 48.23 -29.59 -34.47
CA ASN C 577 47.54 -30.12 -35.62
C ASN C 577 46.77 -29.00 -36.33
N ASN C 578 46.68 -29.12 -37.65
CA ASN C 578 45.95 -28.14 -38.45
C ASN C 578 44.45 -28.20 -38.19
N ASN C 579 43.86 -29.40 -38.27
CA ASN C 579 42.45 -29.57 -37.95
C ASN C 579 42.16 -29.28 -36.48
N ALA C 580 43.13 -29.45 -35.59
CA ALA C 580 42.98 -29.08 -34.18
C ALA C 580 43.31 -27.59 -33.99
N PHE C 581 42.66 -26.78 -34.81
CA PHE C 581 42.77 -25.33 -34.73
C PHE C 581 41.97 -24.82 -33.53
N VAL C 582 41.85 -23.50 -33.42
CA VAL C 582 40.91 -22.91 -32.48
C VAL C 582 39.54 -22.85 -33.15
N ASP C 583 38.52 -23.36 -32.47
CA ASP C 583 37.22 -23.58 -33.08
C ASP C 583 36.64 -22.31 -33.69
N LYS C 584 36.62 -21.22 -32.91
CA LYS C 584 36.03 -19.99 -33.42
C LYS C 584 37.09 -19.10 -34.08
N ALA C 585 38.14 -18.75 -33.33
CA ALA C 585 39.23 -17.86 -33.71
C ALA C 585 38.79 -16.40 -33.79
N ASP C 586 37.48 -16.15 -33.83
CA ASP C 586 36.96 -14.79 -33.69
C ASP C 586 35.49 -14.86 -33.31
N THR C 587 35.20 -14.77 -32.02
CA THR C 587 33.91 -14.37 -31.47
C THR C 587 32.68 -15.10 -32.03
N ILE C 588 32.86 -16.23 -32.71
CA ILE C 588 31.69 -16.91 -33.26
C ILE C 588 31.23 -18.04 -32.34
N LYS C 589 32.14 -18.72 -31.63
CA LYS C 589 31.75 -19.72 -30.64
C LYS C 589 31.86 -19.16 -29.23
N GLY C 590 30.90 -18.31 -28.87
CA GLY C 590 30.84 -17.74 -27.55
C GLY C 590 32.07 -16.98 -27.14
N SER C 591 32.84 -17.55 -26.21
CA SER C 591 34.09 -16.97 -25.74
C SER C 591 35.28 -17.67 -26.39
N SER C 592 36.47 -17.11 -26.14
CA SER C 592 37.70 -17.73 -26.61
C SER C 592 37.89 -19.09 -25.96
N SER C 593 38.28 -20.08 -26.77
CA SER C 593 38.42 -21.44 -26.27
C SER C 593 39.25 -22.27 -27.24
N LEU C 594 40.15 -23.10 -26.70
CA LEU C 594 40.91 -24.02 -27.52
C LEU C 594 39.99 -25.09 -28.11
N TYR C 595 40.52 -25.83 -29.09
CA TYR C 595 39.72 -26.83 -29.79
C TYR C 595 40.62 -27.93 -30.33
N THR C 596 40.23 -29.18 -30.08
CA THR C 596 41.00 -30.34 -30.48
C THR C 596 40.04 -31.41 -30.98
N HIS C 597 40.38 -32.05 -32.11
CA HIS C 597 39.54 -33.12 -32.62
C HIS C 597 40.34 -34.08 -33.48
N LYS C 598 40.22 -35.37 -33.16
CA LYS C 598 40.72 -36.53 -33.89
C LYS C 598 42.23 -36.72 -33.80
N ASP C 599 42.96 -35.68 -33.40
CA ASP C 599 44.37 -35.81 -33.10
C ASP C 599 44.76 -34.85 -31.98
N GLY C 600 43.85 -33.92 -31.70
CA GLY C 600 44.15 -32.66 -31.03
C GLY C 600 45.07 -32.63 -29.84
N GLU C 601 45.80 -31.52 -29.70
CA GLU C 601 46.72 -31.30 -28.59
C GLU C 601 47.09 -29.83 -28.56
N PHE C 602 47.49 -29.35 -27.37
CA PHE C 602 48.05 -28.01 -27.20
C PHE C 602 49.09 -28.06 -26.10
N SER C 603 50.36 -27.95 -26.47
CA SER C 603 51.47 -28.05 -25.54
C SER C 603 51.94 -26.66 -25.13
N GLN C 604 52.32 -26.52 -23.86
CA GLN C 604 52.79 -25.24 -23.34
C GLN C 604 53.65 -25.51 -22.11
N PHE C 605 54.92 -25.14 -22.18
CA PHE C 605 55.87 -25.45 -21.11
C PHE C 605 55.65 -24.53 -19.92
N ILE C 606 55.24 -25.09 -18.79
CA ILE C 606 55.08 -24.33 -17.56
C ILE C 606 55.80 -25.06 -16.42
N GLY C 607 56.52 -26.13 -16.75
CA GLY C 607 57.32 -26.83 -15.76
C GLY C 607 58.33 -25.95 -15.05
N ASN C 608 58.99 -25.05 -15.79
CA ASN C 608 59.83 -24.03 -15.20
C ASN C 608 59.08 -23.13 -14.23
N LYS C 609 57.74 -23.18 -14.23
CA LYS C 609 56.92 -22.36 -13.35
C LYS C 609 56.23 -23.18 -12.26
N LEU C 610 56.69 -24.41 -12.03
CA LEU C 610 56.10 -25.30 -11.04
C LEU C 610 57.14 -25.72 -10.02
N LYS C 611 56.73 -25.70 -8.74
CA LYS C 611 57.64 -25.93 -7.63
C LYS C 611 57.41 -27.29 -6.99
N PRO C 612 58.45 -27.93 -6.48
CA PRO C 612 58.26 -29.22 -5.79
C PRO C 612 57.45 -29.08 -4.51
N LYS C 613 56.51 -30.01 -4.32
CA LYS C 613 55.76 -30.16 -3.08
C LYS C 613 55.09 -28.87 -2.64
N THR C 614 54.15 -28.38 -3.45
CA THR C 614 53.39 -27.19 -3.10
C THR C 614 51.98 -27.33 -3.64
N ASN C 615 51.00 -26.89 -2.87
CA ASN C 615 49.60 -27.01 -3.28
C ASN C 615 49.22 -25.91 -4.25
N TYR C 616 48.51 -26.29 -5.31
CA TYR C 616 48.07 -25.36 -6.34
C TYR C 616 46.58 -25.56 -6.60
N VAL C 617 45.86 -24.45 -6.71
CA VAL C 617 44.43 -24.48 -7.01
C VAL C 617 44.25 -24.35 -8.52
N ILE C 618 43.34 -25.14 -9.07
CA ILE C 618 43.14 -25.23 -10.51
C ILE C 618 41.73 -24.81 -10.87
N GLN C 619 41.61 -23.95 -11.88
CA GLN C 619 40.33 -23.62 -12.47
C GLN C 619 40.49 -23.62 -13.98
N TYR C 620 39.46 -24.10 -14.67
CA TYR C 620 39.45 -24.09 -16.12
C TYR C 620 38.02 -24.37 -16.59
N VAL C 621 37.73 -23.90 -17.80
CA VAL C 621 36.42 -24.03 -18.40
C VAL C 621 36.56 -24.91 -19.64
N ILE C 622 35.64 -25.86 -19.82
CA ILE C 622 35.79 -26.88 -20.86
C ILE C 622 34.42 -27.30 -21.37
N LYS C 623 34.37 -27.61 -22.67
CA LYS C 623 33.16 -28.08 -23.31
C LYS C 623 33.46 -29.32 -24.14
N GLY C 624 32.49 -30.24 -24.20
CA GLY C 624 32.58 -31.32 -25.15
C GLY C 624 33.44 -32.47 -24.64
N ARG C 625 34.40 -32.87 -25.47
CA ARG C 625 35.24 -34.04 -25.21
C ARG C 625 36.69 -33.62 -25.04
N PRO C 626 37.04 -32.94 -23.94
CA PRO C 626 38.42 -32.46 -23.78
C PRO C 626 39.31 -33.44 -23.04
N ALA C 627 40.61 -33.36 -23.27
CA ALA C 627 41.60 -34.14 -22.52
C ALA C 627 42.60 -33.17 -21.90
N ILE C 628 42.37 -32.83 -20.65
CA ILE C 628 43.24 -31.95 -19.89
C ILE C 628 44.47 -32.74 -19.46
N TYR C 629 45.65 -32.13 -19.58
CA TYR C 629 46.88 -32.77 -19.15
C TYR C 629 47.83 -31.72 -18.59
N LEU C 630 48.53 -32.08 -17.51
CA LEU C 630 49.57 -31.25 -16.93
C LEU C 630 50.74 -32.19 -16.64
N LYS C 631 51.61 -32.38 -17.62
CA LYS C 631 52.62 -33.43 -17.53
C LYS C 631 53.90 -32.99 -18.23
N ASN C 632 54.97 -33.73 -17.98
CA ASN C 632 56.24 -33.54 -18.67
C ASN C 632 56.54 -34.72 -19.58
N ASN C 633 55.50 -35.25 -20.23
CA ASN C 633 55.50 -36.48 -21.02
C ASN C 633 56.06 -37.67 -20.25
N LYS C 634 56.16 -37.56 -18.92
CA LYS C 634 56.57 -38.69 -18.08
C LYS C 634 55.71 -38.88 -16.82
N ASP C 635 55.07 -37.83 -16.31
CA ASP C 635 54.10 -37.98 -15.22
C ASP C 635 53.21 -36.75 -15.21
N THR C 636 51.93 -36.93 -14.89
CA THR C 636 50.93 -35.87 -15.04
C THR C 636 50.59 -35.29 -13.67
N LEU C 637 50.71 -33.96 -13.56
CA LEU C 637 50.30 -33.30 -12.31
C LEU C 637 48.80 -33.11 -12.24
N PHE C 638 48.13 -32.95 -13.38
CA PHE C 638 46.69 -32.73 -13.38
C PHE C 638 46.13 -33.16 -14.73
N GLU C 639 44.95 -33.79 -14.67
CA GLU C 639 44.40 -34.45 -15.84
C GLU C 639 42.89 -34.51 -15.69
N ASP C 640 42.19 -34.28 -16.80
CA ASP C 640 40.74 -34.46 -16.86
C ASP C 640 40.36 -34.73 -18.31
N THR C 641 39.87 -35.94 -18.57
CA THR C 641 39.49 -36.38 -19.90
C THR C 641 38.16 -37.13 -19.84
N LYS C 642 37.26 -36.65 -19.00
CA LYS C 642 35.98 -37.30 -18.78
C LYS C 642 34.90 -36.23 -18.75
N ASN C 643 33.66 -36.64 -18.44
CA ASN C 643 32.52 -35.75 -18.24
C ASN C 643 32.33 -34.80 -19.44
N ASN C 644 31.96 -35.42 -20.57
CA ASN C 644 31.43 -34.68 -21.70
C ASN C 644 30.31 -33.77 -21.23
N PHE C 645 30.46 -32.46 -21.40
CA PHE C 645 29.51 -31.50 -20.84
C PHE C 645 28.92 -30.60 -21.91
N SER C 646 27.87 -29.86 -21.53
CA SER C 646 27.04 -29.16 -22.49
C SER C 646 27.77 -27.97 -23.12
N ASP C 647 28.10 -26.96 -22.32
CA ASP C 647 28.77 -25.78 -22.86
C ASP C 647 29.61 -25.12 -21.76
N PHE C 648 30.91 -25.40 -21.76
CA PHE C 648 31.92 -24.59 -21.09
C PHE C 648 31.62 -24.45 -19.59
N GLN C 649 31.66 -25.59 -18.92
CA GLN C 649 31.49 -25.63 -17.46
C GLN C 649 32.85 -25.48 -16.77
N THR C 650 32.82 -24.83 -15.61
CA THR C 650 34.03 -24.43 -14.91
C THR C 650 34.40 -25.44 -13.83
N VAL C 651 35.70 -25.72 -13.73
CA VAL C 651 36.26 -26.49 -12.63
C VAL C 651 36.89 -25.51 -11.65
N THR C 652 36.74 -25.77 -10.36
CA THR C 652 37.50 -25.07 -9.33
C THR C 652 37.94 -26.10 -8.31
N LYS C 653 39.12 -26.67 -8.53
CA LYS C 653 39.66 -27.73 -7.68
C LYS C 653 41.11 -27.37 -7.34
N LYS C 654 41.85 -28.33 -6.78
CA LYS C 654 43.24 -28.12 -6.43
C LYS C 654 44.08 -29.32 -6.86
N PHE C 655 45.37 -29.24 -6.54
CA PHE C 655 46.31 -30.34 -6.64
C PHE C 655 47.61 -29.92 -5.97
N ASN C 656 48.46 -30.90 -5.68
CA ASN C 656 49.79 -30.66 -5.13
C ASN C 656 50.82 -30.86 -6.23
N SER C 657 51.65 -29.84 -6.45
CA SER C 657 52.64 -29.91 -7.51
C SER C 657 53.67 -31.00 -7.20
N GLY C 658 54.14 -31.67 -8.24
CA GLY C 658 54.95 -32.87 -8.09
C GLY C 658 56.27 -32.70 -7.37
N VAL C 659 56.96 -33.82 -7.11
CA VAL C 659 58.22 -33.78 -6.41
C VAL C 659 59.32 -33.12 -7.23
N ASN C 660 59.22 -33.18 -8.55
CA ASN C 660 60.18 -32.51 -9.44
C ASN C 660 59.43 -32.08 -10.69
N PRO C 661 58.61 -31.03 -10.60
CA PRO C 661 57.78 -30.63 -11.73
C PRO C 661 58.48 -29.68 -12.69
N SER C 662 59.81 -29.65 -12.67
CA SER C 662 60.57 -28.63 -13.40
C SER C 662 60.33 -28.69 -14.91
N GLU C 663 59.69 -29.76 -15.40
CA GLU C 663 59.44 -29.91 -16.83
C GLU C 663 57.97 -30.04 -17.19
N ILE C 664 57.07 -30.02 -16.20
CA ILE C 664 55.67 -30.30 -16.45
C ILE C 664 55.03 -29.24 -17.35
N TYR C 665 54.63 -29.65 -18.54
CA TYR C 665 53.98 -28.73 -19.46
C TYR C 665 52.51 -29.12 -19.59
N PHE C 666 51.69 -28.18 -20.02
CA PHE C 666 50.26 -28.41 -20.18
C PHE C 666 49.95 -28.92 -21.58
N LEU C 667 49.10 -29.94 -21.66
CA LEU C 667 48.76 -30.58 -22.93
C LEU C 667 47.24 -30.74 -22.99
N PHE C 668 46.55 -29.71 -23.47
CA PHE C 668 45.11 -29.81 -23.67
C PHE C 668 44.89 -30.61 -24.95
N LYS C 669 44.31 -31.80 -24.80
CA LYS C 669 44.04 -32.67 -25.93
C LYS C 669 42.55 -32.96 -26.00
N ASN C 670 42.19 -33.88 -26.90
CA ASN C 670 40.80 -34.30 -27.04
C ASN C 670 40.56 -35.59 -26.27
N GLN C 671 39.37 -35.67 -25.64
CA GLN C 671 39.01 -36.87 -24.89
C GLN C 671 38.97 -38.10 -25.78
N SER C 672 38.56 -37.94 -27.04
CA SER C 672 38.39 -39.06 -27.96
C SER C 672 38.62 -38.54 -29.38
N GLU C 673 38.16 -39.29 -30.37
CA GLU C 673 38.20 -38.81 -31.75
C GLU C 673 37.23 -37.65 -31.96
N TYR C 674 36.37 -37.37 -30.99
CA TYR C 674 35.39 -36.31 -31.12
C TYR C 674 36.06 -34.94 -31.11
N GLU C 675 35.25 -33.90 -31.11
CA GLU C 675 35.72 -32.53 -31.04
C GLU C 675 35.70 -32.03 -29.58
N ALA C 676 36.72 -31.27 -29.22
CA ALA C 676 36.90 -30.81 -27.85
C ALA C 676 36.95 -29.29 -27.80
N TRP C 677 36.66 -28.76 -26.62
CA TRP C 677 36.72 -27.32 -26.37
C TRP C 677 37.04 -27.08 -24.91
N GLY C 678 37.81 -26.02 -24.65
CA GLY C 678 38.20 -25.67 -23.30
C GLY C 678 38.90 -24.34 -23.23
N ASN C 679 38.92 -23.70 -22.05
CA ASN C 679 39.50 -22.37 -21.91
C ASN C 679 39.58 -22.02 -20.42
N ASN C 680 40.17 -20.85 -20.14
CA ASN C 680 40.23 -20.28 -18.78
C ASN C 680 41.05 -21.13 -17.83
N PHE C 681 42.21 -21.59 -18.30
CA PHE C 681 43.10 -22.39 -17.46
C PHE C 681 43.71 -21.51 -16.37
N ILE C 682 43.27 -21.72 -15.14
CA ILE C 682 43.78 -21.01 -13.97
C ILE C 682 44.70 -21.95 -13.20
N ILE C 683 45.94 -21.53 -12.98
CA ILE C 683 46.87 -22.26 -12.13
C ILE C 683 47.58 -21.23 -11.24
N LEU C 684 47.48 -21.41 -9.93
CA LEU C 684 48.18 -20.57 -8.96
C LEU C 684 48.46 -21.36 -7.70
N GLU C 685 49.50 -20.95 -6.98
CA GLU C 685 49.92 -21.63 -5.78
C GLU C 685 48.93 -21.41 -4.65
N ILE C 686 48.76 -22.42 -3.82
CA ILE C 686 48.07 -22.30 -2.54
C ILE C 686 49.13 -22.29 -1.45
N LYS C 687 49.26 -21.16 -0.77
CA LYS C 687 50.24 -21.04 0.31
C LYS C 687 49.89 -22.03 1.41
N SER C 688 50.80 -22.96 1.68
CA SER C 688 50.60 -23.91 2.75
C SER C 688 50.40 -23.18 4.06
N LEU C 689 49.37 -23.58 4.81
CA LEU C 689 49.08 -22.93 6.07
C LEU C 689 50.27 -23.09 7.02
N GLU C 690 50.74 -21.95 7.53
CA GLU C 690 51.90 -21.89 8.40
C GLU C 690 51.46 -21.47 9.79
N PHE C 691 52.18 -21.95 10.79
CA PHE C 691 51.70 -21.91 12.15
C PHE C 691 52.73 -21.25 13.04
N LEU C 692 52.28 -20.78 14.21
CA LEU C 692 53.18 -20.13 15.15
C LEU C 692 54.17 -21.13 15.73
N PRO C 693 55.43 -20.73 15.89
CA PRO C 693 56.46 -21.68 16.32
C PRO C 693 56.36 -21.99 17.81
N GLN C 694 56.67 -23.25 18.13
CA GLN C 694 56.72 -23.72 19.51
C GLN C 694 57.96 -24.57 19.67
N MET C 695 58.30 -24.85 20.93
CA MET C 695 59.64 -25.37 21.24
C MET C 695 59.90 -26.75 20.65
N LEU C 696 58.94 -27.35 19.96
CA LEU C 696 59.21 -28.61 19.28
C LEU C 696 59.79 -28.37 17.89
N LYS C 697 61.02 -28.87 17.69
CA LYS C 697 61.73 -28.84 16.43
C LYS C 697 62.20 -30.26 16.07
N PRO C 698 62.11 -30.64 14.79
CA PRO C 698 62.27 -32.06 14.45
C PRO C 698 63.69 -32.57 14.57
N GLU C 699 64.69 -31.70 14.51
CA GLU C 699 66.07 -32.19 14.44
C GLU C 699 66.52 -32.86 15.73
N ASP C 700 66.20 -32.30 16.90
CA ASP C 700 66.65 -32.87 18.16
C ASP C 700 65.88 -34.12 18.56
N TRP C 701 64.87 -34.50 17.79
CA TRP C 701 64.21 -35.78 18.00
C TRP C 701 65.21 -36.92 17.90
N ILE C 702 65.13 -37.84 18.84
CA ILE C 702 65.97 -39.04 18.80
C ILE C 702 65.11 -40.23 18.42
N PRO C 703 65.06 -40.60 17.14
CA PRO C 703 64.26 -41.76 16.73
C PRO C 703 64.70 -43.01 17.47
N SER C 704 63.81 -43.54 18.31
CA SER C 704 64.12 -44.64 19.22
C SER C 704 63.30 -45.86 18.84
N GLY C 705 63.84 -46.67 17.91
CA GLY C 705 63.30 -47.99 17.65
C GLY C 705 62.40 -48.12 16.44
N ASN C 706 62.96 -48.59 15.32
CA ASN C 706 62.22 -48.85 14.09
C ASN C 706 61.32 -47.67 13.73
N VAL C 707 61.94 -46.51 13.53
CA VAL C 707 61.23 -45.25 13.34
C VAL C 707 62.06 -44.32 12.46
N GLN C 708 61.43 -43.27 11.95
CA GLN C 708 62.13 -42.19 11.28
C GLN C 708 61.21 -40.98 11.17
N MET C 709 61.82 -39.81 11.09
CA MET C 709 61.10 -38.55 10.96
C MET C 709 60.34 -38.51 9.64
N LYS C 710 59.12 -37.97 9.69
CA LYS C 710 58.19 -38.04 8.59
C LYS C 710 57.86 -36.64 8.05
N ASP C 711 56.87 -36.60 7.16
CA ASP C 711 56.67 -35.42 6.30
C ASP C 711 55.75 -34.40 6.96
N GLY C 712 54.57 -34.82 7.37
CA GLY C 712 53.59 -33.89 7.93
C GLY C 712 53.90 -33.46 9.35
N GLY C 713 55.16 -33.58 9.76
CA GLY C 713 55.52 -33.42 11.15
C GLY C 713 54.92 -34.56 11.94
N ARG C 714 55.20 -35.78 11.50
CA ARG C 714 54.39 -36.94 11.86
C ARG C 714 55.10 -37.96 12.73
N LEU C 715 56.37 -38.26 12.47
CA LEU C 715 57.17 -39.12 13.35
C LEU C 715 56.55 -40.51 13.52
N GLU C 716 56.51 -41.25 12.41
CA GLU C 716 56.00 -42.62 12.38
C GLU C 716 56.62 -43.44 13.51
N ILE C 717 55.82 -44.33 14.09
CA ILE C 717 56.34 -45.37 14.96
C ILE C 717 56.03 -46.71 14.33
N LEU C 718 56.97 -47.24 13.53
CA LEU C 718 56.75 -48.52 12.87
C LEU C 718 56.73 -49.62 13.92
N GLY C 719 55.54 -50.14 14.21
CA GLY C 719 55.39 -51.09 15.30
C GLY C 719 55.57 -50.44 16.65
N ASP C 720 56.65 -50.77 17.34
CA ASP C 720 56.97 -50.21 18.65
C ASP C 720 58.12 -49.22 18.54
N GLY C 721 58.47 -48.65 19.69
CA GLY C 721 59.50 -47.62 19.79
C GLY C 721 58.89 -46.26 20.06
N TYR C 722 59.73 -45.23 19.97
CA TYR C 722 59.22 -43.88 20.11
C TYR C 722 60.18 -42.86 19.51
N PHE C 723 59.74 -41.60 19.54
CA PHE C 723 60.58 -40.45 19.31
C PHE C 723 60.78 -39.71 20.62
N LYS C 724 62.04 -39.37 20.93
CA LYS C 724 62.33 -38.64 22.15
C LYS C 724 63.18 -37.41 21.82
N GLN C 725 63.01 -36.38 22.63
CA GLN C 725 63.70 -35.11 22.44
C GLN C 725 63.53 -34.30 23.71
N PHE C 726 64.60 -33.64 24.15
CA PHE C 726 64.55 -32.90 25.40
C PHE C 726 63.91 -31.53 25.19
N ILE C 727 62.87 -31.25 25.98
CA ILE C 727 62.22 -29.95 25.99
C ILE C 727 62.07 -29.54 27.45
N LYS C 728 62.63 -28.38 27.80
CA LYS C 728 62.71 -27.96 29.19
C LYS C 728 61.40 -27.30 29.60
N LEU C 729 60.65 -27.98 30.47
CA LEU C 729 59.46 -27.42 31.09
C LEU C 729 59.85 -26.65 32.34
N GLU C 730 59.05 -25.63 32.66
CA GLU C 730 59.33 -24.76 33.79
C GLU C 730 58.30 -24.98 34.89
N ASN C 731 58.67 -24.67 36.12
CA ASN C 731 57.81 -24.89 37.28
C ASN C 731 56.83 -23.76 37.52
N ASP C 732 56.73 -22.80 36.59
CA ASP C 732 55.79 -21.68 36.72
C ASP C 732 55.08 -21.39 35.40
N SER C 733 55.39 -22.14 34.34
CA SER C 733 54.82 -21.90 33.03
C SER C 733 53.98 -23.08 32.57
N THR C 734 52.93 -22.77 31.80
CA THR C 734 52.00 -23.76 31.28
C THR C 734 52.31 -24.05 29.82
N TYR C 735 52.23 -25.32 29.45
CA TYR C 735 52.40 -25.75 28.07
C TYR C 735 51.12 -26.43 27.59
N HIS C 736 50.96 -26.46 26.27
CA HIS C 736 49.76 -27.05 25.67
C HIS C 736 50.20 -27.99 24.56
N LEU C 737 50.25 -29.27 24.86
CA LEU C 737 50.60 -30.29 23.88
C LEU C 737 49.37 -30.64 23.08
N ARG C 738 49.37 -30.24 21.80
CA ARG C 738 48.24 -30.47 20.92
C ARG C 738 48.72 -31.26 19.73
N LEU C 739 48.19 -32.48 19.58
CA LEU C 739 48.72 -33.39 18.59
C LEU C 739 47.74 -34.52 18.38
N SER C 740 47.52 -34.90 17.12
CA SER C 740 46.73 -36.06 16.75
C SER C 740 47.66 -37.13 16.21
N VAL C 741 47.22 -38.39 16.29
CA VAL C 741 48.03 -39.52 15.88
C VAL C 741 47.30 -40.32 14.81
N LYS C 742 48.08 -41.05 14.01
CA LYS C 742 47.58 -42.03 13.06
C LYS C 742 48.18 -43.37 13.46
N GLY C 743 47.50 -44.10 14.33
CA GLY C 743 48.04 -45.31 14.91
C GLY C 743 48.15 -45.20 16.42
N THR C 744 47.73 -46.23 17.14
CA THR C 744 47.60 -46.14 18.59
C THR C 744 48.95 -45.82 19.24
N GLY C 745 49.03 -44.64 19.86
CA GLY C 745 50.28 -44.13 20.38
C GLY C 745 50.17 -43.77 21.84
N ARG C 746 51.34 -43.52 22.45
CA ARG C 746 51.42 -43.11 23.84
C ARG C 746 52.33 -41.89 23.92
N VAL C 747 51.76 -40.77 24.31
CA VAL C 747 52.55 -39.58 24.63
C VAL C 747 52.97 -39.69 26.10
N SER C 748 54.01 -38.95 26.47
CA SER C 748 54.60 -39.11 27.79
C SER C 748 55.14 -37.77 28.27
N ILE C 749 54.53 -37.24 29.33
CA ILE C 749 55.09 -36.16 30.12
C ILE C 749 55.37 -36.74 31.50
N ILE C 750 56.59 -37.19 31.72
CA ILE C 750 56.98 -37.82 32.97
C ILE C 750 58.19 -37.10 33.52
N ASP C 751 58.25 -36.99 34.85
CA ASP C 751 59.44 -36.47 35.51
C ASP C 751 60.44 -37.62 35.64
N GLU C 752 61.49 -37.43 36.46
CA GLU C 752 62.46 -38.48 36.66
C GLU C 752 61.82 -39.74 37.22
N SER C 753 60.77 -39.61 38.03
CA SER C 753 60.08 -40.76 38.62
C SER C 753 58.60 -40.79 38.31
N LYS C 754 57.90 -39.66 38.40
CA LYS C 754 56.45 -39.64 38.35
C LYS C 754 55.94 -39.21 36.99
N TYR C 755 54.65 -39.49 36.75
CA TYR C 755 54.00 -39.22 35.47
C TYR C 755 53.29 -37.88 35.57
N LEU C 756 53.96 -36.80 35.15
CA LEU C 756 53.29 -35.51 35.04
C LEU C 756 52.04 -35.62 34.17
N LEU C 757 52.10 -36.47 33.14
CA LEU C 757 50.91 -36.92 32.44
C LEU C 757 51.08 -38.39 32.11
N PHE C 758 49.96 -39.10 32.00
CA PHE C 758 49.98 -40.54 31.71
C PHE C 758 48.79 -40.80 30.77
N VAL C 759 49.05 -40.71 29.46
CA VAL C 759 48.00 -40.69 28.45
C VAL C 759 48.37 -41.60 27.29
N ASN C 760 47.36 -42.25 26.72
CA ASN C 760 47.49 -43.00 25.48
C ASN C 760 46.64 -42.34 24.40
N VAL C 761 47.09 -42.43 23.16
CA VAL C 761 46.39 -41.83 22.02
C VAL C 761 46.24 -42.88 20.93
N LYS C 762 45.00 -43.16 20.54
CA LYS C 762 44.71 -44.23 19.58
C LYS C 762 44.70 -43.72 18.15
N ASP C 763 43.80 -42.80 17.83
CA ASP C 763 43.79 -42.19 16.51
C ASP C 763 43.33 -40.74 16.57
N GLU C 764 43.19 -40.17 17.75
CA GLU C 764 42.54 -38.88 17.98
C GLU C 764 43.58 -37.81 18.29
N ASP C 765 43.10 -36.59 18.51
CA ASP C 765 43.96 -35.49 18.90
C ASP C 765 44.25 -35.54 20.39
N LEU C 766 44.97 -34.53 20.87
CA LEU C 766 45.29 -34.43 22.30
C LEU C 766 45.20 -32.97 22.71
N THR C 767 44.33 -32.69 23.68
CA THR C 767 44.14 -31.36 24.23
C THR C 767 44.50 -31.43 25.71
N ARG C 768 45.67 -30.90 26.06
CA ARG C 768 46.17 -30.99 27.42
C ARG C 768 46.57 -29.62 27.91
N VAL C 769 45.94 -29.19 29.00
CA VAL C 769 46.33 -27.98 29.72
C VAL C 769 46.95 -28.41 31.04
N ILE C 770 48.28 -28.40 31.09
CA ILE C 770 49.02 -28.85 32.26
C ILE C 770 49.18 -27.68 33.22
N LYS C 771 48.82 -27.90 34.48
CA LYS C 771 48.95 -26.88 35.51
C LYS C 771 50.41 -26.81 35.92
N ASN C 772 50.71 -26.18 37.06
CA ASN C 772 52.10 -25.94 37.46
C ASN C 772 52.92 -27.22 37.33
N THR C 773 53.87 -27.21 36.39
CA THR C 773 54.67 -28.38 36.07
C THR C 773 55.90 -28.38 36.97
N SER C 774 55.78 -29.02 38.14
CA SER C 774 56.90 -29.10 39.06
C SER C 774 58.08 -29.74 38.34
N SER C 775 59.11 -28.94 38.08
CA SER C 775 60.20 -29.33 37.19
C SER C 775 61.48 -29.52 37.97
N LYS C 776 62.05 -30.71 37.86
CA LYS C 776 63.32 -31.06 38.48
C LYS C 776 64.38 -31.28 37.41
N GLY C 777 64.35 -30.47 36.35
CA GLY C 777 65.35 -30.53 35.31
C GLY C 777 64.99 -31.41 34.12
N GLU C 778 64.73 -32.69 34.36
CA GLU C 778 64.54 -33.66 33.28
C GLU C 778 63.10 -33.59 32.79
N CYS C 779 62.92 -33.05 31.60
CA CYS C 779 61.63 -33.03 30.93
C CYS C 779 61.82 -33.35 29.46
N PHE C 780 61.06 -34.32 28.96
CA PHE C 780 61.06 -34.66 27.54
C PHE C 780 59.79 -35.43 27.24
N ILE C 781 59.63 -35.81 25.98
CA ILE C 781 58.46 -36.56 25.53
C ILE C 781 58.91 -37.74 24.68
N ALA C 782 58.40 -38.92 25.02
CA ALA C 782 58.68 -40.16 24.30
C ALA C 782 57.44 -40.49 23.48
N LEU C 783 57.43 -40.06 22.22
CA LEU C 783 56.26 -40.20 21.35
C LEU C 783 56.17 -41.65 20.90
N GLU C 784 55.65 -42.52 21.79
CA GLU C 784 55.64 -43.95 21.54
C GLU C 784 54.27 -44.43 21.10
N GLY C 785 54.25 -45.58 20.43
CA GLY C 785 53.02 -46.27 20.11
C GLY C 785 52.72 -47.35 21.14
N THR C 786 51.96 -48.36 20.74
CA THR C 786 51.65 -49.49 21.61
C THR C 786 52.15 -50.77 20.95
N TYR C 787 52.02 -51.88 21.66
CA TYR C 787 52.65 -53.14 21.25
C TYR C 787 51.77 -53.92 20.27
N VAL C 788 51.39 -53.27 19.18
CA VAL C 788 50.68 -53.89 18.07
C VAL C 788 51.56 -53.78 16.84
N GLU C 789 51.73 -54.89 16.11
CA GLU C 789 52.66 -54.92 15.00
C GLU C 789 52.15 -54.14 13.79
N ASN C 790 50.83 -54.08 13.60
CA ASN C 790 50.29 -53.53 12.37
C ASN C 790 50.19 -52.01 12.42
N SER C 791 49.69 -51.47 13.53
CA SER C 791 49.39 -50.04 13.63
C SER C 791 50.65 -49.21 13.79
N SER C 792 51.23 -48.76 12.68
CA SER C 792 52.37 -47.85 12.75
C SER C 792 51.93 -46.50 13.30
N THR C 793 52.28 -46.24 14.55
CA THR C 793 51.84 -45.03 15.24
C THR C 793 52.45 -43.80 14.55
N ILE C 794 51.60 -42.98 13.95
CA ILE C 794 52.04 -41.81 13.19
C ILE C 794 51.32 -40.58 13.73
N PHE C 795 51.99 -39.84 14.61
CA PHE C 795 51.48 -38.56 15.10
C PHE C 795 51.31 -37.59 13.93
N SER C 796 50.66 -36.45 14.19
CA SER C 796 50.32 -35.54 13.11
C SER C 796 50.95 -34.15 13.27
N ASN C 797 50.78 -33.49 14.41
CA ASN C 797 51.18 -32.09 14.55
C ASN C 797 51.86 -31.86 15.89
N VAL C 798 53.16 -31.64 15.86
CA VAL C 798 53.93 -31.33 17.06
C VAL C 798 53.62 -29.89 17.46
N SER C 799 53.08 -29.73 18.68
CA SER C 799 52.76 -28.40 19.21
C SER C 799 52.73 -28.50 20.74
N ILE C 800 53.80 -28.03 21.38
CA ILE C 800 53.92 -28.06 22.83
C ILE C 800 53.76 -26.63 23.36
N VAL C 801 53.00 -25.82 22.63
CA VAL C 801 53.01 -24.36 22.74
C VAL C 801 53.03 -23.90 24.19
N LYS C 802 53.99 -23.03 24.51
CA LYS C 802 54.21 -22.55 25.86
C LYS C 802 53.24 -21.41 26.15
N GLU C 803 52.25 -21.68 27.00
CA GLU C 803 51.27 -20.67 27.38
C GLU C 803 51.92 -19.54 28.18
N GLN D 141 8.69 -5.14 38.28
CA GLN D 141 8.52 -5.87 37.05
C GLN D 141 7.25 -5.52 36.28
N ASN D 142 6.12 -5.32 36.98
CA ASN D 142 4.89 -4.79 36.40
C ASN D 142 5.06 -3.39 35.81
N HIS D 143 5.86 -2.52 36.47
CA HIS D 143 6.25 -1.22 35.96
C HIS D 143 7.06 -1.32 34.67
N VAL D 144 8.03 -2.26 34.60
CA VAL D 144 8.79 -2.60 33.39
C VAL D 144 7.89 -3.04 32.25
N LEU D 145 6.88 -3.91 32.52
CA LEU D 145 5.86 -4.31 31.55
C LEU D 145 5.04 -3.14 31.02
N SER D 146 4.64 -2.19 31.89
CA SER D 146 3.95 -0.95 31.51
C SER D 146 4.77 -0.10 30.54
N LEU D 147 6.08 0.10 30.84
CA LEU D 147 7.01 0.80 29.95
C LEU D 147 7.20 0.12 28.60
N GLN D 148 7.28 -1.23 28.57
CA GLN D 148 7.31 -1.99 27.34
C GLN D 148 6.04 -1.84 26.50
N ILE D 149 4.84 -1.87 27.14
CA ILE D 149 3.57 -1.59 26.48
C ILE D 149 3.46 -0.17 25.94
N GLU D 150 3.94 0.86 26.67
CA GLU D 150 4.08 2.20 26.14
C GLU D 150 5.01 2.31 24.94
N PHE D 151 6.12 1.54 24.92
CA PHE D 151 6.96 1.41 23.74
C PHE D 151 6.22 0.77 22.55
N LEU D 152 5.41 -0.30 22.77
CA LEU D 152 4.55 -0.88 21.75
C LEU D 152 3.51 0.09 21.19
N SER D 153 2.86 0.91 22.06
CA SER D 153 1.88 1.92 21.64
C SER D 153 2.48 3.01 20.76
N LYS D 154 3.72 3.45 21.06
CA LYS D 154 4.51 4.32 20.20
C LYS D 154 4.83 3.71 18.85
N GLN D 155 5.26 2.42 18.80
CA GLN D 155 5.49 1.70 17.56
C GLN D 155 4.24 1.58 16.70
N LEU D 156 3.08 1.30 17.33
CA LEU D 156 1.79 1.31 16.67
C LEU D 156 1.36 2.66 16.12
N GLN D 157 1.61 3.78 16.82
CA GLN D 157 1.45 5.13 16.30
C GLN D 157 2.35 5.43 15.10
N GLU D 158 3.64 5.06 15.15
CA GLU D 158 4.52 5.21 13.99
C GLU D 158 4.05 4.39 12.79
N ILE D 159 3.56 3.16 13.02
CA ILE D 159 2.90 2.33 12.01
C ILE D 159 1.65 2.98 11.45
N SER D 160 0.76 3.56 12.28
CA SER D 160 -0.46 4.23 11.82
C SER D 160 -0.19 5.47 10.98
N ASP D 161 0.84 6.29 11.32
CA ASP D 161 1.37 7.37 10.51
C ASP D 161 1.93 6.90 9.16
N LYS D 162 2.72 5.79 9.14
CA LYS D 162 3.23 5.19 7.91
C LYS D 162 2.10 4.75 6.98
N LEU D 163 1.03 4.14 7.52
CA LEU D 163 -0.17 3.79 6.76
C LEU D 163 -0.87 4.96 6.13
N ASP D 164 -1.01 6.09 6.84
CA ASP D 164 -1.61 7.31 6.33
C ASP D 164 -0.79 7.93 5.19
N ILE D 165 0.55 7.90 5.27
CA ILE D 165 1.46 8.25 4.17
C ILE D 165 1.31 7.31 2.97
N ILE D 166 1.27 5.98 3.20
CA ILE D 166 1.07 4.98 2.14
C ILE D 166 -0.26 5.14 1.44
N ASN D 167 -1.38 5.33 2.18
CA ASN D 167 -2.71 5.49 1.62
C ASN D 167 -2.78 6.71 0.71
N LEU D 168 -2.20 7.82 1.15
CA LEU D 168 -2.06 9.02 0.36
C LEU D 168 -1.24 8.82 -0.92
N ASN D 169 -0.08 8.14 -0.83
CA ASN D 169 0.72 7.81 -2.00
C ASN D 169 -0.03 6.94 -2.99
N VAL D 170 -0.85 5.98 -2.52
CA VAL D 170 -1.78 5.22 -3.37
C VAL D 170 -2.82 6.11 -4.07
N LEU D 171 -3.42 7.09 -3.38
CA LEU D 171 -4.32 8.08 -3.98
C LEU D 171 -3.63 9.04 -4.96
N ILE D 172 -2.37 9.41 -4.73
CA ILE D 172 -1.56 10.13 -5.71
C ILE D 172 -1.31 9.30 -6.95
N ASN D 173 -1.01 8.00 -6.79
CA ASN D 173 -0.86 7.09 -7.91
C ASN D 173 -2.12 6.96 -8.77
N SER D 174 -3.32 6.96 -8.15
CA SER D 174 -4.59 6.95 -8.89
C SER D 174 -4.77 8.19 -9.74
N THR D 175 -4.54 9.39 -9.16
CA THR D 175 -4.62 10.66 -9.88
C THR D 175 -3.56 10.83 -10.93
N LEU D 176 -2.32 10.37 -10.70
CA LEU D 176 -1.28 10.32 -11.72
C LEU D 176 -1.65 9.45 -12.91
N THR D 177 -2.22 8.25 -12.67
CA THR D 177 -2.73 7.36 -13.73
C THR D 177 -3.81 8.01 -14.56
N GLU D 178 -4.75 8.74 -13.91
CA GLU D 178 -5.74 9.55 -14.59
C GLU D 178 -5.20 10.78 -15.35
N ILE D 179 -4.29 11.61 -14.76
CA ILE D 179 -3.96 12.93 -15.29
C ILE D 179 -2.63 13.06 -16.01
N THR D 180 -1.68 12.12 -15.81
CA THR D 180 -0.33 12.26 -16.36
C THR D 180 -0.23 12.40 -17.88
N PRO D 181 -0.94 11.69 -18.79
CA PRO D 181 -0.71 11.83 -20.22
C PRO D 181 -1.11 13.20 -20.74
N ALA D 182 -2.20 13.78 -20.17
CA ALA D 182 -2.66 15.12 -20.46
C ALA D 182 -1.72 16.19 -19.95
N TYR D 183 -1.26 16.08 -18.68
CA TYR D 183 -0.34 17.03 -18.07
C TYR D 183 0.97 17.14 -18.84
N GLN D 184 1.57 15.99 -19.22
CA GLN D 184 2.80 15.96 -19.98
C GLN D 184 2.68 16.59 -21.37
N ARG D 185 1.61 16.28 -22.12
CA ARG D 185 1.36 16.85 -23.43
C ARG D 185 1.07 18.32 -23.41
N ILE D 186 0.24 18.80 -22.45
CA ILE D 186 -0.02 20.21 -22.25
C ILE D 186 1.25 20.97 -21.93
N LYS D 187 2.10 20.41 -21.04
CA LYS D 187 3.36 21.01 -20.70
C LYS D 187 4.32 21.16 -21.88
N TYR D 188 4.52 20.08 -22.67
CA TYR D 188 5.34 20.09 -23.87
C TYR D 188 4.86 21.09 -24.93
N VAL D 189 3.55 21.13 -25.21
CA VAL D 189 2.97 22.09 -26.15
C VAL D 189 3.14 23.52 -25.65
N ASN D 190 2.92 23.77 -24.35
CA ASN D 190 3.14 25.08 -23.75
C ASN D 190 4.59 25.57 -23.78
N GLU D 191 5.56 24.68 -23.51
CA GLU D 191 6.99 24.96 -23.57
C GLU D 191 7.52 25.16 -24.99
N LYS D 192 6.96 24.46 -25.99
CA LYS D 192 7.46 24.53 -27.35
C LYS D 192 6.84 25.64 -28.18
N PHE D 193 5.82 26.33 -27.64
CA PHE D 193 5.18 27.45 -28.30
C PHE D 193 5.43 28.74 -27.55
N ASP D 194 6.45 28.79 -26.66
CA ASP D 194 6.72 29.92 -25.79
C ASP D 194 6.92 31.25 -26.52
N GLU D 195 7.77 31.33 -27.56
CA GLU D 195 7.96 32.57 -28.31
C GLU D 195 6.72 33.08 -29.04
N LEU D 196 5.86 32.18 -29.56
CA LEU D 196 4.64 32.59 -30.22
C LEU D 196 3.56 33.06 -29.25
N THR D 197 3.48 32.49 -28.04
CA THR D 197 2.53 32.94 -27.03
C THR D 197 3.13 33.98 -26.11
N SER D 198 4.46 34.24 -26.18
CA SER D 198 5.14 35.26 -25.40
C SER D 198 4.67 36.66 -25.75
N GLU D 214 17.51 31.20 -37.94
CA GLU D 214 16.64 30.04 -38.14
C GLU D 214 15.15 30.40 -38.12
N VAL D 215 14.73 31.21 -39.11
CA VAL D 215 13.38 31.75 -39.16
C VAL D 215 12.42 30.76 -39.81
N ILE D 216 12.70 30.39 -41.09
CA ILE D 216 11.87 29.51 -41.89
C ILE D 216 11.79 28.11 -41.31
N GLU D 217 12.92 27.54 -40.85
CA GLU D 217 12.98 26.21 -40.29
C GLU D 217 12.16 26.08 -39.00
N ASN D 218 12.33 26.97 -38.00
CA ASN D 218 11.47 27.00 -36.81
C ASN D 218 10.02 27.25 -37.15
N LEU D 219 9.72 28.18 -38.07
CA LEU D 219 8.35 28.45 -38.47
C LEU D 219 7.67 27.25 -39.11
N ASN D 220 8.36 26.51 -40.01
CA ASN D 220 7.87 25.26 -40.56
C ASN D 220 7.65 24.17 -39.51
N GLU D 221 8.64 23.94 -38.61
CA GLU D 221 8.53 22.94 -37.55
C GLU D 221 7.36 23.26 -36.59
N LEU D 222 7.17 24.54 -36.20
CA LEU D 222 6.02 24.99 -35.43
C LEU D 222 4.69 24.96 -36.17
N THR D 223 4.65 25.26 -37.48
CA THR D 223 3.46 25.08 -38.34
C THR D 223 3.02 23.63 -38.40
N GLU D 224 3.96 22.66 -38.56
CA GLU D 224 3.66 21.24 -38.48
C GLU D 224 3.15 20.82 -37.11
N LEU D 225 3.77 21.34 -36.04
CA LEU D 225 3.28 21.14 -34.69
C LEU D 225 1.87 21.69 -34.46
N ALA D 226 1.58 22.90 -34.99
CA ALA D 226 0.28 23.52 -34.96
C ALA D 226 -0.79 22.71 -35.67
N LYS D 227 -0.48 22.10 -36.84
CA LYS D 227 -1.35 21.17 -37.55
C LYS D 227 -1.67 19.94 -36.72
N SER D 228 -0.68 19.38 -36.01
CA SER D 228 -0.88 18.29 -35.05
C SER D 228 -1.76 18.68 -33.86
N VAL D 229 -1.53 19.88 -33.27
CA VAL D 229 -2.29 20.42 -32.15
C VAL D 229 -3.76 20.70 -32.48
N THR D 230 -4.06 21.29 -33.65
CA THR D 230 -5.42 21.72 -33.98
C THR D 230 -6.27 20.61 -34.54
N LYS D 231 -5.66 19.46 -34.89
CA LYS D 231 -6.33 18.33 -35.49
C LYS D 231 -7.41 17.68 -34.63
N ASN D 232 -8.63 17.52 -35.18
CA ASN D 232 -9.81 17.06 -34.46
C ASN D 232 -9.94 15.56 -34.39
N ASP D 233 -9.02 14.93 -33.66
CA ASP D 233 -8.98 13.51 -33.42
C ASP D 233 -9.57 13.14 -32.04
N MET D 234 -9.77 11.83 -31.79
CA MET D 234 -10.09 11.31 -30.46
C MET D 234 -8.98 11.58 -29.45
N ASP D 235 -7.71 11.59 -29.91
CA ASP D 235 -6.50 11.87 -29.14
C ASP D 235 -6.00 13.29 -29.35
N SER D 236 -6.89 14.25 -29.65
CA SER D 236 -6.49 15.64 -29.88
C SER D 236 -6.03 16.40 -28.64
N PHE D 237 -5.47 17.60 -28.84
CA PHE D 237 -5.10 18.50 -27.76
C PHE D 237 -6.31 18.95 -26.94
N GLU D 238 -7.47 19.18 -27.61
CA GLU D 238 -8.75 19.46 -26.96
C GLU D 238 -9.22 18.32 -26.06
N PHE D 239 -9.03 17.04 -26.48
CA PHE D 239 -9.26 15.87 -25.64
C PHE D 239 -8.43 15.91 -24.36
N TYR D 240 -7.10 16.15 -24.47
CA TYR D 240 -6.22 16.24 -23.32
C TYR D 240 -6.55 17.39 -22.38
N LEU D 241 -6.97 18.56 -22.92
CA LEU D 241 -7.49 19.67 -22.11
C LEU D 241 -8.78 19.35 -21.35
N GLN D 242 -9.76 18.70 -22.01
CA GLN D 242 -10.99 18.28 -21.37
C GLN D 242 -10.75 17.24 -20.28
N THR D 243 -9.94 16.19 -20.56
CA THR D 243 -9.59 15.17 -19.56
C THR D 243 -8.82 15.72 -18.38
N PHE D 244 -7.92 16.70 -18.60
CA PHE D 244 -7.26 17.42 -17.53
C PHE D 244 -8.25 18.17 -16.63
N HIS D 245 -9.25 18.88 -17.23
CA HIS D 245 -10.34 19.53 -16.49
C HIS D 245 -11.19 18.55 -15.69
N ASP D 246 -11.62 17.43 -16.30
CA ASP D 246 -12.39 16.40 -15.63
C ASP D 246 -11.69 15.74 -14.45
N VAL D 247 -10.38 15.39 -14.58
CA VAL D 247 -9.60 14.84 -13.49
C VAL D 247 -9.37 15.85 -12.36
N MET D 248 -9.18 17.14 -12.71
CA MET D 248 -9.11 18.23 -11.74
C MET D 248 -10.37 18.45 -10.94
N THR D 249 -11.56 18.47 -11.58
CA THR D 249 -12.85 18.61 -10.91
C THR D 249 -13.29 17.36 -10.16
N GLY D 250 -13.03 16.16 -10.72
CA GLY D 250 -13.45 14.90 -10.13
C GLY D 250 -14.46 14.16 -10.92
N ASN D 251 -14.65 14.52 -12.20
CA ASN D 251 -15.54 13.85 -13.11
C ASN D 251 -14.90 12.57 -13.67
N ASN D 252 -14.48 11.64 -12.80
CA ASN D 252 -13.75 10.44 -13.17
C ASN D 252 -14.65 9.22 -13.14
N LEU D 253 -14.08 7.99 -13.13
CA LEU D 253 -14.84 6.77 -12.97
C LEU D 253 -15.35 6.59 -11.55
N PHE D 254 -14.46 6.88 -10.58
CA PHE D 254 -14.75 6.90 -9.17
C PHE D 254 -14.58 8.36 -8.80
N GLY D 255 -15.49 8.97 -8.01
CA GLY D 255 -15.50 10.42 -7.80
C GLY D 255 -14.44 10.95 -6.85
N ARG D 256 -13.19 10.99 -7.34
CA ARG D 256 -12.05 11.56 -6.66
C ARG D 256 -11.56 12.70 -7.51
N SER D 257 -11.09 13.82 -6.90
CA SER D 257 -10.56 14.95 -7.65
C SER D 257 -9.06 15.06 -7.41
N ALA D 258 -8.30 15.48 -8.45
CA ALA D 258 -6.86 15.71 -8.33
C ALA D 258 -6.51 16.79 -7.32
N LEU D 259 -7.38 17.81 -7.17
CA LEU D 259 -7.30 18.80 -6.13
C LEU D 259 -7.40 18.23 -4.72
N LYS D 260 -8.29 17.25 -4.47
CA LYS D 260 -8.37 16.59 -3.18
C LYS D 260 -7.15 15.77 -2.82
N THR D 261 -6.61 14.94 -3.74
CA THR D 261 -5.41 14.16 -3.45
C THR D 261 -4.17 15.02 -3.29
N ALA D 262 -4.05 16.11 -4.08
CA ALA D 262 -3.05 17.13 -3.92
C ALA D 262 -3.12 17.87 -2.59
N SER D 263 -4.32 18.26 -2.12
CA SER D 263 -4.49 18.87 -0.81
C SER D 263 -4.10 17.95 0.32
N GLU D 264 -4.51 16.67 0.26
CA GLU D 264 -4.09 15.64 1.19
C GLU D 264 -2.59 15.42 1.21
N LEU D 265 -1.92 15.46 0.03
CA LEU D 265 -0.46 15.42 -0.11
C LEU D 265 0.24 16.55 0.58
N ILE D 266 -0.13 17.80 0.27
CA ILE D 266 0.48 18.98 0.83
C ILE D 266 0.31 19.03 2.34
N THR D 267 -0.88 18.65 2.86
CA THR D 267 -1.13 18.53 4.29
C THR D 267 -0.20 17.54 4.99
N LYS D 268 0.13 16.38 4.36
CA LYS D 268 1.11 15.46 4.93
C LYS D 268 2.57 15.87 4.79
N GLU D 269 3.02 16.36 3.61
CA GLU D 269 4.44 16.63 3.37
C GLU D 269 4.85 18.06 3.67
N ASN D 270 4.01 18.81 4.41
CA ASN D 270 4.31 20.11 4.99
C ASN D 270 5.32 20.02 6.15
N VAL D 271 6.54 19.51 5.89
CA VAL D 271 7.59 19.38 6.90
C VAL D 271 8.47 20.60 6.99
N THR D 272 9.07 21.02 5.85
CA THR D 272 10.00 22.14 5.73
C THR D 272 9.38 23.20 4.87
N THR D 273 8.04 23.30 4.90
CA THR D 273 7.29 24.25 4.12
C THR D 273 7.20 25.62 4.79
N ARG D 274 7.53 26.68 4.01
CA ARG D 274 7.53 28.06 4.48
C ARG D 274 6.16 28.65 4.83
N GLY D 275 5.13 28.32 4.04
CA GLY D 275 3.79 28.91 4.16
C GLY D 275 2.78 27.89 4.59
N SER D 276 1.50 28.30 4.68
CA SER D 276 0.44 27.46 5.23
C SER D 276 -0.14 26.49 4.20
N GLU D 277 -1.02 25.58 4.64
CA GLU D 277 -1.74 24.61 3.82
C GLU D 277 -2.61 25.28 2.77
N ILE D 278 -3.37 26.33 3.15
CA ILE D 278 -4.17 27.12 2.21
C ILE D 278 -3.33 27.70 1.10
N GLY D 279 -2.21 28.37 1.44
CA GLY D 279 -1.32 28.96 0.46
C GLY D 279 -0.59 27.99 -0.41
N LYS D 280 -0.21 26.81 0.10
CA LYS D 280 0.38 25.76 -0.70
C LYS D 280 -0.60 25.08 -1.66
N VAL D 281 -1.82 24.72 -1.20
CA VAL D 281 -2.84 24.11 -2.03
C VAL D 281 -3.36 25.09 -3.08
N TYR D 282 -3.55 26.37 -2.72
CA TYR D 282 -3.87 27.43 -3.65
C TYR D 282 -2.77 27.67 -4.68
N ASN D 283 -1.47 27.64 -4.29
CA ASN D 283 -0.37 27.71 -5.23
C ASN D 283 -0.35 26.53 -6.23
N PHE D 284 -0.67 25.31 -5.74
CA PHE D 284 -0.90 24.14 -6.59
C PHE D 284 -2.05 24.35 -7.58
N LEU D 285 -3.18 24.94 -7.13
CA LEU D 285 -4.26 25.33 -8.02
C LEU D 285 -3.85 26.39 -9.06
N ILE D 286 -3.07 27.44 -8.66
CA ILE D 286 -2.55 28.47 -9.55
C ILE D 286 -1.67 27.93 -10.67
N VAL D 287 -0.71 27.01 -10.36
CA VAL D 287 0.15 26.44 -11.38
C VAL D 287 -0.60 25.58 -12.39
N LEU D 288 -1.64 24.84 -11.96
CA LEU D 288 -2.49 24.09 -12.87
C LEU D 288 -3.44 24.95 -13.70
N THR D 289 -4.09 25.98 -13.11
CA THR D 289 -4.93 26.92 -13.85
C THR D 289 -4.16 27.73 -14.87
N SER D 290 -2.93 28.18 -14.53
CA SER D 290 -2.02 28.85 -15.45
C SER D 290 -1.57 27.96 -16.59
N LEU D 291 -1.28 26.67 -16.31
CA LEU D 291 -0.96 25.66 -17.30
C LEU D 291 -2.08 25.46 -18.33
N GLN D 292 -3.34 25.34 -17.87
CA GLN D 292 -4.51 25.28 -18.74
C GLN D 292 -4.76 26.56 -19.53
N ALA D 293 -4.64 27.74 -18.89
CA ALA D 293 -4.83 29.01 -19.56
C ALA D 293 -3.82 29.26 -20.67
N LYS D 294 -2.53 28.95 -20.42
CA LYS D 294 -1.49 28.97 -21.43
C LYS D 294 -1.72 27.95 -22.54
N ALA D 295 -2.27 26.77 -22.20
CA ALA D 295 -2.66 25.74 -23.14
C ALA D 295 -3.80 26.11 -24.10
N PHE D 296 -4.87 26.77 -23.60
CA PHE D 296 -5.89 27.37 -24.44
C PHE D 296 -5.34 28.50 -25.30
N LEU D 297 -4.43 29.32 -24.73
CA LEU D 297 -3.75 30.37 -25.47
C LEU D 297 -2.85 29.90 -26.61
N THR D 298 -2.04 28.83 -26.41
CA THR D 298 -1.28 28.20 -27.50
C THR D 298 -2.20 27.60 -28.54
N LEU D 299 -3.32 26.97 -28.14
CA LEU D 299 -4.32 26.47 -29.06
C LEU D 299 -4.95 27.55 -29.94
N THR D 300 -5.28 28.76 -29.39
CA THR D 300 -5.70 29.91 -30.20
C THR D 300 -4.62 30.42 -31.14
N ALA D 301 -3.36 30.51 -30.66
CA ALA D 301 -2.20 30.91 -31.44
C ALA D 301 -1.92 29.96 -32.61
N CYS D 302 -1.99 28.64 -32.39
CA CYS D 302 -1.88 27.62 -33.42
C CYS D 302 -2.97 27.70 -34.47
N ARG D 303 -4.24 27.94 -34.09
CA ARG D 303 -5.32 28.14 -35.06
C ARG D 303 -5.11 29.36 -35.95
N LYS D 304 -4.70 30.50 -35.35
CA LYS D 304 -4.37 31.72 -36.08
C LYS D 304 -3.19 31.58 -37.01
N LEU D 305 -2.10 30.89 -36.58
CA LEU D 305 -0.92 30.60 -37.39
C LEU D 305 -1.23 29.77 -38.63
N LEU D 306 -2.12 28.77 -38.51
CA LEU D 306 -2.55 27.98 -39.64
C LEU D 306 -3.58 28.67 -40.54
N GLY D 307 -4.23 29.75 -40.07
CA GLY D 307 -5.24 30.45 -40.83
C GLY D 307 -6.62 29.85 -40.74
N LEU D 308 -6.90 29.10 -39.66
CA LEU D 308 -8.20 28.48 -39.45
C LEU D 308 -9.17 29.43 -38.76
N THR D 309 -10.47 29.12 -38.75
CA THR D 309 -11.49 29.91 -38.06
C THR D 309 -11.29 29.97 -36.55
N ASP D 310 -11.55 31.15 -35.94
CA ASP D 310 -11.55 31.36 -34.51
C ASP D 310 -12.71 30.64 -33.82
N ILE D 311 -12.42 29.83 -32.77
CA ILE D 311 -13.46 29.08 -32.06
C ILE D 311 -13.84 29.77 -30.75
N ASP D 312 -13.10 30.82 -30.34
CA ASP D 312 -13.29 31.46 -29.03
C ASP D 312 -13.20 30.51 -27.83
N TYR D 313 -11.97 30.11 -27.44
CA TYR D 313 -11.84 29.19 -26.33
C TYR D 313 -11.90 29.89 -24.98
N THR D 314 -12.19 31.21 -24.94
CA THR D 314 -12.32 31.97 -23.70
C THR D 314 -13.46 31.47 -22.84
N GLN D 315 -14.64 31.18 -23.44
CA GLN D 315 -15.79 30.62 -22.74
C GLN D 315 -15.51 29.27 -22.09
N ILE D 316 -14.87 28.33 -22.82
CA ILE D 316 -14.50 27.01 -22.34
C ILE D 316 -13.44 27.09 -21.24
N MET D 317 -12.40 27.92 -21.44
CA MET D 317 -11.35 28.17 -20.47
C MET D 317 -11.88 28.75 -19.16
N ASN D 318 -12.77 29.76 -19.23
CA ASN D 318 -13.42 30.35 -18.06
C ASN D 318 -14.27 29.33 -17.30
N HIS D 319 -15.09 28.53 -18.02
CA HIS D 319 -15.89 27.46 -17.42
C HIS D 319 -15.03 26.42 -16.71
N HIS D 320 -13.91 26.00 -17.34
CA HIS D 320 -12.95 25.11 -16.72
C HIS D 320 -12.27 25.66 -15.49
N ILE D 321 -11.76 26.92 -15.55
CA ILE D 321 -11.09 27.59 -14.45
C ILE D 321 -12.04 27.85 -13.29
N ASP D 322 -13.24 28.40 -13.54
CA ASP D 322 -14.24 28.66 -12.52
C ASP D 322 -14.74 27.40 -11.85
N GLY D 323 -15.00 26.30 -12.61
CA GLY D 323 -15.41 25.04 -12.00
C GLY D 323 -14.38 24.43 -11.07
N GLN D 324 -13.09 24.55 -11.41
CA GLN D 324 -11.99 24.14 -10.55
C GLN D 324 -11.80 25.00 -9.30
N LYS D 325 -11.92 26.34 -9.43
CA LYS D 325 -11.93 27.25 -8.29
C LYS D 325 -13.13 27.04 -7.36
N ARG D 326 -14.31 26.74 -7.92
CA ARG D 326 -15.48 26.32 -7.17
C ARG D 326 -15.28 25.02 -6.39
N GLU D 327 -14.66 23.97 -7.01
CA GLU D 327 -14.27 22.72 -6.36
C GLU D 327 -13.31 22.96 -5.19
N PHE D 328 -12.29 23.81 -5.40
CA PHE D 328 -11.37 24.23 -4.36
C PHE D 328 -12.08 24.98 -3.21
N ARG D 329 -12.96 25.95 -3.54
CA ARG D 329 -13.66 26.72 -2.53
C ARG D 329 -14.63 25.91 -1.68
N ILE D 330 -15.36 24.96 -2.30
CA ILE D 330 -16.35 24.13 -1.62
C ILE D 330 -15.73 22.94 -0.90
N ASN D 331 -14.86 22.14 -1.55
CA ASN D 331 -14.53 20.81 -1.04
C ASN D 331 -13.10 20.71 -0.49
N ILE D 332 -12.30 21.78 -0.66
CA ILE D 332 -10.89 21.76 -0.31
C ILE D 332 -10.56 22.81 0.74
N LEU D 333 -10.85 24.10 0.47
CA LEU D 333 -10.54 25.23 1.35
C LEU D 333 -11.12 25.22 2.77
N PRO D 334 -12.33 24.74 3.09
CA PRO D 334 -12.82 24.67 4.47
C PRO D 334 -11.99 23.80 5.39
N THR D 335 -10.81 23.95 4.88
CA THR D 335 -9.43 23.62 5.29
C THR D 335 -9.04 24.02 6.78
N LEU D 336 -8.50 25.22 7.23
CA LEU D 336 -7.11 25.48 7.85
C LEU D 336 -6.71 26.69 8.78
N SER D 337 -5.44 27.32 8.71
CA SER D 337 -5.26 28.43 9.64
C SER D 337 -4.18 29.38 9.13
N ASN D 338 -4.18 30.60 9.65
CA ASN D 338 -3.30 31.66 9.17
C ASN D 338 -2.04 31.84 10.01
N ASN D 339 -1.46 30.75 10.51
CA ASN D 339 -0.35 30.85 11.44
C ASN D 339 0.90 30.19 10.89
N PHE D 340 1.99 30.94 10.84
CA PHE D 340 3.29 30.45 10.41
C PHE D 340 4.36 30.97 11.35
N SER D 341 5.61 30.66 11.07
CA SER D 341 6.73 31.06 11.90
C SER D 341 7.92 31.47 11.02
N ASN D 342 9.05 31.68 11.69
CA ASN D 342 10.32 31.81 11.01
C ASN D 342 10.63 30.52 10.24
N PRO D 343 11.41 30.59 9.16
CA PRO D 343 11.67 29.39 8.37
C PRO D 343 12.63 28.42 9.03
N SER D 344 13.72 28.91 9.60
CA SER D 344 14.76 28.02 10.10
C SER D 344 15.40 28.63 11.35
N TYR D 345 16.25 27.82 11.98
CA TYR D 345 16.88 28.18 13.25
C TYR D 345 18.38 28.27 13.04
N SER D 346 19.06 28.98 13.95
CA SER D 346 20.49 29.20 13.84
C SER D 346 21.06 29.39 15.23
N LYS D 347 22.30 28.96 15.44
CA LYS D 347 22.96 29.12 16.73
C LYS D 347 24.00 30.22 16.66
N ASN D 348 23.64 31.40 17.17
CA ASN D 348 24.58 32.50 17.29
C ASN D 348 24.62 32.92 18.76
N ARG D 349 25.50 33.87 19.06
CA ARG D 349 25.68 34.33 20.44
C ARG D 349 25.24 35.79 20.55
N GLY D 350 24.67 36.15 21.68
CA GLY D 350 24.20 37.50 21.90
C GLY D 350 24.86 38.21 23.05
N SER D 351 24.08 38.74 23.98
CA SER D 351 24.59 39.44 25.14
C SER D 351 23.59 39.34 26.28
N ASP D 352 24.05 39.64 27.49
CA ASP D 352 23.20 39.57 28.67
C ASP D 352 23.23 40.86 29.49
N ILE D 353 24.38 41.51 29.56
CA ILE D 353 24.54 42.70 30.39
C ILE D 353 24.05 43.93 29.63
N ASP D 354 23.53 43.70 28.42
CA ASP D 354 22.96 44.76 27.62
C ASP D 354 21.49 44.95 27.98
N ASP D 355 20.91 46.02 27.47
CA ASP D 355 19.49 46.25 27.66
C ASP D 355 18.82 46.53 26.32
N PRO D 356 18.98 45.65 25.33
CA PRO D 356 18.57 45.99 23.97
C PRO D 356 17.06 46.17 23.86
N ILE D 357 16.66 46.90 22.83
CA ILE D 357 15.27 47.20 22.55
C ILE D 357 15.16 47.51 21.06
N VAL D 358 14.18 46.89 20.39
CA VAL D 358 14.03 46.98 18.95
C VAL D 358 12.56 47.18 18.62
N VAL D 359 12.24 48.27 17.95
CA VAL D 359 10.87 48.52 17.51
C VAL D 359 10.80 48.29 16.01
N LEU D 360 9.70 47.69 15.55
CA LEU D 360 9.41 47.58 14.13
C LEU D 360 8.06 48.26 13.92
N GLU D 361 8.11 49.54 13.60
CA GLU D 361 6.91 50.35 13.42
C GLU D 361 6.80 50.74 11.96
N ALA D 362 5.62 50.54 11.39
CA ALA D 362 5.36 50.98 10.04
C ALA D 362 4.92 52.44 10.04
N ALA D 363 5.10 53.08 8.89
CA ALA D 363 4.70 54.47 8.76
C ALA D 363 3.21 54.62 9.06
N PRO D 364 2.79 55.78 9.55
CA PRO D 364 1.35 56.00 9.80
C PRO D 364 0.47 55.69 8.60
N GLY D 365 1.03 55.59 7.40
CA GLY D 365 0.30 55.10 6.25
C GLY D 365 0.67 53.68 5.89
N TYR D 366 1.57 53.07 6.66
CA TYR D 366 2.09 51.75 6.36
C TYR D 366 1.62 50.75 7.40
N ALA D 367 1.67 49.47 7.05
CA ALA D 367 1.57 48.39 8.02
C ALA D 367 2.76 47.46 7.80
N LEU D 368 3.20 46.81 8.87
CA LEU D 368 4.30 45.86 8.76
C LEU D 368 3.92 44.71 7.83
N ILE D 369 4.75 44.49 6.81
CA ILE D 369 4.43 43.49 5.79
C ILE D 369 5.39 42.31 5.83
N GLY D 370 6.21 42.22 6.86
CA GLY D 370 7.08 41.08 7.04
C GLY D 370 8.34 41.40 7.83
N PHE D 371 9.17 40.37 7.98
CA PHE D 371 10.41 40.42 8.74
C PHE D 371 11.50 39.76 7.92
N GLU D 372 12.72 39.76 8.44
CA GLU D 372 13.84 39.06 7.83
C GLU D 372 15.02 39.06 8.79
N ILE D 373 15.68 37.91 8.93
CA ILE D 373 16.88 37.79 9.74
C ILE D 373 17.98 37.17 8.88
N LEU D 374 19.07 37.90 8.68
CA LEU D 374 20.27 37.40 8.03
C LEU D 374 21.44 37.47 8.99
N ASN D 375 22.40 36.56 8.81
CA ASN D 375 23.58 36.53 9.65
C ASN D 375 24.89 36.36 8.90
N ASP D 376 24.88 36.47 7.58
CA ASP D 376 26.13 36.31 6.82
C ASP D 376 27.17 37.34 7.20
N PRO D 377 26.89 38.65 7.23
CA PRO D 377 27.83 39.56 7.90
C PRO D 377 27.73 39.44 9.41
N LEU D 378 26.52 39.45 9.95
CA LEU D 378 26.22 39.27 11.36
C LEU D 378 24.70 39.13 11.50
N PRO D 379 24.24 38.45 12.56
CA PRO D 379 22.78 38.29 12.74
C PRO D 379 22.06 39.60 12.93
N ILE D 380 21.18 39.93 11.99
CA ILE D 380 20.54 41.24 11.90
C ILE D 380 19.11 41.05 11.42
N LEU D 381 18.19 41.82 11.99
CA LEU D 381 16.78 41.77 11.62
C LEU D 381 16.49 42.80 10.54
N LYS D 382 15.82 42.35 9.47
CA LYS D 382 15.41 43.20 8.37
C LYS D 382 13.90 43.32 8.38
N GLY D 383 13.40 44.54 8.50
CA GLY D 383 11.99 44.74 8.76
C GLY D 383 11.19 45.33 7.60
N TYR D 384 10.07 44.71 7.28
CA TYR D 384 9.28 45.06 6.10
C TYR D 384 7.97 45.72 6.49
N GLN D 385 7.65 46.79 5.77
CA GLN D 385 6.42 47.53 5.98
C GLN D 385 6.14 48.35 4.72
N ALA D 386 4.86 48.65 4.49
CA ALA D 386 4.46 49.35 3.29
C ALA D 386 3.03 49.86 3.46
N ARG D 387 2.69 50.86 2.64
CA ARG D 387 1.32 51.33 2.53
C ARG D 387 0.45 50.23 1.94
N LEU D 388 -0.76 50.11 2.46
CA LEU D 388 -1.67 49.02 2.13
C LEU D 388 -2.68 49.46 1.08
N LYS D 389 -3.04 48.53 0.20
CA LYS D 389 -4.07 48.72 -0.80
C LYS D 389 -5.36 48.01 -0.37
N PRO D 390 -6.50 48.37 -1.00
CA PRO D 390 -7.79 47.77 -0.58
C PRO D 390 -7.80 46.25 -0.44
N ASN D 391 -8.62 45.76 0.50
CA ASN D 391 -8.77 44.33 0.76
C ASN D 391 -7.46 43.71 1.25
N TYR D 392 -6.84 44.36 2.23
CA TYR D 392 -5.61 43.87 2.85
C TYR D 392 -4.53 43.62 1.80
N GLN D 393 -4.53 44.44 0.77
CA GLN D 393 -3.52 44.38 -0.28
C GLN D 393 -2.44 45.41 0.02
N VAL D 394 -1.30 45.29 -0.65
CA VAL D 394 -0.14 46.11 -0.34
C VAL D 394 0.33 46.82 -1.60
N ASP D 395 0.72 48.08 -1.44
CA ASP D 395 1.32 48.84 -2.53
C ASP D 395 2.73 48.32 -2.81
N ARG D 396 3.04 48.11 -4.09
CA ARG D 396 4.31 47.53 -4.46
C ARG D 396 5.46 48.45 -4.08
N GLU D 397 5.44 49.69 -4.57
CA GLU D 397 6.32 50.69 -4.00
C GLU D 397 5.85 51.02 -2.58
N SER D 398 6.69 51.73 -1.84
CA SER D 398 6.59 51.99 -0.41
C SER D 398 6.91 50.76 0.43
N MET D 399 7.17 49.61 -0.21
CA MET D 399 7.67 48.47 0.54
C MET D 399 9.10 48.76 0.98
N SER D 400 9.46 48.21 2.14
CA SER D 400 10.73 48.56 2.74
C SER D 400 11.34 47.33 3.38
N GLU D 401 12.64 47.39 3.65
CA GLU D 401 13.33 46.43 4.47
C GLU D 401 14.18 47.19 5.48
N THR D 402 13.87 47.00 6.76
CA THR D 402 14.44 47.80 7.83
C THR D 402 15.50 46.99 8.55
N ILE D 403 16.76 47.24 8.22
CA ILE D 403 17.90 46.58 8.84
C ILE D 403 17.98 47.04 10.29
N TYR D 404 18.31 46.10 11.18
CA TYR D 404 18.38 46.39 12.61
C TYR D 404 19.75 46.02 13.15
N GLY D 405 19.85 46.04 14.48
CA GLY D 405 21.12 45.85 15.14
C GLY D 405 21.57 44.39 15.20
N ASP D 406 22.49 44.09 16.12
CA ASP D 406 23.05 42.76 16.24
C ASP D 406 21.99 41.81 16.78
N ILE D 407 21.00 41.47 15.94
CA ILE D 407 19.75 40.90 16.43
C ILE D 407 20.00 39.61 17.22
N HIS D 408 21.12 38.93 16.98
CA HIS D 408 21.49 37.81 17.84
C HIS D 408 21.56 38.24 19.29
N LYS D 409 22.01 39.46 19.54
CA LYS D 409 22.08 39.96 20.91
C LYS D 409 20.72 39.92 21.59
N LEU D 410 19.72 40.60 21.02
CA LEU D 410 18.38 40.55 21.59
C LEU D 410 17.78 39.15 21.50
N PHE D 411 18.26 38.31 20.59
CA PHE D 411 17.82 36.93 20.46
C PHE D 411 18.53 35.98 21.41
N CYS D 412 19.86 35.98 21.41
CA CYS D 412 20.64 34.95 22.08
C CYS D 412 21.19 35.45 23.41
N PRO D 413 21.14 34.63 24.45
CA PRO D 413 21.74 35.01 25.73
C PRO D 413 23.23 34.70 25.79
N LYS D 414 23.85 34.91 26.94
CA LYS D 414 25.24 34.52 27.17
C LYS D 414 25.29 33.74 28.48
N GLN D 415 25.03 32.43 28.39
CA GLN D 415 25.13 31.49 29.50
C GLN D 415 24.23 31.85 30.69
N LEU D 416 23.23 32.70 30.48
CA LEU D 416 22.31 33.08 31.54
C LEU D 416 20.88 32.95 31.02
N GLU D 417 19.94 32.81 31.96
CA GLU D 417 18.57 32.47 31.61
C GLU D 417 17.89 33.61 30.86
N GLN D 418 16.80 33.26 30.17
CA GLN D 418 16.04 34.20 29.36
C GLN D 418 14.58 34.16 29.76
N LYS D 419 13.89 35.29 29.58
CA LYS D 419 12.47 35.38 29.84
C LYS D 419 11.76 35.76 28.54
N TYR D 420 11.04 34.79 27.95
CA TYR D 420 10.32 35.00 26.71
C TYR D 420 8.85 34.69 26.96
N TYR D 421 8.03 35.74 26.97
CA TYR D 421 6.61 35.57 27.26
C TYR D 421 5.89 34.98 26.05
N ILE D 422 4.83 34.23 26.31
CA ILE D 422 4.16 33.44 25.29
C ILE D 422 2.68 33.81 25.26
N LYS D 423 2.23 34.35 24.13
CA LYS D 423 0.83 34.68 23.90
C LYS D 423 0.61 35.02 22.45
N ASP D 424 -0.49 34.52 21.90
CA ASP D 424 -0.97 34.97 20.60
C ASP D 424 -1.72 36.28 20.76
N ILE D 425 -0.95 37.37 20.83
CA ILE D 425 -1.55 38.69 20.74
C ILE D 425 -2.39 38.74 19.47
N GLU D 426 -3.68 38.97 19.63
CA GLU D 426 -4.55 39.08 18.47
C GLU D 426 -5.60 40.14 18.73
N PHE D 427 -5.68 41.09 17.82
CA PHE D 427 -6.71 42.10 17.83
C PHE D 427 -7.79 41.72 16.84
N PRO D 428 -8.99 42.28 16.98
CA PRO D 428 -10.08 41.90 16.07
C PRO D 428 -9.78 42.30 14.64
N GLU D 429 -10.69 41.93 13.75
CA GLU D 429 -10.42 42.05 12.33
C GLU D 429 -10.41 43.51 11.89
N GLY D 430 -9.76 43.77 10.76
CA GLY D 430 -9.46 45.10 10.33
C GLY D 430 -8.33 45.78 11.07
N TYR D 431 -7.95 45.26 12.23
CA TYR D 431 -6.86 45.84 13.01
C TYR D 431 -5.53 45.34 12.47
N VAL D 432 -4.67 46.27 12.08
CA VAL D 432 -3.39 45.94 11.46
C VAL D 432 -2.25 46.42 12.35
N ILE D 433 -1.29 45.53 12.58
CA ILE D 433 -0.18 45.86 13.47
C ILE D 433 0.84 46.68 12.69
N THR D 434 0.75 48.00 12.81
CA THR D 434 1.69 48.90 12.18
C THR D 434 2.92 49.15 13.03
N LYS D 435 3.05 48.48 14.17
CA LYS D 435 4.20 48.67 15.04
C LYS D 435 4.35 47.46 15.94
N ILE D 436 5.56 46.91 15.98
CA ILE D 436 5.93 45.91 16.98
C ILE D 436 7.23 46.36 17.61
N VAL D 437 7.17 46.69 18.90
CA VAL D 437 8.36 46.97 19.70
C VAL D 437 8.90 45.63 20.17
N PHE D 438 10.18 45.60 20.51
CA PHE D 438 10.79 44.52 21.26
C PHE D 438 11.69 45.12 22.33
N GLU D 439 11.67 44.53 23.53
CA GLU D 439 12.43 45.08 24.65
C GLU D 439 13.05 43.95 25.44
N LYS D 440 14.37 43.95 25.55
CA LYS D 440 15.12 42.96 26.31
C LYS D 440 15.87 43.70 27.40
N ARG D 441 15.37 43.62 28.63
CA ARG D 441 15.99 44.28 29.78
C ARG D 441 16.25 43.24 30.85
N LEU D 442 17.50 43.16 31.31
CA LEU D 442 17.93 42.15 32.27
C LEU D 442 17.62 40.74 31.76
N ASN D 443 17.80 40.57 30.44
CA ASN D 443 17.56 39.31 29.73
C ASN D 443 16.09 38.93 29.70
N GLN D 444 15.22 39.73 30.30
CA GLN D 444 13.78 39.51 30.25
C GLN D 444 13.26 40.15 28.97
N LEU D 445 13.37 39.43 27.86
CA LEU D 445 13.05 39.97 26.54
C LEU D 445 11.54 40.00 26.39
N GLY D 446 10.98 41.21 26.39
CA GLY D 446 9.60 41.43 26.02
C GLY D 446 9.49 42.12 24.67
N TYR D 447 8.25 42.43 24.31
CA TYR D 447 8.00 43.16 23.09
C TYR D 447 6.69 43.92 23.25
N GLU D 448 6.13 44.34 22.12
CA GLU D 448 4.87 45.08 22.11
C GLU D 448 4.25 44.94 20.74
N VAL D 449 3.07 44.33 20.69
CA VAL D 449 2.32 44.17 19.45
C VAL D 449 1.02 44.95 19.61
N THR D 450 0.87 46.01 18.83
CA THR D 450 -0.31 46.86 18.85
C THR D 450 -0.79 47.10 17.44
N ALA D 451 -2.11 47.11 17.25
CA ALA D 451 -2.68 47.21 15.92
C ALA D 451 -3.65 48.38 15.83
N ASN D 452 -3.32 49.32 14.94
CA ASN D 452 -4.27 50.27 14.42
C ASN D 452 -5.25 49.56 13.49
N PHE D 453 -6.44 50.12 13.40
CA PHE D 453 -7.46 49.54 12.52
C PHE D 453 -7.12 49.82 11.05
N TYR D 454 -7.78 49.08 10.17
CA TYR D 454 -7.64 49.20 8.73
C TYR D 454 -8.98 48.93 8.08
N ASP D 455 -9.56 49.96 7.49
CA ASP D 455 -10.78 49.82 6.71
C ASP D 455 -10.48 48.88 5.53
N PRO D 456 -10.99 47.65 5.55
CA PRO D 456 -10.57 46.69 4.52
C PRO D 456 -10.91 47.10 3.11
N SER D 457 -11.99 47.87 2.93
CA SER D 457 -12.50 48.12 1.58
C SER D 457 -11.61 49.09 0.81
N THR D 458 -11.05 50.09 1.48
CA THR D 458 -10.39 51.20 0.78
C THR D 458 -8.92 51.37 1.12
N GLY D 459 -8.22 50.33 1.55
CA GLY D 459 -6.77 50.39 1.68
C GLY D 459 -6.24 51.33 2.75
N SER D 460 -7.13 52.03 3.45
CA SER D 460 -6.71 52.95 4.50
C SER D 460 -6.62 52.23 5.84
N ILE D 461 -5.44 52.26 6.46
CA ILE D 461 -5.29 51.88 7.85
C ILE D 461 -5.84 53.04 8.69
N ASP D 462 -6.53 52.73 9.77
CA ASP D 462 -6.93 53.79 10.68
C ASP D 462 -5.72 54.31 11.43
N LEU D 463 -5.70 55.63 11.67
CA LEU D 463 -4.54 56.29 12.27
C LEU D 463 -4.74 56.68 13.72
N ASN D 464 -5.89 56.36 14.32
CA ASN D 464 -6.16 56.71 15.70
C ASN D 464 -6.70 55.55 16.54
N LYS D 465 -7.32 54.55 15.90
CA LYS D 465 -7.93 53.44 16.64
C LYS D 465 -6.88 52.36 16.84
N VAL D 466 -5.94 52.62 17.75
CA VAL D 466 -4.96 51.63 18.17
C VAL D 466 -5.63 50.62 19.09
N LYS D 467 -5.15 49.39 19.03
CA LYS D 467 -5.47 48.39 20.04
C LYS D 467 -4.17 47.75 20.46
N VAL D 468 -3.98 47.64 21.77
CA VAL D 468 -2.66 47.37 22.34
C VAL D 468 -2.73 46.24 23.36
N GLU D 469 -1.72 45.37 23.30
CA GLU D 469 -1.44 44.40 24.36
C GLU D 469 -0.01 44.66 24.81
N SER D 470 0.14 45.43 25.88
CA SER D 470 1.45 45.81 26.38
C SER D 470 2.31 44.61 26.75
N TRP D 471 1.71 43.50 27.18
CA TRP D 471 2.44 42.32 27.57
C TRP D 471 2.36 41.26 26.49
N LYS D 472 3.10 40.18 26.70
CA LYS D 472 3.49 39.24 25.65
C LYS D 472 3.10 37.81 26.04
N GLU D 473 2.44 37.67 27.18
CA GLU D 473 2.26 36.37 27.81
C GLU D 473 0.78 36.05 27.92
N LYS D 474 0.45 34.77 27.81
CA LYS D 474 -0.95 34.34 27.87
C LYS D 474 -1.56 34.64 29.22
N SER D 475 -0.75 34.76 30.28
CA SER D 475 -1.27 35.12 31.59
C SER D 475 -1.80 36.55 31.58
N CYS D 476 -1.21 37.43 30.77
CA CYS D 476 -1.75 38.77 30.61
C CYS D 476 -3.07 38.78 29.86
N GLU D 477 -3.28 37.82 28.96
CA GLU D 477 -4.52 37.77 28.20
C GLU D 477 -5.73 37.54 29.10
N GLU D 478 -5.49 37.29 30.39
CA GLU D 478 -6.57 37.11 31.36
C GLU D 478 -6.38 37.88 32.66
N ASP D 479 -5.14 38.28 33.00
CA ASP D 479 -4.90 38.90 34.30
C ASP D 479 -3.98 40.12 34.26
N SER D 480 -3.25 40.37 33.16
CA SER D 480 -2.34 41.50 33.04
C SER D 480 -1.24 41.47 34.11
N CYS D 481 -1.07 40.32 34.75
CA CYS D 481 0.02 40.10 35.68
C CYS D 481 1.16 39.42 34.93
N GLU D 482 2.32 40.05 34.94
CA GLU D 482 3.42 39.65 34.07
C GLU D 482 4.02 38.35 34.58
N ASP D 483 3.62 37.23 33.97
CA ASP D 483 4.08 35.90 34.34
C ASP D 483 3.94 35.01 33.11
N GLU D 484 4.06 33.70 33.31
CA GLU D 484 3.92 32.70 32.23
C GLU D 484 4.72 33.10 30.99
N TYR D 485 6.01 33.30 31.20
CA TYR D 485 6.97 33.40 30.12
C TYR D 485 7.38 32.00 29.69
N SER D 486 8.42 31.90 28.88
CA SER D 486 9.14 30.66 28.70
C SER D 486 10.60 30.90 29.08
N ILE D 487 11.06 30.14 30.08
CA ILE D 487 12.39 30.32 30.63
C ILE D 487 13.32 29.30 29.98
N ILE D 488 14.53 29.77 29.67
CA ILE D 488 15.51 28.96 28.95
C ILE D 488 16.83 29.03 29.71
N LYS D 489 17.37 27.86 30.07
CA LYS D 489 18.71 27.77 30.60
C LYS D 489 19.67 27.80 29.42
N ALA D 490 20.44 28.89 29.32
CA ALA D 490 21.17 29.20 28.10
C ALA D 490 22.17 28.10 27.74
N GLU D 491 22.08 27.61 26.51
CA GLU D 491 23.09 26.72 25.97
C GLU D 491 24.33 27.54 25.58
N THR D 492 25.47 26.86 25.50
CA THR D 492 26.74 27.54 25.30
C THR D 492 26.90 28.03 23.86
N ASP D 493 26.81 27.11 22.90
CA ASP D 493 27.07 27.44 21.50
C ASP D 493 26.15 28.54 20.99
N GLY D 494 24.92 28.58 21.49
CA GLY D 494 23.99 29.62 21.12
C GLY D 494 22.60 29.07 20.93
N ILE D 495 21.61 29.89 21.26
CA ILE D 495 20.22 29.53 21.15
C ILE D 495 19.86 29.37 19.68
N TYR D 496 18.81 28.60 19.40
CA TYR D 496 18.36 28.39 18.02
C TYR D 496 17.65 29.63 17.52
N MET D 497 18.41 30.71 17.32
CA MET D 497 17.84 31.96 16.84
C MET D 497 17.23 31.75 15.47
N PRO D 498 16.17 32.49 15.14
CA PRO D 498 15.55 32.35 13.83
C PRO D 498 16.51 32.70 12.71
N LEU D 499 16.57 31.84 11.70
CA LEU D 499 17.38 32.08 10.53
C LEU D 499 16.49 32.05 9.31
N GLY D 500 16.66 33.03 8.43
CA GLY D 500 15.83 33.17 7.25
C GLY D 500 14.90 34.37 7.38
N VAL D 501 13.77 34.28 6.69
CA VAL D 501 12.86 35.39 6.53
C VAL D 501 11.54 35.07 7.23
N VAL D 502 11.12 35.96 8.12
CA VAL D 502 9.88 35.78 8.89
C VAL D 502 8.80 36.57 8.17
N SER D 503 8.09 35.92 7.26
CA SER D 503 7.06 36.59 6.49
C SER D 503 6.11 35.55 5.91
N GLU D 504 5.04 36.04 5.29
CA GLU D 504 4.12 35.18 4.58
C GLU D 504 4.48 35.15 3.09
N THR D 505 4.24 33.99 2.47
CA THR D 505 4.46 33.82 1.03
C THR D 505 3.97 35.02 0.23
N PHE D 506 2.85 35.61 0.64
CA PHE D 506 2.40 36.88 0.11
C PHE D 506 2.39 37.91 1.23
N LEU D 507 2.98 39.06 0.98
CA LEU D 507 3.02 40.10 2.02
C LEU D 507 1.60 40.54 2.36
N THR D 508 1.27 40.44 3.64
CA THR D 508 -0.12 40.59 4.05
C THR D 508 -0.24 41.14 5.47
N PRO D 509 -1.25 41.96 5.73
CA PRO D 509 -1.46 42.48 7.09
C PRO D 509 -1.77 41.35 8.06
N ILE D 510 -0.97 41.25 9.11
CA ILE D 510 -1.21 40.31 10.20
C ILE D 510 -2.00 41.02 11.29
N TYR D 511 -3.04 40.35 11.79
CA TYR D 511 -3.81 40.87 12.90
C TYR D 511 -3.41 40.26 14.24
N GLY D 512 -2.96 39.02 14.25
CA GLY D 512 -2.52 38.37 15.46
C GLY D 512 -1.08 37.92 15.35
N PHE D 513 -0.45 37.70 16.49
CA PHE D 513 0.90 37.17 16.52
C PHE D 513 1.14 36.55 17.89
N GLY D 514 1.87 35.44 17.88
CA GLY D 514 2.16 34.73 19.11
C GLY D 514 3.59 34.24 19.11
N LEU D 515 4.16 34.20 20.30
CA LEU D 515 5.49 33.65 20.52
C LEU D 515 5.34 32.22 21.05
N THR D 516 5.92 31.27 20.33
CA THR D 516 5.79 29.85 20.66
C THR D 516 7.17 29.19 20.71
N VAL D 517 8.10 29.84 21.41
CA VAL D 517 9.43 29.28 21.61
C VAL D 517 9.30 27.91 22.28
N ASP D 518 10.21 27.00 21.93
CA ASP D 518 10.24 25.66 22.49
C ASP D 518 11.64 25.42 23.05
N GLU D 519 11.84 25.82 24.31
CA GLU D 519 13.14 25.70 24.96
C GLU D 519 13.55 24.27 25.22
N LYS D 520 12.59 23.33 25.25
CA LYS D 520 12.94 21.92 25.37
C LYS D 520 13.96 21.50 24.32
N ASN D 521 13.91 22.12 23.14
CA ASN D 521 14.97 22.00 22.15
C ASN D 521 15.78 23.29 22.02
N GLN D 522 15.59 24.24 22.94
CA GLN D 522 16.26 25.54 22.89
C GLN D 522 16.00 26.25 21.56
N LYS D 523 14.81 26.02 21.02
CA LYS D 523 14.44 26.51 19.70
C LYS D 523 13.36 27.56 19.85
N ILE D 524 13.45 28.62 19.04
CA ILE D 524 12.50 29.73 19.10
C ILE D 524 11.56 29.61 17.91
N THR D 525 10.27 29.77 18.18
CA THR D 525 9.27 29.66 17.14
C THR D 525 8.25 30.78 17.34
N LEU D 526 7.75 31.32 16.24
CA LEU D 526 6.74 32.36 16.29
C LEU D 526 5.43 31.85 15.71
N THR D 527 4.41 32.69 15.79
CA THR D 527 3.09 32.34 15.26
C THR D 527 2.30 33.63 15.07
N GLY D 528 1.95 33.93 13.82
CA GLY D 528 1.19 35.12 13.52
C GLY D 528 -0.22 34.76 13.08
N LYS D 529 -1.04 35.79 12.94
CA LYS D 529 -2.39 35.65 12.41
C LYS D 529 -2.65 36.80 11.45
N SER D 530 -2.88 36.47 10.20
CA SER D 530 -3.01 37.46 9.15
C SER D 530 -4.37 37.39 8.47
N TYR D 531 -4.70 38.45 7.75
CA TYR D 531 -5.95 38.59 7.02
C TYR D 531 -5.92 37.89 5.67
N LEU D 532 -5.01 36.93 5.47
CA LEU D 532 -4.74 36.38 4.14
C LEU D 532 -6.02 35.86 3.47
N ARG D 533 -6.79 35.02 4.15
CA ARG D 533 -8.04 34.53 3.58
C ARG D 533 -8.96 35.69 3.20
N GLU D 534 -8.92 36.75 4.01
CA GLU D 534 -9.78 37.91 3.77
C GLU D 534 -9.14 38.91 2.81
N SER D 535 -7.91 38.66 2.37
CA SER D 535 -7.30 39.51 1.35
C SER D 535 -7.43 38.89 -0.03
N LEU D 536 -7.17 37.58 -0.14
CA LEU D 536 -7.34 36.84 -1.38
C LEU D 536 -8.78 36.45 -1.65
N LEU D 537 -9.60 36.35 -0.61
CA LEU D 537 -10.97 35.89 -0.76
C LEU D 537 -11.83 36.90 -1.52
N GLU D 538 -11.32 38.10 -1.77
CA GLU D 538 -12.09 39.16 -2.42
C GLU D 538 -11.57 39.56 -3.79
N THR D 539 -10.31 39.28 -4.11
CA THR D 539 -9.71 39.79 -5.33
C THR D 539 -9.42 38.71 -6.36
N ASP D 540 -8.66 37.68 -5.99
CA ASP D 540 -8.34 36.62 -6.94
C ASP D 540 -9.44 35.57 -6.93
N LEU D 541 -9.97 35.24 -5.76
CA LEU D 541 -11.09 34.30 -5.69
C LEU D 541 -12.37 34.91 -6.26
N LEU D 542 -12.42 36.22 -6.43
CA LEU D 542 -13.47 36.86 -7.20
C LEU D 542 -12.96 37.31 -8.57
N ASN D 543 -11.71 37.00 -8.89
CA ASN D 543 -11.12 37.20 -10.21
C ASN D 543 -11.20 38.68 -10.64
N ASN D 544 -10.51 39.49 -9.85
CA ASN D 544 -10.32 40.91 -10.12
C ASN D 544 -8.87 41.15 -10.47
N GLU D 545 -8.48 42.42 -10.57
CA GLU D 545 -7.10 42.76 -10.88
C GLU D 545 -6.24 42.36 -9.69
N THR D 546 -5.60 41.20 -9.81
CA THR D 546 -4.85 40.61 -8.71
C THR D 546 -3.62 41.45 -8.40
N TYR D 547 -3.65 42.09 -7.23
CA TYR D 547 -2.46 42.72 -6.69
C TYR D 547 -1.94 41.74 -5.63
N LEU D 548 -1.23 40.73 -6.10
CA LEU D 548 -0.69 39.66 -5.27
C LEU D 548 0.80 39.54 -5.52
N ILE D 549 1.58 39.76 -4.46
CA ILE D 549 3.04 39.86 -4.57
C ILE D 549 3.68 38.80 -3.70
N ALA D 550 4.58 38.01 -4.30
CA ALA D 550 5.25 36.95 -3.58
C ALA D 550 6.10 37.51 -2.45
N SER D 551 6.56 36.62 -1.58
CA SER D 551 7.26 37.04 -0.39
C SER D 551 8.65 37.56 -0.74
N PRO D 552 9.21 38.48 0.05
CA PRO D 552 10.58 38.94 -0.21
C PRO D 552 11.60 37.94 0.31
N ASP D 553 12.40 37.40 -0.61
CA ASP D 553 13.46 36.47 -0.20
C ASP D 553 14.61 37.21 0.46
N GLY D 554 15.18 38.19 -0.23
CA GLY D 554 16.31 38.93 0.30
C GLY D 554 16.08 40.43 0.27
N TYR D 555 17.00 41.13 -0.40
CA TYR D 555 16.93 42.58 -0.44
C TYR D 555 16.11 43.05 -1.64
N ILE D 556 15.37 44.14 -1.43
CA ILE D 556 14.52 44.71 -2.48
C ILE D 556 15.08 45.97 -3.09
N SER D 557 16.01 46.67 -2.43
CA SER D 557 16.55 47.92 -2.93
C SER D 557 18.04 47.98 -2.60
N SER D 558 18.61 49.17 -2.78
CA SER D 558 20.00 49.40 -2.43
C SER D 558 20.28 50.89 -2.35
N ILE D 559 21.22 51.25 -1.48
CA ILE D 559 21.78 52.59 -1.49
C ILE D 559 22.38 52.90 -2.85
N VAL D 560 22.88 51.89 -3.54
CA VAL D 560 23.34 52.04 -4.92
C VAL D 560 22.11 52.23 -5.80
N GLU D 561 22.02 53.39 -6.45
CA GLU D 561 20.99 53.58 -7.46
C GLU D 561 21.18 52.60 -8.60
N ASN D 562 20.06 52.14 -9.18
CA ASN D 562 20.08 51.25 -10.33
C ASN D 562 20.86 49.96 -10.02
N TRP D 563 21.02 49.66 -8.73
CA TRP D 563 21.80 48.52 -8.30
C TRP D 563 21.50 47.28 -9.11
N ASN D 564 20.23 47.03 -9.41
CA ASN D 564 19.85 46.00 -10.37
C ASN D 564 19.83 46.59 -11.77
N ILE D 565 21.03 46.88 -12.29
CA ILE D 565 21.16 47.33 -13.67
C ILE D 565 20.57 46.23 -14.53
N THR D 566 19.45 46.51 -15.18
CA THR D 566 18.82 45.53 -16.05
C THR D 566 18.32 46.09 -17.38
N SER D 567 18.20 47.41 -17.53
CA SER D 567 17.70 48.01 -18.76
C SER D 567 18.79 48.68 -19.57
N ASP D 568 20.03 48.22 -19.44
CA ASP D 568 21.18 48.72 -20.20
C ASP D 568 21.47 50.20 -19.91
N ASN D 569 21.30 50.64 -18.67
CA ASN D 569 21.57 52.02 -18.28
C ASN D 569 22.40 52.06 -17.01
N THR D 570 23.30 53.05 -16.92
CA THR D 570 24.10 53.25 -15.72
C THR D 570 23.36 53.99 -14.62
N GLY D 571 22.61 55.03 -14.94
CA GLY D 571 22.06 55.87 -13.89
C GLY D 571 23.19 56.61 -13.21
N SER D 572 23.23 56.53 -11.88
CA SER D 572 24.32 57.18 -11.15
C SER D 572 25.64 56.42 -11.33
N TRP D 573 25.60 55.22 -11.91
CA TRP D 573 26.83 54.55 -12.29
C TRP D 573 27.51 55.34 -13.40
N ARG D 574 28.80 55.06 -13.60
CA ARG D 574 29.58 55.86 -14.54
C ARG D 574 30.46 54.95 -15.40
N ALA D 575 30.10 54.84 -16.68
CA ALA D 575 30.81 54.00 -17.64
C ALA D 575 32.13 54.65 -18.01
N ASN D 576 33.16 54.40 -17.21
CA ASN D 576 34.45 55.06 -17.35
C ASN D 576 35.41 54.33 -18.29
N ASN D 577 34.90 53.50 -19.19
CA ASN D 577 35.75 52.82 -20.14
C ASN D 577 34.90 52.24 -21.26
N ASN D 578 35.51 52.07 -22.44
CA ASN D 578 34.84 51.41 -23.56
C ASN D 578 34.85 49.90 -23.44
N ASN D 579 35.47 49.36 -22.41
CA ASN D 579 35.19 48.01 -21.96
C ASN D 579 34.25 48.00 -20.78
N ALA D 580 34.07 49.17 -20.15
CA ALA D 580 33.04 49.38 -19.13
C ALA D 580 31.83 49.97 -19.82
N PHE D 581 31.27 49.22 -20.76
CA PHE D 581 30.03 49.61 -21.42
C PHE D 581 28.89 48.77 -20.84
N VAL D 582 27.73 49.40 -20.73
CA VAL D 582 26.66 48.89 -19.86
C VAL D 582 26.29 47.47 -20.27
N ASP D 583 26.10 47.24 -21.57
CA ASP D 583 26.11 45.89 -22.15
C ASP D 583 25.07 44.99 -21.48
N LYS D 584 23.80 45.22 -21.82
CA LYS D 584 22.71 44.39 -21.32
C LYS D 584 23.12 42.92 -21.30
N ALA D 585 23.85 42.48 -22.34
CA ALA D 585 24.52 41.19 -22.34
C ALA D 585 26.00 41.34 -21.98
N ASP D 586 26.25 41.70 -20.72
CA ASP D 586 27.61 41.80 -20.22
C ASP D 586 28.34 40.48 -20.39
N THR D 587 27.88 39.45 -19.69
CA THR D 587 28.19 38.07 -20.03
C THR D 587 26.97 37.31 -20.52
N ILE D 588 25.77 37.83 -20.25
CA ILE D 588 24.53 37.21 -20.68
C ILE D 588 23.44 38.28 -20.66
N LYS D 589 22.59 38.25 -21.68
CA LYS D 589 21.48 39.19 -21.77
C LYS D 589 20.37 38.91 -20.75
N GLY D 590 20.50 37.84 -19.96
CA GLY D 590 19.52 37.60 -18.91
C GLY D 590 19.40 38.77 -17.96
N SER D 591 20.51 39.47 -17.73
CA SER D 591 20.50 40.70 -16.94
C SER D 591 21.76 41.48 -17.27
N SER D 592 21.62 42.79 -17.32
CA SER D 592 22.80 43.65 -17.31
C SER D 592 23.56 43.40 -16.03
N SER D 593 24.86 43.22 -16.15
CA SER D 593 25.73 43.08 -14.98
C SER D 593 27.07 43.69 -15.36
N LEU D 594 27.23 44.97 -15.05
CA LEU D 594 28.14 45.87 -15.76
C LEU D 594 29.45 45.19 -16.18
N TYR D 595 29.71 45.15 -17.49
CA TYR D 595 30.87 44.47 -18.04
C TYR D 595 32.08 45.39 -17.99
N THR D 596 33.19 44.86 -17.48
CA THR D 596 34.45 45.58 -17.39
C THR D 596 35.58 44.60 -17.62
N HIS D 597 36.23 44.68 -18.77
CA HIS D 597 37.28 43.72 -19.12
C HIS D 597 38.58 44.44 -19.43
N LYS D 598 39.56 44.20 -18.55
CA LYS D 598 40.97 44.55 -18.66
C LYS D 598 41.25 46.05 -18.52
N ASP D 599 40.22 46.88 -18.62
CA ASP D 599 40.35 48.27 -18.17
C ASP D 599 39.04 48.87 -17.67
N GLY D 600 37.95 48.11 -17.64
CA GLY D 600 36.64 48.72 -17.43
C GLY D 600 36.48 49.24 -16.02
N GLU D 601 35.76 50.35 -15.87
CA GLU D 601 35.39 50.88 -14.57
C GLU D 601 34.00 51.49 -14.61
N PHE D 602 33.14 51.08 -13.68
CA PHE D 602 31.89 51.77 -13.41
C PHE D 602 31.96 52.40 -12.03
N SER D 603 31.78 53.72 -11.98
CA SER D 603 31.87 54.47 -10.74
C SER D 603 30.49 55.00 -10.34
N GLN D 604 30.27 55.13 -9.03
CA GLN D 604 29.02 55.68 -8.54
C GLN D 604 29.24 56.29 -7.16
N PHE D 605 28.79 57.53 -6.98
CA PHE D 605 28.90 58.17 -5.67
C PHE D 605 27.91 57.54 -4.71
N ILE D 606 28.42 56.96 -3.63
CA ILE D 606 27.59 56.27 -2.66
C ILE D 606 27.83 56.85 -1.27
N GLY D 607 28.84 57.71 -1.15
CA GLY D 607 29.25 58.20 0.16
C GLY D 607 28.28 59.19 0.77
N ASN D 608 27.75 60.10 -0.06
CA ASN D 608 26.70 61.02 0.41
C ASN D 608 25.64 60.30 1.25
N LYS D 609 25.28 59.08 0.89
CA LYS D 609 24.42 58.26 1.73
C LYS D 609 25.16 57.48 2.81
N LEU D 610 26.46 57.25 2.64
CA LEU D 610 27.26 56.64 3.70
C LEU D 610 27.53 57.68 4.78
N LYS D 611 27.05 57.43 5.99
CA LYS D 611 27.11 58.44 7.03
C LYS D 611 28.02 57.98 8.17
N PRO D 612 28.80 58.89 8.76
CA PRO D 612 29.90 58.48 9.64
C PRO D 612 29.45 57.68 10.85
N LYS D 613 30.37 56.83 11.32
CA LYS D 613 30.17 56.04 12.54
C LYS D 613 28.92 55.18 12.45
N THR D 614 28.64 54.66 11.26
CA THR D 614 27.49 53.80 11.03
C THR D 614 27.91 52.62 10.17
N ASN D 615 27.39 51.44 10.51
CA ASN D 615 27.68 50.23 9.75
C ASN D 615 26.74 50.12 8.55
N TYR D 616 27.25 49.53 7.48
CA TYR D 616 26.45 49.38 6.26
C TYR D 616 26.54 47.94 5.78
N VAL D 617 25.46 47.47 5.15
CA VAL D 617 25.45 46.16 4.52
C VAL D 617 25.75 46.35 3.04
N ILE D 618 26.39 45.35 2.44
CA ILE D 618 26.76 45.36 1.04
C ILE D 618 26.56 43.97 0.46
N GLN D 619 25.92 43.89 -0.69
CA GLN D 619 25.89 42.66 -1.46
C GLN D 619 25.83 43.00 -2.93
N TYR D 620 26.28 42.07 -3.76
CA TYR D 620 26.54 42.37 -5.15
C TYR D 620 26.70 41.06 -5.90
N VAL D 621 25.92 40.93 -6.98
CA VAL D 621 25.92 39.75 -7.83
C VAL D 621 26.96 39.98 -8.92
N ILE D 622 28.10 39.30 -8.82
CA ILE D 622 29.29 39.66 -9.56
C ILE D 622 29.88 38.44 -10.25
N LYS D 623 30.10 38.54 -11.55
CA LYS D 623 30.82 37.53 -12.31
C LYS D 623 32.20 38.07 -12.65
N GLY D 624 33.17 37.18 -12.79
CA GLY D 624 34.55 37.57 -12.97
C GLY D 624 35.17 38.03 -11.67
N ARG D 625 36.33 38.68 -11.79
CA ARG D 625 36.99 39.32 -10.66
C ARG D 625 36.70 40.81 -10.74
N PRO D 626 35.66 41.28 -10.05
CA PRO D 626 35.30 42.70 -10.12
C PRO D 626 36.12 43.50 -9.13
N ALA D 627 36.37 44.75 -9.50
CA ALA D 627 37.04 45.70 -8.63
C ALA D 627 35.97 46.45 -7.87
N ILE D 628 35.60 45.93 -6.70
CA ILE D 628 34.58 46.52 -5.85
C ILE D 628 35.27 47.52 -4.93
N TYR D 629 34.66 48.70 -4.80
CA TYR D 629 35.28 49.78 -4.04
C TYR D 629 34.22 50.57 -3.30
N LEU D 630 34.46 50.79 -2.01
CA LEU D 630 33.77 51.82 -1.24
C LEU D 630 34.85 52.83 -0.88
N LYS D 631 35.13 53.76 -1.79
CA LYS D 631 36.27 54.66 -1.67
C LYS D 631 35.84 56.11 -1.81
N ASN D 632 36.30 56.94 -0.87
CA ASN D 632 36.09 58.39 -0.90
C ASN D 632 37.29 59.12 -1.51
N ASN D 633 37.97 58.43 -2.43
CA ASN D 633 39.13 58.87 -3.22
C ASN D 633 40.36 59.08 -2.34
N LYS D 634 40.20 58.89 -1.03
CA LYS D 634 41.31 58.96 -0.09
C LYS D 634 41.39 57.74 0.81
N ASP D 635 40.25 57.15 1.17
CA ASP D 635 40.18 56.01 2.07
C ASP D 635 39.11 55.04 1.60
N THR D 636 39.54 53.92 1.05
CA THR D 636 38.63 52.88 0.55
C THR D 636 38.06 52.15 1.76
N LEU D 637 36.95 52.66 2.28
CA LEU D 637 36.33 52.08 3.47
C LEU D 637 36.11 50.58 3.34
N PHE D 638 35.86 50.10 2.12
CA PHE D 638 35.95 48.68 1.82
C PHE D 638 36.20 48.50 0.33
N GLU D 639 36.96 47.46 0.01
CA GLU D 639 37.28 47.15 -1.38
C GLU D 639 37.32 45.65 -1.56
N ASP D 640 36.72 45.16 -2.64
CA ASP D 640 36.72 43.73 -2.95
C ASP D 640 37.14 43.54 -4.40
N THR D 641 38.43 43.33 -4.62
CA THR D 641 38.96 43.06 -5.95
C THR D 641 39.67 41.72 -5.97
N LYS D 642 39.28 40.82 -5.07
CA LYS D 642 40.05 39.62 -4.76
C LYS D 642 39.55 38.38 -5.48
N ASN D 643 38.24 38.15 -5.52
CA ASN D 643 37.71 36.88 -6.00
C ASN D 643 37.36 36.96 -7.48
N ASN D 644 37.65 35.88 -8.20
CA ASN D 644 37.23 35.71 -9.58
C ASN D 644 36.05 34.74 -9.61
N PHE D 645 34.93 35.20 -10.15
CA PHE D 645 33.68 34.45 -10.09
C PHE D 645 33.15 34.21 -11.50
N SER D 646 33.15 32.95 -11.92
CA SER D 646 32.62 32.63 -13.23
C SER D 646 31.09 32.57 -13.22
N ASP D 647 30.49 32.54 -12.03
CA ASP D 647 29.09 32.10 -11.89
C ASP D 647 28.30 33.02 -10.97
N PHE D 648 28.66 34.30 -10.95
CA PHE D 648 27.88 35.34 -10.25
C PHE D 648 27.67 34.98 -8.77
N GLN D 649 28.77 34.90 -8.04
CA GLN D 649 28.69 34.59 -6.62
C GLN D 649 28.56 35.87 -5.81
N THR D 650 27.53 35.93 -4.97
CA THR D 650 27.22 37.14 -4.22
C THR D 650 27.26 36.85 -2.71
N VAL D 651 27.84 37.77 -1.94
CA VAL D 651 28.02 37.61 -0.51
C VAL D 651 27.87 38.97 0.18
N THR D 652 27.62 38.92 1.49
CA THR D 652 27.38 40.12 2.29
C THR D 652 28.47 40.28 3.33
N LYS D 653 28.87 41.53 3.59
CA LYS D 653 29.81 41.87 4.64
C LYS D 653 29.32 43.11 5.35
N LYS D 654 30.21 43.70 6.16
CA LYS D 654 29.90 44.92 6.89
C LYS D 654 31.14 45.81 6.94
N PHE D 655 30.92 47.06 7.33
CA PHE D 655 31.97 48.04 7.57
C PHE D 655 31.34 49.23 8.26
N ASN D 656 32.05 49.75 9.26
CA ASN D 656 31.65 50.99 9.92
C ASN D 656 32.10 52.16 9.07
N SER D 657 31.15 52.93 8.56
CA SER D 657 31.48 54.12 7.80
C SER D 657 32.36 55.04 8.63
N GLY D 658 33.54 55.34 8.11
CA GLY D 658 34.56 56.07 8.82
C GLY D 658 34.12 57.47 9.23
N VAL D 659 35.09 58.22 9.77
CA VAL D 659 34.80 59.57 10.22
C VAL D 659 34.28 60.45 9.09
N ASN D 660 34.68 60.18 7.85
CA ASN D 660 34.16 60.90 6.69
C ASN D 660 33.89 59.91 5.57
N PRO D 661 32.70 59.31 5.56
CA PRO D 661 32.31 58.48 4.42
C PRO D 661 31.53 59.27 3.39
N SER D 662 31.17 60.51 3.73
CA SER D 662 30.29 61.33 2.89
C SER D 662 30.85 61.57 1.50
N GLU D 663 32.10 61.19 1.24
CA GLU D 663 32.69 61.32 -0.09
C GLU D 663 32.87 60.00 -0.81
N ILE D 664 32.41 58.88 -0.24
CA ILE D 664 32.72 57.57 -0.79
C ILE D 664 32.08 57.40 -2.15
N TYR D 665 32.91 57.29 -3.18
CA TYR D 665 32.47 56.76 -4.46
C TYR D 665 32.45 55.24 -4.38
N PHE D 666 31.49 54.64 -5.08
CA PHE D 666 31.66 53.27 -5.48
C PHE D 666 32.39 53.30 -6.80
N LEU D 667 33.47 52.53 -6.90
CA LEU D 667 34.24 52.43 -8.13
C LEU D 667 34.23 50.96 -8.49
N PHE D 668 33.16 50.50 -9.14
CA PHE D 668 33.15 49.15 -9.67
C PHE D 668 33.99 49.18 -10.93
N LYS D 669 35.30 49.03 -10.75
CA LYS D 669 36.15 48.85 -11.90
C LYS D 669 36.19 47.38 -12.26
N ASN D 670 36.91 47.06 -13.33
CA ASN D 670 37.20 45.65 -13.60
C ASN D 670 38.03 45.06 -12.47
N GLN D 671 39.31 45.43 -12.44
CA GLN D 671 40.30 44.78 -11.62
C GLN D 671 41.61 45.52 -11.79
N SER D 672 42.70 45.03 -11.18
CA SER D 672 44.01 45.28 -11.75
C SER D 672 44.00 44.94 -13.23
N GLU D 673 43.69 43.68 -13.55
CA GLU D 673 43.23 43.32 -14.89
C GLU D 673 42.64 41.91 -14.86
N TYR D 674 41.38 41.82 -15.30
CA TYR D 674 40.64 40.57 -15.52
C TYR D 674 39.40 40.87 -16.34
N GLU D 675 38.50 39.89 -16.46
CA GLU D 675 37.18 40.13 -17.01
C GLU D 675 36.18 40.11 -15.87
N ALA D 676 35.47 41.22 -15.69
CA ALA D 676 34.58 41.42 -14.55
C ALA D 676 33.17 41.75 -15.01
N TRP D 677 32.20 41.26 -14.26
CA TRP D 677 30.80 41.60 -14.43
C TRP D 677 30.19 41.90 -13.07
N GLY D 678 28.99 42.47 -13.06
CA GLY D 678 28.32 42.69 -11.79
C GLY D 678 27.04 43.50 -11.83
N ASN D 679 26.01 43.02 -11.13
CA ASN D 679 24.79 43.78 -10.93
C ASN D 679 24.23 43.42 -9.56
N ASN D 680 23.05 43.96 -9.26
CA ASN D 680 22.40 43.78 -7.97
C ASN D 680 23.33 44.19 -6.84
N PHE D 681 23.84 45.42 -6.94
CA PHE D 681 24.72 45.99 -5.92
C PHE D 681 23.85 46.46 -4.75
N ILE D 682 23.37 45.52 -3.98
CA ILE D 682 22.60 45.82 -2.77
C ILE D 682 23.55 46.37 -1.72
N ILE D 683 23.42 47.66 -1.43
CA ILE D 683 24.09 48.27 -0.29
C ILE D 683 23.03 49.01 0.51
N LEU D 684 23.02 48.78 1.82
CA LEU D 684 22.12 49.49 2.72
C LEU D 684 22.82 49.68 4.05
N GLU D 685 22.13 50.39 4.95
CA GLU D 685 22.75 50.73 6.23
C GLU D 685 22.47 49.66 7.27
N ILE D 686 23.52 49.18 7.90
CA ILE D 686 23.42 48.24 9.02
C ILE D 686 23.16 49.06 10.26
N LYS D 687 21.96 48.93 10.82
CA LYS D 687 21.65 49.60 12.08
C LYS D 687 22.45 48.98 13.21
N SER D 688 22.96 49.81 14.10
CA SER D 688 23.54 49.30 15.33
C SER D 688 22.46 49.15 16.38
N LEU D 689 22.59 48.11 17.20
CA LEU D 689 21.58 47.83 18.21
C LEU D 689 21.64 48.87 19.32
N GLU D 690 20.47 49.36 19.73
CA GLU D 690 20.33 50.30 20.83
C GLU D 690 19.87 49.54 22.08
N PHE D 691 19.93 50.22 23.22
CA PHE D 691 19.71 49.57 24.50
C PHE D 691 18.93 50.47 25.43
N LEU D 692 18.32 49.85 26.44
CA LEU D 692 17.48 50.55 27.39
C LEU D 692 18.35 51.26 28.44
N PRO D 693 17.78 52.19 29.20
CA PRO D 693 18.62 53.04 30.06
C PRO D 693 19.15 52.29 31.28
N GLN D 694 19.83 53.05 32.13
CA GLN D 694 20.56 52.53 33.28
C GLN D 694 20.74 53.65 34.29
N MET D 695 21.60 53.42 35.27
CA MET D 695 21.95 54.48 36.21
C MET D 695 23.34 55.06 35.93
N LEU D 696 24.22 54.26 35.32
CA LEU D 696 25.54 54.75 34.97
C LEU D 696 25.46 55.72 33.79
N LYS D 697 26.47 56.59 33.69
CA LYS D 697 26.53 57.60 32.63
C LYS D 697 27.97 57.79 32.17
N PRO D 698 28.21 57.91 30.86
CA PRO D 698 29.60 58.09 30.39
C PRO D 698 30.19 59.46 30.68
N GLU D 699 29.47 60.35 31.36
CA GLU D 699 29.95 61.71 31.58
C GLU D 699 30.37 61.99 33.01
N ASP D 700 29.69 61.43 34.00
CA ASP D 700 30.02 61.66 35.40
C ASP D 700 31.27 60.90 35.85
N TRP D 701 31.98 60.27 34.92
CA TRP D 701 33.20 59.55 35.26
C TRP D 701 34.31 60.53 35.61
N ILE D 702 35.12 60.17 36.61
CA ILE D 702 36.20 61.03 37.06
C ILE D 702 37.53 60.33 36.82
N PRO D 703 38.18 60.57 35.69
CA PRO D 703 39.48 59.95 35.41
C PRO D 703 40.51 60.31 36.47
N SER D 704 41.40 59.36 36.74
CA SER D 704 42.42 59.50 37.77
C SER D 704 43.79 59.24 37.20
N GLY D 705 44.08 59.79 36.02
CA GLY D 705 45.39 59.68 35.43
C GLY D 705 45.62 58.35 34.73
N ASN D 706 46.31 58.39 33.58
CA ASN D 706 46.59 57.20 32.78
C ASN D 706 45.33 56.37 32.54
N VAL D 707 44.24 57.06 32.21
CA VAL D 707 42.95 56.43 31.93
C VAL D 707 42.24 57.26 30.87
N GLN D 708 41.71 56.60 29.85
CA GLN D 708 41.05 57.29 28.75
C GLN D 708 39.80 56.53 28.32
N MET D 709 38.74 57.28 28.03
CA MET D 709 37.51 56.70 27.51
C MET D 709 37.58 56.57 25.99
N LYS D 710 36.88 55.57 25.48
CA LYS D 710 36.90 55.25 24.06
C LYS D 710 35.51 55.47 23.46
N ASP D 711 35.37 55.16 22.17
CA ASP D 711 34.15 55.49 21.44
C ASP D 711 32.94 54.74 21.99
N GLY D 712 33.12 53.49 22.40
CA GLY D 712 32.03 52.74 22.98
C GLY D 712 31.86 53.02 24.46
N GLY D 713 32.16 54.24 24.88
CA GLY D 713 32.18 54.54 26.31
C GLY D 713 33.03 53.57 27.09
N ARG D 714 34.20 53.23 26.54
CA ARG D 714 34.89 52.03 26.99
C ARG D 714 35.78 52.28 28.20
N LEU D 715 36.23 53.52 28.40
CA LEU D 715 36.95 53.92 29.61
C LEU D 715 38.15 53.01 29.89
N GLU D 716 39.07 52.95 28.92
CA GLU D 716 40.24 52.11 29.03
C GLU D 716 41.12 52.56 30.19
N ILE D 717 41.45 51.63 31.07
CA ILE D 717 42.38 51.90 32.18
C ILE D 717 43.79 51.74 31.64
N LEU D 718 44.43 52.84 31.25
CA LEU D 718 45.76 52.81 30.64
C LEU D 718 46.86 52.55 31.66
N GLY D 719 46.51 52.19 32.90
CA GLY D 719 47.50 51.87 33.91
C GLY D 719 47.11 52.31 35.30
N ASP D 720 47.98 53.08 35.95
CA ASP D 720 47.75 53.57 37.30
C ASP D 720 46.71 54.68 37.24
N GLY D 721 45.51 54.41 37.72
CA GLY D 721 44.43 55.36 37.66
C GLY D 721 43.11 54.67 37.43
N TYR D 722 42.06 55.48 37.42
CA TYR D 722 40.70 54.94 37.34
C TYR D 722 39.74 56.02 36.91
N PHE D 723 38.51 55.59 36.65
CA PHE D 723 37.36 56.47 36.55
C PHE D 723 36.41 56.16 37.70
N LYS D 724 35.92 57.20 38.35
CA LYS D 724 34.85 57.02 39.32
C LYS D 724 33.68 57.88 38.91
N GLN D 725 32.48 57.41 39.25
CA GLN D 725 31.26 58.13 38.90
C GLN D 725 30.36 58.16 40.11
N PHE D 726 30.12 59.36 40.64
CA PHE D 726 29.23 59.49 41.79
C PHE D 726 27.82 59.10 41.38
N ILE D 727 27.42 57.90 41.81
CA ILE D 727 26.09 57.37 41.53
C ILE D 727 25.32 57.34 42.85
N LYS D 728 24.01 57.56 42.79
CA LYS D 728 23.18 57.57 43.97
C LYS D 728 22.46 56.24 44.10
N LEU D 729 22.72 55.53 45.19
CA LEU D 729 22.05 54.28 45.51
C LEU D 729 21.20 54.48 46.76
N GLU D 730 20.02 53.86 46.76
CA GLU D 730 19.01 54.12 47.78
C GLU D 730 18.66 52.82 48.49
N ASN D 731 18.01 52.97 49.64
CA ASN D 731 17.82 51.84 50.56
C ASN D 731 16.92 50.78 49.96
N ASP D 732 15.71 51.17 49.53
CA ASP D 732 14.68 50.24 49.07
C ASP D 732 14.86 49.84 47.60
N SER D 733 15.99 50.13 46.99
CA SER D 733 16.18 49.92 45.56
C SER D 733 17.32 48.93 45.30
N THR D 734 17.19 48.18 44.21
CA THR D 734 18.15 47.19 43.79
C THR D 734 18.81 47.64 42.49
N TYR D 735 20.07 47.21 42.28
CA TYR D 735 20.87 47.73 41.18
C TYR D 735 21.65 46.60 40.51
N HIS D 736 21.31 46.34 39.25
CA HIS D 736 22.00 45.36 38.43
C HIS D 736 23.26 46.00 37.86
N LEU D 737 24.32 46.07 38.66
CA LEU D 737 25.61 46.51 38.17
C LEU D 737 26.15 45.45 37.22
N ARG D 738 26.36 45.84 35.96
CA ARG D 738 26.73 44.91 34.91
C ARG D 738 27.73 45.57 33.97
N LEU D 739 28.80 44.86 33.65
CA LEU D 739 29.87 45.46 32.86
C LEU D 739 30.77 44.36 32.32
N SER D 740 31.29 44.58 31.11
CA SER D 740 32.26 43.70 30.51
C SER D 740 33.58 44.44 30.29
N VAL D 741 34.68 43.73 30.50
CA VAL D 741 36.01 44.32 30.49
C VAL D 741 36.83 43.70 29.37
N LYS D 742 37.73 44.51 28.81
CA LYS D 742 38.82 44.02 27.96
C LYS D 742 40.11 44.35 28.70
N GLY D 743 40.89 43.32 29.03
CA GLY D 743 42.06 43.50 29.86
C GLY D 743 41.75 43.39 31.34
N THR D 744 42.68 42.82 32.11
CA THR D 744 42.44 42.57 33.52
C THR D 744 42.33 43.88 34.30
N GLY D 745 41.50 43.88 35.33
CA GLY D 745 41.42 45.02 36.23
C GLY D 745 40.50 44.83 37.41
N ARG D 746 40.10 45.92 38.05
CA ARG D 746 39.17 45.85 39.17
C ARG D 746 38.14 46.97 39.04
N VAL D 747 37.10 46.87 39.87
CA VAL D 747 36.06 47.88 40.01
C VAL D 747 35.75 48.01 41.49
N SER D 748 35.58 49.25 41.94
CA SER D 748 35.38 49.52 43.35
C SER D 748 34.28 50.57 43.55
N ILE D 749 33.25 50.20 44.31
CA ILE D 749 32.23 51.14 44.74
C ILE D 749 32.53 51.52 46.18
N ILE D 750 33.30 52.59 46.35
CA ILE D 750 33.54 53.19 47.66
C ILE D 750 32.47 54.25 47.87
N ASP D 751 31.51 53.98 48.75
CA ASP D 751 30.48 54.97 49.02
C ASP D 751 31.14 56.20 49.62
N GLU D 752 31.58 56.09 50.85
CA GLU D 752 32.55 57.00 51.44
C GLU D 752 33.67 56.27 52.16
N SER D 753 33.34 55.18 52.85
CA SER D 753 34.34 54.34 53.51
C SER D 753 34.09 52.87 53.25
N LYS D 754 32.84 52.50 52.97
CA LYS D 754 32.45 51.09 52.95
C LYS D 754 32.52 50.51 51.55
N TYR D 755 32.88 49.23 51.47
CA TYR D 755 32.95 48.48 50.22
C TYR D 755 31.61 47.79 49.96
N LEU D 756 30.71 48.50 49.27
CA LEU D 756 29.52 47.83 48.75
C LEU D 756 29.89 46.81 47.68
N LEU D 757 30.94 47.08 46.91
CA LEU D 757 31.39 46.14 45.89
C LEU D 757 32.84 46.47 45.54
N PHE D 758 33.69 45.45 45.63
CA PHE D 758 35.04 45.53 45.07
C PHE D 758 35.45 44.12 44.63
N VAL D 759 35.56 43.93 43.31
CA VAL D 759 35.92 42.64 42.74
C VAL D 759 36.95 42.88 41.65
N ASN D 760 37.74 41.85 41.36
CA ASN D 760 38.68 41.90 40.25
C ASN D 760 37.99 41.43 38.99
N VAL D 761 38.31 42.09 37.87
CA VAL D 761 37.73 41.76 36.57
C VAL D 761 38.84 41.55 35.57
N LYS D 762 38.98 40.31 35.08
CA LYS D 762 40.01 39.97 34.11
C LYS D 762 39.51 40.13 32.68
N ASP D 763 38.52 39.31 32.29
CA ASP D 763 37.79 39.50 31.04
C ASP D 763 36.48 38.72 31.22
N GLU D 764 35.40 39.41 31.56
CA GLU D 764 34.18 38.71 31.90
C GLU D 764 33.02 39.70 31.98
N ASP D 765 31.81 39.15 31.93
CA ASP D 765 30.57 39.92 32.07
C ASP D 765 30.24 40.04 33.54
N LEU D 766 30.49 41.21 34.12
CA LEU D 766 30.03 41.47 35.48
C LEU D 766 28.51 41.61 35.48
N THR D 767 27.86 41.04 36.49
CA THR D 767 26.40 41.07 36.58
C THR D 767 25.91 41.31 38.01
N ARG D 768 26.73 41.93 38.86
CA ARG D 768 26.39 42.03 40.27
C ARG D 768 25.14 42.86 40.48
N VAL D 769 24.12 42.23 41.04
CA VAL D 769 22.84 42.86 41.31
C VAL D 769 22.93 43.43 42.73
N ILE D 770 23.29 44.71 42.83
CA ILE D 770 23.41 45.33 44.13
C ILE D 770 22.04 45.43 44.78
N LYS D 771 21.88 44.74 45.90
CA LYS D 771 20.57 44.56 46.53
C LYS D 771 20.13 45.86 47.20
N ASN D 772 19.05 45.78 47.97
CA ASN D 772 18.51 46.94 48.66
C ASN D 772 19.51 47.43 49.69
N THR D 773 20.18 48.55 49.39
CA THR D 773 21.29 49.03 50.22
C THR D 773 21.34 50.55 50.14
N SER D 774 21.29 51.21 51.29
CA SER D 774 21.30 52.66 51.36
C SER D 774 22.72 53.17 51.24
N SER D 775 23.03 53.80 50.10
CA SER D 775 24.32 54.46 49.92
C SER D 775 24.33 55.80 50.64
N LYS D 776 25.07 55.90 51.74
CA LYS D 776 25.13 57.15 52.48
C LYS D 776 25.88 58.20 51.67
N GLY D 777 25.26 59.38 51.51
CA GLY D 777 25.82 60.41 50.67
C GLY D 777 25.81 60.02 49.20
N GLU D 778 26.99 59.89 48.62
CA GLU D 778 27.12 59.43 47.23
C GLU D 778 28.14 58.32 47.18
N CYS D 779 27.88 57.31 46.35
CA CYS D 779 28.85 56.27 46.07
C CYS D 779 29.42 56.44 44.67
N PHE D 780 30.66 56.01 44.51
CA PHE D 780 31.31 56.05 43.21
C PHE D 780 31.92 54.69 42.92
N ILE D 781 31.64 54.20 41.71
CA ILE D 781 32.26 53.01 41.16
C ILE D 781 33.60 53.40 40.56
N ALA D 782 34.63 53.41 41.41
CA ALA D 782 35.98 53.76 40.99
C ALA D 782 36.50 52.62 40.14
N LEU D 783 36.51 52.84 38.82
CA LEU D 783 36.85 51.81 37.84
C LEU D 783 38.37 51.61 37.86
N GLU D 784 38.89 51.09 38.96
CA GLU D 784 40.33 51.02 39.15
C GLU D 784 40.80 49.67 38.60
N GLY D 785 41.10 49.64 37.31
CA GLY D 785 41.64 48.45 36.66
C GLY D 785 43.00 48.10 37.22
N THR D 786 43.69 47.19 36.54
CA THR D 786 45.03 46.83 36.97
C THR D 786 45.93 48.06 37.03
N TYR D 787 46.81 48.09 38.02
CA TYR D 787 47.69 49.22 38.25
C TYR D 787 49.12 48.80 37.93
N VAL D 788 49.44 48.81 36.63
CA VAL D 788 50.77 48.56 36.08
C VAL D 788 50.86 49.35 34.78
N GLU D 789 52.09 49.49 34.27
CA GLU D 789 52.28 50.25 33.04
C GLU D 789 51.50 49.65 31.88
N ASN D 790 51.68 48.35 31.63
CA ASN D 790 51.01 47.68 30.53
C ASN D 790 49.57 47.30 30.84
N SER D 791 48.97 47.93 31.85
CA SER D 791 47.56 47.73 32.15
C SER D 791 46.69 48.44 31.13
N SER D 792 45.78 47.68 30.49
CA SER D 792 44.79 48.24 29.58
C SER D 792 43.48 47.51 29.85
N THR D 793 42.70 48.03 30.79
CA THR D 793 41.46 47.43 31.23
C THR D 793 40.31 48.16 30.55
N ILE D 794 39.99 47.73 29.32
CA ILE D 794 38.99 48.39 28.49
C ILE D 794 37.63 47.84 28.87
N PHE D 795 36.89 48.56 29.70
CA PHE D 795 35.50 48.21 29.95
C PHE D 795 34.70 48.45 28.67
N SER D 796 33.51 47.83 28.59
CA SER D 796 32.69 48.02 27.39
C SER D 796 31.30 48.56 27.72
N ASN D 797 30.58 47.93 28.62
CA ASN D 797 29.18 48.28 28.90
C ASN D 797 29.08 48.75 30.34
N VAL D 798 29.14 50.07 30.53
CA VAL D 798 29.00 50.65 31.85
C VAL D 798 27.52 50.72 32.23
N SER D 799 27.06 49.72 32.97
CA SER D 799 25.66 49.60 33.35
C SER D 799 25.54 49.20 34.81
N ILE D 800 25.06 50.12 35.64
CA ILE D 800 24.71 49.81 37.02
C ILE D 800 23.19 49.81 37.09
N VAL D 801 22.56 49.47 35.97
CA VAL D 801 21.14 49.69 35.71
C VAL D 801 20.29 49.24 36.88
N LYS D 802 19.51 50.16 37.42
CA LYS D 802 18.83 49.97 38.70
C LYS D 802 17.59 49.11 38.51
N GLU D 803 17.47 48.08 39.34
CA GLU D 803 16.29 47.22 39.36
C GLU D 803 15.09 47.97 39.93
#